data_6WU9
#
_entry.id   6WU9
#
loop_
_entity.id
_entity.type
_entity.pdbx_description
1 polymer '23S rRNA'
2 polymer '5S rRNA'
3 polymer '50S ribosomal protein L3'
4 polymer '50S ribosomal protein L4'
5 polymer '50S ribosomal protein L5'
6 polymer '50S ribosomal protein L6'
7 polymer '50S ribosomal protein L13'
8 polymer '50S ribosomal protein L14'
9 polymer '50S ribosomal protein L15'
10 polymer '50S ribosomal protein L16'
11 polymer '50S ribosomal protein L17'
12 polymer '50S ribosomal protein L18'
13 polymer '50S ribosomal protein L19'
14 polymer '50S ribosomal protein L20'
15 polymer '50S ribosomal protein L21'
16 polymer '50S ribosomal protein L22'
17 polymer '50S ribosomal protein L23'
18 polymer '50S ribosomal protein L24'
19 polymer '50S ribosomal protein L27'
20 polymer '50S ribosomal protein L28'
21 polymer '50S ribosomal protein L29'
22 polymer '50S ribosomal protein L30'
23 polymer '50S ribosomal protein L32'
24 polymer '50S ribosomal protein L33'
25 polymer '50S ribosomal protein L34'
26 polymer '50S ribosomal protein L35'
27 polymer '50S ribosomal protein L36'
28 non-polymer 'ZINC ION'
#
loop_
_entity_poly.entity_id
_entity_poly.type
_entity_poly.pdbx_seq_one_letter_code
_entity_poly.pdbx_strand_id
1 'polyribonucleotide'
;UUAAGUGAAUAAGGGCGCACGGUGGAUGCCUUGGCACUAGGAGCCGAUGAAGGACGGGACUAACACCGAUAUGCUUUGGG
GAGCUGUAAGUAAGCUAUGAUCCAGAGAUUUCCGAAUGGGGGAACCCAAUAUCUUUUAUAGGAUAUUACUUUUCAGUGAA
UACAUAGCUGAUUAGAGGUAGACGCAGAGAACUGAAACAUCUUAGUACCUGCAGGAAGAGAAAGAAAAUUCGAUUCCCUG
AGUAGCGGCGAGCGAAACGGGAAGAGCCCAAACCAACAAGCUUGCUUGUUGGGGUUGUAGGACUCCGAUAUGGUAGUCUG
UUAGUAUAGUUGAAGGAUUUGGAAAAUUCCGCUAAAGAGGGUGAAAGCCCCGUAGACGAAAUGCUGACAACACCUAGGAG
GAUCCUGAGUACGGCGGAACACGAGAAAUUCCGUCGGAAUCCGCGGGGACCAUCCCGCAAGGCUAAAUACUCCCUAGUGA
CCGAUAGUGAACCAGUACCGUGAGGGAAAGGUGAAAAGCACCCCGGAAGGGGAGUGAAAUAGAUCCUGAAACCGUGUGCC
UACAACAAGUCAAAGCUCGUUAAUGAGUGAUGGCGUGCCUUUUGUAGAAUGAACCGGCGAGUUACGAUUGCAUGCGAGGU
UAAGUCGAAGAGACGGAGCCGCAGCGAAAGCGAGUCUGAAUAGGGCGAAUGAGUAUGUAGUCGUAGACCCGAAACCAUGU
GAUCUACCCAUGUCCAGGUUGAAGGUGCGGUAAAACGCACUGGAGGACCGAACCCACGUACGUUGAAAAGUGCGGGGAUG
AGGUGUGGGUAGCGGAGAAAUUCCAAACGAACUUGGAGAUAGCUGGUUCUCUCCGAAAUAGCUUUAGGGCUAGCCUCGGA
AUUGAGAAUGAUGGAGGUAGAGCACUGUUUGGACUAGGGGCCCAUCUCGGGUUACCGAAUUCAGAUAAACUCCGAAUGCC
AUUCAUUUAUAUCCGGGAGUCAGACUGCGAGUGAUAAGAUCCGUAGUCGAAAGGGAAACAGCCCAGACCACCAGCUAAGG
UCCCAAAAUAUAUGUUAAGUGGAAAAGGAUGUGGGGUUGCACAGACAACUAGGAUGUUGGCUUAGAAGCAGCCACCAUUU
AAAGAGUGCGUAAUAGCUCACUAGUCGAGUGACCCUGCGCCGAAAAUGUACCGGGGCUAAACAUAUUACCGAAGCUGUGG
ACUACACCAUUAGGUGUAGUGGUAGGAGAGCGUUCUAAGGGCGUUGAAGGUCGAUCGUGAGGACGGCUGGAGCGCUUAGA
AGUGAGAAUGCCGGUAUGAGUAGCGAAAGACAGGUGAGAAUCCUGUCCACCGUAUGACUAAGGUUUCCUGGGGAAGGCUC
GUCCGCCCAGGGUUAGUCGGGACCUAAGCCGAGGCCGAUAGGCGUAGGCGAUGGACAACAGGUUGAUAUUCCUGUACCAG
UUGUUUUUGUUUGAGCAAUGGAGGGACGCAGUAGGCUAAGGAAUGCAUGCGAUUGGAAGUGCAUGUCCAAGCAAUGAGUC
UUGAGUAGAGUUAAAUGCUUUACUCUUUAAGGACAAGUUGUGACGGGGAGCGAAAUAAUAGUAGCGAAGUUCCUGACGUC
ACACUGCCAAGAAAAGCUUCUAGUGAGAAAACAACUGCCCGUACCGUAAACCGACACAGGUAGUCGAGGAGAGUAUCCUA
AGGUGAGCGAGCGAACUCUCGUUAAGGAACUCGGCAAAAUGACCCCGUAACUUCGGGAGAAGGGGUGCUGACUUCGGUCA
GCCGCAGUGAAUAGGCCCAAGCGACUGUUUAUCAAAAACACAGGUCUCUGCAAAAUCGUAAGAUGAAGUAUAGGGGCUGA
CGCCUGCCCGGUGCUGGAAGGUUAAGAGGAUGGGUUAGCUUCGGCGAAGCUCAGAAUUGAAGCCCCAGUAAACGGCGGCC
GUAACUAUAACGGUCCUAAGGUAGCGAAAUUCCUUGUCGGGUAAGUUCCGACCCGCACGAAAGGCGUAACGAUUUGGGCA
CUGUCUCAACGAGAGACUCGGUGAAAUUUUAGUACCUGUGAAGAUGCAGGUUACCCGCGACAGGACGGAAAGACCCCAUG
GAGCUUUACUGUAGUUUGAUAUUGAGUGUUUGUACCACAUGUACAGGAUAGGUAGGAGCCGAUGAGACCGGAACGCUAGU
UUCGGAGGAGGCGCUGGUGGGAUACUACCCUUGUGUUAUGAACCCUCUAACCCGCACCACUAAUCGUGGUGGGAGACAGU
GUCAGAUGGGCAGUUUGACUGGGGCGGUCGCCUCCUAAAAGGUAACGGAGGCGCCCAAAGGUUCCCUCAGAAUGGUUGGA
AAUCAUUCGAAGAGUGUAAAGGCAGAAGGGAGCUUGACUGCGAGACCUACAAGUCGAGCAGGGACGAAAGUCGGGCUUAG
UGAUCCGGUGGUUCCGCAUGGAAGGGCCAUCGCUCAACGGAUAAAAGCUACCCUGGGGAUAACAGGCUUAUCUCCCCCAA
GAGUCCACAUCGACGGGGAGGUUUGGCACCUCGAUGUCGGCUCGUCGCAUCCUGGGGCUGUAGUCGGUCCCAAGGGUUGG
GCUGUUCGCCCAUUAAAGCGGCACGCGAGCUGGGUUCAGAACGUCGUGAGACAGUUCGGUCCCUAUCCGUCGCGGGCGUU
GGAAAUUUGAGAGGAGCUGUCCUUAGUACGAGAGGACCGGGAUGGACUUACCGCUGGUGUACCAGUUGUUCUGCCAAGGG
CAUUGCUGGGUAGCUAUGUAGGGAAGGGAUAAACGCUGAAAGCAUCUAAGUGUGAAGCCCACCUCAAGAUGAGAUUUCCC
AUUUCUUUAAGAAAGUAAGACCCCUGAGAGAUGAUCAGGUAGAUAGGUUGGAAGUGGAAGGCUAGUGAUAGUUGGAGCGG
ACCAAUACUAAUCGGUCGAGGACUUAAC
;
A
2 'polyribonucleotide'
;UGUGGUGGCGAUAGCGAGAAGGAUACACCUGUUCCCAUGCCGAACACAGAAGUUAAGCUUCUUAGCGCCGAUUGUAGUGA
AGGGUUUCCCUUUGUGAGAGUAGGACGUCGCCACGC
;
B
3 'polypeptide(L)'
;TKGILGKKVGMTQIFTESGELIPVTVVEATPNVVLQVKTVETDGYEAIQVGYQDKREVLSNKPAKGHVAKANTAPKRFIK
EFKNVELGEYEVGKEIKVDVFQAGDVVDVTGTTKGKGFQGAIKRHGQSRGPMSHGSRYHRRPGSMGPVAPNRVFKNKRLA
GRMGGDRVTIQNLEVVKVDVERNVILIKGNIPGAKKSLITIKSAVKA
;
D
4 'polypeptide(L)'
;PNVALFKQDGTQNGEITLNEEIFGIEPNESVVYDAIIMQRASLRQGTHAVKNRSAVRGGGRKPWRQKGTGRARQGSIRSP
QWRGGGVVFGPTPRSYSYKLPKKVRRLAMKSVLSDKVAENNLVAVEGLSFDAPKTKEFKQVLANLSIDTKVLVVLENGND
FAALSARNLPNVSVVTSDNVSVLDVVSANKVLATQTALTQIEEVLA
;
E
5 'polypeptide(L)'
;NRLKEKYIKEVTPSLVEKFNYSSVMQTPKVDKIVINMGVGDAVSNAKNLDKAVEELALITGQKPLITKAKKSIAGFRLRE
GMPIGAKVTLRGERMYEFLDKLVTVSLPRVRDFHGVSKKAFDGRGNYTLGIKEQLIFPEVDYDLVDKVRGMDIVIVTTAN
TDEESRELLAQLGMPFQ
;
F
6 'polypeptide(L)'
;SRIGNKVVVLPAGVEIKQDGNNITVKGPKGELTREFSSDIKMNIEGNEVTFTRPNDSKEMKTIHGTTRANFNNMVVGVSE
GFQKALELIGVGYRAQVQGNKLTLNVGYSHPVEMTAPEGVTFEVPANTQVIVKGINKEVVGELAANIRGVRPPEPYKGKG
IRYVGEFVRRKEGKTG
;
G
7 'polypeptide(L)'
;MRTTYMAKAGEVERKWYVVDATDVPLGRLSAVVASVLRGKNKPTFTPHVDTGDFVIVINADKVKLTGKKATDKIYYRHSM
YPGGLKSVTAGELRDKNSRRLIETSVKGMLPKNTLGRKQFTKLNVYGGAEHPHAAQQPEVLDITN
;
K
8 'polypeptide(L)'
;MIQQESRLRVADNSGAREILTIKVLGGSGRKTANIGDVIVATVKQATPGGVVKKGEVVKAVIVRTKSGARRADGSYIKFD
ENAAVIIRDDKSPRGTRIFGPVARELRENNFMKIVSLAPEVL
;
L
9 'polypeptide(L)'
;MKLHELKPAEGSRQVRNRVGRGTSSGNGKTAGRGQKGQKARSGGGVRLGFEGGQTPLFRRLPKRGFTNINRKDYAVVNLD
TLNRFEDGTEVTPVVLKEAGIVKNEKAGIKVLADGELTKKLTVKAAKFSKSAQEAIEAAGGSIEVI
;
M
10 'polypeptide(L)'
;MLVPKRVKHRREFRGKMRGEAKGGKEVAFGEWGLQATESHWITNRQIEAARIAMTRYMKRGGKVWIKIFPHKSYTSKAIG
VRMGKGKGAPEGWVSPVKRGKIMFEIAGVPEEVAREALRLASHKLPVKTKIVKREEMGGES
;
N
11 'polypeptide(L)'
;YRKLGRTSSQRKAMLRDITTDLIINERIVTTEARAKEVRSTVEKMITLGKRGDLHARRQAATFVRNEVASVREEDESIVV
ESALQKLFNDLGPRFAERQGGYTRILKTEPRRGDAAPMVVIEFV
;
O
12 'polypeptide(L)'
;ITKPDKNKTRQKRHRRVRNKISGTAECPRLNIFRSNKNIYAQVIDDVAGVTLASASALDKEISGGTKTETAAAVGKLVAE
RAAEKGIKKVVFDRGGYLYHGRVQALAEAARENGLEF
;
P
13 'polypeptide(L)'
;NPLIQELTQEQLRTDIPAFRPGDTVRVHAKVVEGTRERIQLFEGVVIKRRGAGISETYTVRKVSNGVGVERTFPLHTPRV
AQIEVVRYGKVRRAKLYYLRALHGKAARIKEIRR
;
Q
14 'polypeptide(L)'
;ARVKGGTVTRKRRKKVLKLAKGYYGSKHTLFKSAKEQVMNSYYYAFRDRRQKKRDFRKLWIARINAAARMNGLSYSKLMH
GLKLAEIDINRKMLADLAVNDAAAFTALAEQAKDALSK
;
R
15 'polypeptide(L)'
;MYAIIKTGGKQVKVEVGQAIYVEKLNVEAGEKVVFDEVILVGGESTKVGAPTVAGATVEGTVEKHGKQKKVVTFQYKPKK
HSHRKQGHRQPYTKVMIEAINA
;
S
16 'polypeptide(L)'
;QITSAKATAKTVRTSPRKARLVIDLIRGKSVADAISILKFTPNKSAGIIEKVLMSAVANAENNFDLDVESLVVSEAFVNE
GPTMKRFRPRAKGSASPINKRTSHITVVVTEK
;
T
17 'polypeptide(L)'
;ELLDVIKRPVITEKSMLAMDEKKYTFEVDTRANKTLVKQAVESAFDVKVANVNILNVRPKFKRMGKYAGYTKKRRKAIVT
LTEDSKEIQ
;
U
18 'polypeptide(L)'
;MFVKKGDKVKVITGKDKNKEGVVLAAFPKQDKVIVEGVNVVKKHQKPNQAAPQGGILEVEAPIHVSNVMVIDPSNGEATK
VAFKEVDGKKVRVSKKTGEVL
;
V
19 'polypeptide(L)' STSNGRDSESKRLGAKSADGQTVTGGSILYRQRGTKIYPGVNVGIGGDDTLFAKVDGVVRFERKGRDKKQVSVYPV X
20 'polypeptide(L)' AKVCYFTGRKTSSGNNRSHAMNSTKRTVKPNLQKVRVLIDGKPKKVWVSARALK Y
21 'polypeptide(L)' KVKEIRELTTAEMLDKEKQLKEELFNLRFQLATGQLENTARIKEVRQSIARIKTVLREQAN Z
22 'polypeptide(L)' AELKITLKRSVIGRPQNQRATVKALGLGKVNSTVTKPANEAIKGMVNTISHLVDVEEV 0
23 'polypeptide(L)' AVPARRTSKAKKAKRRTHYKLTIKGLNACSNCGEMKKSHHVCPACGHYDGKDVMSK 2
24 'polypeptide(L)' MRVNITLECTSCKERNYLTNKNKRNNPDRLEKQKYCPRERKVTLHRETK 3
25 'polypeptide(L)' MKRTYQPNKRKRQKVHGFRKRMSTKNGRRVLASRRRKGRKVISA 4
26 'polypeptide(L)' PKQKTHRGLAKRVKRTGGGGLKRGRAFTSHRFHGKTKKQRRQLRKASMVAKGDYKRIRQQLARM 5
27 'polypeptide(L)' MKVRPSVKPMCEHCKVIRRKGRVMVICPANPKHKQRQG 6
#
loop_
_chem_comp.id
_chem_comp.type
_chem_comp.name
_chem_comp.formula
A RNA linking ADENOSINE-5'-MONOPHOSPHATE 'C10 H14 N5 O7 P'
C RNA linking CYTIDINE-5'-MONOPHOSPHATE 'C9 H14 N3 O8 P'
G RNA linking GUANOSINE-5'-MONOPHOSPHATE 'C10 H14 N5 O8 P'
U RNA linking URIDINE-5'-MONOPHOSPHATE 'C9 H13 N2 O9 P'
ZN non-polymer 'ZINC ION' 'Zn 2'
#
# COMPACT_ATOMS: atom_id res chain seq x y z
N THR C 1 -61.59 -31.75 -8.26
CA THR C 1 -62.68 -32.70 -8.15
C THR C 1 -63.60 -32.27 -7.06
N LYS C 2 -63.66 -33.05 -5.99
CA LYS C 2 -64.37 -32.61 -4.80
C LYS C 2 -63.57 -31.56 -4.05
N GLY C 3 -64.27 -30.59 -3.50
CA GLY C 3 -63.65 -29.54 -2.73
C GLY C 3 -64.63 -28.52 -2.23
N ILE C 4 -64.51 -28.10 -0.97
CA ILE C 4 -65.44 -27.18 -0.30
C ILE C 4 -64.65 -26.22 0.57
N LEU C 5 -65.27 -25.07 0.86
CA LEU C 5 -64.75 -24.06 1.77
C LEU C 5 -65.61 -23.98 3.04
N GLY C 6 -64.96 -23.77 4.18
CA GLY C 6 -65.63 -23.73 5.46
C GLY C 6 -64.83 -22.92 6.47
N LYS C 7 -65.30 -22.94 7.71
CA LYS C 7 -64.59 -22.25 8.78
C LYS C 7 -64.27 -23.22 9.90
N LYS C 8 -63.26 -22.85 10.68
CA LYS C 8 -62.74 -23.68 11.77
C LYS C 8 -63.46 -23.39 13.06
N VAL C 9 -64.00 -24.44 13.69
CA VAL C 9 -64.69 -24.30 14.97
C VAL C 9 -63.82 -24.70 16.14
N GLY C 10 -63.18 -25.86 16.11
CA GLY C 10 -62.37 -26.30 17.22
C GLY C 10 -62.09 -27.79 17.17
N MET C 11 -61.46 -28.30 18.24
CA MET C 11 -61.10 -29.70 18.38
C MET C 11 -61.88 -30.37 19.51
N THR C 12 -62.06 -31.68 19.39
CA THR C 12 -62.77 -32.48 20.40
C THR C 12 -62.23 -33.90 20.35
N GLN C 13 -62.99 -34.86 20.89
CA GLN C 13 -62.68 -36.28 20.86
C GLN C 13 -63.87 -37.09 20.35
N ILE C 14 -63.64 -38.37 20.05
CA ILE C 14 -64.70 -39.29 19.64
C ILE C 14 -64.22 -40.72 19.81
N PHE C 15 -65.16 -41.61 20.17
CA PHE C 15 -64.94 -43.05 20.18
C PHE C 15 -65.44 -43.68 18.89
N THR C 16 -64.76 -44.74 18.43
CA THR C 16 -65.15 -45.42 17.20
C THR C 16 -66.04 -46.62 17.51
N GLU C 17 -66.40 -47.36 16.45
CA GLU C 17 -67.15 -48.61 16.59
C GLU C 17 -66.42 -49.60 17.50
N SER C 18 -65.15 -49.88 17.19
CA SER C 18 -64.39 -50.79 18.03
C SER C 18 -64.16 -50.25 19.44
N GLY C 19 -64.18 -48.93 19.62
CA GLY C 19 -64.01 -48.36 20.93
C GLY C 19 -62.62 -47.78 21.16
N GLU C 20 -62.08 -47.13 20.14
CA GLU C 20 -60.84 -46.38 20.24
C GLU C 20 -61.15 -44.89 20.32
N LEU C 21 -60.30 -44.16 21.04
CA LEU C 21 -60.43 -42.72 21.20
C LEU C 21 -59.63 -42.00 20.12
N ILE C 22 -60.23 -41.00 19.50
CA ILE C 22 -59.59 -40.38 18.33
C ILE C 22 -59.78 -38.86 18.35
N PRO C 23 -58.69 -38.09 18.30
CA PRO C 23 -58.81 -36.63 18.25
C PRO C 23 -59.32 -36.14 16.91
N VAL C 24 -60.07 -35.06 16.93
CA VAL C 24 -60.82 -34.64 15.75
C VAL C 24 -60.89 -33.11 15.68
N THR C 25 -61.22 -32.59 14.50
CA THR C 25 -61.37 -31.15 14.29
C THR C 25 -62.68 -30.88 13.55
N VAL C 26 -63.54 -30.09 14.16
CA VAL C 26 -64.83 -29.74 13.59
C VAL C 26 -64.66 -28.58 12.61
N VAL C 27 -65.20 -28.73 11.41
CA VAL C 27 -65.21 -27.70 10.39
C VAL C 27 -66.66 -27.48 9.99
N GLU C 28 -67.09 -26.22 9.99
CA GLU C 28 -68.45 -25.86 9.62
C GLU C 28 -68.46 -25.21 8.26
N ALA C 29 -69.31 -25.69 7.37
CA ALA C 29 -69.39 -25.16 6.01
C ALA C 29 -70.85 -25.11 5.55
N THR C 30 -71.47 -23.94 5.68
CA THR C 30 -72.76 -23.71 5.04
C THR C 30 -72.58 -23.74 3.52
N PRO C 31 -73.67 -23.90 2.77
CA PRO C 31 -73.54 -24.15 1.33
C PRO C 31 -72.78 -23.09 0.56
N ASN C 32 -71.85 -23.55 -0.25
CA ASN C 32 -71.05 -22.77 -1.19
C ASN C 32 -71.79 -22.61 -2.51
N VAL C 33 -71.59 -21.47 -3.18
CA VAL C 33 -72.30 -21.16 -4.41
C VAL C 33 -71.30 -20.91 -5.53
N VAL C 34 -71.58 -21.44 -6.72
CA VAL C 34 -70.74 -21.24 -7.89
C VAL C 34 -71.09 -19.91 -8.55
N LEU C 35 -70.12 -19.00 -8.58
CA LEU C 35 -70.36 -17.66 -9.11
C LEU C 35 -69.91 -17.47 -10.55
N GLN C 36 -69.00 -18.30 -11.06
CA GLN C 36 -68.46 -18.07 -12.39
C GLN C 36 -67.76 -19.34 -12.88
N VAL C 37 -67.75 -19.50 -14.20
CA VAL C 37 -67.17 -20.67 -14.86
C VAL C 37 -66.16 -20.19 -15.89
N LYS C 38 -64.89 -20.56 -15.71
CA LYS C 38 -63.82 -20.11 -16.57
C LYS C 38 -63.45 -21.21 -17.56
N THR C 39 -63.36 -20.85 -18.85
CA THR C 39 -63.11 -21.79 -19.93
C THR C 39 -61.90 -21.35 -20.75
N VAL C 40 -61.49 -22.20 -21.69
CA VAL C 40 -60.29 -21.93 -22.48
C VAL C 40 -60.57 -20.88 -23.56
N GLU C 41 -61.78 -20.89 -24.13
CA GLU C 41 -62.10 -19.92 -25.16
C GLU C 41 -62.10 -18.50 -24.63
N THR C 42 -62.57 -18.30 -23.39
CA THR C 42 -62.62 -16.97 -22.81
C THR C 42 -61.37 -16.63 -22.01
N ASP C 43 -60.97 -17.50 -21.09
CA ASP C 43 -59.96 -17.18 -20.09
C ASP C 43 -58.61 -17.81 -20.33
N GLY C 44 -58.54 -18.95 -21.00
CA GLY C 44 -57.28 -19.62 -21.24
C GLY C 44 -57.02 -20.83 -20.39
N TYR C 45 -57.93 -21.16 -19.48
CA TYR C 45 -57.80 -22.35 -18.65
C TYR C 45 -59.18 -22.66 -18.08
N GLU C 46 -59.25 -23.71 -17.27
CA GLU C 46 -60.51 -24.25 -16.77
C GLU C 46 -60.52 -24.22 -15.26
N ALA C 47 -61.55 -23.62 -14.67
CA ALA C 47 -61.64 -23.51 -13.23
C ALA C 47 -63.09 -23.23 -12.85
N ILE C 48 -63.30 -22.92 -11.58
CA ILE C 48 -64.62 -22.65 -11.03
C ILE C 48 -64.45 -21.70 -9.86
N GLN C 49 -65.25 -20.65 -9.82
CA GLN C 49 -65.20 -19.64 -8.77
C GLN C 49 -66.33 -19.91 -7.79
N VAL C 50 -65.99 -20.10 -6.52
CA VAL C 50 -66.93 -20.46 -5.48
C VAL C 50 -66.93 -19.37 -4.42
N GLY C 51 -68.09 -19.10 -3.82
CA GLY C 51 -68.20 -18.19 -2.71
C GLY C 51 -68.74 -18.85 -1.47
N TYR C 52 -68.38 -18.30 -0.31
CA TYR C 52 -68.79 -18.84 0.99
C TYR C 52 -69.05 -17.69 1.96
N GLN C 53 -69.94 -17.93 2.95
CA GLN C 53 -70.24 -17.07 4.09
C GLN C 53 -70.89 -15.71 3.82
N ASP C 54 -72.21 -15.69 3.64
CA ASP C 54 -73.00 -14.46 3.46
C ASP C 54 -72.58 -13.29 4.34
N LYS C 55 -72.76 -12.09 3.82
CA LYS C 55 -72.24 -10.85 4.36
C LYS C 55 -73.38 -9.84 4.45
N ARG C 56 -73.41 -9.04 5.51
CA ARG C 56 -74.35 -7.94 5.57
C ARG C 56 -74.13 -6.99 4.40
N GLU C 57 -75.12 -6.13 4.15
CA GLU C 57 -75.13 -5.39 2.90
C GLU C 57 -74.70 -3.94 3.01
N VAL C 58 -74.47 -3.41 4.22
CA VAL C 58 -73.74 -2.14 4.31
C VAL C 58 -72.26 -2.34 4.06
N LEU C 59 -71.81 -3.57 4.06
CA LEU C 59 -70.39 -3.88 4.09
C LEU C 59 -69.82 -4.20 2.73
N SER C 60 -70.66 -4.36 1.70
CA SER C 60 -70.21 -4.50 0.32
C SER C 60 -70.46 -3.23 -0.45
N ASN C 61 -69.91 -3.16 -1.66
CA ASN C 61 -70.06 -2.02 -2.56
C ASN C 61 -70.67 -2.50 -3.88
N LYS C 62 -70.91 -1.55 -4.79
CA LYS C 62 -71.64 -1.80 -6.03
C LYS C 62 -70.96 -2.74 -7.02
N PRO C 63 -69.63 -2.73 -7.19
CA PRO C 63 -69.05 -3.72 -8.10
C PRO C 63 -69.24 -5.17 -7.65
N ALA C 64 -69.20 -5.40 -6.33
CA ALA C 64 -69.39 -6.72 -5.77
C ALA C 64 -70.82 -7.22 -5.96
N LYS C 65 -71.81 -6.34 -5.76
CA LYS C 65 -73.19 -6.74 -6.00
C LYS C 65 -73.42 -7.09 -7.46
N GLY C 66 -72.77 -6.36 -8.37
CA GLY C 66 -72.90 -6.69 -9.77
C GLY C 66 -72.27 -8.03 -10.11
N HIS C 67 -71.15 -8.36 -9.46
CA HIS C 67 -70.55 -9.66 -9.71
C HIS C 67 -71.37 -10.80 -9.12
N VAL C 68 -72.07 -10.55 -8.02
CA VAL C 68 -72.85 -11.61 -7.39
C VAL C 68 -74.28 -11.67 -7.92
N ALA C 69 -74.68 -10.72 -8.78
CA ALA C 69 -76.06 -10.66 -9.25
C ALA C 69 -76.41 -11.73 -10.26
N LYS C 70 -75.48 -12.13 -11.13
CA LYS C 70 -75.79 -13.14 -12.13
C LYS C 70 -76.03 -14.52 -11.53
N ALA C 71 -75.73 -14.70 -10.24
CA ALA C 71 -75.91 -15.97 -9.57
C ALA C 71 -76.99 -15.96 -8.50
N ASN C 72 -77.60 -14.81 -8.23
CA ASN C 72 -78.79 -14.72 -7.39
C ASN C 72 -78.50 -15.08 -5.93
N THR C 73 -77.41 -14.55 -5.40
CA THR C 73 -77.05 -14.79 -4.02
C THR C 73 -76.80 -13.46 -3.33
N ALA C 74 -76.57 -13.53 -2.04
CA ALA C 74 -76.08 -12.41 -1.27
C ALA C 74 -74.58 -12.26 -1.48
N PRO C 75 -74.03 -11.07 -1.24
CA PRO C 75 -72.58 -10.92 -1.32
C PRO C 75 -71.87 -11.82 -0.32
N LYS C 76 -70.70 -12.31 -0.70
CA LYS C 76 -69.97 -13.32 0.04
C LYS C 76 -68.70 -12.75 0.66
N ARG C 77 -68.18 -13.43 1.68
CA ARG C 77 -66.97 -12.94 2.29
C ARG C 77 -65.71 -13.54 1.67
N PHE C 78 -65.74 -14.82 1.28
CA PHE C 78 -64.56 -15.54 0.82
C PHE C 78 -64.83 -16.11 -0.56
N ILE C 79 -63.99 -15.78 -1.54
CA ILE C 79 -64.13 -16.22 -2.92
C ILE C 79 -62.83 -16.88 -3.37
N LYS C 80 -62.89 -18.16 -3.70
CA LYS C 80 -61.73 -18.90 -4.17
C LYS C 80 -62.02 -19.55 -5.51
N GLU C 81 -60.97 -20.02 -6.17
CA GLU C 81 -61.08 -20.81 -7.39
C GLU C 81 -60.63 -22.24 -7.15
N PHE C 82 -61.40 -23.17 -7.71
CA PHE C 82 -61.18 -24.60 -7.61
C PHE C 82 -60.84 -25.15 -8.99
N LYS C 83 -59.67 -25.76 -9.13
CA LYS C 83 -59.14 -26.22 -10.41
C LYS C 83 -59.21 -27.74 -10.53
N ASN C 84 -58.95 -28.22 -11.75
CA ASN C 84 -58.90 -29.64 -12.10
C ASN C 84 -60.18 -30.38 -11.68
N VAL C 85 -61.28 -29.94 -12.26
CA VAL C 85 -62.60 -30.50 -12.00
C VAL C 85 -63.39 -30.44 -13.31
N GLU C 86 -63.83 -31.60 -13.80
CA GLU C 86 -64.44 -31.69 -15.12
C GLU C 86 -65.67 -30.80 -15.21
N LEU C 87 -65.56 -29.74 -16.01
CA LEU C 87 -66.46 -28.60 -15.89
C LEU C 87 -67.93 -28.98 -16.02
N GLY C 88 -68.41 -29.27 -17.22
CA GLY C 88 -69.69 -29.91 -17.47
C GLY C 88 -70.70 -29.54 -16.42
N GLU C 89 -71.45 -30.53 -15.93
CA GLU C 89 -71.40 -30.92 -14.53
C GLU C 89 -71.39 -29.82 -13.47
N TYR C 90 -71.65 -28.58 -13.85
CA TYR C 90 -71.51 -27.42 -12.97
C TYR C 90 -72.07 -26.23 -13.72
N GLU C 91 -72.68 -25.30 -12.99
CA GLU C 91 -73.24 -24.13 -13.64
C GLU C 91 -73.53 -23.09 -12.58
N VAL C 92 -73.56 -21.83 -13.02
CA VAL C 92 -73.67 -20.73 -12.08
C VAL C 92 -75.01 -20.78 -11.37
N GLY C 93 -74.96 -20.76 -10.04
CA GLY C 93 -76.12 -20.93 -9.18
C GLY C 93 -76.06 -22.17 -8.31
N LYS C 94 -75.35 -23.19 -8.76
CA LYS C 94 -75.34 -24.46 -8.04
C LYS C 94 -74.81 -24.30 -6.63
N GLU C 95 -75.24 -25.18 -5.75
CA GLU C 95 -74.79 -25.22 -4.37
C GLU C 95 -73.97 -26.48 -4.16
N ILE C 96 -72.81 -26.33 -3.55
CA ILE C 96 -71.98 -27.44 -3.13
C ILE C 96 -72.12 -27.54 -1.63
N LYS C 97 -72.60 -28.69 -1.15
CA LYS C 97 -72.78 -28.94 0.28
C LYS C 97 -71.87 -30.05 0.75
N VAL C 98 -71.80 -30.24 2.07
CA VAL C 98 -70.81 -31.13 2.68
C VAL C 98 -71.02 -32.59 2.30
N ASP C 99 -72.20 -32.96 1.80
CA ASP C 99 -72.37 -34.38 1.41
C ASP C 99 -71.68 -34.73 0.13
N VAL C 100 -70.83 -33.81 -0.31
CA VAL C 100 -69.86 -34.09 -1.37
C VAL C 100 -68.84 -35.12 -0.91
N PHE C 101 -68.52 -35.16 0.37
CA PHE C 101 -67.61 -36.13 0.95
C PHE C 101 -68.37 -37.18 1.76
N GLN C 102 -67.79 -38.36 1.90
CA GLN C 102 -68.31 -39.39 2.79
C GLN C 102 -67.19 -39.90 3.68
N ALA C 103 -67.58 -40.61 4.74
CA ALA C 103 -66.61 -41.14 5.69
C ALA C 103 -65.63 -42.06 4.98
N GLY C 104 -64.36 -41.93 5.34
CA GLY C 104 -63.26 -42.47 4.57
C GLY C 104 -62.51 -41.33 3.91
N ASP C 105 -62.51 -41.27 2.58
CA ASP C 105 -62.21 -40.05 1.82
C ASP C 105 -60.97 -39.32 2.32
N VAL C 106 -59.82 -39.90 2.03
CA VAL C 106 -58.56 -39.22 2.31
C VAL C 106 -58.48 -37.93 1.49
N VAL C 107 -58.09 -36.85 2.17
CA VAL C 107 -58.35 -35.48 1.76
C VAL C 107 -57.13 -34.62 2.06
N ASP C 108 -57.02 -33.47 1.39
CA ASP C 108 -56.02 -32.46 1.74
C ASP C 108 -56.69 -31.27 2.41
N VAL C 109 -55.97 -30.60 3.30
CA VAL C 109 -56.51 -29.51 4.11
C VAL C 109 -55.51 -28.36 4.16
N THR C 110 -55.98 -27.14 3.89
CA THR C 110 -55.10 -25.96 3.84
C THR C 110 -55.63 -24.80 4.67
N GLY C 111 -54.71 -24.01 5.20
CA GLY C 111 -55.08 -22.84 5.95
C GLY C 111 -53.91 -21.88 6.09
N THR C 112 -54.09 -20.87 6.93
CA THR C 112 -53.03 -19.92 7.21
C THR C 112 -52.67 -20.00 8.67
N THR C 113 -51.40 -20.25 8.94
CA THR C 113 -50.94 -20.49 10.29
C THR C 113 -51.15 -19.26 11.18
N LYS C 114 -51.22 -19.52 12.48
CA LYS C 114 -51.35 -18.46 13.47
C LYS C 114 -50.18 -17.50 13.39
N GLY C 115 -50.41 -16.26 13.83
CA GLY C 115 -49.36 -15.26 13.81
C GLY C 115 -48.67 -15.21 15.17
N LYS C 116 -47.37 -14.94 15.14
CA LYS C 116 -46.59 -14.91 16.35
C LYS C 116 -45.65 -13.72 16.52
N GLY C 117 -45.42 -12.92 15.49
CA GLY C 117 -44.65 -11.70 15.62
C GLY C 117 -43.18 -11.87 15.32
N PHE C 118 -42.38 -10.97 15.89
CA PHE C 118 -40.93 -10.92 15.69
C PHE C 118 -40.25 -11.92 16.61
N GLN C 119 -39.59 -12.91 16.03
CA GLN C 119 -39.08 -14.03 16.79
C GLN C 119 -37.62 -14.29 16.43
N GLY C 120 -36.88 -14.88 17.37
CA GLY C 120 -35.46 -15.10 17.18
C GLY C 120 -35.13 -16.39 16.46
N ALA C 121 -33.84 -16.56 16.17
CA ALA C 121 -33.42 -17.69 15.34
C ALA C 121 -33.63 -19.03 16.02
N ILE C 122 -33.74 -19.04 17.35
CA ILE C 122 -33.89 -20.29 18.07
C ILE C 122 -35.32 -20.79 18.00
N LYS C 123 -36.29 -19.93 18.22
CA LYS C 123 -37.68 -20.35 18.06
C LYS C 123 -38.07 -20.46 16.59
N ARG C 124 -37.55 -19.60 15.74
CA ARG C 124 -38.01 -19.51 14.37
C ARG C 124 -37.45 -20.62 13.50
N HIS C 125 -36.22 -21.07 13.76
CA HIS C 125 -35.53 -22.00 12.88
C HIS C 125 -35.03 -23.25 13.57
N GLY C 126 -35.33 -23.46 14.84
CA GLY C 126 -34.82 -24.61 15.55
C GLY C 126 -33.32 -24.63 15.78
N GLN C 127 -32.70 -23.47 15.94
CA GLN C 127 -31.26 -23.43 16.16
C GLN C 127 -30.97 -23.61 17.65
N SER C 128 -29.78 -24.10 17.94
CA SER C 128 -29.43 -24.43 19.32
C SER C 128 -28.67 -23.28 19.99
N ARG C 129 -28.74 -23.26 21.32
CA ARG C 129 -28.17 -22.25 22.19
C ARG C 129 -26.65 -22.40 22.35
N GLY C 130 -26.04 -21.41 22.99
CA GLY C 130 -24.72 -21.56 23.54
C GLY C 130 -24.79 -21.87 25.01
N PRO C 131 -23.65 -22.15 25.64
CA PRO C 131 -23.66 -22.56 27.05
C PRO C 131 -24.12 -21.48 28.01
N MET C 132 -24.75 -21.91 29.11
CA MET C 132 -25.30 -20.98 30.09
C MET C 132 -24.35 -20.65 31.23
N SER C 133 -23.23 -21.33 31.35
CA SER C 133 -22.23 -21.05 32.38
C SER C 133 -20.86 -21.19 31.73
N HIS C 134 -19.84 -21.38 32.56
CA HIS C 134 -18.47 -21.66 32.11
C HIS C 134 -17.87 -20.44 31.41
N GLY C 135 -18.14 -19.26 31.95
CA GLY C 135 -17.63 -18.04 31.42
C GLY C 135 -18.29 -17.54 30.15
N SER C 136 -19.42 -18.11 29.76
CA SER C 136 -20.00 -17.87 28.45
C SER C 136 -20.75 -16.53 28.39
N ARG C 137 -20.66 -15.88 27.23
CA ARG C 137 -21.46 -14.72 26.86
C ARG C 137 -22.15 -14.93 25.51
N TYR C 138 -22.66 -16.12 25.24
CA TYR C 138 -23.20 -16.44 23.92
C TYR C 138 -24.47 -17.31 23.99
N HIS C 139 -25.52 -16.81 24.63
CA HIS C 139 -26.69 -17.65 24.89
C HIS C 139 -27.56 -17.86 23.66
N ARG C 140 -28.22 -16.83 23.17
CA ARG C 140 -29.41 -16.97 22.34
C ARG C 140 -29.25 -16.27 20.99
N ARG C 141 -28.17 -16.55 20.28
CA ARG C 141 -27.72 -15.81 19.12
C ARG C 141 -27.70 -16.67 17.85
N PRO C 142 -27.65 -16.04 16.67
CA PRO C 142 -27.88 -16.77 15.43
C PRO C 142 -26.66 -17.41 14.77
N GLY C 143 -25.47 -17.36 15.36
CA GLY C 143 -24.32 -18.01 14.78
C GLY C 143 -23.45 -17.06 14.00
N SER C 144 -22.35 -17.60 13.51
CA SER C 144 -21.44 -16.84 12.66
C SER C 144 -22.01 -16.66 11.27
N MET C 145 -21.76 -15.49 10.68
CA MET C 145 -22.40 -15.05 9.45
C MET C 145 -21.72 -15.57 8.20
N GLY C 146 -20.58 -16.24 8.32
CA GLY C 146 -19.94 -16.83 7.18
C GLY C 146 -18.43 -16.79 7.23
N PRO C 147 -17.77 -17.18 6.14
CA PRO C 147 -16.30 -17.09 6.08
C PRO C 147 -15.78 -15.74 5.59
N VAL C 148 -14.47 -15.55 5.58
CA VAL C 148 -13.89 -14.24 5.30
C VAL C 148 -13.76 -13.99 3.81
N ALA C 149 -13.48 -15.02 3.01
CA ALA C 149 -12.98 -14.79 1.66
C ALA C 149 -13.92 -14.02 0.73
N PRO C 150 -15.22 -14.32 0.65
CA PRO C 150 -16.07 -13.58 -0.31
C PRO C 150 -16.41 -12.15 0.07
N ASN C 151 -16.00 -11.66 1.23
CA ASN C 151 -16.21 -10.27 1.63
C ASN C 151 -17.68 -9.89 1.64
N ARG C 152 -18.53 -10.80 2.09
CA ARG C 152 -19.97 -10.58 2.13
C ARG C 152 -20.66 -11.78 2.75
N VAL C 153 -21.96 -11.69 2.97
CA VAL C 153 -22.77 -12.77 3.52
C VAL C 153 -23.56 -13.37 2.37
N PHE C 154 -23.67 -14.70 2.35
CA PHE C 154 -24.45 -15.41 1.35
C PHE C 154 -25.96 -15.27 1.63
N LYS C 155 -26.77 -15.58 0.63
CA LYS C 155 -28.20 -15.58 0.81
C LYS C 155 -28.68 -16.87 1.45
N ASN C 156 -29.84 -16.79 2.09
CA ASN C 156 -30.43 -17.83 2.92
C ASN C 156 -29.65 -18.06 4.21
N LYS C 157 -28.83 -17.10 4.62
CA LYS C 157 -28.39 -17.04 5.99
C LYS C 157 -29.58 -16.64 6.85
N ARG C 158 -30.00 -17.51 7.74
CA ARG C 158 -31.27 -17.36 8.42
C ARG C 158 -31.12 -16.62 9.75
N LEU C 159 -32.11 -15.79 10.07
CA LEU C 159 -31.99 -14.79 11.14
C LEU C 159 -33.34 -14.65 11.83
N ALA C 160 -33.46 -13.60 12.65
CA ALA C 160 -34.69 -13.19 13.30
C ALA C 160 -35.62 -12.48 12.31
N GLY C 161 -36.89 -12.40 12.68
CA GLY C 161 -37.89 -11.76 11.85
C GLY C 161 -39.28 -12.21 12.22
N ARG C 162 -40.25 -11.84 11.39
CA ARG C 162 -41.66 -12.10 11.70
C ARG C 162 -42.00 -13.56 11.43
N MET C 163 -42.64 -14.22 12.39
CA MET C 163 -42.91 -15.64 12.32
C MET C 163 -44.39 -15.93 12.20
N GLY C 164 -44.72 -16.97 11.43
CA GLY C 164 -46.07 -17.42 11.28
C GLY C 164 -46.79 -16.65 10.19
N GLY C 165 -48.06 -17.00 9.99
CA GLY C 165 -48.89 -16.30 9.04
C GLY C 165 -48.80 -16.76 7.61
N ASP C 166 -48.18 -17.90 7.34
CA ASP C 166 -48.05 -18.43 5.99
C ASP C 166 -49.08 -19.52 5.73
N ARG C 167 -49.29 -19.81 4.46
CA ARG C 167 -50.21 -20.87 4.11
C ARG C 167 -49.51 -22.23 4.13
N VAL C 168 -50.24 -23.24 4.57
CA VAL C 168 -49.73 -24.58 4.82
C VAL C 168 -50.83 -25.56 4.46
N THR C 169 -50.50 -26.63 3.75
CA THR C 169 -51.44 -27.72 3.56
C THR C 169 -50.88 -29.00 4.12
N ILE C 170 -51.77 -29.83 4.67
CA ILE C 170 -51.45 -31.13 5.24
C ILE C 170 -52.18 -32.19 4.45
N GLN C 171 -51.46 -33.26 4.10
CA GLN C 171 -51.93 -34.25 3.16
C GLN C 171 -52.34 -35.54 3.85
N ASN C 172 -53.31 -36.23 3.23
CA ASN C 172 -53.75 -37.57 3.62
C ASN C 172 -54.36 -37.60 5.03
N LEU C 173 -55.39 -36.80 5.24
CA LEU C 173 -56.22 -36.90 6.43
C LEU C 173 -57.53 -37.61 6.10
N GLU C 174 -58.22 -38.09 7.13
CA GLU C 174 -59.45 -38.87 6.95
C GLU C 174 -60.68 -38.09 7.42
N VAL C 175 -61.78 -38.26 6.70
CA VAL C 175 -63.09 -37.78 7.14
C VAL C 175 -63.71 -38.84 8.04
N VAL C 176 -63.96 -38.48 9.30
CA VAL C 176 -64.49 -39.40 10.28
C VAL C 176 -66.02 -39.46 10.25
N LYS C 177 -66.67 -38.35 9.92
CA LYS C 177 -68.13 -38.28 9.97
C LYS C 177 -68.56 -37.04 9.20
N VAL C 178 -69.77 -37.11 8.62
CA VAL C 178 -70.39 -35.99 7.92
C VAL C 178 -71.80 -35.81 8.47
N ASP C 179 -72.15 -34.58 8.82
CA ASP C 179 -73.48 -34.27 9.35
C ASP C 179 -74.11 -33.18 8.49
N VAL C 180 -75.26 -33.49 7.90
CA VAL C 180 -75.81 -32.70 6.80
C VAL C 180 -76.72 -31.60 7.31
N GLU C 181 -77.55 -31.87 8.30
CA GLU C 181 -78.49 -30.87 8.79
C GLU C 181 -77.79 -29.76 9.54
N ARG C 182 -76.53 -29.96 9.91
CA ARG C 182 -75.75 -28.97 10.62
C ARG C 182 -74.61 -28.39 9.81
N ASN C 183 -74.32 -28.94 8.64
CA ASN C 183 -73.23 -28.47 7.78
C ASN C 183 -71.87 -28.60 8.47
N VAL C 184 -71.56 -29.82 8.89
CA VAL C 184 -70.38 -30.09 9.70
C VAL C 184 -69.64 -31.30 9.14
N ILE C 185 -68.31 -31.21 9.10
CA ILE C 185 -67.41 -32.30 8.78
C ILE C 185 -66.48 -32.51 9.96
N LEU C 186 -66.21 -33.77 10.29
CA LEU C 186 -65.22 -34.11 11.30
C LEU C 186 -64.01 -34.73 10.63
N ILE C 187 -62.84 -34.15 10.87
CA ILE C 187 -61.57 -34.57 10.29
C ILE C 187 -60.63 -35.04 11.38
N LYS C 188 -59.96 -36.16 11.16
CA LYS C 188 -59.09 -36.79 12.13
C LYS C 188 -57.73 -36.11 12.16
N GLY C 189 -57.37 -35.49 13.28
CA GLY C 189 -56.09 -34.83 13.47
C GLY C 189 -56.24 -33.34 13.71
N ASN C 190 -55.13 -32.61 13.57
CA ASN C 190 -55.13 -31.16 13.69
C ASN C 190 -54.80 -30.50 12.35
N ILE C 191 -55.32 -29.29 12.18
CA ILE C 191 -55.33 -28.47 10.96
C ILE C 191 -54.59 -27.18 11.27
N PRO C 192 -54.05 -26.44 10.30
CA PRO C 192 -53.50 -25.12 10.60
C PRO C 192 -54.53 -24.01 10.76
N GLY C 193 -54.17 -23.02 11.55
CA GLY C 193 -54.93 -21.79 11.67
C GLY C 193 -55.53 -21.59 13.04
N ALA C 194 -56.09 -20.40 13.22
CA ALA C 194 -56.83 -19.99 14.39
C ALA C 194 -58.31 -20.31 14.24
N LYS C 195 -59.09 -19.99 15.27
CA LYS C 195 -60.53 -20.18 15.22
C LYS C 195 -61.19 -19.07 14.44
N LYS C 196 -62.18 -19.43 13.63
CA LYS C 196 -62.93 -18.59 12.69
C LYS C 196 -62.16 -18.33 11.42
N SER C 197 -61.05 -19.00 11.18
CA SER C 197 -60.26 -18.76 9.99
C SER C 197 -60.67 -19.71 8.85
N LEU C 198 -60.47 -19.24 7.63
CA LEU C 198 -60.90 -19.94 6.42
C LEU C 198 -60.14 -21.24 6.20
N ILE C 199 -60.86 -22.32 5.86
CA ILE C 199 -60.29 -23.63 5.63
C ILE C 199 -60.79 -24.17 4.30
N THR C 200 -59.91 -24.81 3.54
CA THR C 200 -60.26 -25.42 2.26
C THR C 200 -59.96 -26.91 2.30
N ILE C 201 -60.87 -27.72 1.79
CA ILE C 201 -60.76 -29.18 1.84
C ILE C 201 -60.98 -29.75 0.44
N LYS C 202 -59.98 -30.45 -0.09
CA LYS C 202 -60.02 -31.08 -1.40
C LYS C 202 -59.68 -32.55 -1.29
N SER C 203 -60.16 -33.35 -2.23
CA SER C 203 -59.71 -34.72 -2.33
C SER C 203 -58.23 -34.78 -2.69
N ALA C 204 -57.55 -35.84 -2.25
CA ALA C 204 -56.11 -35.82 -2.13
C ALA C 204 -55.39 -36.05 -3.47
N VAL C 205 -54.22 -35.42 -3.59
CA VAL C 205 -53.48 -35.37 -4.84
C VAL C 205 -52.71 -36.66 -5.07
N LYS C 206 -52.34 -37.36 -4.02
CA LYS C 206 -51.52 -38.55 -4.15
C LYS C 206 -52.32 -39.84 -4.17
N ALA C 207 -53.63 -39.77 -3.90
CA ALA C 207 -54.53 -40.89 -4.17
C ALA C 207 -54.12 -42.19 -3.49
N PRO D 1 36.17 77.77 -17.51
CA PRO D 1 34.77 78.10 -17.73
C PRO D 1 34.39 79.40 -17.04
N ASN D 2 33.77 80.32 -17.78
CA ASN D 2 33.37 81.60 -17.25
C ASN D 2 31.87 81.64 -17.00
N VAL D 3 31.49 82.13 -15.83
CA VAL D 3 30.10 82.32 -15.47
C VAL D 3 29.85 83.81 -15.36
N ALA D 4 28.62 84.23 -15.61
CA ALA D 4 28.28 85.63 -15.42
C ALA D 4 28.09 85.97 -13.95
N LEU D 5 28.36 87.21 -13.61
CA LEU D 5 28.20 87.76 -12.28
C LEU D 5 26.97 88.67 -12.21
N PHE D 6 26.38 88.73 -11.03
CA PHE D 6 25.24 89.60 -10.74
C PHE D 6 25.46 90.27 -9.40
N LYS D 7 24.65 91.29 -9.15
CA LYS D 7 24.52 91.94 -7.86
C LYS D 7 23.14 91.62 -7.30
N GLN D 8 22.92 92.00 -6.03
CA GLN D 8 21.69 91.65 -5.33
C GLN D 8 20.43 92.01 -6.12
N ASP D 9 20.55 92.81 -7.14
CA ASP D 9 19.48 92.97 -8.12
C ASP D 9 19.97 92.91 -9.56
N GLY D 10 21.12 93.50 -9.83
CA GLY D 10 21.42 94.05 -11.14
C GLY D 10 21.76 93.10 -12.27
N THR D 11 22.80 93.45 -13.03
CA THR D 11 23.06 92.84 -14.32
C THR D 11 24.54 92.55 -14.49
N GLN D 12 24.85 91.37 -15.02
CA GLN D 12 26.05 91.09 -15.80
C GLN D 12 27.22 92.00 -15.41
N ASN D 13 27.54 92.08 -14.13
CA ASN D 13 28.72 92.83 -13.73
C ASN D 13 29.96 92.04 -14.11
N GLY D 14 30.09 91.75 -15.40
CA GLY D 14 31.23 91.00 -15.90
C GLY D 14 31.08 89.50 -15.82
N GLU D 15 32.19 88.82 -15.53
CA GLU D 15 32.22 87.38 -15.46
C GLU D 15 33.26 86.95 -14.43
N ILE D 16 33.31 85.65 -14.16
CA ILE D 16 34.22 85.10 -13.16
C ILE D 16 34.75 83.79 -13.70
N THR D 17 36.05 83.71 -13.92
CA THR D 17 36.66 82.49 -14.42
C THR D 17 36.97 81.57 -13.25
N LEU D 18 36.38 80.39 -13.26
CA LEU D 18 36.56 79.34 -12.25
C LEU D 18 37.50 78.26 -12.78
N ASN D 19 37.94 77.40 -11.87
CA ASN D 19 38.90 76.34 -12.17
C ASN D 19 38.37 75.41 -13.27
N GLU D 20 39.29 74.82 -14.03
CA GLU D 20 38.92 73.79 -14.97
C GLU D 20 39.09 72.40 -14.42
N GLU D 21 39.80 72.25 -13.30
CA GLU D 21 39.96 70.94 -12.70
C GLU D 21 38.79 70.59 -11.80
N ILE D 22 37.99 71.58 -11.42
CA ILE D 22 36.87 71.39 -10.52
C ILE D 22 35.54 71.58 -11.23
N PHE D 23 35.41 72.61 -12.05
CA PHE D 23 34.14 72.98 -12.64
C PHE D 23 34.02 72.64 -14.10
N GLY D 24 35.04 72.05 -14.71
CA GLY D 24 34.94 71.73 -16.12
C GLY D 24 35.44 70.36 -16.56
N ILE D 25 35.29 69.32 -15.74
CA ILE D 25 36.01 68.06 -15.95
C ILE D 25 35.18 66.85 -16.37
N GLU D 26 34.10 67.03 -17.14
CA GLU D 26 33.48 65.85 -17.76
C GLU D 26 33.02 64.77 -16.78
N PRO D 27 31.83 64.91 -16.20
CA PRO D 27 31.44 64.03 -15.08
C PRO D 27 31.42 62.55 -15.40
N ASN D 28 31.51 61.74 -14.35
CA ASN D 28 31.50 60.29 -14.42
C ASN D 28 30.27 59.79 -13.70
N GLU D 29 29.40 59.09 -14.42
CA GLU D 29 28.02 58.87 -13.99
C GLU D 29 27.83 57.70 -13.04
N SER D 30 28.65 56.66 -13.12
CA SER D 30 28.52 55.58 -12.15
C SER D 30 29.11 55.96 -10.81
N VAL D 31 30.14 56.80 -10.80
CA VAL D 31 30.70 57.26 -9.55
C VAL D 31 29.68 58.07 -8.76
N VAL D 32 28.82 58.81 -9.47
CA VAL D 32 27.80 59.60 -8.80
C VAL D 32 26.69 58.68 -8.26
N TYR D 33 26.32 57.66 -9.03
CA TYR D 33 25.35 56.69 -8.52
C TYR D 33 25.85 56.05 -7.24
N ASP D 34 27.11 55.61 -7.24
CA ASP D 34 27.69 55.01 -6.04
C ASP D 34 27.69 55.98 -4.86
N ALA D 35 28.05 57.25 -5.09
CA ALA D 35 28.06 58.22 -4.01
C ALA D 35 26.67 58.41 -3.40
N ILE D 36 25.64 58.53 -4.25
CA ILE D 36 24.29 58.75 -3.77
C ILE D 36 23.80 57.56 -2.96
N ILE D 37 24.03 56.35 -3.45
CA ILE D 37 23.57 55.17 -2.72
C ILE D 37 24.30 55.03 -1.39
N MET D 38 25.61 55.26 -1.38
CA MET D 38 26.36 55.15 -0.13
C MET D 38 25.87 56.18 0.87
N GLN D 39 25.61 57.42 0.42
CA GLN D 39 25.19 58.44 1.36
C GLN D 39 23.80 58.15 1.92
N ARG D 40 22.88 57.68 1.08
CA ARG D 40 21.54 57.38 1.59
C ARG D 40 21.53 56.19 2.55
N ALA D 41 22.31 55.14 2.26
CA ALA D 41 22.40 54.07 3.25
C ALA D 41 23.17 54.48 4.49
N SER D 42 23.81 55.64 4.47
CA SER D 42 24.58 56.12 5.59
C SER D 42 23.75 56.87 6.61
N LEU D 43 22.51 57.23 6.31
CA LEU D 43 21.65 57.97 7.22
C LEU D 43 20.73 57.09 8.06
N ARG D 44 20.77 55.77 7.90
CA ARG D 44 19.86 54.88 8.60
C ARG D 44 20.23 54.69 10.06
N GLN D 45 19.21 54.52 10.88
CA GLN D 45 19.36 54.08 12.26
C GLN D 45 18.73 52.69 12.37
N GLY D 46 19.56 51.66 12.31
CA GLY D 46 19.04 50.32 12.20
C GLY D 46 18.69 49.72 13.54
N THR D 47 17.67 50.29 14.18
CA THR D 47 17.26 49.93 15.53
C THR D 47 16.00 49.09 15.44
N HIS D 48 16.16 47.78 15.24
CA HIS D 48 15.03 46.89 15.11
C HIS D 48 15.39 45.52 15.64
N ALA D 49 14.50 44.93 16.42
CA ALA D 49 14.76 43.63 17.02
C ALA D 49 13.45 42.87 17.15
N VAL D 50 13.59 41.57 17.43
CA VAL D 50 12.46 40.69 17.65
C VAL D 50 12.97 39.57 18.56
N LYS D 51 12.06 38.80 19.13
CA LYS D 51 12.44 37.79 20.12
C LYS D 51 12.44 36.40 19.53
N ASN D 52 13.59 35.73 19.61
CA ASN D 52 13.71 34.34 19.18
C ASN D 52 13.12 33.44 20.25
N ARG D 53 13.31 32.14 20.06
CA ARG D 53 12.67 31.13 20.88
C ARG D 53 13.02 31.28 22.35
N SER D 54 14.28 31.61 22.64
CA SER D 54 14.73 31.59 24.02
C SER D 54 14.53 32.88 24.78
N ALA D 55 14.15 33.97 24.11
CA ALA D 55 13.90 35.24 24.78
C ALA D 55 12.45 35.45 25.19
N VAL D 56 11.50 34.71 24.58
CA VAL D 56 10.10 34.89 24.92
C VAL D 56 9.85 34.39 26.33
N ARG D 57 9.12 35.17 27.13
CA ARG D 57 8.83 34.75 28.50
C ARG D 57 7.92 33.55 28.49
N GLY D 58 8.46 32.39 28.80
CA GLY D 58 7.69 31.19 28.59
C GLY D 58 8.27 29.98 29.23
N GLY D 59 8.04 28.82 28.62
CA GLY D 59 8.09 27.54 29.33
C GLY D 59 9.27 26.66 28.94
N GLY D 60 9.80 25.98 29.95
CA GLY D 60 10.83 24.98 29.78
C GLY D 60 10.32 23.57 29.94
N ARG D 61 9.06 23.42 30.30
CA ARG D 61 8.52 22.09 30.51
C ARG D 61 7.98 21.54 29.20
N LYS D 62 8.14 20.25 29.02
CA LYS D 62 7.50 19.54 27.93
C LYS D 62 6.01 19.48 28.21
N PRO D 63 5.16 20.01 27.33
CA PRO D 63 3.75 20.27 27.71
C PRO D 63 2.94 19.01 27.95
N TRP D 64 3.05 18.00 27.08
CA TRP D 64 2.45 16.69 27.31
C TRP D 64 3.52 15.61 27.21
N ARG D 65 3.11 14.34 27.20
CA ARG D 65 4.12 13.30 27.03
C ARG D 65 4.55 13.22 25.57
N GLN D 66 5.50 12.33 25.31
CA GLN D 66 6.02 12.12 23.97
C GLN D 66 5.18 11.13 23.19
N LYS D 67 4.51 10.18 23.87
CA LYS D 67 3.72 9.16 23.20
C LYS D 67 2.43 8.86 23.96
N GLY D 68 1.51 8.21 23.27
CA GLY D 68 0.33 7.66 23.91
C GLY D 68 -0.93 8.48 23.74
N THR D 69 -0.80 9.80 23.89
CA THR D 69 -1.94 10.71 23.95
C THR D 69 -2.64 10.91 22.62
N GLY D 70 -2.24 10.24 21.55
CA GLY D 70 -2.87 10.46 20.27
C GLY D 70 -2.66 11.87 19.78
N ARG D 71 -1.46 12.39 19.95
CA ARG D 71 -1.22 13.81 19.79
C ARG D 71 -0.09 14.00 18.79
N ALA D 72 0.47 15.20 18.69
CA ALA D 72 1.72 15.41 17.98
C ALA D 72 2.78 15.86 18.97
N ARG D 73 3.96 15.25 18.89
CA ARG D 73 5.05 15.57 19.80
C ARG D 73 5.37 17.06 19.78
N GLN D 74 5.35 17.68 20.95
CA GLN D 74 5.60 19.10 21.10
C GLN D 74 6.66 19.31 22.17
N GLY D 75 7.39 20.40 22.05
CA GLY D 75 8.54 20.62 22.92
C GLY D 75 8.40 21.79 23.86
N SER D 76 7.59 22.78 23.48
CA SER D 76 7.35 23.91 24.36
C SER D 76 6.18 24.71 23.85
N ILE D 77 5.57 25.45 24.77
CA ILE D 77 4.50 26.37 24.44
C ILE D 77 5.01 27.47 23.56
N ARG D 78 6.32 27.71 23.55
CA ARG D 78 6.93 28.77 22.76
C ARG D 78 7.84 28.17 21.69
N SER D 79 7.24 27.69 20.62
CA SER D 79 7.94 27.23 19.45
C SER D 79 7.50 28.10 18.29
N PRO D 80 8.28 28.17 17.22
CA PRO D 80 7.90 29.06 16.13
C PRO D 80 6.51 28.80 15.58
N GLN D 81 6.01 27.58 15.59
CA GLN D 81 4.71 27.30 14.98
C GLN D 81 3.54 27.44 15.93
N TRP D 82 3.78 27.65 17.22
CA TRP D 82 2.73 27.92 18.18
C TRP D 82 2.33 29.38 18.12
N ARG D 83 1.02 29.63 18.22
CA ARG D 83 0.54 30.99 18.45
C ARG D 83 1.18 31.58 19.69
N GLY D 84 1.77 32.76 19.56
CA GLY D 84 2.43 33.41 20.65
C GLY D 84 3.88 33.03 20.86
N GLY D 85 4.47 32.25 19.96
CA GLY D 85 5.83 31.80 20.10
C GLY D 85 6.85 32.76 19.53
N GLY D 86 8.10 32.31 19.52
CA GLY D 86 9.21 33.15 19.10
C GLY D 86 9.48 33.12 17.62
N VAL D 87 10.18 34.14 17.14
CA VAL D 87 10.41 34.37 15.71
C VAL D 87 11.73 33.76 15.28
N VAL D 88 11.72 33.10 14.12
CA VAL D 88 12.92 32.52 13.52
C VAL D 88 13.43 33.49 12.47
N PHE D 89 14.67 33.96 12.66
CA PHE D 89 15.39 34.82 11.73
C PHE D 89 14.63 36.13 11.47
N GLY D 90 14.60 37.00 12.47
CA GLY D 90 14.00 38.30 12.25
C GLY D 90 15.01 39.39 11.94
N PRO D 91 14.60 40.66 12.06
CA PRO D 91 15.59 41.74 12.06
C PRO D 91 16.39 41.81 13.36
N THR D 92 17.68 42.09 13.22
CA THR D 92 18.62 42.36 14.31
C THR D 92 19.17 43.76 14.17
N PRO D 93 19.63 44.38 15.27
CA PRO D 93 20.38 45.62 15.16
C PRO D 93 21.62 45.49 14.29
N ARG D 94 21.77 46.40 13.35
CA ARG D 94 22.74 46.33 12.28
C ARG D 94 23.33 47.71 12.03
N SER D 95 24.31 47.80 11.15
CA SER D 95 25.01 49.06 10.90
C SER D 95 24.48 49.82 9.69
N TYR D 96 24.63 49.26 8.48
CA TYR D 96 24.24 49.78 7.16
C TYR D 96 25.20 50.77 6.48
N SER D 97 26.30 51.21 7.09
CA SER D 97 27.17 52.19 6.46
C SER D 97 28.51 51.58 6.04
N TYR D 98 29.07 52.09 4.95
CA TYR D 98 30.37 51.69 4.43
C TYR D 98 31.06 52.88 3.77
N LYS D 99 32.29 52.67 3.34
CA LYS D 99 33.12 53.72 2.78
C LYS D 99 33.65 53.32 1.41
N LEU D 100 33.64 54.24 0.48
CA LEU D 100 34.27 54.14 -0.81
C LEU D 100 35.66 54.76 -0.75
N PRO D 101 36.60 54.35 -1.62
CA PRO D 101 37.94 54.92 -1.56
C PRO D 101 37.97 56.39 -1.90
N LYS D 102 39.07 57.05 -1.51
CA LYS D 102 39.12 58.51 -1.41
C LYS D 102 39.14 59.20 -2.76
N LYS D 103 39.64 58.57 -3.79
CA LYS D 103 39.70 59.25 -5.08
C LYS D 103 38.33 59.34 -5.73
N VAL D 104 37.44 58.39 -5.44
CA VAL D 104 36.13 58.43 -6.07
C VAL D 104 35.18 59.39 -5.33
N ARG D 105 35.35 59.58 -4.02
CA ARG D 105 34.67 60.68 -3.34
C ARG D 105 34.95 62.01 -4.04
N ARG D 106 36.23 62.31 -4.25
CA ARG D 106 36.64 63.57 -4.84
C ARG D 106 36.16 63.66 -6.28
N LEU D 107 36.21 62.55 -7.02
CA LEU D 107 35.73 62.53 -8.40
C LEU D 107 34.23 62.81 -8.48
N ALA D 108 33.45 62.31 -7.51
CA ALA D 108 32.01 62.57 -7.53
C ALA D 108 31.69 64.02 -7.18
N MET D 109 32.42 64.61 -6.24
CA MET D 109 32.20 66.03 -5.95
C MET D 109 32.48 66.88 -7.20
N LYS D 110 33.66 66.71 -7.78
CA LYS D 110 34.00 67.47 -8.98
C LYS D 110 32.97 67.26 -10.07
N SER D 111 32.51 66.03 -10.25
CA SER D 111 31.66 65.72 -11.39
C SER D 111 30.28 66.35 -11.23
N VAL D 112 29.77 66.41 -10.00
CA VAL D 112 28.43 66.95 -9.81
C VAL D 112 28.42 68.48 -9.90
N LEU D 113 29.46 69.16 -9.40
CA LEU D 113 29.51 70.61 -9.60
C LEU D 113 29.75 70.96 -11.06
N SER D 114 30.57 70.17 -11.75
CA SER D 114 30.83 70.43 -13.16
C SER D 114 29.62 70.20 -14.03
N ASP D 115 28.77 69.24 -13.66
CA ASP D 115 27.49 69.09 -14.32
C ASP D 115 26.60 70.30 -14.08
N LYS D 116 26.55 70.79 -12.83
CA LYS D 116 25.79 72.01 -12.59
C LYS D 116 26.25 73.16 -13.50
N VAL D 117 27.56 73.30 -13.72
CA VAL D 117 28.05 74.40 -14.54
C VAL D 117 27.75 74.17 -16.02
N ALA D 118 27.88 72.95 -16.50
CA ALA D 118 27.73 72.69 -17.92
C ALA D 118 26.33 72.93 -18.45
N GLU D 119 25.37 73.38 -17.64
CA GLU D 119 24.01 73.62 -18.11
C GLU D 119 23.50 74.99 -17.70
N ASN D 120 24.40 75.90 -17.32
CA ASN D 120 24.07 77.21 -16.80
C ASN D 120 22.99 77.12 -15.73
N ASN D 121 23.32 76.34 -14.71
CA ASN D 121 22.49 76.17 -13.54
C ASN D 121 23.13 76.68 -12.27
N LEU D 122 24.40 77.07 -12.31
CA LEU D 122 25.01 77.83 -11.23
C LEU D 122 24.93 79.32 -11.50
N VAL D 123 24.67 80.09 -10.44
CA VAL D 123 24.45 81.53 -10.52
C VAL D 123 25.35 82.19 -9.51
N ALA D 124 26.32 82.98 -9.97
CA ALA D 124 27.23 83.69 -9.08
C ALA D 124 26.73 85.11 -8.82
N VAL D 125 26.95 85.58 -7.60
CA VAL D 125 26.51 86.89 -7.14
C VAL D 125 27.61 87.48 -6.26
N GLU D 126 27.81 88.79 -6.34
CA GLU D 126 28.88 89.45 -5.59
C GLU D 126 28.73 89.25 -4.09
N GLY D 127 27.59 89.63 -3.53
CA GLY D 127 27.39 89.51 -2.10
C GLY D 127 25.94 89.39 -1.74
N LEU D 128 25.70 88.86 -0.55
CA LEU D 128 24.36 88.77 0.03
C LEU D 128 24.47 89.40 1.41
N SER D 129 24.08 90.66 1.53
CA SER D 129 24.19 91.39 2.79
C SER D 129 22.83 91.84 3.26
N PHE D 130 22.67 91.90 4.58
CA PHE D 130 21.40 92.24 5.19
C PHE D 130 21.67 92.92 6.52
N ASP D 131 21.04 94.07 6.77
CA ASP D 131 21.15 94.75 8.05
C ASP D 131 20.25 94.14 9.10
N ALA D 132 19.16 93.50 8.69
CA ALA D 132 18.37 92.69 9.59
C ALA D 132 18.01 91.39 8.89
N PRO D 133 17.78 90.33 9.63
CA PRO D 133 17.26 89.09 9.04
C PRO D 133 15.79 89.16 8.62
N LYS D 134 15.53 89.48 7.36
CA LYS D 134 14.19 89.65 6.82
C LYS D 134 13.93 88.66 5.69
N THR D 135 12.93 87.77 5.86
CA THR D 135 12.56 86.84 4.80
C THR D 135 12.07 87.54 3.54
N LYS D 136 11.33 88.64 3.69
CA LYS D 136 10.70 89.27 2.54
C LYS D 136 11.75 89.80 1.56
N GLU D 137 12.79 90.44 2.08
CA GLU D 137 13.86 90.93 1.22
C GLU D 137 14.60 89.79 0.53
N PHE D 138 14.73 88.64 1.17
CA PHE D 138 15.38 87.52 0.51
C PHE D 138 14.57 87.01 -0.66
N LYS D 139 13.24 86.94 -0.51
CA LYS D 139 12.36 86.55 -1.59
C LYS D 139 12.42 87.54 -2.75
N GLN D 140 12.48 88.85 -2.43
CA GLN D 140 12.66 89.82 -3.50
C GLN D 140 13.98 89.60 -4.22
N VAL D 141 15.07 89.43 -3.47
CA VAL D 141 16.36 89.11 -4.09
C VAL D 141 16.24 87.88 -4.98
N LEU D 142 15.54 86.86 -4.52
CA LEU D 142 15.43 85.60 -5.26
C LEU D 142 14.70 85.80 -6.58
N ALA D 143 13.70 86.68 -6.60
CA ALA D 143 13.03 87.00 -7.84
C ALA D 143 13.81 87.99 -8.70
N ASN D 144 14.72 88.76 -8.07
CA ASN D 144 15.56 89.69 -8.80
C ASN D 144 16.44 88.97 -9.80
N LEU D 145 16.84 87.74 -9.48
CA LEU D 145 17.67 86.90 -10.32
C LEU D 145 16.87 85.85 -11.07
N SER D 146 15.54 85.95 -11.05
CA SER D 146 14.62 85.05 -11.74
C SER D 146 14.95 83.59 -11.44
N ILE D 147 14.71 83.20 -10.20
CA ILE D 147 14.95 81.84 -9.72
C ILE D 147 13.63 81.27 -9.24
N ASP D 148 13.11 80.27 -9.96
CA ASP D 148 11.78 79.74 -9.69
C ASP D 148 11.72 78.25 -9.42
N THR D 149 12.79 77.66 -8.92
CA THR D 149 12.88 76.22 -8.72
C THR D 149 13.53 75.94 -7.36
N LYS D 150 13.74 74.66 -7.08
CA LYS D 150 14.51 74.31 -5.89
C LYS D 150 15.94 74.79 -6.04
N VAL D 151 16.45 75.46 -5.00
CA VAL D 151 17.75 76.09 -5.08
C VAL D 151 18.55 75.75 -3.82
N LEU D 152 19.82 75.43 -4.02
CA LEU D 152 20.79 75.32 -2.95
C LEU D 152 21.48 76.67 -2.80
N VAL D 153 21.44 77.25 -1.60
CA VAL D 153 22.12 78.51 -1.34
C VAL D 153 23.39 78.21 -0.57
N VAL D 154 24.54 78.34 -1.23
CA VAL D 154 25.84 78.06 -0.63
C VAL D 154 26.42 79.38 -0.12
N LEU D 155 26.56 79.50 1.18
CA LEU D 155 27.07 80.69 1.82
C LEU D 155 28.50 80.49 2.32
N GLU D 156 29.12 81.57 2.76
CA GLU D 156 30.54 81.52 3.10
C GLU D 156 30.77 81.05 4.54
N ASN D 157 30.45 81.91 5.49
CA ASN D 157 30.99 81.89 6.83
C ASN D 157 29.97 82.54 7.75
N GLY D 158 30.42 83.21 8.80
CA GLY D 158 29.46 83.85 9.67
C GLY D 158 28.68 84.96 8.98
N ASN D 159 28.04 84.60 7.87
CA ASN D 159 27.01 85.40 7.23
C ASN D 159 25.66 85.01 7.83
N ASP D 160 25.46 85.37 9.09
CA ASP D 160 24.32 84.80 9.80
C ASP D 160 23.01 85.48 9.46
N PHE D 161 23.02 86.74 9.03
CA PHE D 161 21.75 87.38 8.72
C PHE D 161 21.14 86.79 7.46
N ALA D 162 22.00 86.44 6.48
CA ALA D 162 21.52 85.85 5.24
C ALA D 162 20.93 84.46 5.45
N ALA D 163 21.60 83.62 6.26
CA ALA D 163 21.09 82.28 6.49
C ALA D 163 19.76 82.31 7.23
N LEU D 164 19.62 83.23 8.18
CA LEU D 164 18.34 83.42 8.84
C LEU D 164 17.27 83.86 7.86
N SER D 165 17.57 84.82 7.00
CA SER D 165 16.56 85.29 6.04
C SER D 165 16.16 84.22 5.05
N ALA D 166 17.07 83.31 4.70
CA ALA D 166 16.80 82.30 3.71
C ALA D 166 16.20 81.02 4.27
N ARG D 167 16.29 80.79 5.57
CA ARG D 167 15.53 79.69 6.15
C ARG D 167 14.05 79.83 5.82
N ASN D 168 13.29 78.78 6.12
CA ASN D 168 11.83 78.87 6.20
C ASN D 168 11.14 79.05 4.85
N LEU D 169 11.88 79.38 3.81
CA LEU D 169 11.31 79.37 2.46
C LEU D 169 11.26 77.95 1.94
N PRO D 170 10.09 77.44 1.53
CA PRO D 170 9.97 76.00 1.27
C PRO D 170 10.61 75.53 -0.02
N ASN D 171 11.29 76.38 -0.78
CA ASN D 171 12.03 75.96 -1.96
C ASN D 171 13.53 76.08 -1.79
N VAL D 172 14.01 76.44 -0.61
CA VAL D 172 15.35 76.95 -0.43
C VAL D 172 16.07 76.10 0.60
N SER D 173 17.32 75.78 0.32
CA SER D 173 18.20 75.10 1.25
C SER D 173 19.46 75.93 1.44
N VAL D 174 20.02 75.91 2.64
CA VAL D 174 21.18 76.74 2.94
C VAL D 174 22.30 75.88 3.48
N VAL D 175 23.49 76.05 2.90
CA VAL D 175 24.67 75.29 3.29
C VAL D 175 25.87 76.24 3.28
N THR D 176 26.83 76.01 4.16
CA THR D 176 28.05 76.80 4.15
C THR D 176 29.11 76.11 3.30
N SER D 177 30.16 76.84 2.95
CA SER D 177 31.08 76.34 1.93
C SER D 177 32.07 75.29 2.44
N ASP D 178 32.09 75.00 3.73
CA ASP D 178 32.88 73.89 4.26
C ASP D 178 32.04 72.66 4.51
N ASN D 179 30.80 72.64 4.04
CA ASN D 179 29.88 71.59 4.39
C ASN D 179 28.94 71.27 3.24
N VAL D 180 29.45 71.15 2.03
CA VAL D 180 28.65 70.72 0.88
C VAL D 180 28.86 69.23 0.68
N SER D 181 27.76 68.49 0.54
CA SER D 181 27.79 67.07 0.26
C SER D 181 27.33 66.79 -1.17
N VAL D 182 27.47 65.53 -1.59
CA VAL D 182 27.05 65.16 -2.94
C VAL D 182 25.53 65.17 -3.04
N LEU D 183 24.84 64.79 -1.96
CA LEU D 183 23.40 64.75 -1.94
C LEU D 183 22.75 66.12 -1.90
N ASP D 184 23.47 67.16 -1.48
CA ASP D 184 22.87 68.50 -1.49
C ASP D 184 22.80 69.06 -2.90
N VAL D 185 23.81 68.80 -3.72
CA VAL D 185 23.87 69.41 -5.02
C VAL D 185 22.98 68.68 -6.01
N VAL D 186 22.83 67.37 -5.87
CA VAL D 186 22.04 66.61 -6.83
C VAL D 186 20.57 66.91 -6.68
N SER D 187 20.11 67.17 -5.45
CA SER D 187 18.69 67.33 -5.21
C SER D 187 18.19 68.70 -5.64
N ALA D 188 19.03 69.72 -5.62
CA ALA D 188 18.55 71.04 -6.02
C ALA D 188 18.61 71.22 -7.52
N ASN D 189 17.80 72.16 -8.01
CA ASN D 189 17.78 72.48 -9.42
C ASN D 189 18.87 73.46 -9.81
N LYS D 190 19.21 74.38 -8.91
CA LYS D 190 20.23 75.37 -9.16
C LYS D 190 21.08 75.53 -7.92
N VAL D 191 22.19 76.24 -8.08
CA VAL D 191 23.01 76.66 -6.96
C VAL D 191 23.17 78.16 -7.05
N LEU D 192 22.94 78.86 -5.94
CA LEU D 192 23.17 80.29 -5.81
C LEU D 192 24.34 80.47 -4.85
N ALA D 193 25.54 80.62 -5.39
CA ALA D 193 26.75 80.76 -4.59
C ALA D 193 27.33 82.15 -4.73
N THR D 194 27.83 82.69 -3.63
CA THR D 194 28.49 83.99 -3.66
C THR D 194 29.93 83.85 -4.10
N GLN D 195 30.49 84.98 -4.54
CA GLN D 195 31.83 85.00 -5.08
C GLN D 195 32.87 84.53 -4.06
N THR D 196 32.72 84.97 -2.82
CA THR D 196 33.64 84.55 -1.75
C THR D 196 33.57 83.04 -1.52
N ALA D 197 32.36 82.51 -1.42
CA ALA D 197 32.18 81.09 -1.17
C ALA D 197 32.69 80.24 -2.33
N LEU D 198 32.70 80.78 -3.54
CA LEU D 198 33.17 80.00 -4.68
C LEU D 198 34.68 79.78 -4.61
N THR D 199 35.42 80.82 -4.26
CA THR D 199 36.86 80.66 -4.06
C THR D 199 37.15 79.77 -2.85
N GLN D 200 36.31 79.86 -1.82
CA GLN D 200 36.56 79.00 -0.67
C GLN D 200 36.33 77.53 -1.00
N ILE D 201 35.39 77.23 -1.89
CA ILE D 201 35.22 75.85 -2.33
C ILE D 201 36.39 75.41 -3.21
N GLU D 202 36.87 76.31 -4.07
CA GLU D 202 38.03 75.95 -4.87
C GLU D 202 39.27 75.72 -4.02
N GLU D 203 39.29 76.28 -2.81
CA GLU D 203 40.44 76.08 -1.93
C GLU D 203 40.48 74.70 -1.27
N VAL D 204 39.36 74.02 -1.09
CA VAL D 204 39.33 72.76 -0.37
C VAL D 204 39.22 71.57 -1.30
N LEU D 205 38.59 71.73 -2.46
CA LEU D 205 38.54 70.65 -3.41
C LEU D 205 39.86 70.50 -4.13
N ALA D 206 40.63 71.58 -4.23
CA ALA D 206 41.95 71.65 -4.86
C ALA D 206 42.08 70.73 -6.08
N ASN E 1 104.14 -53.58 -26.66
CA ASN E 1 104.77 -54.43 -25.67
C ASN E 1 104.68 -55.90 -26.03
N ARG E 2 103.79 -56.63 -25.36
CA ARG E 2 103.76 -58.07 -25.56
C ARG E 2 102.84 -58.51 -26.67
N LEU E 3 101.78 -57.74 -26.94
CA LEU E 3 100.72 -58.19 -27.81
C LEU E 3 100.58 -57.38 -29.10
N LYS E 4 101.10 -56.16 -29.14
CA LYS E 4 101.10 -55.40 -30.39
C LYS E 4 101.82 -56.20 -31.48
N GLU E 5 102.99 -56.73 -31.15
CA GLU E 5 103.58 -57.80 -31.93
C GLU E 5 102.56 -58.90 -32.17
N LYS E 6 101.92 -59.40 -31.11
CA LYS E 6 101.03 -60.54 -31.31
C LYS E 6 99.89 -60.19 -32.25
N TYR E 7 99.30 -59.01 -32.10
CA TYR E 7 98.28 -58.58 -33.05
C TYR E 7 98.83 -58.60 -34.46
N ILE E 8 99.81 -57.73 -34.74
CA ILE E 8 100.30 -57.45 -36.08
C ILE E 8 101.13 -58.60 -36.62
N LYS E 9 101.22 -59.69 -35.88
CA LYS E 9 102.09 -60.79 -36.26
C LYS E 9 101.44 -62.17 -36.21
N GLU E 10 100.31 -62.33 -35.56
CA GLU E 10 99.54 -63.57 -35.62
C GLU E 10 98.06 -63.35 -35.89
N VAL E 11 97.47 -62.29 -35.35
CA VAL E 11 96.02 -62.22 -35.19
C VAL E 11 95.39 -61.39 -36.29
N THR E 12 95.94 -60.22 -36.58
CA THR E 12 95.39 -59.42 -37.66
C THR E 12 95.37 -60.17 -38.99
N PRO E 13 96.37 -60.97 -39.38
CA PRO E 13 96.19 -61.76 -40.62
C PRO E 13 95.06 -62.77 -40.50
N SER E 14 95.04 -63.51 -39.40
CA SER E 14 93.92 -64.41 -39.12
C SER E 14 92.58 -63.72 -39.28
N LEU E 15 92.29 -62.74 -38.41
CA LEU E 15 90.96 -62.14 -38.40
C LEU E 15 90.67 -61.40 -39.71
N VAL E 16 91.69 -60.90 -40.39
CA VAL E 16 91.46 -60.22 -41.66
C VAL E 16 91.06 -61.23 -42.72
N GLU E 17 91.48 -62.48 -42.57
CA GLU E 17 91.09 -63.48 -43.55
C GLU E 17 89.79 -64.18 -43.18
N LYS E 18 89.59 -64.50 -41.89
CA LYS E 18 88.43 -65.24 -41.44
C LYS E 18 87.11 -64.53 -41.75
N PHE E 19 87.14 -63.20 -41.86
CA PHE E 19 85.96 -62.44 -42.24
C PHE E 19 86.22 -61.60 -43.50
N ASN E 20 87.38 -61.76 -44.11
CA ASN E 20 87.63 -61.25 -45.46
C ASN E 20 87.55 -59.73 -45.48
N TYR E 21 88.24 -59.11 -44.53
CA TYR E 21 88.20 -57.67 -44.35
C TYR E 21 88.95 -56.97 -45.49
N SER E 22 88.26 -56.11 -46.23
CA SER E 22 88.92 -55.39 -47.31
C SER E 22 89.95 -54.39 -46.80
N SER E 23 89.85 -53.97 -45.54
CA SER E 23 90.79 -53.03 -44.95
C SER E 23 91.25 -53.59 -43.62
N VAL E 24 92.36 -53.04 -43.12
CA VAL E 24 92.84 -53.44 -41.81
C VAL E 24 92.30 -52.55 -40.71
N MET E 25 91.85 -51.34 -41.03
CA MET E 25 91.03 -50.60 -40.07
C MET E 25 89.89 -51.46 -39.57
N GLN E 26 89.34 -52.33 -40.43
CA GLN E 26 88.17 -53.13 -40.10
C GLN E 26 88.42 -54.11 -38.96
N THR E 27 89.67 -54.43 -38.66
CA THR E 27 89.96 -55.44 -37.66
C THR E 27 89.71 -54.91 -36.27
N PRO E 28 88.95 -55.62 -35.43
CA PRO E 28 88.67 -55.13 -34.07
C PRO E 28 89.93 -55.04 -33.21
N LYS E 29 89.76 -54.38 -32.07
CA LYS E 29 90.85 -54.10 -31.13
C LYS E 29 90.34 -54.31 -29.71
N VAL E 30 91.11 -53.84 -28.74
CA VAL E 30 90.65 -53.71 -27.38
C VAL E 30 90.79 -52.24 -27.01
N ASP E 31 89.68 -51.58 -26.68
CA ASP E 31 89.73 -50.17 -26.35
C ASP E 31 90.02 -49.93 -24.86
N LYS E 32 89.19 -50.47 -23.97
CA LYS E 32 89.28 -50.19 -22.56
C LYS E 32 89.32 -51.47 -21.75
N ILE E 33 89.64 -51.30 -20.47
CA ILE E 33 89.36 -52.26 -19.41
C ILE E 33 88.96 -51.45 -18.20
N VAL E 34 87.82 -51.79 -17.61
CA VAL E 34 87.27 -51.05 -16.49
C VAL E 34 86.98 -52.04 -15.36
N ILE E 35 87.49 -51.75 -14.19
CA ILE E 35 87.31 -52.59 -13.00
C ILE E 35 86.28 -51.95 -12.09
N ASN E 36 85.39 -52.75 -11.53
CA ASN E 36 84.42 -52.26 -10.58
C ASN E 36 84.55 -52.97 -9.24
N MET E 37 84.26 -52.22 -8.17
CA MET E 37 84.04 -52.77 -6.84
C MET E 37 82.72 -52.26 -6.32
N GLY E 38 81.78 -53.15 -6.09
CA GLY E 38 80.57 -52.76 -5.39
C GLY E 38 80.67 -53.00 -3.90
N VAL E 39 81.03 -51.96 -3.14
CA VAL E 39 81.19 -52.10 -1.70
C VAL E 39 79.82 -52.16 -1.02
N GLY E 40 79.04 -51.09 -1.13
CA GLY E 40 77.74 -51.08 -0.48
C GLY E 40 77.78 -51.19 1.03
N ASP E 41 78.91 -50.88 1.65
CA ASP E 41 79.09 -51.07 3.08
C ASP E 41 79.70 -49.86 3.78
N ALA E 42 79.98 -48.78 3.05
CA ALA E 42 80.20 -47.50 3.71
C ALA E 42 78.94 -47.06 4.44
N VAL E 43 77.79 -47.61 4.05
CA VAL E 43 76.56 -47.46 4.84
C VAL E 43 76.87 -47.68 6.30
N SER E 44 77.36 -48.87 6.63
CA SER E 44 77.63 -49.21 8.03
C SER E 44 78.97 -48.65 8.49
N ASN E 45 80.07 -49.20 7.98
CA ASN E 45 81.39 -48.88 8.49
C ASN E 45 82.17 -48.10 7.45
N ALA E 46 82.49 -46.84 7.78
CA ALA E 46 83.16 -45.96 6.83
C ALA E 46 84.48 -46.53 6.33
N LYS E 47 85.05 -47.50 7.05
CA LYS E 47 86.40 -48.02 6.77
C LYS E 47 86.39 -49.22 5.84
N ASN E 48 85.45 -49.27 4.89
CA ASN E 48 85.34 -50.37 3.93
C ASN E 48 85.80 -50.00 2.53
N LEU E 49 85.39 -48.83 2.03
CA LEU E 49 85.96 -48.30 0.79
C LEU E 49 87.47 -48.19 0.88
N ASP E 50 87.98 -47.96 2.10
CA ASP E 50 89.42 -47.83 2.29
C ASP E 50 90.14 -49.12 1.90
N LYS E 51 89.66 -50.26 2.40
CA LYS E 51 90.31 -51.53 2.06
C LYS E 51 90.12 -51.88 0.60
N ALA E 52 88.90 -51.70 0.08
CA ALA E 52 88.65 -51.92 -1.34
C ALA E 52 89.68 -51.18 -2.20
N VAL E 53 89.89 -49.90 -1.89
CA VAL E 53 90.81 -49.07 -2.66
C VAL E 53 92.25 -49.53 -2.46
N GLU E 54 92.61 -49.90 -1.23
CA GLU E 54 93.96 -50.41 -1.00
C GLU E 54 94.22 -51.64 -1.87
N GLU E 55 93.25 -52.55 -1.95
CA GLU E 55 93.46 -53.76 -2.73
C GLU E 55 93.56 -53.44 -4.23
N LEU E 56 92.58 -52.68 -4.75
CA LEU E 56 92.56 -52.34 -6.16
C LEU E 56 93.82 -51.60 -6.58
N ALA E 57 94.40 -50.81 -5.69
CA ALA E 57 95.61 -50.09 -6.06
C ALA E 57 96.84 -50.96 -5.88
N LEU E 58 96.79 -51.94 -4.98
CA LEU E 58 97.82 -52.97 -4.96
C LEU E 58 97.90 -53.66 -6.30
N ILE E 59 96.75 -53.86 -6.95
CA ILE E 59 96.74 -54.43 -8.29
C ILE E 59 97.52 -53.55 -9.26
N THR E 60 97.04 -52.33 -9.49
CA THR E 60 97.52 -51.50 -10.59
C THR E 60 98.06 -50.17 -10.07
N GLY E 61 99.02 -49.61 -10.81
CA GLY E 61 99.65 -48.38 -10.38
C GLY E 61 98.80 -47.15 -10.59
N GLN E 62 97.72 -47.02 -9.82
CA GLN E 62 96.68 -46.06 -10.13
C GLN E 62 95.73 -45.94 -8.96
N LYS E 63 95.53 -44.73 -8.47
CA LYS E 63 94.55 -44.57 -7.41
C LYS E 63 93.15 -44.53 -8.02
N PRO E 64 92.23 -45.35 -7.54
CA PRO E 64 90.94 -45.47 -8.21
C PRO E 64 90.02 -44.31 -7.88
N LEU E 65 88.99 -44.18 -8.71
CA LEU E 65 87.95 -43.21 -8.45
C LEU E 65 87.12 -43.65 -7.25
N ILE E 66 86.13 -42.84 -6.91
CA ILE E 66 85.16 -43.19 -5.89
C ILE E 66 83.78 -42.94 -6.48
N THR E 67 83.00 -43.99 -6.62
CA THR E 67 81.63 -43.86 -7.07
C THR E 67 80.73 -43.63 -5.87
N LYS E 68 79.80 -42.70 -6.00
CA LYS E 68 78.90 -42.32 -4.93
C LYS E 68 77.50 -42.83 -5.24
N ALA E 69 76.51 -42.30 -4.51
CA ALA E 69 75.17 -42.87 -4.53
C ALA E 69 74.52 -42.75 -5.90
N LYS E 70 74.37 -41.54 -6.41
CA LYS E 70 73.64 -41.14 -7.61
C LYS E 70 72.12 -41.09 -7.39
N LYS E 71 71.62 -41.52 -6.24
CA LYS E 71 70.25 -41.29 -5.78
C LYS E 71 70.15 -41.78 -4.34
N SER E 72 68.94 -41.86 -3.81
CA SER E 72 68.72 -42.23 -2.41
C SER E 72 67.60 -43.25 -2.32
N ILE E 73 67.93 -44.46 -1.89
CA ILE E 73 66.94 -45.52 -1.69
C ILE E 73 67.00 -45.97 -0.24
N ALA E 74 65.82 -46.09 0.38
CA ALA E 74 65.72 -46.44 1.79
C ALA E 74 65.88 -47.93 2.05
N GLY E 75 65.82 -48.77 1.04
CA GLY E 75 66.08 -50.19 1.25
C GLY E 75 67.46 -50.44 1.84
N PHE E 76 68.47 -49.69 1.41
CA PHE E 76 69.86 -49.87 1.84
C PHE E 76 70.35 -48.72 2.71
N ARG E 77 69.45 -47.91 3.27
CA ARG E 77 69.83 -46.74 4.07
C ARG E 77 70.68 -45.77 3.26
N LEU E 78 70.19 -45.42 2.07
CA LEU E 78 70.95 -44.64 1.11
C LEU E 78 70.37 -43.25 1.00
N ARG E 79 71.21 -42.25 1.24
CA ARG E 79 70.92 -40.88 0.84
C ARG E 79 71.49 -40.68 -0.56
N GLU E 80 71.55 -39.44 -1.02
CA GLU E 80 72.33 -39.12 -2.19
C GLU E 80 73.78 -38.95 -1.81
N GLY E 81 74.67 -39.17 -2.76
CA GLY E 81 76.08 -38.90 -2.58
C GLY E 81 76.74 -39.60 -1.42
N MET E 82 76.29 -40.79 -1.06
CA MET E 82 76.99 -41.60 -0.07
C MET E 82 78.04 -42.45 -0.79
N PRO E 83 79.33 -42.12 -0.69
CA PRO E 83 80.35 -42.84 -1.46
C PRO E 83 80.30 -44.34 -1.22
N ILE E 84 80.05 -45.08 -2.31
CA ILE E 84 79.77 -46.51 -2.24
C ILE E 84 80.96 -47.34 -2.70
N GLY E 85 81.35 -47.23 -3.97
CA GLY E 85 82.39 -48.06 -4.52
C GLY E 85 83.45 -47.25 -5.26
N ALA E 86 84.47 -47.97 -5.71
CA ALA E 86 85.57 -47.41 -6.47
C ALA E 86 85.67 -48.10 -7.81
N LYS E 87 86.28 -47.42 -8.79
CA LYS E 87 86.48 -48.02 -10.11
C LYS E 87 87.79 -47.53 -10.70
N VAL E 88 88.26 -48.25 -11.72
CA VAL E 88 89.54 -47.99 -12.37
C VAL E 88 89.30 -48.16 -13.87
N THR E 89 90.04 -47.38 -14.67
CA THR E 89 90.04 -47.55 -16.11
C THR E 89 91.47 -47.73 -16.59
N LEU E 90 91.63 -48.50 -17.67
CA LEU E 90 92.94 -48.98 -18.10
C LEU E 90 93.07 -48.80 -19.60
N ARG E 91 94.06 -48.03 -20.03
CA ARG E 91 94.33 -47.80 -21.44
C ARG E 91 95.71 -48.33 -21.80
N GLY E 92 95.96 -48.40 -23.09
CA GLY E 92 97.33 -48.58 -23.58
C GLY E 92 98.05 -49.79 -23.02
N GLU E 93 99.16 -49.52 -22.33
CA GLU E 93 100.00 -50.57 -21.77
C GLU E 93 99.49 -51.11 -20.46
N ARG E 94 98.79 -50.30 -19.68
CA ARG E 94 98.15 -50.83 -18.49
C ARG E 94 97.18 -51.95 -18.83
N MET E 95 96.66 -51.98 -20.05
CA MET E 95 95.73 -53.02 -20.45
C MET E 95 96.44 -54.31 -20.82
N TYR E 96 97.54 -54.23 -21.56
CA TYR E 96 98.18 -55.46 -22.01
C TYR E 96 98.87 -56.18 -20.85
N GLU E 97 99.54 -55.43 -19.97
CA GLU E 97 100.09 -56.04 -18.76
C GLU E 97 99.01 -56.70 -17.93
N PHE E 98 97.86 -56.04 -17.79
CA PHE E 98 96.82 -56.58 -16.93
C PHE E 98 96.19 -57.80 -17.56
N LEU E 99 95.96 -57.79 -18.88
CA LEU E 99 95.46 -58.98 -19.57
C LEU E 99 96.44 -60.13 -19.46
N ASP E 100 97.74 -59.84 -19.55
CA ASP E 100 98.74 -60.92 -19.46
C ASP E 100 98.74 -61.53 -18.07
N LYS E 101 98.77 -60.69 -17.03
CA LYS E 101 98.69 -61.23 -15.68
C LYS E 101 97.34 -61.90 -15.41
N LEU E 102 96.31 -61.57 -16.18
CA LEU E 102 95.05 -62.28 -16.02
C LEU E 102 95.10 -63.66 -16.63
N VAL E 103 95.68 -63.78 -17.82
CA VAL E 103 95.62 -65.06 -18.50
C VAL E 103 96.70 -66.01 -18.02
N THR E 104 97.88 -65.48 -17.68
CA THR E 104 99.06 -66.32 -17.56
C THR E 104 99.50 -66.56 -16.13
N VAL E 105 99.05 -65.75 -15.17
CA VAL E 105 99.46 -65.95 -13.78
C VAL E 105 98.25 -66.12 -12.87
N SER E 106 97.36 -65.14 -12.88
CA SER E 106 96.40 -64.98 -11.80
C SER E 106 95.20 -65.91 -11.94
N LEU E 107 94.46 -65.81 -13.05
CA LEU E 107 93.21 -66.57 -13.21
C LEU E 107 93.32 -68.02 -12.77
N PRO E 108 94.28 -68.83 -13.23
CA PRO E 108 94.22 -70.28 -12.94
C PRO E 108 94.35 -70.62 -11.46
N ARG E 109 94.72 -69.66 -10.60
CA ARG E 109 94.60 -69.84 -9.16
C ARG E 109 93.17 -70.18 -8.75
N VAL E 110 92.18 -69.80 -9.56
CA VAL E 110 90.81 -70.23 -9.34
C VAL E 110 90.67 -71.69 -9.74
N ARG E 111 89.96 -72.47 -8.93
CA ARG E 111 89.80 -73.90 -9.13
C ARG E 111 88.50 -74.17 -9.88
N ASP E 112 88.14 -75.45 -9.99
CA ASP E 112 86.87 -75.87 -10.59
C ASP E 112 86.69 -75.21 -11.96
N PHE E 113 87.58 -75.58 -12.87
CA PHE E 113 88.00 -74.73 -13.98
C PHE E 113 86.88 -74.57 -15.00
N HIS E 114 85.94 -73.68 -14.66
CA HIS E 114 84.85 -73.30 -15.55
C HIS E 114 85.19 -72.09 -16.41
N GLY E 115 86.42 -71.59 -16.30
CA GLY E 115 86.94 -70.63 -17.24
C GLY E 115 86.11 -69.38 -17.33
N VAL E 116 85.33 -69.30 -18.39
CA VAL E 116 84.55 -68.11 -18.71
C VAL E 116 83.27 -68.57 -19.37
N SER E 117 82.13 -68.17 -18.81
CA SER E 117 80.85 -68.51 -19.44
C SER E 117 80.79 -67.86 -20.82
N LYS E 118 79.74 -68.18 -21.55
CA LYS E 118 79.56 -67.61 -22.88
C LYS E 118 78.24 -66.88 -23.03
N LYS E 119 77.38 -66.91 -22.03
CA LYS E 119 76.29 -65.95 -21.96
C LYS E 119 76.81 -64.67 -21.33
N ALA E 120 77.92 -64.15 -21.84
CA ALA E 120 78.61 -63.04 -21.21
C ALA E 120 79.16 -62.07 -22.25
N PHE E 121 78.33 -61.66 -23.21
CA PHE E 121 78.87 -60.84 -24.28
C PHE E 121 78.03 -59.63 -24.66
N ASP E 122 76.95 -59.33 -23.94
CA ASP E 122 76.15 -58.12 -24.14
C ASP E 122 75.34 -58.16 -25.43
N GLY E 123 75.62 -59.11 -26.31
CA GLY E 123 75.03 -59.07 -27.63
C GLY E 123 75.60 -58.04 -28.59
N ARG E 124 76.62 -57.28 -28.19
CA ARG E 124 77.22 -56.32 -29.09
C ARG E 124 78.74 -56.40 -29.17
N GLY E 125 79.37 -57.34 -28.50
CA GLY E 125 80.77 -57.61 -28.72
C GLY E 125 81.72 -57.19 -27.62
N ASN E 126 81.20 -56.73 -26.49
CA ASN E 126 82.05 -56.48 -25.32
C ASN E 126 81.79 -57.55 -24.28
N TYR E 127 82.78 -57.79 -23.44
CA TYR E 127 82.78 -58.91 -22.51
C TYR E 127 83.01 -58.43 -21.08
N THR E 128 82.44 -59.16 -20.11
CA THR E 128 82.59 -58.86 -18.70
C THR E 128 82.92 -60.14 -17.92
N LEU E 129 84.07 -60.14 -17.25
CA LEU E 129 84.56 -61.29 -16.49
C LEU E 129 83.80 -61.38 -15.16
N GLY E 130 84.37 -62.10 -14.20
CA GLY E 130 83.83 -62.20 -12.86
C GLY E 130 84.85 -62.74 -11.89
N ILE E 131 84.93 -62.16 -10.70
CA ILE E 131 85.88 -62.58 -9.68
C ILE E 131 85.18 -62.53 -8.33
N LYS E 132 85.35 -63.59 -7.53
CA LYS E 132 84.69 -63.72 -6.24
C LYS E 132 85.51 -63.14 -5.10
N GLU E 133 86.83 -63.30 -5.12
CA GLU E 133 87.68 -62.87 -4.02
C GLU E 133 88.82 -62.00 -4.51
N GLN E 134 89.85 -61.80 -3.68
CA GLN E 134 91.03 -61.04 -4.12
C GLN E 134 92.30 -61.88 -4.18
N LEU E 135 92.32 -63.06 -3.57
CA LEU E 135 93.52 -63.86 -3.43
C LEU E 135 94.06 -64.42 -4.76
N ILE E 136 93.41 -64.14 -5.88
CA ILE E 136 93.80 -64.72 -7.17
C ILE E 136 95.02 -64.07 -7.79
N PHE E 137 95.65 -63.08 -7.12
CA PHE E 137 96.68 -62.26 -7.74
C PHE E 137 97.99 -62.35 -6.97
N PRO E 138 99.13 -62.11 -7.64
CA PRO E 138 100.42 -62.11 -6.96
C PRO E 138 100.78 -60.77 -6.35
N GLU E 139 99.93 -59.76 -6.55
CA GLU E 139 100.08 -58.47 -5.91
C GLU E 139 99.43 -58.44 -4.53
N VAL E 140 98.48 -59.33 -4.29
CA VAL E 140 97.82 -59.44 -2.99
C VAL E 140 98.71 -60.24 -2.05
N ASP E 141 98.35 -60.25 -0.77
CA ASP E 141 99.06 -60.97 0.28
C ASP E 141 98.11 -61.97 0.94
N TYR E 142 98.63 -62.68 1.95
CA TYR E 142 97.80 -63.62 2.69
C TYR E 142 97.04 -62.94 3.82
N ASP E 143 97.77 -62.45 4.82
CA ASP E 143 97.14 -62.02 6.06
C ASP E 143 96.33 -60.76 5.88
N LEU E 144 96.86 -59.80 5.12
CA LEU E 144 96.26 -58.47 5.04
C LEU E 144 94.78 -58.54 4.72
N VAL E 145 94.37 -59.52 3.90
CA VAL E 145 92.99 -59.64 3.51
C VAL E 145 92.13 -59.97 4.72
N ASP E 146 90.91 -59.45 4.72
CA ASP E 146 89.93 -59.78 5.75
C ASP E 146 88.55 -60.12 5.23
N LYS E 147 88.25 -59.90 3.95
CA LYS E 147 86.91 -60.16 3.45
C LYS E 147 86.97 -60.92 2.13
N VAL E 148 85.90 -61.69 1.87
CA VAL E 148 85.90 -62.67 0.80
C VAL E 148 85.64 -62.00 -0.54
N ARG E 149 85.61 -60.67 -0.54
CA ARG E 149 85.04 -59.91 -1.65
C ARG E 149 85.97 -59.91 -2.88
N GLY E 150 85.35 -59.81 -4.06
CA GLY E 150 86.08 -59.77 -5.31
C GLY E 150 85.59 -58.64 -6.20
N MET E 151 86.15 -58.59 -7.40
CA MET E 151 85.97 -57.45 -8.29
C MET E 151 85.32 -57.84 -9.61
N ASP E 152 84.54 -56.89 -10.13
CA ASP E 152 83.97 -57.02 -11.45
C ASP E 152 84.95 -56.48 -12.50
N ILE E 153 84.91 -57.07 -13.69
CA ILE E 153 85.76 -56.64 -14.80
C ILE E 153 84.90 -56.52 -16.05
N VAL E 154 85.18 -55.51 -16.88
CA VAL E 154 84.55 -55.32 -18.18
C VAL E 154 85.65 -55.02 -19.20
N ILE E 155 85.64 -55.74 -20.31
CA ILE E 155 86.60 -55.53 -21.39
C ILE E 155 85.82 -55.12 -22.63
N VAL E 156 86.04 -53.90 -23.07
CA VAL E 156 85.28 -53.28 -24.16
C VAL E 156 86.13 -53.30 -25.42
N THR E 157 85.50 -53.64 -26.55
CA THR E 157 86.17 -53.71 -27.85
C THR E 157 85.32 -53.04 -28.92
N THR E 158 85.81 -53.10 -30.15
CA THR E 158 85.31 -52.31 -31.27
C THR E 158 84.60 -53.16 -32.31
N ALA E 159 83.88 -54.20 -31.88
CA ALA E 159 83.41 -55.27 -32.76
C ALA E 159 81.89 -55.21 -32.89
N ASN E 160 81.40 -55.46 -34.11
CA ASN E 160 79.95 -55.50 -34.30
C ASN E 160 79.36 -56.81 -33.77
N THR E 161 79.72 -57.93 -34.39
CA THR E 161 79.07 -59.20 -34.13
C THR E 161 79.82 -59.96 -33.04
N ASP E 162 79.06 -60.57 -32.14
CA ASP E 162 79.65 -61.14 -30.92
C ASP E 162 80.80 -62.08 -31.24
N GLU E 163 80.62 -62.94 -32.24
CA GLU E 163 81.61 -63.98 -32.49
C GLU E 163 82.96 -63.40 -32.89
N GLU E 164 82.97 -62.25 -33.56
CA GLU E 164 84.23 -61.59 -33.86
C GLU E 164 85.02 -61.35 -32.58
N SER E 165 84.34 -60.82 -31.55
CA SER E 165 85.02 -60.63 -30.28
C SER E 165 85.33 -61.96 -29.61
N ARG E 166 84.46 -62.95 -29.77
CA ARG E 166 84.73 -64.28 -29.22
C ARG E 166 86.11 -64.77 -29.65
N GLU E 167 86.40 -64.66 -30.95
CA GLU E 167 87.70 -65.08 -31.45
C GLU E 167 88.80 -64.11 -31.03
N LEU E 168 88.62 -62.82 -31.30
CA LEU E 168 89.62 -61.82 -30.94
C LEU E 168 89.95 -61.85 -29.46
N LEU E 169 89.09 -62.44 -28.64
CA LEU E 169 89.28 -62.50 -27.19
C LEU E 169 89.91 -63.81 -26.74
N ALA E 170 89.50 -64.94 -27.32
CA ALA E 170 90.16 -66.19 -27.03
C ALA E 170 91.57 -66.23 -27.61
N GLN E 171 91.79 -65.59 -28.76
CA GLN E 171 93.08 -65.62 -29.42
C GLN E 171 94.18 -64.98 -28.59
N LEU E 172 93.83 -64.03 -27.73
CA LEU E 172 94.80 -63.38 -26.85
C LEU E 172 94.90 -64.04 -25.49
N GLY E 173 94.07 -65.04 -25.22
CA GLY E 173 94.04 -65.68 -23.92
C GLY E 173 92.62 -65.80 -23.42
N MET E 174 92.40 -65.50 -22.13
CA MET E 174 91.08 -65.63 -21.51
C MET E 174 90.55 -67.05 -21.71
N PRO E 175 91.02 -68.01 -20.94
CA PRO E 175 90.73 -69.43 -21.24
C PRO E 175 89.27 -69.81 -21.10
N PHE E 176 88.52 -69.56 -22.18
CA PHE E 176 87.13 -69.99 -22.27
C PHE E 176 87.03 -71.51 -22.24
N GLN E 177 85.84 -71.97 -21.88
CA GLN E 177 85.50 -73.39 -21.81
C GLN E 177 85.82 -74.16 -23.09
N SER F 1 -16.97 -51.43 -53.43
CA SER F 1 -17.78 -52.38 -52.70
C SER F 1 -17.96 -53.67 -53.49
N ARG F 2 -17.73 -54.81 -52.83
CA ARG F 2 -18.15 -56.07 -53.42
C ARG F 2 -19.62 -56.31 -53.18
N ILE F 3 -20.11 -56.00 -51.98
CA ILE F 3 -21.54 -56.06 -51.72
C ILE F 3 -22.27 -55.04 -52.58
N GLY F 4 -21.75 -53.81 -52.65
CA GLY F 4 -22.44 -52.80 -53.41
C GLY F 4 -22.60 -53.12 -54.89
N ASN F 5 -21.75 -53.99 -55.43
CA ASN F 5 -21.81 -54.35 -56.84
C ASN F 5 -22.68 -55.56 -57.12
N LYS F 6 -23.00 -56.35 -56.12
CA LYS F 6 -23.68 -57.61 -56.36
C LYS F 6 -25.10 -57.38 -56.86
N VAL F 7 -25.73 -58.48 -57.25
CA VAL F 7 -27.00 -58.49 -57.97
C VAL F 7 -28.12 -58.82 -56.99
N VAL F 8 -29.26 -58.15 -57.14
CA VAL F 8 -30.49 -58.55 -56.46
C VAL F 8 -31.52 -58.83 -57.55
N VAL F 9 -32.01 -60.07 -57.58
CA VAL F 9 -32.91 -60.54 -58.64
C VAL F 9 -34.17 -61.07 -57.97
N LEU F 10 -35.30 -60.46 -58.30
CA LEU F 10 -36.49 -60.54 -57.47
C LEU F 10 -37.37 -61.69 -57.92
N PRO F 11 -37.69 -62.66 -57.06
CA PRO F 11 -38.58 -63.75 -57.48
C PRO F 11 -40.01 -63.29 -57.70
N ALA F 12 -40.91 -64.23 -57.96
CA ALA F 12 -42.26 -63.88 -58.38
C ALA F 12 -43.00 -63.07 -57.31
N GLY F 13 -43.92 -62.24 -57.77
CA GLY F 13 -44.79 -61.44 -56.92
C GLY F 13 -44.28 -60.04 -56.65
N VAL F 14 -43.02 -59.77 -56.95
CA VAL F 14 -42.38 -58.53 -56.53
C VAL F 14 -42.87 -57.37 -57.39
N GLU F 15 -43.30 -56.30 -56.75
CA GLU F 15 -43.53 -55.02 -57.39
C GLU F 15 -42.77 -53.96 -56.61
N ILE F 16 -42.11 -53.05 -57.33
CA ILE F 16 -41.18 -52.10 -56.74
C ILE F 16 -41.58 -50.71 -57.19
N LYS F 17 -42.27 -49.98 -56.32
CA LYS F 17 -42.72 -48.63 -56.61
C LYS F 17 -41.63 -47.60 -56.30
N GLN F 18 -41.51 -46.60 -57.17
CA GLN F 18 -40.58 -45.50 -56.98
C GLN F 18 -41.34 -44.21 -56.74
N ASP F 19 -40.89 -43.45 -55.75
CA ASP F 19 -41.37 -42.09 -55.48
C ASP F 19 -40.21 -41.38 -54.80
N GLY F 20 -39.43 -40.62 -55.57
CA GLY F 20 -38.35 -39.86 -55.00
C GLY F 20 -37.31 -40.68 -54.27
N ASN F 21 -37.43 -40.76 -52.95
CA ASN F 21 -36.59 -41.61 -52.13
C ASN F 21 -37.22 -42.98 -51.88
N ASN F 22 -38.48 -43.01 -51.44
CA ASN F 22 -39.08 -44.24 -50.91
C ASN F 22 -39.07 -45.37 -51.94
N ILE F 23 -38.79 -46.57 -51.46
CA ILE F 23 -38.99 -47.80 -52.20
C ILE F 23 -39.95 -48.65 -51.39
N THR F 24 -40.77 -49.46 -52.08
CA THR F 24 -41.74 -50.30 -51.38
C THR F 24 -41.86 -51.64 -52.10
N VAL F 25 -41.00 -52.57 -51.71
CA VAL F 25 -41.14 -53.95 -52.14
C VAL F 25 -42.44 -54.51 -51.61
N LYS F 26 -43.14 -55.27 -52.45
CA LYS F 26 -44.33 -56.01 -52.05
C LYS F 26 -44.21 -57.43 -52.58
N GLY F 27 -44.90 -58.34 -51.91
CA GLY F 27 -44.88 -59.71 -52.32
C GLY F 27 -46.12 -60.45 -51.87
N PRO F 28 -45.96 -61.73 -51.56
CA PRO F 28 -47.11 -62.55 -51.15
C PRO F 28 -47.44 -62.48 -49.68
N LYS F 29 -46.59 -61.86 -48.86
CA LYS F 29 -46.91 -61.64 -47.45
C LYS F 29 -47.09 -60.16 -47.13
N GLY F 30 -46.07 -59.34 -47.35
CA GLY F 30 -46.07 -57.99 -46.83
C GLY F 30 -45.69 -56.96 -47.88
N GLU F 31 -45.69 -55.71 -47.46
CA GLU F 31 -45.46 -54.57 -48.34
C GLU F 31 -44.54 -53.55 -47.65
N LEU F 32 -43.36 -54.00 -47.25
CA LEU F 32 -42.41 -53.15 -46.52
C LEU F 32 -41.98 -51.93 -47.35
N THR F 33 -41.74 -50.82 -46.65
CA THR F 33 -41.11 -49.63 -47.24
C THR F 33 -39.93 -49.22 -46.38
N ARG F 34 -38.97 -48.56 -47.01
CA ARG F 34 -37.77 -48.07 -46.35
C ARG F 34 -37.25 -46.86 -47.11
N GLU F 35 -36.66 -45.92 -46.38
CA GLU F 35 -36.09 -44.72 -46.97
C GLU F 35 -34.62 -44.95 -47.30
N PHE F 36 -34.28 -44.76 -48.57
CA PHE F 36 -32.92 -44.89 -49.07
C PHE F 36 -32.40 -43.52 -49.50
N SER F 37 -31.15 -43.49 -49.97
CA SER F 37 -30.45 -42.25 -50.26
C SER F 37 -30.45 -41.94 -51.76
N SER F 38 -29.98 -40.73 -52.08
CA SER F 38 -30.00 -40.23 -53.44
C SER F 38 -28.85 -40.75 -54.29
N ASP F 39 -27.64 -40.80 -53.72
CA ASP F 39 -26.42 -40.99 -54.50
C ASP F 39 -26.24 -42.41 -54.98
N ILE F 40 -27.27 -43.25 -54.88
CA ILE F 40 -27.27 -44.58 -55.45
C ILE F 40 -28.68 -44.82 -55.97
N LYS F 41 -28.80 -45.33 -57.20
CA LYS F 41 -30.07 -45.20 -57.93
C LYS F 41 -30.68 -46.55 -58.30
N MET F 42 -31.88 -46.47 -58.87
CA MET F 42 -32.73 -47.62 -59.12
C MET F 42 -32.26 -48.41 -60.35
N ASN F 43 -33.11 -49.31 -60.84
CA ASN F 43 -32.74 -50.14 -61.99
C ASN F 43 -33.98 -50.71 -62.66
N ILE F 44 -33.78 -51.17 -63.89
CA ILE F 44 -34.83 -51.58 -64.82
C ILE F 44 -34.59 -53.04 -65.20
N GLU F 45 -35.39 -53.56 -66.13
CA GLU F 45 -35.32 -54.96 -66.58
C GLU F 45 -35.63 -55.93 -65.44
N GLY F 46 -36.92 -55.97 -65.10
CA GLY F 46 -37.45 -56.76 -64.01
C GLY F 46 -36.85 -58.15 -63.84
N ASN F 47 -36.91 -58.67 -62.61
CA ASN F 47 -36.11 -59.83 -62.20
C ASN F 47 -34.63 -59.58 -62.44
N GLU F 48 -34.17 -58.36 -62.09
CA GLU F 48 -32.76 -58.10 -61.82
C GLU F 48 -32.53 -56.64 -61.43
N VAL F 49 -31.62 -56.40 -60.50
CA VAL F 49 -31.20 -55.04 -60.16
C VAL F 49 -29.72 -55.07 -59.82
N THR F 50 -29.05 -53.99 -60.19
CA THR F 50 -27.74 -53.63 -59.66
C THR F 50 -27.83 -52.21 -59.10
N PHE F 51 -26.95 -51.88 -58.15
CA PHE F 51 -26.82 -50.51 -57.70
C PHE F 51 -25.52 -49.93 -58.23
N THR F 52 -25.45 -48.60 -58.27
CA THR F 52 -24.28 -47.91 -58.82
C THR F 52 -23.89 -46.74 -57.93
N ARG F 53 -22.66 -46.28 -58.13
CA ARG F 53 -22.03 -45.31 -57.26
C ARG F 53 -21.34 -44.24 -58.09
N PRO F 54 -21.77 -42.98 -58.00
CA PRO F 54 -20.87 -41.88 -58.36
C PRO F 54 -19.70 -41.86 -57.39
N ASN F 55 -18.50 -41.98 -57.92
CA ASN F 55 -17.34 -42.15 -57.06
C ASN F 55 -16.98 -40.81 -56.43
N ASP F 56 -15.75 -40.72 -55.95
CA ASP F 56 -15.13 -39.50 -55.44
C ASP F 56 -15.60 -39.13 -54.05
N SER F 57 -16.49 -39.93 -53.45
CA SER F 57 -16.75 -39.76 -52.03
C SER F 57 -15.57 -40.27 -51.21
N LYS F 58 -15.41 -39.71 -50.02
CA LYS F 58 -14.20 -39.89 -49.23
C LYS F 58 -13.97 -41.37 -48.91
N GLU F 59 -14.89 -41.97 -48.16
CA GLU F 59 -14.82 -43.39 -47.85
C GLU F 59 -14.99 -44.23 -49.09
N MET F 60 -15.72 -43.72 -50.09
CA MET F 60 -15.88 -44.29 -51.43
C MET F 60 -16.75 -45.55 -51.51
N LYS F 61 -17.10 -46.19 -50.40
CA LYS F 61 -17.85 -47.43 -50.53
C LYS F 61 -18.92 -47.72 -49.48
N THR F 62 -18.93 -47.06 -48.32
CA THR F 62 -19.74 -47.56 -47.21
C THR F 62 -21.23 -47.45 -47.49
N ILE F 63 -21.68 -46.25 -47.86
CA ILE F 63 -23.10 -46.01 -48.07
C ILE F 63 -23.63 -46.95 -49.13
N HIS F 64 -22.79 -47.31 -50.10
CA HIS F 64 -23.16 -48.23 -51.16
C HIS F 64 -23.50 -49.61 -50.60
N GLY F 65 -22.60 -50.18 -49.80
CA GLY F 65 -22.81 -51.50 -49.24
C GLY F 65 -24.08 -51.57 -48.40
N THR F 66 -24.32 -50.56 -47.55
CA THR F 66 -25.54 -50.63 -46.75
C THR F 66 -26.79 -50.46 -47.60
N THR F 67 -26.77 -49.54 -48.59
CA THR F 67 -27.94 -49.35 -49.44
C THR F 67 -28.27 -50.57 -50.27
N ARG F 68 -27.30 -51.45 -50.51
CA ARG F 68 -27.70 -52.69 -51.17
C ARG F 68 -28.13 -53.76 -50.19
N ALA F 69 -27.43 -53.88 -49.06
CA ALA F 69 -27.78 -54.88 -48.07
C ALA F 69 -29.23 -54.76 -47.63
N ASN F 70 -29.68 -53.53 -47.40
CA ASN F 70 -31.04 -53.35 -46.90
C ASN F 70 -32.08 -53.81 -47.91
N PHE F 71 -31.89 -53.47 -49.19
CA PHE F 71 -32.87 -53.88 -50.19
C PHE F 71 -32.86 -55.38 -50.40
N ASN F 72 -31.68 -56.00 -50.44
CA ASN F 72 -31.66 -57.45 -50.51
C ASN F 72 -32.44 -58.06 -49.35
N ASN F 73 -32.28 -57.50 -48.14
CA ASN F 73 -33.00 -58.01 -46.98
C ASN F 73 -34.51 -57.86 -47.16
N MET F 74 -34.96 -56.67 -47.57
CA MET F 74 -36.39 -56.46 -47.77
C MET F 74 -36.97 -57.49 -48.73
N VAL F 75 -36.27 -57.77 -49.83
CA VAL F 75 -36.79 -58.72 -50.80
C VAL F 75 -36.80 -60.12 -50.20
N VAL F 76 -35.65 -60.55 -49.66
CA VAL F 76 -35.52 -61.88 -49.06
C VAL F 76 -36.62 -62.12 -48.04
N GLY F 77 -37.06 -61.08 -47.36
CA GLY F 77 -38.06 -61.27 -46.34
C GLY F 77 -39.49 -61.16 -46.82
N VAL F 78 -39.75 -60.21 -47.72
CA VAL F 78 -41.10 -60.03 -48.24
C VAL F 78 -41.53 -61.23 -49.07
N SER F 79 -40.57 -61.92 -49.68
CA SER F 79 -40.92 -63.16 -50.36
C SER F 79 -40.84 -64.37 -49.43
N GLU F 80 -40.03 -64.32 -48.37
CA GLU F 80 -39.77 -65.52 -47.58
C GLU F 80 -39.93 -65.34 -46.08
N GLY F 81 -39.48 -64.23 -45.51
CA GLY F 81 -39.54 -64.03 -44.06
C GLY F 81 -38.43 -64.74 -43.33
N PHE F 82 -38.18 -64.29 -42.09
CA PHE F 82 -37.06 -64.74 -41.26
C PHE F 82 -37.55 -65.47 -40.03
N GLN F 83 -36.59 -66.10 -39.34
CA GLN F 83 -36.87 -67.06 -38.27
C GLN F 83 -35.80 -66.97 -37.18
N LYS F 84 -36.23 -67.11 -35.93
CA LYS F 84 -35.32 -67.14 -34.80
C LYS F 84 -35.84 -68.12 -33.75
N ALA F 85 -34.98 -69.04 -33.32
CA ALA F 85 -35.37 -70.14 -32.46
C ALA F 85 -34.64 -70.08 -31.13
N LEU F 86 -35.38 -70.21 -30.04
CA LEU F 86 -34.85 -70.07 -28.69
C LEU F 86 -35.10 -71.35 -27.91
N GLU F 87 -34.12 -71.79 -27.15
CA GLU F 87 -34.22 -73.01 -26.36
C GLU F 87 -34.52 -72.70 -24.91
N LEU F 88 -34.46 -73.72 -24.05
CA LEU F 88 -34.76 -73.54 -22.63
C LEU F 88 -34.17 -74.72 -21.87
N ILE F 89 -33.09 -74.45 -21.15
CA ILE F 89 -32.47 -75.36 -20.20
C ILE F 89 -32.74 -74.72 -18.85
N GLY F 90 -32.26 -75.32 -17.76
CA GLY F 90 -32.76 -74.84 -16.49
C GLY F 90 -34.04 -75.48 -16.02
N VAL F 91 -33.95 -76.70 -15.49
CA VAL F 91 -35.08 -77.53 -15.06
C VAL F 91 -36.18 -76.75 -14.36
N GLY F 92 -37.41 -76.90 -14.84
CA GLY F 92 -38.56 -76.24 -14.26
C GLY F 92 -39.11 -75.07 -15.05
N TYR F 93 -38.51 -74.73 -16.19
CA TYR F 93 -38.90 -73.55 -16.94
C TYR F 93 -39.77 -73.95 -18.12
N ARG F 94 -40.80 -73.14 -18.41
CA ARG F 94 -41.74 -73.46 -19.46
C ARG F 94 -42.37 -72.20 -20.02
N ALA F 95 -42.78 -72.27 -21.28
CA ALA F 95 -43.49 -71.18 -21.94
C ALA F 95 -44.83 -71.67 -22.47
N GLN F 96 -45.78 -70.74 -22.58
CA GLN F 96 -47.11 -71.03 -23.09
C GLN F 96 -47.63 -69.83 -23.86
N VAL F 97 -48.46 -70.10 -24.87
CA VAL F 97 -48.85 -69.12 -25.88
C VAL F 97 -50.37 -68.96 -25.85
N GLN F 98 -50.83 -67.69 -25.89
CA GLN F 98 -52.27 -67.36 -25.88
C GLN F 98 -52.45 -66.11 -26.74
N GLY F 99 -52.63 -66.30 -28.04
CA GLY F 99 -52.63 -65.15 -28.91
C GLY F 99 -51.27 -64.49 -28.89
N ASN F 100 -51.25 -63.17 -28.76
CA ASN F 100 -50.00 -62.42 -28.73
C ASN F 100 -49.45 -62.27 -27.33
N LYS F 101 -49.78 -63.18 -26.41
CA LYS F 101 -49.28 -63.13 -25.05
C LYS F 101 -48.34 -64.30 -24.83
N LEU F 102 -47.07 -64.00 -24.57
CA LEU F 102 -46.03 -64.99 -24.38
C LEU F 102 -45.77 -65.13 -22.88
N THR F 103 -46.16 -66.26 -22.30
CA THR F 103 -46.05 -66.48 -20.87
C THR F 103 -44.81 -67.31 -20.58
N LEU F 104 -44.05 -66.90 -19.56
CA LEU F 104 -42.77 -67.49 -19.25
C LEU F 104 -42.69 -67.79 -17.76
N ASN F 105 -42.01 -68.89 -17.42
CA ASN F 105 -41.91 -69.36 -16.04
C ASN F 105 -40.45 -69.69 -15.75
N VAL F 106 -39.66 -68.70 -15.34
CA VAL F 106 -38.21 -68.84 -15.20
C VAL F 106 -37.84 -68.40 -13.79
N GLY F 107 -37.87 -69.35 -12.84
CA GLY F 107 -37.27 -69.18 -11.53
C GLY F 107 -37.69 -67.96 -10.72
N TYR F 108 -38.57 -67.15 -11.26
CA TYR F 108 -38.93 -65.89 -10.64
C TYR F 108 -40.21 -66.05 -9.85
N SER F 109 -40.40 -65.19 -8.88
CA SER F 109 -41.58 -65.29 -8.03
C SER F 109 -42.80 -64.67 -8.67
N HIS F 110 -42.81 -64.57 -10.00
CA HIS F 110 -43.91 -64.02 -10.78
C HIS F 110 -43.70 -64.49 -12.21
N PRO F 111 -44.74 -64.88 -12.92
CA PRO F 111 -44.60 -65.10 -14.35
C PRO F 111 -44.28 -63.80 -15.05
N VAL F 112 -43.76 -63.90 -16.26
CA VAL F 112 -43.34 -62.76 -17.05
C VAL F 112 -44.12 -62.73 -18.35
N GLU F 113 -44.49 -61.53 -18.80
CA GLU F 113 -45.41 -61.37 -19.90
C GLU F 113 -44.83 -60.47 -20.99
N MET F 114 -44.86 -60.96 -22.23
CA MET F 114 -44.44 -60.22 -23.42
C MET F 114 -45.55 -60.27 -24.47
N THR F 115 -45.67 -59.21 -25.27
CA THR F 115 -46.70 -59.14 -26.32
C THR F 115 -46.12 -58.69 -27.64
N ALA F 116 -46.41 -59.43 -28.70
CA ALA F 116 -45.81 -59.24 -30.02
C ALA F 116 -46.58 -58.22 -30.84
N PRO F 117 -45.89 -57.28 -31.51
CA PRO F 117 -46.58 -56.33 -32.40
C PRO F 117 -47.09 -56.92 -33.71
N GLU F 118 -47.57 -56.04 -34.61
CA GLU F 118 -48.34 -56.42 -35.78
C GLU F 118 -47.65 -57.51 -36.61
N GLY F 119 -46.47 -57.22 -37.15
CA GLY F 119 -45.94 -58.12 -38.14
C GLY F 119 -45.42 -59.44 -37.62
N VAL F 120 -45.42 -59.64 -36.30
CA VAL F 120 -44.70 -60.73 -35.66
C VAL F 120 -45.67 -61.67 -34.99
N THR F 121 -45.21 -62.91 -34.77
CA THR F 121 -45.98 -63.94 -34.08
C THR F 121 -45.09 -64.67 -33.11
N PHE F 122 -45.65 -65.67 -32.46
CA PHE F 122 -44.92 -66.63 -31.64
C PHE F 122 -45.27 -68.04 -32.09
N GLU F 123 -44.39 -68.97 -31.77
CA GLU F 123 -44.62 -70.39 -32.03
C GLU F 123 -44.02 -71.16 -30.86
N VAL F 124 -44.84 -71.46 -29.88
CA VAL F 124 -44.40 -72.42 -28.86
C VAL F 124 -45.04 -73.76 -29.20
N PRO F 125 -44.28 -74.72 -29.70
CA PRO F 125 -44.69 -76.12 -29.61
C PRO F 125 -44.63 -76.68 -28.20
N ALA F 126 -43.49 -76.59 -27.54
CA ALA F 126 -43.28 -77.31 -26.29
C ALA F 126 -42.78 -76.37 -25.20
N ASN F 127 -42.70 -76.89 -23.98
CA ASN F 127 -42.24 -76.10 -22.85
C ASN F 127 -40.78 -75.64 -22.98
N THR F 128 -40.08 -76.00 -24.05
CA THR F 128 -38.70 -75.56 -24.22
C THR F 128 -38.48 -74.64 -25.41
N GLN F 129 -39.25 -74.77 -26.48
CA GLN F 129 -38.96 -74.08 -27.74
C GLN F 129 -39.83 -72.85 -27.93
N VAL F 130 -39.24 -71.82 -28.53
CA VAL F 130 -39.94 -70.60 -28.90
C VAL F 130 -39.46 -70.20 -30.29
N ILE F 131 -40.36 -69.65 -31.10
CA ILE F 131 -40.00 -69.24 -32.46
C ILE F 131 -40.64 -67.89 -32.77
N VAL F 132 -39.84 -66.94 -33.21
CA VAL F 132 -40.28 -65.59 -33.56
C VAL F 132 -40.31 -65.47 -35.07
N LYS F 133 -41.43 -65.00 -35.61
CA LYS F 133 -41.67 -65.04 -37.05
C LYS F 133 -42.22 -63.71 -37.52
N GLY F 134 -41.67 -63.21 -38.62
CA GLY F 134 -42.06 -61.91 -39.10
C GLY F 134 -41.59 -61.71 -40.53
N ILE F 135 -41.60 -60.46 -40.97
CA ILE F 135 -41.01 -60.06 -42.24
C ILE F 135 -39.73 -59.27 -42.04
N ASN F 136 -39.77 -58.28 -41.13
CA ASN F 136 -38.59 -57.48 -40.83
C ASN F 136 -37.46 -58.33 -40.30
N LYS F 137 -36.24 -58.03 -40.72
CA LYS F 137 -35.12 -58.70 -40.08
C LYS F 137 -34.76 -58.04 -38.75
N GLU F 138 -34.99 -56.73 -38.63
CA GLU F 138 -34.60 -56.01 -37.42
C GLU F 138 -35.53 -56.32 -36.27
N VAL F 139 -36.84 -56.31 -36.53
CA VAL F 139 -37.82 -56.44 -35.45
C VAL F 139 -37.79 -57.84 -34.86
N VAL F 140 -37.65 -58.86 -35.70
CA VAL F 140 -37.58 -60.22 -35.18
C VAL F 140 -36.35 -60.39 -34.29
N GLY F 141 -35.22 -59.84 -34.71
CA GLY F 141 -34.01 -59.93 -33.91
C GLY F 141 -34.12 -59.19 -32.59
N GLU F 142 -34.67 -57.97 -32.62
CA GLU F 142 -34.84 -57.21 -31.40
C GLU F 142 -35.75 -57.94 -30.42
N LEU F 143 -36.85 -58.50 -30.92
CA LEU F 143 -37.76 -59.19 -30.01
C LEU F 143 -37.17 -60.47 -29.45
N ALA F 144 -36.34 -61.18 -30.22
CA ALA F 144 -35.70 -62.35 -29.64
C ALA F 144 -34.66 -61.96 -28.60
N ALA F 145 -33.90 -60.88 -28.83
CA ALA F 145 -32.95 -60.42 -27.82
C ALA F 145 -33.65 -59.80 -26.64
N ASN F 146 -34.90 -59.39 -26.81
CA ASN F 146 -35.73 -59.00 -25.69
C ASN F 146 -36.12 -60.20 -24.84
N ILE F 147 -36.58 -61.27 -25.49
CA ILE F 147 -37.03 -62.44 -24.74
C ILE F 147 -35.85 -63.09 -24.01
N ARG F 148 -34.78 -63.40 -24.74
CA ARG F 148 -33.56 -63.95 -24.15
C ARG F 148 -32.97 -63.02 -23.10
N GLY F 149 -33.36 -61.74 -23.12
CA GLY F 149 -32.92 -60.81 -22.11
C GLY F 149 -33.56 -61.02 -20.75
N VAL F 150 -34.71 -61.70 -20.70
CA VAL F 150 -35.39 -61.94 -19.42
C VAL F 150 -34.53 -62.79 -18.50
N ARG F 151 -33.80 -63.74 -19.05
CA ARG F 151 -32.88 -64.57 -18.28
C ARG F 151 -31.80 -65.09 -19.20
N PRO F 152 -30.63 -64.46 -19.22
CA PRO F 152 -29.50 -64.98 -19.99
C PRO F 152 -28.98 -66.28 -19.39
N PRO F 153 -28.09 -66.97 -20.05
CA PRO F 153 -27.60 -68.24 -19.50
C PRO F 153 -26.38 -68.13 -18.61
N GLU F 154 -26.43 -68.80 -17.44
CA GLU F 154 -25.29 -68.90 -16.55
C GLU F 154 -24.26 -69.88 -17.10
N PRO F 155 -23.04 -69.85 -16.58
CA PRO F 155 -22.00 -70.79 -17.04
C PRO F 155 -21.79 -72.05 -16.20
N TYR F 156 -22.36 -72.14 -15.01
CA TYR F 156 -22.09 -73.28 -14.14
C TYR F 156 -23.01 -74.47 -14.41
N LYS F 157 -24.21 -74.21 -14.92
CA LYS F 157 -25.07 -75.27 -15.44
C LYS F 157 -25.73 -74.90 -16.76
N GLY F 158 -25.57 -73.67 -17.25
CA GLY F 158 -26.17 -73.30 -18.51
C GLY F 158 -27.67 -73.19 -18.50
N LYS F 159 -28.27 -72.81 -17.36
CA LYS F 159 -29.70 -72.60 -17.29
C LYS F 159 -30.06 -71.31 -18.00
N GLY F 160 -31.34 -71.07 -18.20
CA GLY F 160 -31.76 -69.83 -18.81
C GLY F 160 -31.95 -69.94 -20.31
N ILE F 161 -32.38 -68.82 -20.89
CA ILE F 161 -32.88 -68.78 -22.25
C ILE F 161 -31.75 -68.43 -23.21
N ARG F 162 -31.59 -69.23 -24.26
CA ARG F 162 -30.53 -69.02 -25.23
C ARG F 162 -31.05 -69.13 -26.65
N TYR F 163 -30.41 -68.39 -27.56
CA TYR F 163 -30.53 -68.71 -28.98
C TYR F 163 -30.15 -70.16 -29.20
N VAL F 164 -30.69 -70.75 -30.27
CA VAL F 164 -30.65 -72.20 -30.42
C VAL F 164 -29.31 -72.66 -31.01
N GLY F 165 -28.32 -71.77 -31.01
CA GLY F 165 -26.95 -72.14 -31.33
C GLY F 165 -25.88 -71.43 -30.51
N GLU F 166 -26.25 -70.70 -29.47
CA GLU F 166 -25.26 -70.00 -28.66
C GLU F 166 -24.26 -70.98 -28.06
N PHE F 167 -22.97 -70.66 -28.17
CA PHE F 167 -21.92 -71.47 -27.56
C PHE F 167 -21.56 -70.82 -26.23
N VAL F 168 -21.94 -71.47 -25.13
CA VAL F 168 -21.71 -70.97 -23.78
C VAL F 168 -20.49 -71.66 -23.20
N ARG F 169 -19.64 -70.90 -22.51
CA ARG F 169 -18.50 -71.48 -21.81
C ARG F 169 -18.91 -71.99 -20.43
N ARG F 170 -18.34 -73.10 -20.02
CA ARG F 170 -18.74 -73.78 -18.78
C ARG F 170 -17.58 -73.76 -17.80
N LYS F 171 -17.82 -73.24 -16.61
CA LYS F 171 -16.79 -73.17 -15.58
C LYS F 171 -16.90 -74.38 -14.64
N GLU F 172 -15.87 -74.57 -13.83
CA GLU F 172 -15.86 -75.61 -12.81
C GLU F 172 -16.07 -74.92 -11.46
N GLY F 173 -17.32 -74.75 -11.08
CA GLY F 173 -17.62 -74.34 -9.73
C GLY F 173 -17.29 -75.47 -8.78
N LYS F 174 -16.49 -75.18 -7.78
CA LYS F 174 -16.13 -76.23 -6.84
C LYS F 174 -17.35 -76.66 -6.04
N THR F 175 -17.25 -77.85 -5.46
CA THR F 175 -18.36 -78.42 -4.70
C THR F 175 -18.39 -77.89 -3.29
N GLY F 176 -18.38 -76.58 -3.14
CA GLY F 176 -18.31 -75.96 -1.83
C GLY F 176 -17.08 -75.11 -1.64
N MET G 1 -15.53 22.88 -35.03
CA MET G 1 -16.96 22.94 -34.77
C MET G 1 -17.68 23.59 -35.94
N ARG G 2 -18.06 22.74 -36.89
CA ARG G 2 -18.46 23.13 -38.23
C ARG G 2 -19.54 22.15 -38.68
N THR G 3 -19.69 21.99 -39.98
CA THR G 3 -20.87 21.37 -40.58
C THR G 3 -20.68 19.87 -40.79
N THR G 4 -21.13 19.05 -39.83
CA THR G 4 -21.49 17.67 -40.15
C THR G 4 -22.86 17.39 -39.55
N TYR G 5 -23.72 16.78 -40.35
CA TYR G 5 -25.10 16.55 -39.98
C TYR G 5 -25.16 15.66 -38.74
N MET G 6 -26.17 15.89 -37.90
CA MET G 6 -26.48 15.03 -36.76
C MET G 6 -27.98 14.88 -36.69
N ALA G 7 -28.47 13.65 -36.57
CA ALA G 7 -29.90 13.42 -36.62
C ALA G 7 -30.56 13.70 -35.27
N LYS G 8 -31.87 13.92 -35.31
CA LYS G 8 -32.70 14.24 -34.17
C LYS G 8 -33.62 13.07 -33.84
N ALA G 9 -34.51 13.27 -32.87
CA ALA G 9 -35.17 12.16 -32.21
C ALA G 9 -36.19 11.48 -33.10
N GLY G 10 -37.15 12.24 -33.62
CA GLY G 10 -38.18 11.66 -34.46
C GLY G 10 -38.15 12.17 -35.89
N GLU G 11 -36.97 12.21 -36.49
CA GLU G 11 -36.77 12.81 -37.80
C GLU G 11 -36.48 11.81 -38.92
N VAL G 12 -36.01 10.60 -38.60
CA VAL G 12 -35.57 9.64 -39.61
C VAL G 12 -36.51 8.44 -39.55
N GLU G 13 -37.13 8.14 -40.68
CA GLU G 13 -38.17 7.13 -40.73
C GLU G 13 -37.64 5.72 -40.48
N ARG G 14 -38.45 4.92 -39.78
CA ARG G 14 -38.10 3.55 -39.42
C ARG G 14 -39.05 2.60 -40.13
N LYS G 15 -38.51 1.74 -40.98
CA LYS G 15 -39.29 0.78 -41.74
C LYS G 15 -39.31 -0.58 -41.04
N TRP G 16 -40.28 -1.39 -41.41
CA TRP G 16 -40.44 -2.74 -40.87
C TRP G 16 -39.96 -3.76 -41.89
N TYR G 17 -39.35 -4.85 -41.40
CA TYR G 17 -38.73 -5.85 -42.25
C TYR G 17 -39.09 -7.24 -41.77
N VAL G 18 -39.04 -8.21 -42.69
CA VAL G 18 -39.27 -9.61 -42.39
C VAL G 18 -38.08 -10.42 -42.88
N VAL G 19 -37.48 -11.20 -42.00
CA VAL G 19 -36.32 -12.03 -42.28
C VAL G 19 -36.66 -13.48 -41.99
N ASP G 20 -36.15 -14.37 -42.82
CA ASP G 20 -36.50 -15.78 -42.82
C ASP G 20 -35.30 -16.62 -42.40
N ALA G 21 -35.49 -17.48 -41.41
CA ALA G 21 -34.37 -18.11 -40.72
C ALA G 21 -34.25 -19.61 -40.93
N THR G 22 -34.70 -20.15 -42.06
CA THR G 22 -34.58 -21.58 -42.30
C THR G 22 -33.26 -21.85 -43.01
N ASP G 23 -32.34 -22.51 -42.29
CA ASP G 23 -31.02 -22.96 -42.76
C ASP G 23 -29.99 -21.86 -42.78
N VAL G 24 -30.15 -20.84 -41.96
CA VAL G 24 -29.12 -19.85 -41.74
C VAL G 24 -28.49 -20.13 -40.37
N PRO G 25 -27.17 -20.32 -40.30
CA PRO G 25 -26.55 -20.55 -38.99
C PRO G 25 -26.86 -19.43 -38.01
N LEU G 26 -26.94 -19.80 -36.73
CA LEU G 26 -27.46 -18.91 -35.71
C LEU G 26 -26.76 -17.55 -35.73
N GLY G 27 -25.43 -17.55 -35.69
CA GLY G 27 -24.69 -16.32 -35.52
C GLY G 27 -24.60 -15.43 -36.74
N ARG G 28 -24.72 -15.99 -37.94
CA ARG G 28 -24.63 -15.18 -39.16
C ARG G 28 -25.89 -14.34 -39.38
N LEU G 29 -27.05 -15.00 -39.36
CA LEU G 29 -28.33 -14.30 -39.27
C LEU G 29 -28.33 -13.28 -38.13
N SER G 30 -27.80 -13.66 -36.97
CA SER G 30 -27.89 -12.78 -35.82
C SER G 30 -26.99 -11.55 -36.00
N ALA G 31 -25.89 -11.68 -36.72
CA ALA G 31 -25.02 -10.53 -36.97
C ALA G 31 -25.68 -9.54 -37.92
N VAL G 32 -26.34 -10.06 -38.95
CA VAL G 32 -27.02 -9.19 -39.90
C VAL G 32 -28.21 -8.48 -39.26
N VAL G 33 -28.99 -9.21 -38.46
CA VAL G 33 -30.10 -8.58 -37.75
C VAL G 33 -29.58 -7.51 -36.80
N ALA G 34 -28.46 -7.77 -36.13
CA ALA G 34 -27.93 -6.80 -35.18
C ALA G 34 -27.48 -5.51 -35.87
N SER G 35 -26.89 -5.61 -37.06
CA SER G 35 -26.51 -4.38 -37.74
C SER G 35 -27.71 -3.61 -38.26
N VAL G 36 -28.79 -4.31 -38.66
CA VAL G 36 -29.96 -3.57 -39.13
C VAL G 36 -30.70 -2.89 -37.99
N LEU G 37 -30.71 -3.47 -36.79
CA LEU G 37 -31.40 -2.81 -35.69
C LEU G 37 -30.70 -1.54 -35.23
N ARG G 38 -29.41 -1.41 -35.48
CA ARG G 38 -28.66 -0.25 -35.03
C ARG G 38 -28.59 0.86 -36.05
N GLY G 39 -29.11 0.64 -37.24
CA GLY G 39 -29.11 1.66 -38.27
C GLY G 39 -27.80 1.82 -39.01
N LYS G 40 -26.95 0.80 -39.05
CA LYS G 40 -25.64 0.96 -39.65
C LYS G 40 -25.68 0.96 -41.17
N ASN G 41 -26.81 0.60 -41.76
CA ASN G 41 -27.00 0.57 -43.21
C ASN G 41 -27.56 1.86 -43.78
N LYS G 42 -27.68 2.93 -42.99
CA LYS G 42 -28.27 4.17 -43.44
C LYS G 42 -27.29 5.31 -43.23
N PRO G 43 -26.98 6.11 -44.25
CA PRO G 43 -26.03 7.22 -44.07
C PRO G 43 -26.40 8.25 -43.01
N THR G 44 -27.59 8.19 -42.43
CA THR G 44 -27.93 9.10 -41.37
C THR G 44 -27.54 8.57 -40.00
N PHE G 45 -26.60 7.63 -39.94
CA PHE G 45 -26.19 7.01 -38.69
C PHE G 45 -25.48 8.00 -37.78
N THR G 46 -26.04 8.23 -36.58
CA THR G 46 -25.39 8.99 -35.53
C THR G 46 -25.41 8.18 -34.25
N PRO G 47 -24.29 8.12 -33.52
CA PRO G 47 -24.18 7.16 -32.41
C PRO G 47 -24.95 7.50 -31.13
N HIS G 48 -25.30 8.75 -30.84
CA HIS G 48 -26.07 9.02 -29.63
C HIS G 48 -27.57 9.11 -29.91
N VAL G 49 -28.02 8.60 -31.05
CA VAL G 49 -29.42 8.63 -31.46
C VAL G 49 -29.81 7.25 -31.95
N ASP G 50 -31.09 6.92 -31.86
CA ASP G 50 -31.60 5.66 -32.38
C ASP G 50 -32.14 5.86 -33.79
N THR G 51 -31.59 5.13 -34.76
CA THR G 51 -32.08 5.21 -36.14
C THR G 51 -32.23 3.84 -36.81
N GLY G 52 -32.29 2.75 -36.07
CA GLY G 52 -32.48 1.47 -36.72
C GLY G 52 -33.91 1.20 -37.07
N ASP G 53 -34.12 0.19 -37.90
CA ASP G 53 -35.43 -0.29 -38.27
C ASP G 53 -35.91 -1.38 -37.32
N PHE G 54 -37.16 -1.77 -37.48
CA PHE G 54 -37.75 -2.91 -36.78
C PHE G 54 -37.55 -4.18 -37.60
N VAL G 55 -37.41 -5.32 -36.93
CA VAL G 55 -37.20 -6.60 -37.60
C VAL G 55 -38.12 -7.67 -37.03
N ILE G 56 -38.77 -8.43 -37.92
CA ILE G 56 -39.48 -9.65 -37.57
C ILE G 56 -38.65 -10.83 -38.04
N VAL G 57 -38.41 -11.80 -37.15
CA VAL G 57 -37.73 -13.04 -37.51
C VAL G 57 -38.76 -14.16 -37.52
N ILE G 58 -38.87 -14.84 -38.64
CA ILE G 58 -39.85 -15.90 -38.80
C ILE G 58 -39.15 -17.23 -39.04
N ASN G 59 -39.79 -18.32 -38.58
CA ASN G 59 -39.28 -19.69 -38.71
C ASN G 59 -38.08 -19.92 -37.81
N ALA G 60 -38.12 -19.43 -36.58
CA ALA G 60 -37.00 -19.62 -35.68
C ALA G 60 -36.80 -21.09 -35.33
N ASP G 61 -37.83 -21.91 -35.50
CA ASP G 61 -37.74 -23.32 -35.19
C ASP G 61 -36.76 -24.06 -36.10
N LYS G 62 -36.50 -23.54 -37.30
CA LYS G 62 -35.66 -24.21 -38.29
C LYS G 62 -34.29 -23.58 -38.46
N VAL G 63 -33.81 -22.86 -37.45
CA VAL G 63 -32.48 -22.26 -37.53
C VAL G 63 -31.42 -23.34 -37.43
N LYS G 64 -30.29 -23.12 -38.09
CA LYS G 64 -29.28 -24.15 -38.26
C LYS G 64 -28.19 -24.03 -37.20
N LEU G 65 -27.70 -25.19 -36.76
CA LEU G 65 -26.51 -25.28 -35.91
C LEU G 65 -25.60 -26.34 -36.50
N THR G 66 -24.35 -25.97 -36.75
CA THR G 66 -23.41 -26.91 -37.35
C THR G 66 -22.62 -27.64 -36.27
N GLY G 67 -21.83 -28.62 -36.69
CA GLY G 67 -21.02 -29.36 -35.74
C GLY G 67 -21.87 -30.19 -34.82
N LYS G 68 -21.52 -30.20 -33.55
CA LYS G 68 -22.31 -30.86 -32.53
C LYS G 68 -22.87 -29.85 -31.53
N LYS G 69 -23.15 -28.65 -32.01
CA LYS G 69 -23.61 -27.58 -31.15
C LYS G 69 -24.98 -27.89 -30.55
N ALA G 70 -25.80 -28.66 -31.26
CA ALA G 70 -27.15 -28.91 -30.79
C ALA G 70 -27.17 -29.73 -29.50
N THR G 71 -26.11 -30.47 -29.21
CA THR G 71 -25.99 -31.18 -27.94
C THR G 71 -24.87 -30.68 -27.05
N ASP G 72 -23.84 -30.03 -27.61
CA ASP G 72 -22.64 -29.69 -26.86
C ASP G 72 -22.54 -28.22 -26.46
N LYS G 73 -23.35 -27.34 -27.03
CA LYS G 73 -23.35 -25.92 -26.64
C LYS G 73 -24.36 -25.69 -25.52
N ILE G 74 -23.90 -25.13 -24.42
CA ILE G 74 -24.67 -25.07 -23.19
C ILE G 74 -24.77 -23.63 -22.71
N TYR G 75 -25.95 -23.25 -22.21
CA TYR G 75 -26.22 -21.94 -21.63
C TYR G 75 -26.33 -22.06 -20.13
N TYR G 76 -25.63 -21.20 -19.41
CA TYR G 76 -25.62 -21.20 -17.96
C TYR G 76 -26.38 -20.00 -17.40
N ARG G 77 -26.82 -20.16 -16.16
CA ARG G 77 -27.50 -19.10 -15.42
C ARG G 77 -27.21 -19.31 -13.94
N HIS G 78 -27.13 -18.22 -13.21
CA HIS G 78 -26.97 -18.28 -11.77
C HIS G 78 -28.10 -17.54 -11.10
N SER G 79 -28.64 -18.11 -10.03
CA SER G 79 -29.73 -17.48 -9.31
C SER G 79 -29.24 -16.62 -8.18
N MET G 80 -27.92 -16.53 -7.99
CA MET G 80 -27.23 -15.84 -6.92
C MET G 80 -27.52 -16.45 -5.54
N TYR G 81 -27.96 -17.69 -5.47
CA TYR G 81 -28.02 -18.43 -4.21
C TYR G 81 -26.91 -19.48 -4.17
N PRO G 82 -26.43 -19.85 -2.99
CA PRO G 82 -25.26 -20.73 -2.93
C PRO G 82 -25.50 -22.05 -3.63
N GLY G 83 -24.57 -22.40 -4.52
CA GLY G 83 -24.66 -23.59 -5.33
C GLY G 83 -25.79 -23.61 -6.33
N GLY G 84 -26.07 -22.50 -7.00
CA GLY G 84 -27.26 -22.42 -7.82
C GLY G 84 -27.09 -22.16 -9.29
N LEU G 85 -26.01 -22.64 -9.90
CA LEU G 85 -25.88 -22.66 -11.35
C LEU G 85 -26.97 -23.52 -11.98
N LYS G 86 -27.47 -23.11 -13.13
CA LYS G 86 -28.42 -23.90 -13.90
C LYS G 86 -27.85 -24.07 -15.28
N SER G 87 -27.41 -25.28 -15.60
CA SER G 87 -26.84 -25.61 -16.90
C SER G 87 -27.86 -26.36 -17.72
N VAL G 88 -29.11 -25.96 -17.56
CA VAL G 88 -30.18 -26.83 -17.98
C VAL G 88 -30.20 -26.97 -19.49
N THR G 89 -29.72 -25.99 -20.20
CA THR G 89 -30.15 -25.90 -21.58
C THR G 89 -29.00 -26.10 -22.55
N ALA G 90 -29.40 -26.54 -23.74
CA ALA G 90 -28.59 -26.97 -24.86
C ALA G 90 -29.40 -26.56 -26.08
N GLY G 91 -29.22 -27.22 -27.23
CA GLY G 91 -30.14 -27.12 -28.35
C GLY G 91 -31.55 -27.67 -28.11
N GLU G 92 -31.90 -27.90 -26.83
CA GLU G 92 -33.28 -28.07 -26.42
C GLU G 92 -34.10 -26.79 -26.57
N LEU G 93 -33.44 -25.63 -26.46
CA LEU G 93 -34.11 -24.37 -26.74
C LEU G 93 -34.65 -24.30 -28.16
N ARG G 94 -33.96 -24.91 -29.12
CA ARG G 94 -34.47 -24.88 -30.48
C ARG G 94 -35.77 -25.67 -30.61
N ASP G 95 -35.92 -26.75 -29.83
CA ASP G 95 -37.17 -27.49 -29.82
C ASP G 95 -38.25 -26.72 -29.10
N LYS G 96 -38.08 -26.52 -27.80
CA LYS G 96 -39.00 -25.77 -26.97
C LYS G 96 -38.43 -24.38 -26.75
N ASN G 97 -39.24 -23.34 -26.94
CA ASN G 97 -38.84 -21.97 -26.69
C ASN G 97 -37.66 -21.55 -27.56
N SER G 98 -37.93 -21.47 -28.86
CA SER G 98 -36.93 -21.05 -29.83
C SER G 98 -36.81 -19.55 -29.97
N ARG G 99 -37.60 -18.78 -29.23
CA ARG G 99 -37.44 -17.33 -29.21
C ARG G 99 -36.34 -16.90 -28.25
N ARG G 100 -36.28 -17.54 -27.09
CA ARG G 100 -35.14 -17.43 -26.20
C ARG G 100 -33.83 -17.55 -26.98
N LEU G 101 -33.73 -18.56 -27.84
CA LEU G 101 -32.49 -18.82 -28.56
C LEU G 101 -32.03 -17.61 -29.37
N ILE G 102 -32.88 -17.18 -30.30
CA ILE G 102 -32.54 -16.08 -31.20
C ILE G 102 -32.28 -14.83 -30.42
N GLU G 103 -33.11 -14.55 -29.41
CA GLU G 103 -32.98 -13.33 -28.64
C GLU G 103 -31.67 -13.27 -27.86
N THR G 104 -31.25 -14.38 -27.24
CA THR G 104 -30.00 -14.31 -26.50
C THR G 104 -28.79 -14.25 -27.41
N SER G 105 -28.88 -14.74 -28.65
CA SER G 105 -27.79 -14.46 -29.58
C SER G 105 -27.77 -12.99 -30.01
N VAL G 106 -28.92 -12.42 -30.35
CA VAL G 106 -28.91 -11.03 -30.82
C VAL G 106 -28.54 -10.06 -29.69
N LYS G 107 -28.84 -10.40 -28.44
CA LYS G 107 -28.61 -9.48 -27.35
C LYS G 107 -27.14 -9.29 -27.04
N GLY G 108 -26.29 -10.24 -27.36
CA GLY G 108 -24.88 -10.11 -27.12
C GLY G 108 -24.11 -9.40 -28.18
N MET G 109 -24.75 -8.99 -29.27
CA MET G 109 -24.11 -8.24 -30.33
C MET G 109 -24.56 -6.78 -30.39
N LEU G 110 -25.21 -6.30 -29.37
CA LEU G 110 -25.62 -4.92 -29.23
C LEU G 110 -24.91 -4.27 -28.06
N PRO G 111 -24.67 -2.97 -28.10
CA PRO G 111 -24.09 -2.28 -26.94
C PRO G 111 -24.86 -2.52 -25.64
N LYS G 112 -24.24 -2.24 -24.49
CA LYS G 112 -24.73 -2.68 -23.20
C LYS G 112 -25.17 -1.52 -22.31
N ASN G 113 -25.78 -0.52 -22.91
CA ASN G 113 -26.17 0.70 -22.21
C ASN G 113 -27.63 0.99 -22.52
N THR G 114 -28.13 2.18 -22.16
CA THR G 114 -29.57 2.40 -22.27
C THR G 114 -30.04 2.57 -23.70
N LEU G 115 -29.16 2.84 -24.65
CA LEU G 115 -29.59 2.90 -26.04
C LEU G 115 -29.70 1.50 -26.65
N GLY G 116 -28.73 0.63 -26.36
CA GLY G 116 -28.77 -0.72 -26.88
C GLY G 116 -29.86 -1.58 -26.26
N ARG G 117 -30.30 -1.26 -25.07
CA ARG G 117 -31.42 -2.00 -24.49
C ARG G 117 -32.75 -1.58 -25.10
N LYS G 118 -32.86 -0.35 -25.54
CA LYS G 118 -34.06 0.13 -26.18
C LYS G 118 -34.10 -0.29 -27.64
N GLN G 119 -32.95 -0.52 -28.25
CA GLN G 119 -32.93 -1.08 -29.59
C GLN G 119 -33.29 -2.56 -29.62
N PHE G 120 -33.19 -3.27 -28.49
CA PHE G 120 -33.58 -4.67 -28.45
C PHE G 120 -35.09 -4.85 -28.48
N THR G 121 -35.86 -3.82 -28.17
CA THR G 121 -37.30 -3.98 -28.14
C THR G 121 -37.93 -3.82 -29.51
N LYS G 122 -37.14 -3.91 -30.57
CA LYS G 122 -37.63 -3.92 -31.93
C LYS G 122 -37.50 -5.27 -32.62
N LEU G 123 -36.88 -6.24 -31.99
CA LEU G 123 -36.91 -7.63 -32.46
C LEU G 123 -38.23 -8.28 -32.08
N ASN G 124 -38.87 -8.93 -33.05
CA ASN G 124 -40.05 -9.77 -32.79
C ASN G 124 -39.79 -11.09 -33.48
N VAL G 125 -39.72 -12.18 -32.71
CA VAL G 125 -39.27 -13.48 -33.17
C VAL G 125 -40.42 -14.46 -33.10
N TYR G 126 -40.56 -15.30 -34.14
CA TYR G 126 -41.66 -16.25 -34.22
C TYR G 126 -41.17 -17.62 -34.70
N GLY G 127 -41.55 -18.67 -33.98
CA GLY G 127 -41.15 -20.01 -34.32
C GLY G 127 -41.73 -20.54 -35.60
N GLY G 128 -42.85 -19.98 -36.07
CA GLY G 128 -43.52 -20.44 -37.25
C GLY G 128 -43.52 -19.42 -38.38
N ALA G 129 -44.34 -19.71 -39.39
CA ALA G 129 -44.35 -18.94 -40.62
C ALA G 129 -45.17 -17.67 -40.56
N GLU G 130 -45.91 -17.43 -39.48
CA GLU G 130 -46.89 -16.35 -39.44
C GLU G 130 -46.65 -15.42 -38.28
N HIS G 131 -46.74 -14.13 -38.55
CA HIS G 131 -46.61 -13.09 -37.54
C HIS G 131 -47.91 -12.31 -37.44
N PRO G 132 -48.15 -11.64 -36.31
CA PRO G 132 -49.37 -10.85 -36.12
C PRO G 132 -49.29 -9.38 -36.53
N HIS G 133 -48.28 -8.97 -37.29
CA HIS G 133 -47.97 -7.56 -37.52
C HIS G 133 -48.22 -7.14 -38.96
N ALA G 134 -49.36 -7.49 -39.55
CA ALA G 134 -49.59 -7.16 -40.94
C ALA G 134 -50.03 -5.71 -41.17
N ALA G 135 -50.40 -4.98 -40.13
CA ALA G 135 -50.82 -3.59 -40.28
C ALA G 135 -49.66 -2.63 -40.40
N GLN G 136 -48.45 -3.07 -40.10
CA GLN G 136 -47.27 -2.22 -40.26
C GLN G 136 -46.63 -2.38 -41.63
N GLN G 137 -47.19 -3.24 -42.49
CA GLN G 137 -46.76 -3.39 -43.87
C GLN G 137 -45.26 -3.64 -44.04
N PRO G 138 -44.74 -4.75 -43.51
CA PRO G 138 -43.29 -4.96 -43.52
C PRO G 138 -42.79 -5.55 -44.84
N GLU G 139 -41.60 -5.12 -45.23
CA GLU G 139 -40.95 -5.57 -46.45
C GLU G 139 -39.99 -6.72 -46.19
N VAL G 140 -39.79 -7.54 -47.19
CA VAL G 140 -38.92 -8.70 -47.07
C VAL G 140 -37.48 -8.29 -47.32
N LEU G 141 -36.58 -8.71 -46.42
CA LEU G 141 -35.15 -8.61 -46.63
C LEU G 141 -34.62 -9.97 -47.06
N ASP G 142 -33.62 -9.97 -47.94
CA ASP G 142 -33.03 -11.20 -48.43
C ASP G 142 -31.56 -11.25 -48.03
N ILE G 143 -31.20 -12.29 -47.30
CA ILE G 143 -29.83 -12.51 -46.84
C ILE G 143 -29.06 -13.32 -47.86
N THR G 144 -27.79 -12.99 -48.00
CA THR G 144 -26.82 -13.84 -48.68
C THR G 144 -25.52 -13.90 -47.88
N ASN G 145 -25.50 -13.32 -46.68
CA ASN G 145 -24.30 -13.11 -45.88
C ASN G 145 -24.44 -13.76 -44.51
N MET H 1 -39.05 -42.52 30.03
CA MET H 1 -37.89 -42.36 29.18
C MET H 1 -36.62 -42.58 29.97
N ILE H 2 -35.73 -43.41 29.44
CA ILE H 2 -34.51 -43.83 30.11
C ILE H 2 -33.37 -43.68 29.12
N GLN H 3 -32.30 -43.01 29.53
CA GLN H 3 -31.23 -42.62 28.63
C GLN H 3 -29.89 -43.10 29.16
N GLN H 4 -28.80 -42.60 28.59
CA GLN H 4 -27.47 -42.96 29.06
C GLN H 4 -27.18 -42.44 30.46
N GLU H 5 -26.73 -43.35 31.32
CA GLU H 5 -26.33 -43.09 32.70
C GLU H 5 -27.50 -42.98 33.65
N SER H 6 -28.68 -43.44 33.25
CA SER H 6 -29.79 -43.70 34.15
C SER H 6 -29.51 -44.98 34.94
N ARG H 7 -30.15 -45.11 36.08
CA ARG H 7 -29.94 -46.26 36.95
C ARG H 7 -31.25 -46.97 37.23
N LEU H 8 -31.26 -48.29 37.10
CA LEU H 8 -32.47 -49.09 37.22
C LEU H 8 -32.31 -50.13 38.31
N ARG H 9 -33.39 -50.39 39.04
CA ARG H 9 -33.40 -51.55 39.90
C ARG H 9 -33.63 -52.81 39.08
N VAL H 10 -33.25 -53.95 39.65
CA VAL H 10 -33.40 -55.24 39.01
C VAL H 10 -34.58 -55.96 39.64
N ALA H 11 -35.53 -56.37 38.81
CA ALA H 11 -36.69 -57.14 39.26
C ALA H 11 -36.51 -58.64 39.07
N ASP H 12 -35.30 -59.13 39.22
CA ASP H 12 -34.96 -60.50 38.88
C ASP H 12 -34.28 -61.18 40.05
N ASN H 13 -34.17 -62.49 39.92
CA ASN H 13 -33.27 -63.29 40.74
C ASN H 13 -32.07 -63.67 39.88
N SER H 14 -31.12 -62.75 39.77
CA SER H 14 -29.91 -63.01 39.03
C SER H 14 -28.64 -62.64 39.78
N GLY H 15 -28.73 -61.95 40.91
CA GLY H 15 -27.58 -61.52 41.66
C GLY H 15 -27.18 -60.08 41.46
N ALA H 16 -27.94 -59.31 40.70
CA ALA H 16 -27.72 -57.88 40.50
C ALA H 16 -28.81 -57.10 41.21
N ARG H 17 -28.44 -55.92 41.70
CA ARG H 17 -29.34 -55.00 42.37
C ARG H 17 -29.54 -53.69 41.61
N GLU H 18 -28.46 -53.02 41.25
CA GLU H 18 -28.50 -51.80 40.48
C GLU H 18 -27.72 -51.98 39.19
N ILE H 19 -28.11 -51.22 38.17
CA ILE H 19 -27.60 -51.35 36.82
C ILE H 19 -27.47 -49.96 36.23
N LEU H 20 -26.43 -49.72 35.42
CA LEU H 20 -26.24 -48.42 34.78
C LEU H 20 -26.29 -48.59 33.27
N THR H 21 -27.11 -47.78 32.60
CA THR H 21 -27.37 -47.99 31.18
C THR H 21 -26.27 -47.37 30.32
N ILE H 22 -25.84 -48.12 29.33
CA ILE H 22 -24.74 -47.75 28.46
C ILE H 22 -25.21 -47.38 27.07
N LYS H 23 -26.19 -48.10 26.53
CA LYS H 23 -26.68 -47.87 25.19
C LYS H 23 -28.17 -48.15 25.15
N VAL H 24 -28.83 -47.62 24.13
CA VAL H 24 -30.27 -47.78 23.91
C VAL H 24 -30.48 -48.43 22.53
N LEU H 25 -29.92 -49.62 22.33
CA LEU H 25 -29.91 -50.35 21.07
C LEU H 25 -31.12 -50.13 20.17
N GLY H 26 -30.86 -50.02 18.87
CA GLY H 26 -31.87 -49.93 17.85
C GLY H 26 -31.99 -48.55 17.24
N GLY H 27 -31.26 -48.31 16.18
CA GLY H 27 -31.12 -46.97 15.63
C GLY H 27 -29.70 -46.47 15.78
N SER H 28 -29.51 -45.25 15.29
CA SER H 28 -28.21 -44.59 15.15
C SER H 28 -28.27 -43.17 15.66
N GLY H 29 -28.58 -43.01 16.93
CA GLY H 29 -28.62 -41.69 17.52
C GLY H 29 -29.89 -41.57 18.32
N ARG H 30 -30.54 -42.71 18.51
CA ARG H 30 -31.74 -42.76 19.33
C ARG H 30 -31.40 -42.37 20.76
N LYS H 31 -32.32 -41.69 21.42
CA LYS H 31 -32.05 -41.07 22.70
C LYS H 31 -32.56 -41.88 23.88
N THR H 32 -33.82 -42.27 23.87
CA THR H 32 -34.51 -42.78 25.04
C THR H 32 -35.05 -44.18 24.80
N ALA H 33 -35.26 -44.90 25.90
CA ALA H 33 -35.86 -46.22 25.90
C ALA H 33 -37.16 -46.22 26.70
N ASN H 34 -37.95 -47.26 26.52
CA ASN H 34 -39.31 -47.31 27.05
C ASN H 34 -39.59 -48.73 27.48
N ILE H 35 -40.87 -49.05 27.68
CA ILE H 35 -41.26 -50.35 28.20
C ILE H 35 -41.30 -51.38 27.07
N GLY H 36 -40.44 -52.38 27.15
CA GLY H 36 -40.26 -53.34 26.09
C GLY H 36 -39.04 -53.11 25.23
N ASP H 37 -38.11 -52.27 25.65
CA ASP H 37 -36.94 -51.95 24.87
C ASP H 37 -35.69 -52.56 25.50
N VAL H 38 -34.74 -52.95 24.66
CA VAL H 38 -33.55 -53.68 25.08
C VAL H 38 -32.39 -52.70 25.24
N ILE H 39 -31.46 -53.04 26.12
CA ILE H 39 -30.48 -52.09 26.64
C ILE H 39 -29.19 -52.85 26.95
N VAL H 40 -28.07 -52.13 26.94
CA VAL H 40 -26.77 -52.63 27.35
C VAL H 40 -26.39 -51.87 28.62
N ALA H 41 -25.90 -52.58 29.64
CA ALA H 41 -25.76 -51.95 30.95
C ALA H 41 -24.56 -52.50 31.72
N THR H 42 -24.17 -51.76 32.76
CA THR H 42 -23.16 -52.20 33.73
C THR H 42 -23.82 -52.59 35.04
N VAL H 43 -23.36 -53.68 35.65
CA VAL H 43 -23.79 -54.01 37.00
C VAL H 43 -23.01 -53.15 37.98
N LYS H 44 -23.72 -52.42 38.81
CA LYS H 44 -23.10 -51.52 39.77
C LYS H 44 -23.10 -52.05 41.18
N GLN H 45 -24.11 -52.83 41.55
CA GLN H 45 -24.26 -53.43 42.86
C GLN H 45 -24.81 -54.83 42.68
N ALA H 46 -24.10 -55.82 43.20
CA ALA H 46 -24.50 -57.21 43.11
C ALA H 46 -24.94 -57.72 44.48
N THR H 47 -25.33 -58.98 44.52
CA THR H 47 -25.54 -59.61 45.82
C THR H 47 -24.39 -60.57 46.11
N PRO H 48 -23.98 -60.69 47.37
CA PRO H 48 -22.97 -61.70 47.73
C PRO H 48 -23.45 -63.10 47.36
N GLY H 49 -22.76 -63.70 46.40
CA GLY H 49 -23.24 -64.90 45.76
C GLY H 49 -24.20 -64.53 44.64
N GLY H 50 -24.17 -65.27 43.55
CA GLY H 50 -25.07 -65.00 42.44
C GLY H 50 -24.37 -65.24 41.13
N VAL H 51 -25.15 -65.70 40.15
CA VAL H 51 -24.62 -65.98 38.81
C VAL H 51 -23.97 -64.73 38.20
N VAL H 52 -24.47 -63.55 38.52
CA VAL H 52 -24.01 -62.30 37.90
C VAL H 52 -23.23 -61.49 38.92
N LYS H 53 -22.01 -61.11 38.56
CA LYS H 53 -21.11 -60.41 39.47
C LYS H 53 -20.85 -58.99 38.98
N LYS H 54 -20.47 -58.14 39.94
CA LYS H 54 -20.44 -56.71 39.70
C LYS H 54 -19.27 -56.32 38.80
N GLY H 55 -19.52 -55.39 37.89
CA GLY H 55 -18.57 -55.01 36.87
C GLY H 55 -18.80 -55.57 35.50
N GLU H 56 -19.89 -56.31 35.29
CA GLU H 56 -20.16 -57.03 34.05
C GLU H 56 -21.02 -56.22 33.09
N VAL H 57 -20.77 -56.42 31.79
CA VAL H 57 -21.58 -55.81 30.73
C VAL H 57 -22.60 -56.84 30.25
N VAL H 58 -23.87 -56.46 30.26
CA VAL H 58 -24.97 -57.40 30.15
C VAL H 58 -26.18 -56.70 29.53
N LYS H 59 -27.15 -57.49 29.06
CA LYS H 59 -28.36 -56.97 28.43
C LYS H 59 -29.59 -57.14 29.32
N ALA H 60 -30.53 -56.21 29.19
CA ALA H 60 -31.73 -56.16 30.01
C ALA H 60 -32.86 -55.50 29.24
N VAL H 61 -34.09 -55.85 29.60
CA VAL H 61 -35.31 -55.32 29.00
C VAL H 61 -36.07 -54.54 30.05
N ILE H 62 -36.63 -53.41 29.65
CA ILE H 62 -37.33 -52.54 30.59
C ILE H 62 -38.77 -52.99 30.77
N VAL H 63 -39.15 -53.17 32.02
CA VAL H 63 -40.53 -53.10 32.45
C VAL H 63 -40.63 -51.87 33.32
N ARG H 64 -41.86 -51.44 33.63
CA ARG H 64 -42.07 -50.67 34.84
C ARG H 64 -41.21 -49.39 34.85
N THR H 65 -41.63 -48.39 34.08
CA THR H 65 -41.07 -47.05 34.23
C THR H 65 -42.03 -46.11 34.94
N LYS H 66 -41.49 -44.96 35.34
CA LYS H 66 -42.30 -43.90 35.95
C LYS H 66 -43.16 -43.18 34.91
N SER H 67 -42.54 -42.64 33.87
CA SER H 67 -43.29 -42.09 32.75
C SER H 67 -43.73 -43.24 31.85
N GLY H 68 -44.92 -43.77 32.11
CA GLY H 68 -45.26 -45.12 31.67
C GLY H 68 -45.64 -45.27 30.22
N ALA H 69 -46.76 -45.93 29.93
CA ALA H 69 -47.17 -46.20 28.56
C ALA H 69 -48.60 -45.75 28.31
N ARG H 70 -48.99 -45.70 27.06
CA ARG H 70 -50.30 -45.27 26.61
C ARG H 70 -50.93 -46.33 25.72
N ARG H 71 -52.20 -46.60 25.93
CA ARG H 71 -52.92 -47.65 25.22
C ARG H 71 -53.94 -47.04 24.27
N ALA H 72 -54.35 -47.84 23.28
CA ALA H 72 -55.11 -47.32 22.14
C ALA H 72 -56.50 -46.80 22.50
N ASP H 73 -57.05 -47.24 23.63
CA ASP H 73 -58.40 -46.87 24.02
C ASP H 73 -58.46 -45.57 24.81
N GLY H 74 -57.34 -44.87 24.96
CA GLY H 74 -57.31 -43.60 25.64
C GLY H 74 -56.85 -43.66 27.07
N SER H 75 -56.47 -44.82 27.58
CA SER H 75 -56.08 -44.99 28.96
C SER H 75 -54.56 -45.11 29.10
N TYR H 76 -54.07 -44.85 30.30
CA TYR H 76 -52.66 -44.77 30.61
C TYR H 76 -52.34 -45.63 31.82
N ILE H 77 -51.07 -45.94 32.00
CA ILE H 77 -50.55 -46.60 33.18
C ILE H 77 -49.22 -45.97 33.56
N LYS H 78 -48.94 -45.85 34.85
CA LYS H 78 -47.67 -45.33 35.34
C LYS H 78 -47.25 -46.05 36.60
N PHE H 79 -45.95 -46.23 36.79
CA PHE H 79 -45.40 -46.89 37.96
C PHE H 79 -44.60 -45.90 38.80
N ASP H 80 -44.23 -46.33 40.00
CA ASP H 80 -43.43 -45.53 40.93
C ASP H 80 -41.93 -45.79 40.81
N GLU H 81 -41.51 -46.67 39.91
CA GLU H 81 -40.14 -47.13 39.83
C GLU H 81 -39.73 -47.22 38.38
N ASN H 82 -38.43 -47.37 38.17
CA ASN H 82 -37.89 -47.89 36.93
C ASN H 82 -37.21 -49.23 37.24
N ALA H 83 -37.49 -50.25 36.44
CA ALA H 83 -36.94 -51.58 36.65
C ALA H 83 -36.67 -52.26 35.32
N ALA H 84 -35.77 -53.25 35.35
CA ALA H 84 -35.42 -54.04 34.18
C ALA H 84 -35.20 -55.48 34.59
N VAL H 85 -35.11 -56.36 33.61
CA VAL H 85 -34.85 -57.78 33.81
C VAL H 85 -33.70 -58.19 32.90
N ILE H 86 -32.66 -58.81 33.47
CA ILE H 86 -31.52 -59.24 32.68
C ILE H 86 -31.87 -60.45 31.82
N ILE H 87 -31.40 -60.43 30.57
CA ILE H 87 -31.93 -61.25 29.50
C ILE H 87 -30.78 -62.06 28.88
N ARG H 88 -31.13 -63.18 28.27
CA ARG H 88 -30.18 -64.18 27.78
C ARG H 88 -30.17 -64.25 26.26
N ASP H 89 -30.27 -63.10 25.60
CA ASP H 89 -29.96 -62.96 24.17
C ASP H 89 -30.94 -63.66 23.24
N ASP H 90 -31.91 -64.40 23.81
CA ASP H 90 -33.11 -64.79 23.10
C ASP H 90 -34.32 -64.61 24.00
N LYS H 91 -34.29 -63.58 24.84
CA LYS H 91 -35.39 -63.12 25.67
C LYS H 91 -35.66 -64.03 26.86
N SER H 92 -34.72 -64.85 27.25
CA SER H 92 -35.15 -65.53 28.46
C SER H 92 -34.48 -64.93 29.69
N PRO H 93 -35.19 -64.84 30.80
CA PRO H 93 -34.56 -64.37 32.02
C PRO H 93 -33.40 -65.27 32.42
N ARG H 94 -32.31 -64.64 32.82
CA ARG H 94 -31.19 -65.40 33.35
C ARG H 94 -31.42 -65.86 34.79
N GLY H 95 -32.46 -65.36 35.44
CA GLY H 95 -32.89 -65.87 36.73
C GLY H 95 -34.00 -66.90 36.59
N THR H 96 -34.78 -67.03 37.67
CA THR H 96 -35.96 -67.88 37.64
C THR H 96 -37.16 -67.20 38.27
N ARG H 97 -37.00 -66.01 38.84
CA ARG H 97 -38.09 -65.32 39.51
C ARG H 97 -38.10 -63.86 39.13
N ILE H 98 -39.25 -63.38 38.70
CA ILE H 98 -39.49 -61.96 38.54
C ILE H 98 -40.20 -61.46 39.79
N PHE H 99 -39.82 -60.28 40.25
CA PHE H 99 -40.46 -59.62 41.37
C PHE H 99 -41.32 -58.47 40.87
N GLY H 100 -42.31 -58.08 41.66
CA GLY H 100 -43.13 -56.93 41.36
C GLY H 100 -43.96 -57.06 40.11
N PRO H 101 -44.75 -56.02 39.81
CA PRO H 101 -45.70 -56.07 38.71
C PRO H 101 -45.14 -55.52 37.40
N VAL H 102 -45.75 -55.94 36.31
CA VAL H 102 -45.17 -55.87 34.98
C VAL H 102 -46.20 -55.30 34.03
N ALA H 103 -45.75 -54.52 33.05
CA ALA H 103 -46.68 -53.93 32.09
C ALA H 103 -47.05 -54.94 31.00
N ARG H 104 -48.27 -54.80 30.48
CA ARG H 104 -48.81 -55.75 29.51
C ARG H 104 -48.17 -55.62 28.13
N GLU H 105 -47.32 -54.62 27.90
CA GLU H 105 -46.66 -54.46 26.61
C GLU H 105 -45.59 -55.50 26.36
N LEU H 106 -45.14 -56.21 27.40
CA LEU H 106 -44.16 -57.25 27.18
C LEU H 106 -44.72 -58.42 26.38
N ARG H 107 -46.05 -58.51 26.23
CA ARG H 107 -46.63 -59.55 25.39
C ARG H 107 -46.39 -59.27 23.91
N GLU H 108 -46.68 -58.04 23.49
CA GLU H 108 -46.58 -57.68 22.09
C GLU H 108 -45.15 -57.77 21.59
N ASN H 109 -44.17 -57.48 22.44
CA ASN H 109 -42.77 -57.61 22.10
C ASN H 109 -42.24 -59.03 22.28
N ASN H 110 -43.09 -59.93 22.77
CA ASN H 110 -42.84 -61.38 22.77
C ASN H 110 -41.77 -61.78 23.78
N PHE H 111 -41.90 -61.31 25.00
CA PHE H 111 -41.20 -61.90 26.13
C PHE H 111 -42.16 -62.79 26.90
N MET H 112 -42.50 -63.92 26.26
CA MET H 112 -43.55 -64.78 26.80
C MET H 112 -43.07 -65.62 27.98
N LYS H 113 -41.78 -65.92 28.05
CA LYS H 113 -41.27 -66.61 29.23
C LYS H 113 -41.30 -65.71 30.46
N ILE H 114 -41.29 -64.38 30.29
CA ILE H 114 -41.30 -63.47 31.42
C ILE H 114 -42.73 -63.21 31.89
N VAL H 115 -43.69 -63.15 30.97
CA VAL H 115 -45.09 -62.99 31.35
C VAL H 115 -45.67 -64.23 32.02
N SER H 116 -44.93 -65.33 32.03
CA SER H 116 -45.40 -66.49 32.77
C SER H 116 -45.05 -66.43 34.26
N LEU H 117 -43.97 -65.74 34.63
CA LEU H 117 -43.48 -65.78 35.99
C LEU H 117 -43.79 -64.53 36.80
N ALA H 118 -44.24 -63.46 36.17
CA ALA H 118 -44.55 -62.26 36.92
C ALA H 118 -45.75 -62.50 37.83
N PRO H 119 -45.72 -61.98 39.06
CA PRO H 119 -46.87 -62.13 39.95
C PRO H 119 -48.15 -61.52 39.39
N GLU H 120 -48.08 -60.28 38.93
CA GLU H 120 -49.21 -59.56 38.35
C GLU H 120 -48.77 -59.01 37.01
N VAL H 121 -49.69 -58.95 36.06
CA VAL H 121 -49.41 -58.50 34.70
C VAL H 121 -50.47 -57.46 34.36
N LEU H 122 -50.08 -56.20 34.37
CA LEU H 122 -51.03 -55.11 34.24
C LEU H 122 -51.04 -54.52 32.83
N MET I 1 22.71 64.16 -13.20
CA MET I 1 21.86 63.09 -12.73
C MET I 1 20.80 63.64 -11.79
N LYS I 2 19.56 63.25 -12.00
CA LYS I 2 18.45 63.63 -11.14
C LYS I 2 18.04 62.46 -10.27
N LEU I 3 17.55 62.76 -9.08
CA LEU I 3 17.24 61.76 -8.07
C LEU I 3 16.02 60.91 -8.44
N HIS I 4 15.33 61.20 -9.53
CA HIS I 4 14.22 60.37 -9.99
C HIS I 4 14.56 59.56 -11.24
N GLU I 5 15.84 59.48 -11.62
CA GLU I 5 16.22 58.72 -12.80
C GLU I 5 17.53 57.98 -12.57
N LEU I 6 17.70 57.35 -11.42
CA LEU I 6 18.96 56.67 -11.13
C LEU I 6 19.06 55.37 -11.92
N LYS I 7 20.30 54.99 -12.24
CA LYS I 7 20.62 53.78 -12.99
C LYS I 7 22.01 53.29 -12.64
N PRO I 8 22.15 52.13 -12.01
CA PRO I 8 23.48 51.56 -11.81
C PRO I 8 24.06 51.09 -13.14
N ALA I 9 25.36 50.81 -13.13
CA ALA I 9 26.05 50.35 -14.32
C ALA I 9 25.72 48.88 -14.59
N GLU I 10 25.74 48.51 -15.88
CA GLU I 10 25.26 47.20 -16.29
C GLU I 10 26.20 46.09 -15.82
N GLY I 11 25.64 45.05 -15.21
CA GLY I 11 26.42 43.97 -14.67
C GLY I 11 26.87 44.15 -13.24
N SER I 12 26.45 45.22 -12.59
CA SER I 12 27.03 45.61 -11.32
C SER I 12 26.22 45.14 -10.11
N ARG I 13 24.92 44.96 -10.26
CA ARG I 13 24.08 44.45 -9.20
C ARG I 13 23.29 43.27 -9.73
N GLN I 14 23.15 42.23 -8.91
CA GLN I 14 22.38 41.03 -9.23
C GLN I 14 21.31 40.85 -8.16
N VAL I 15 20.39 39.92 -8.35
CA VAL I 15 19.21 39.96 -7.49
C VAL I 15 19.42 39.16 -6.20
N ARG I 16 19.17 37.85 -6.23
CA ARG I 16 19.32 36.95 -5.09
C ARG I 16 18.59 35.65 -5.41
N ASN I 17 18.90 34.56 -4.73
CA ASN I 17 18.19 33.32 -4.91
C ASN I 17 17.50 32.94 -3.60
N ARG I 18 16.20 32.68 -3.66
CA ARG I 18 15.43 32.29 -2.47
C ARG I 18 14.95 30.86 -2.66
N VAL I 19 15.43 29.97 -1.82
CA VAL I 19 15.06 28.57 -1.91
C VAL I 19 13.77 28.32 -1.14
N GLY I 20 13.16 27.17 -1.39
CA GLY I 20 11.94 26.79 -0.71
C GLY I 20 10.72 27.65 -0.96
N ARG I 21 10.48 28.06 -2.20
CA ARG I 21 9.34 28.91 -2.56
C ARG I 21 8.64 28.37 -3.81
N GLY I 22 8.27 27.10 -3.80
CA GLY I 22 7.50 26.52 -4.89
C GLY I 22 8.36 25.73 -5.85
N THR I 23 7.68 24.95 -6.70
CA THR I 23 8.37 23.95 -7.50
C THR I 23 8.95 24.52 -8.78
N SER I 24 8.26 25.47 -9.40
CA SER I 24 8.62 25.93 -10.73
C SER I 24 9.86 26.80 -10.75
N SER I 25 10.21 27.43 -9.64
CA SER I 25 11.45 28.19 -9.58
C SER I 25 12.68 27.32 -9.80
N GLY I 26 12.64 26.06 -9.39
CA GLY I 26 13.77 25.17 -9.50
C GLY I 26 14.32 24.68 -8.17
N ASN I 27 13.96 25.31 -7.05
CA ASN I 27 14.58 24.98 -5.77
C ASN I 27 13.56 24.83 -4.64
N GLY I 28 12.30 24.56 -4.95
CA GLY I 28 11.37 24.23 -3.89
C GLY I 28 11.52 22.81 -3.42
N LYS I 29 10.94 22.51 -2.26
CA LYS I 29 10.89 21.15 -1.74
C LYS I 29 12.28 20.50 -1.63
N THR I 30 13.01 20.79 -0.56
CA THR I 30 14.38 20.34 -0.24
C THR I 30 15.47 21.26 -0.76
N ALA I 31 15.17 22.29 -1.54
CA ALA I 31 16.00 23.48 -1.66
C ALA I 31 17.44 23.17 -2.11
N GLY I 32 17.59 22.28 -3.08
CA GLY I 32 18.89 21.97 -3.63
C GLY I 32 19.69 20.92 -2.91
N ARG I 33 19.13 20.24 -1.91
CA ARG I 33 19.91 19.38 -1.05
C ARG I 33 19.84 17.91 -1.41
N GLY I 34 19.03 17.53 -2.39
CA GLY I 34 18.85 16.13 -2.73
C GLY I 34 17.95 15.43 -1.75
N GLN I 35 17.99 14.09 -1.77
CA GLN I 35 17.27 13.29 -0.79
C GLN I 35 18.08 13.17 0.49
N LYS I 36 17.74 12.18 1.31
CA LYS I 36 18.13 12.10 2.72
C LYS I 36 19.64 12.01 2.90
N GLY I 37 20.10 11.94 4.15
CA GLY I 37 21.49 11.76 4.48
C GLY I 37 22.02 12.90 5.35
N GLN I 38 23.25 12.69 5.82
CA GLN I 38 23.88 13.65 6.73
C GLN I 38 23.98 15.04 6.12
N LYS I 39 24.12 15.15 4.81
CA LYS I 39 24.23 16.45 4.16
C LYS I 39 22.88 17.12 3.92
N ALA I 40 21.78 16.46 4.24
CA ALA I 40 20.47 17.07 4.05
C ALA I 40 19.95 17.69 5.33
N ARG I 41 20.66 17.56 6.43
CA ARG I 41 20.22 18.05 7.72
C ARG I 41 20.72 19.46 7.92
N SER I 42 19.99 20.22 8.75
CA SER I 42 20.42 21.55 9.16
C SER I 42 21.59 21.43 10.11
N GLY I 43 22.70 22.07 9.77
CA GLY I 43 23.91 21.83 10.51
C GLY I 43 24.59 20.52 10.18
N GLY I 44 24.21 19.88 9.08
CA GLY I 44 24.83 18.65 8.67
C GLY I 44 26.04 18.89 7.80
N GLY I 45 26.89 17.88 7.74
CA GLY I 45 28.17 17.98 7.06
C GLY I 45 29.30 17.51 7.96
N VAL I 46 30.44 17.29 7.33
CA VAL I 46 31.63 16.83 8.02
C VAL I 46 32.66 17.96 7.98
N ARG I 47 33.58 17.92 8.93
CA ARG I 47 34.54 19.00 9.06
C ARG I 47 35.49 19.01 7.86
N LEU I 48 36.11 20.17 7.66
CA LEU I 48 37.05 20.32 6.55
C LEU I 48 38.18 19.30 6.66
N GLY I 49 38.49 18.67 5.52
CA GLY I 49 39.57 17.72 5.43
C GLY I 49 39.26 16.32 5.88
N PHE I 50 38.08 16.08 6.45
CA PHE I 50 37.68 14.75 6.89
C PHE I 50 37.44 13.82 5.69
N GLU I 51 37.65 12.53 5.89
CA GLU I 51 37.68 11.59 4.77
C GLU I 51 36.93 10.28 5.05
N GLY I 52 35.88 10.31 5.85
CA GLY I 52 35.20 9.07 6.15
C GLY I 52 35.73 8.41 7.40
N GLY I 53 36.68 7.51 7.25
CA GLY I 53 37.52 7.12 8.35
C GLY I 53 38.91 6.72 7.91
N GLN I 54 39.17 6.80 6.61
CA GLN I 54 40.50 6.55 6.10
C GLN I 54 41.49 7.53 6.71
N THR I 55 42.75 7.10 6.84
CA THR I 55 43.78 7.94 7.43
C THR I 55 43.95 9.19 6.61
N PRO I 56 43.71 10.38 7.17
CA PRO I 56 43.74 11.61 6.36
C PRO I 56 45.14 11.90 5.85
N LEU I 57 45.20 12.62 4.73
CA LEU I 57 46.48 12.80 4.04
C LEU I 57 47.51 13.53 4.89
N PHE I 58 47.11 14.49 5.72
CA PHE I 58 48.10 15.14 6.57
C PHE I 58 48.74 14.14 7.55
N ARG I 59 48.06 13.07 7.91
CA ARG I 59 48.56 12.21 8.96
C ARG I 59 49.47 11.10 8.46
N ARG I 60 49.56 10.88 7.15
CA ARG I 60 50.55 9.96 6.61
C ARG I 60 51.85 10.65 6.22
N LEU I 61 51.88 11.83 6.27
CA LEU I 61 53.08 12.52 5.85
C LEU I 61 53.90 12.98 7.05
N PRO I 62 55.22 12.99 6.94
CA PRO I 62 56.06 13.40 8.07
C PRO I 62 56.24 14.90 8.19
N LYS I 63 56.50 15.35 9.41
CA LYS I 63 56.86 16.73 9.68
C LYS I 63 58.28 17.00 9.18
N ARG I 64 58.65 18.29 9.10
CA ARG I 64 59.94 18.63 8.50
C ARG I 64 60.43 19.99 8.98
N GLY I 65 61.65 20.02 9.53
CA GLY I 65 62.38 21.27 9.75
C GLY I 65 62.07 22.03 11.03
N PHE I 66 62.69 23.21 11.12
CA PHE I 66 62.55 24.10 12.27
C PHE I 66 62.60 25.55 11.81
N THR I 67 62.11 26.45 12.66
CA THR I 67 62.20 27.89 12.48
C THR I 67 63.40 28.42 13.23
N ASN I 68 64.18 29.28 12.58
CA ASN I 68 65.30 29.92 13.24
C ASN I 68 64.84 31.24 13.83
N ILE I 69 65.30 31.55 15.04
CA ILE I 69 64.79 32.73 15.73
C ILE I 69 65.55 34.00 15.38
N ASN I 70 66.75 33.90 14.82
CA ASN I 70 67.50 35.06 14.34
C ASN I 70 67.47 35.16 12.83
N ARG I 71 66.34 34.87 12.19
CA ARG I 71 66.29 34.89 10.74
C ARG I 71 66.29 36.32 10.21
N LYS I 72 66.99 36.53 9.10
CA LYS I 72 67.11 37.83 8.44
C LYS I 72 66.52 37.76 7.04
N ASP I 73 65.50 38.57 6.80
CA ASP I 73 64.92 38.78 5.48
C ASP I 73 65.11 40.23 5.07
N TYR I 74 65.48 40.45 3.83
CA TYR I 74 65.78 41.76 3.29
C TYR I 74 64.70 42.20 2.30
N ALA I 75 64.93 43.35 1.67
CA ALA I 75 63.91 44.12 0.96
C ALA I 75 64.39 44.46 -0.45
N VAL I 76 64.67 43.43 -1.24
CA VAL I 76 65.27 43.51 -2.58
C VAL I 76 64.73 44.63 -3.47
N VAL I 77 65.65 45.29 -4.18
CA VAL I 77 65.35 46.18 -5.31
C VAL I 77 66.37 45.87 -6.40
N ASN I 78 65.92 45.64 -7.63
CA ASN I 78 66.90 45.05 -8.55
C ASN I 78 67.82 46.03 -9.27
N LEU I 79 67.47 46.47 -10.47
CA LEU I 79 68.38 47.33 -11.21
C LEU I 79 67.62 48.29 -12.11
N ASP I 80 66.42 47.89 -12.54
CA ASP I 80 65.57 48.79 -13.29
C ASP I 80 65.09 49.94 -12.42
N THR I 81 64.82 49.66 -11.15
CA THR I 81 64.32 50.69 -10.24
C THR I 81 65.34 51.78 -10.01
N LEU I 82 66.62 51.51 -10.25
CA LEU I 82 67.62 52.56 -10.10
C LEU I 82 67.79 53.38 -11.37
N ASN I 83 66.97 53.12 -12.38
CA ASN I 83 66.91 53.93 -13.59
C ASN I 83 65.94 55.08 -13.49
N ARG I 84 65.11 55.13 -12.46
CA ARG I 84 64.23 56.28 -12.28
C ARG I 84 64.88 57.35 -11.44
N PHE I 85 66.22 57.39 -11.40
CA PHE I 85 66.95 58.48 -10.78
C PHE I 85 67.86 59.12 -11.81
N GLU I 86 68.24 60.36 -11.54
CA GLU I 86 69.05 61.11 -12.48
C GLU I 86 70.47 60.55 -12.47
N ASP I 87 71.24 60.93 -13.50
CA ASP I 87 72.64 60.51 -13.57
C ASP I 87 73.40 61.25 -12.47
N GLY I 88 73.66 60.55 -11.38
CA GLY I 88 74.44 61.00 -10.25
C GLY I 88 73.53 61.48 -9.13
N THR I 89 73.18 60.60 -8.19
CA THR I 89 72.19 60.97 -7.18
C THR I 89 72.47 60.48 -5.77
N GLU I 90 73.32 59.47 -5.56
CA GLU I 90 73.50 58.90 -4.22
C GLU I 90 72.17 58.40 -3.67
N VAL I 91 71.69 57.31 -4.28
CA VAL I 91 70.50 56.63 -3.81
C VAL I 91 70.76 55.94 -2.46
N THR I 92 69.73 55.91 -1.62
CA THR I 92 69.89 55.62 -0.20
C THR I 92 68.54 55.16 0.33
N PRO I 93 68.50 54.54 1.52
CA PRO I 93 67.21 54.06 2.05
C PRO I 93 66.17 55.13 2.36
N VAL I 94 66.55 56.41 2.48
CA VAL I 94 65.51 57.41 2.71
C VAL I 94 65.01 58.00 1.41
N VAL I 95 65.85 58.05 0.38
CA VAL I 95 65.37 58.45 -0.92
C VAL I 95 64.62 57.30 -1.61
N LEU I 96 64.84 56.06 -1.21
CA LEU I 96 64.04 54.96 -1.75
C LEU I 96 62.64 55.02 -1.19
N LYS I 97 62.50 55.01 0.13
CA LYS I 97 61.31 55.52 0.79
C LYS I 97 61.10 56.94 0.29
N GLU I 98 59.90 57.50 0.42
CA GLU I 98 59.56 58.84 -0.06
C GLU I 98 59.56 58.91 -1.59
N ALA I 99 59.96 57.85 -2.27
CA ALA I 99 59.47 57.52 -3.59
C ALA I 99 58.55 56.32 -3.55
N GLY I 100 58.32 55.74 -2.37
CA GLY I 100 57.49 54.58 -2.21
C GLY I 100 58.05 53.29 -2.79
N ILE I 101 59.25 53.31 -3.35
CA ILE I 101 59.82 52.09 -3.93
C ILE I 101 59.96 51.04 -2.85
N VAL I 102 60.49 51.43 -1.71
CA VAL I 102 60.61 50.55 -0.54
C VAL I 102 59.85 51.20 0.59
N LYS I 103 58.78 50.57 1.01
CA LYS I 103 58.26 50.74 2.36
C LYS I 103 58.37 49.39 3.06
N ASN I 104 58.56 49.42 4.37
CA ASN I 104 58.84 48.21 5.15
C ASN I 104 60.16 47.57 4.70
N GLU I 105 61.26 48.25 4.99
CA GLU I 105 62.59 47.67 4.76
C GLU I 105 62.90 46.72 5.90
N LYS I 106 62.68 45.43 5.67
CA LYS I 106 62.62 44.46 6.74
C LYS I 106 63.86 44.46 7.62
N ALA I 107 64.99 44.00 7.09
CA ALA I 107 66.24 44.02 7.83
C ALA I 107 67.30 44.84 7.12
N GLY I 108 66.88 45.75 6.25
CA GLY I 108 67.76 46.49 5.39
C GLY I 108 67.58 46.11 3.93
N ILE I 109 68.11 46.92 3.09
CA ILE I 109 68.00 46.77 1.64
C ILE I 109 69.11 45.87 1.12
N LYS I 110 68.79 45.10 0.07
CA LYS I 110 69.78 44.32 -0.66
C LYS I 110 69.54 44.52 -2.16
N VAL I 111 70.58 44.95 -2.87
CA VAL I 111 70.49 45.22 -4.30
C VAL I 111 70.84 43.97 -5.08
N LEU I 112 70.10 43.71 -6.14
CA LEU I 112 70.24 42.51 -6.96
C LEU I 112 70.32 42.91 -8.42
N ALA I 113 71.03 42.13 -9.22
CA ALA I 113 71.42 42.56 -10.57
C ALA I 113 70.53 41.93 -11.63
N ASP I 114 69.35 42.51 -11.83
CA ASP I 114 68.40 41.94 -12.78
C ASP I 114 67.55 43.07 -13.34
N GLY I 115 67.91 43.59 -14.52
CA GLY I 115 69.14 43.24 -15.19
C GLY I 115 70.06 44.31 -15.79
N GLU I 116 69.60 45.55 -15.97
CA GLU I 116 70.39 46.53 -16.73
C GLU I 116 70.33 47.94 -16.17
N LEU I 117 71.50 48.49 -15.84
CA LEU I 117 71.66 49.85 -15.36
C LEU I 117 72.44 50.69 -16.37
N THR I 118 72.07 51.96 -16.51
CA THR I 118 72.89 52.96 -17.23
C THR I 118 72.73 54.33 -16.56
N LYS I 119 73.54 54.59 -15.53
CA LYS I 119 73.45 55.82 -14.75
C LYS I 119 74.82 56.10 -14.14
N LYS I 120 74.85 56.98 -13.15
CA LYS I 120 76.09 57.30 -12.42
C LYS I 120 75.84 57.39 -10.92
N LEU I 121 75.19 56.37 -10.38
CA LEU I 121 74.72 56.37 -9.02
C LEU I 121 75.87 56.14 -8.05
N THR I 122 75.61 56.38 -6.76
CA THR I 122 76.48 55.97 -5.68
C THR I 122 75.60 55.37 -4.60
N VAL I 123 75.47 54.04 -4.59
CA VAL I 123 74.43 53.37 -3.83
C VAL I 123 74.91 53.10 -2.42
N LYS I 124 74.07 53.41 -1.44
CA LYS I 124 74.31 53.07 -0.04
C LYS I 124 73.21 52.11 0.39
N ALA I 125 73.60 50.92 0.84
CA ALA I 125 72.66 49.90 1.25
C ALA I 125 73.40 48.86 2.09
N ALA I 126 72.65 47.93 2.64
CA ALA I 126 73.18 46.96 3.58
C ALA I 126 73.82 45.74 2.92
N LYS I 127 73.34 45.30 1.77
CA LYS I 127 73.94 44.16 1.10
C LYS I 127 73.95 44.33 -0.41
N PHE I 128 74.95 43.74 -1.05
CA PHE I 128 75.09 43.76 -2.50
C PHE I 128 75.43 42.36 -2.99
N SER I 129 74.69 41.86 -3.98
CA SER I 129 75.10 40.64 -4.64
C SER I 129 76.30 40.92 -5.53
N LYS I 130 77.02 39.86 -5.89
CA LYS I 130 78.28 40.01 -6.60
C LYS I 130 78.11 40.72 -7.95
N SER I 131 76.99 40.49 -8.62
CA SER I 131 76.77 41.11 -9.93
C SER I 131 76.14 42.49 -9.84
N ALA I 132 75.41 42.78 -8.77
CA ALA I 132 74.87 44.11 -8.58
C ALA I 132 76.00 45.12 -8.41
N GLN I 133 76.90 44.87 -7.46
CA GLN I 133 78.06 45.73 -7.27
C GLN I 133 78.84 45.88 -8.56
N GLU I 134 79.02 44.77 -9.28
CA GLU I 134 79.81 44.78 -10.50
C GLU I 134 79.22 45.71 -11.54
N ALA I 135 77.93 45.52 -11.86
CA ALA I 135 77.33 46.32 -12.91
C ALA I 135 77.15 47.75 -12.48
N ILE I 136 76.97 48.00 -11.18
CA ILE I 136 76.97 49.36 -10.66
C ILE I 136 78.29 50.03 -10.94
N GLU I 137 79.40 49.29 -10.80
CA GLU I 137 80.71 49.90 -10.99
C GLU I 137 81.13 49.97 -12.45
N ALA I 138 80.58 49.13 -13.32
CA ALA I 138 80.85 49.31 -14.74
C ALA I 138 80.25 50.62 -15.22
N ALA I 139 78.94 50.79 -15.05
CA ALA I 139 78.26 52.01 -15.44
C ALA I 139 78.98 53.26 -14.91
N GLY I 140 79.66 53.14 -13.78
CA GLY I 140 80.64 54.14 -13.37
C GLY I 140 80.52 54.69 -11.96
N GLY I 141 79.73 54.06 -11.10
CA GLY I 141 79.45 54.56 -9.76
C GLY I 141 80.23 53.84 -8.69
N SER I 142 79.69 53.87 -7.48
CA SER I 142 80.36 53.24 -6.35
C SER I 142 79.31 52.66 -5.40
N ILE I 143 79.76 51.75 -4.53
CA ILE I 143 78.93 51.15 -3.50
C ILE I 143 79.54 51.47 -2.16
N GLU I 144 78.74 51.33 -1.09
CA GLU I 144 79.27 51.29 0.26
C GLU I 144 78.28 50.61 1.19
N VAL I 145 78.67 49.44 1.70
CA VAL I 145 77.86 48.70 2.65
C VAL I 145 77.73 49.52 3.93
N ILE I 146 76.55 50.08 4.17
CA ILE I 146 76.30 50.88 5.36
C ILE I 146 74.85 51.31 5.43
N MET J 1 26.49 -50.57 -10.56
CA MET J 1 26.75 -49.19 -10.91
C MET J 1 28.21 -48.96 -11.32
N LEU J 2 28.40 -48.32 -12.48
CA LEU J 2 29.73 -47.95 -12.93
C LEU J 2 30.19 -46.69 -12.20
N VAL J 3 31.44 -46.69 -11.76
CA VAL J 3 32.00 -45.57 -11.03
C VAL J 3 33.40 -45.33 -11.55
N PRO J 4 33.83 -44.09 -11.79
CA PRO J 4 35.23 -43.88 -12.16
C PRO J 4 36.13 -44.07 -10.95
N LYS J 5 37.16 -44.89 -11.10
CA LYS J 5 38.23 -44.89 -10.12
C LYS J 5 38.97 -43.55 -10.17
N ARG J 6 39.21 -42.95 -8.99
CA ARG J 6 40.21 -41.90 -8.86
C ARG J 6 39.89 -40.69 -9.75
N VAL J 7 38.93 -39.88 -9.32
CA VAL J 7 38.75 -38.58 -9.97
C VAL J 7 39.83 -37.60 -9.55
N LYS J 8 40.08 -36.60 -10.39
CA LYS J 8 41.04 -35.55 -10.09
C LYS J 8 40.39 -34.39 -9.35
N HIS J 9 39.10 -34.16 -9.53
CA HIS J 9 38.38 -33.06 -8.92
C HIS J 9 37.08 -33.59 -8.32
N ARG J 10 36.74 -33.11 -7.13
CA ARG J 10 35.57 -33.66 -6.44
C ARG J 10 34.25 -33.06 -6.95
N ARG J 11 34.21 -31.77 -7.27
CA ARG J 11 33.02 -31.14 -7.84
C ARG J 11 33.32 -30.54 -9.20
N GLU J 12 32.26 -30.26 -9.97
CA GLU J 12 32.43 -29.62 -11.27
C GLU J 12 31.12 -28.98 -11.73
N PHE J 13 31.21 -28.26 -12.85
CA PHE J 13 30.07 -27.63 -13.49
C PHE J 13 29.21 -28.69 -14.18
N ARG J 14 28.01 -28.28 -14.63
CA ARG J 14 27.03 -29.21 -15.17
C ARG J 14 26.79 -29.04 -16.66
N GLY J 15 26.52 -27.81 -17.13
CA GLY J 15 26.02 -27.57 -18.48
C GLY J 15 26.98 -28.01 -19.57
N LYS J 16 26.68 -27.78 -20.84
CA LYS J 16 25.51 -27.09 -21.38
C LYS J 16 24.93 -27.79 -22.61
N MET J 17 24.49 -29.05 -22.50
CA MET J 17 24.54 -30.07 -23.56
C MET J 17 24.44 -29.57 -25.01
N ARG J 18 23.39 -28.89 -25.41
CA ARG J 18 23.31 -28.28 -26.74
C ARG J 18 23.56 -29.30 -27.85
N GLY J 19 22.64 -30.26 -27.92
CA GLY J 19 22.76 -31.48 -28.70
C GLY J 19 23.38 -31.46 -30.08
N GLU J 20 24.41 -32.28 -30.24
CA GLU J 20 24.68 -33.09 -31.42
C GLU J 20 25.89 -33.93 -31.08
N ALA J 21 25.80 -35.26 -31.22
CA ALA J 21 26.87 -36.10 -30.72
C ALA J 21 28.18 -35.81 -31.42
N LYS J 22 29.26 -35.81 -30.66
CA LYS J 22 30.58 -35.59 -31.21
C LYS J 22 31.25 -36.88 -31.64
N GLY J 23 30.88 -38.01 -31.06
CA GLY J 23 31.60 -39.25 -31.24
C GLY J 23 30.80 -40.31 -31.93
N GLY J 24 30.70 -41.49 -31.31
CA GLY J 24 30.21 -42.65 -32.00
C GLY J 24 28.77 -42.54 -32.44
N LYS J 25 28.58 -42.27 -33.72
CA LYS J 25 27.28 -42.24 -34.35
C LYS J 25 27.06 -43.42 -35.31
N GLU J 26 28.02 -44.33 -35.42
CA GLU J 26 27.86 -45.55 -36.20
C GLU J 26 28.17 -46.77 -35.36
N VAL J 27 27.61 -47.92 -35.78
CA VAL J 27 27.90 -49.18 -35.15
C VAL J 27 29.35 -49.57 -35.43
N ALA J 28 30.08 -49.90 -34.38
CA ALA J 28 31.49 -50.23 -34.49
C ALA J 28 31.79 -51.71 -34.33
N PHE J 29 31.20 -52.37 -33.34
CA PHE J 29 31.62 -53.71 -32.99
C PHE J 29 30.52 -54.76 -33.12
N GLY J 30 29.26 -54.37 -33.17
CA GLY J 30 28.16 -55.32 -33.27
C GLY J 30 27.42 -55.25 -34.58
N GLU J 31 26.23 -55.85 -34.64
CA GLU J 31 25.42 -55.81 -35.85
C GLU J 31 24.25 -54.85 -35.75
N TRP J 32 23.83 -54.48 -34.55
CA TRP J 32 22.61 -53.73 -34.31
C TRP J 32 22.84 -52.67 -33.25
N GLY J 33 22.27 -51.47 -33.45
CA GLY J 33 22.46 -50.37 -32.54
C GLY J 33 21.16 -49.80 -31.98
N LEU J 34 21.30 -48.98 -30.94
CA LEU J 34 20.22 -48.31 -30.23
C LEU J 34 20.59 -46.83 -30.14
N GLN J 35 20.07 -46.01 -31.04
CA GLN J 35 20.53 -44.63 -31.19
C GLN J 35 19.56 -43.63 -30.55
N ALA J 36 20.09 -42.76 -29.70
CA ALA J 36 19.27 -41.76 -29.00
C ALA J 36 18.90 -40.61 -29.93
N THR J 37 17.61 -40.23 -29.92
CA THR J 37 17.13 -39.14 -30.76
C THR J 37 16.80 -37.88 -29.98
N GLU J 38 16.95 -37.90 -28.66
CA GLU J 38 16.86 -36.72 -27.82
C GLU J 38 18.10 -36.65 -26.97
N SER J 39 18.30 -35.52 -26.30
CA SER J 39 19.50 -35.28 -25.51
C SER J 39 19.11 -35.07 -24.05
N HIS J 40 19.82 -35.74 -23.16
CA HIS J 40 19.45 -35.86 -21.75
C HIS J 40 20.66 -36.40 -21.00
N TRP J 41 20.55 -36.40 -19.69
CA TRP J 41 21.50 -37.05 -18.80
C TRP J 41 21.09 -38.50 -18.58
N ILE J 42 22.08 -39.39 -18.46
CA ILE J 42 21.84 -40.82 -18.25
C ILE J 42 22.73 -41.30 -17.11
N THR J 43 22.13 -41.91 -16.10
CA THR J 43 22.81 -42.24 -14.85
C THR J 43 23.27 -43.69 -14.80
N ASN J 44 24.01 -43.99 -13.73
CA ASN J 44 24.43 -45.35 -13.39
C ASN J 44 23.28 -46.34 -13.42
N ARG J 45 22.23 -46.05 -12.65
CA ARG J 45 21.15 -47.01 -12.45
C ARG J 45 20.38 -47.26 -13.73
N GLN J 46 20.24 -46.23 -14.57
CA GLN J 46 19.53 -46.43 -15.82
C GLN J 46 20.30 -47.37 -16.74
N ILE J 47 21.63 -47.26 -16.76
CA ILE J 47 22.45 -48.11 -17.63
C ILE J 47 22.38 -49.56 -17.17
N GLU J 48 22.56 -49.80 -15.87
CA GLU J 48 22.51 -51.16 -15.35
C GLU J 48 21.14 -51.79 -15.53
N ALA J 49 20.07 -51.03 -15.30
CA ALA J 49 18.73 -51.54 -15.54
C ALA J 49 18.55 -51.95 -17.00
N ALA J 50 19.00 -51.09 -17.92
CA ALA J 50 18.88 -51.43 -19.34
C ALA J 50 19.72 -52.66 -19.70
N ARG J 51 20.93 -52.76 -19.15
CA ARG J 51 21.82 -53.86 -19.49
C ARG J 51 21.26 -55.19 -19.00
N ILE J 52 20.80 -55.23 -17.76
CA ILE J 52 20.21 -56.46 -17.22
C ILE J 52 19.02 -56.89 -18.05
N ALA J 53 18.13 -55.95 -18.38
CA ALA J 53 17.00 -56.31 -19.22
C ALA J 53 17.44 -56.85 -20.58
N MET J 54 18.48 -56.27 -21.15
CA MET J 54 18.90 -56.68 -22.48
C MET J 54 19.53 -58.06 -22.47
N THR J 55 20.33 -58.37 -21.45
CA THR J 55 21.00 -59.66 -21.42
C THR J 55 20.07 -60.80 -21.03
N ARG J 56 19.10 -60.56 -20.14
CA ARG J 56 18.24 -61.64 -19.66
C ARG J 56 17.45 -62.28 -20.79
N TYR J 57 17.09 -61.49 -21.80
CA TYR J 57 16.26 -61.95 -22.90
C TYR J 57 17.03 -62.83 -23.87
N MET J 58 18.35 -62.83 -23.84
CA MET J 58 19.16 -63.52 -24.84
C MET J 58 19.75 -64.79 -24.22
N LYS J 59 18.91 -65.80 -24.06
CA LYS J 59 19.41 -67.12 -23.69
C LYS J 59 20.24 -67.68 -24.84
N ARG J 60 21.36 -68.32 -24.49
CA ARG J 60 22.50 -68.61 -25.35
C ARG J 60 23.35 -67.37 -25.61
N GLY J 61 23.34 -66.41 -24.70
CA GLY J 61 24.30 -65.32 -24.73
C GLY J 61 24.23 -64.40 -25.94
N GLY J 62 25.22 -64.50 -26.82
CA GLY J 62 25.55 -63.40 -27.71
C GLY J 62 26.54 -62.47 -27.03
N LYS J 63 26.63 -61.25 -27.54
CA LYS J 63 27.53 -60.28 -26.94
C LYS J 63 26.87 -58.92 -26.94
N VAL J 64 27.28 -58.08 -25.99
CA VAL J 64 26.67 -56.78 -25.76
C VAL J 64 27.78 -55.79 -25.43
N TRP J 65 27.76 -54.63 -26.10
CA TRP J 65 28.74 -53.58 -25.90
C TRP J 65 28.06 -52.35 -25.31
N ILE J 66 28.46 -51.95 -24.10
CA ILE J 66 28.01 -50.70 -23.52
C ILE J 66 28.96 -49.59 -23.94
N LYS J 67 28.43 -48.57 -24.62
CA LYS J 67 29.26 -47.55 -25.25
C LYS J 67 29.05 -46.17 -24.66
N ILE J 68 28.72 -46.10 -23.37
CA ILE J 68 28.35 -44.86 -22.71
C ILE J 68 28.85 -44.95 -21.27
N PHE J 69 29.67 -44.01 -20.83
CA PHE J 69 30.28 -44.14 -19.52
C PHE J 69 30.06 -42.89 -18.67
N PRO J 70 29.65 -43.03 -17.42
CA PRO J 70 29.42 -41.89 -16.54
C PRO J 70 30.72 -41.33 -15.97
N HIS J 71 31.16 -40.20 -16.51
CA HIS J 71 32.39 -39.55 -16.09
C HIS J 71 32.16 -38.43 -15.09
N LYS J 72 30.99 -37.80 -15.09
CA LYS J 72 30.72 -36.55 -14.39
C LYS J 72 29.88 -36.77 -13.14
N SER J 73 30.29 -36.15 -12.04
CA SER J 73 29.56 -36.36 -10.79
C SER J 73 28.46 -35.32 -10.58
N TYR J 74 27.57 -35.65 -9.66
CA TYR J 74 26.49 -34.85 -9.11
C TYR J 74 26.96 -34.13 -7.87
N THR J 75 26.12 -33.23 -7.37
CA THR J 75 26.11 -32.86 -5.95
C THR J 75 24.67 -32.56 -5.58
N SER J 76 24.42 -32.47 -4.28
CA SER J 76 23.12 -32.03 -3.82
C SER J 76 23.20 -31.71 -2.33
N LYS J 77 22.36 -30.76 -1.92
CA LYS J 77 22.17 -30.38 -0.53
C LYS J 77 20.98 -31.13 0.04
N ALA J 78 20.62 -30.81 1.28
CA ALA J 78 19.57 -31.52 2.00
C ALA J 78 18.38 -30.62 2.29
N ILE J 79 17.23 -31.27 2.53
CA ILE J 79 16.03 -30.57 2.93
C ILE J 79 16.26 -29.85 4.26
N GLY J 80 15.63 -28.68 4.42
CA GLY J 80 15.73 -27.89 5.62
C GLY J 80 16.96 -27.02 5.73
N VAL J 81 17.72 -26.83 4.65
CA VAL J 81 18.96 -26.06 4.70
C VAL J 81 18.88 -24.88 3.74
N ARG J 82 19.10 -23.70 4.28
CA ARG J 82 19.00 -22.44 3.54
C ARG J 82 20.13 -22.32 2.52
N MET J 83 19.90 -21.47 1.53
CA MET J 83 20.91 -21.20 0.52
C MET J 83 22.12 -20.54 1.17
N GLY J 84 23.21 -20.47 0.42
CA GLY J 84 24.41 -20.01 1.07
C GLY J 84 25.59 -20.88 0.79
N LYS J 85 26.12 -21.55 1.81
CA LYS J 85 27.52 -22.00 1.83
C LYS J 85 27.85 -22.97 0.69
N GLY J 86 29.11 -23.38 0.59
CA GLY J 86 29.59 -24.04 -0.60
C GLY J 86 28.82 -25.23 -1.12
N LYS J 87 29.22 -25.75 -2.29
CA LYS J 87 28.51 -26.83 -2.93
C LYS J 87 28.23 -27.97 -1.97
N GLY J 88 27.14 -28.70 -2.24
CA GLY J 88 26.78 -29.87 -1.48
C GLY J 88 27.76 -31.00 -1.68
N ALA J 89 27.44 -32.13 -1.09
CA ALA J 89 28.26 -33.32 -1.21
C ALA J 89 27.87 -34.11 -2.47
N PRO J 90 28.84 -34.73 -3.14
CA PRO J 90 28.55 -35.45 -4.38
C PRO J 90 27.70 -36.70 -4.11
N GLU J 91 26.61 -36.84 -4.87
CA GLU J 91 25.73 -38.00 -4.78
C GLU J 91 25.31 -38.41 -6.20
N GLY J 92 26.07 -39.30 -6.83
CA GLY J 92 25.69 -39.84 -8.12
C GLY J 92 26.78 -39.69 -9.16
N TRP J 93 26.52 -40.31 -10.32
CA TRP J 93 27.37 -40.21 -11.51
C TRP J 93 26.47 -40.26 -12.73
N VAL J 94 26.88 -39.57 -13.79
CA VAL J 94 26.04 -39.40 -14.98
C VAL J 94 26.94 -39.27 -16.19
N SER J 95 26.38 -39.54 -17.36
CA SER J 95 27.01 -39.11 -18.60
C SER J 95 26.02 -38.31 -19.44
N PRO J 96 26.41 -37.15 -19.95
CA PRO J 96 25.55 -36.44 -20.92
C PRO J 96 25.56 -37.07 -22.30
N VAL J 97 24.36 -37.32 -22.83
CA VAL J 97 24.20 -37.92 -24.15
C VAL J 97 23.46 -36.93 -25.04
N LYS J 98 23.99 -36.70 -26.23
CA LYS J 98 23.41 -35.79 -27.22
C LYS J 98 22.87 -36.58 -28.40
N ARG J 99 21.89 -36.00 -29.08
CA ARG J 99 21.16 -36.72 -30.11
C ARG J 99 22.08 -37.16 -31.24
N GLY J 100 21.93 -38.42 -31.65
CA GLY J 100 22.82 -39.05 -32.59
C GLY J 100 23.65 -40.19 -32.02
N LYS J 101 23.86 -40.22 -30.71
CA LYS J 101 24.77 -41.19 -30.12
C LYS J 101 24.18 -42.59 -30.08
N ILE J 102 24.90 -43.56 -30.61
CA ILE J 102 24.62 -44.97 -30.41
C ILE J 102 25.11 -45.37 -29.01
N MET J 103 24.28 -46.12 -28.27
CA MET J 103 24.53 -46.39 -26.85
C MET J 103 24.75 -47.86 -26.50
N PHE J 104 24.15 -48.80 -27.22
CA PHE J 104 24.43 -50.22 -27.00
C PHE J 104 24.61 -50.87 -28.36
N GLU J 105 25.19 -52.08 -28.33
CA GLU J 105 25.40 -52.89 -29.52
C GLU J 105 25.32 -54.36 -29.16
N ILE J 106 24.69 -55.15 -30.03
CA ILE J 106 24.42 -56.56 -29.81
C ILE J 106 24.84 -57.32 -31.05
N ALA J 107 25.27 -58.56 -30.88
CA ALA J 107 25.59 -59.43 -32.01
C ALA J 107 25.53 -60.89 -31.58
N GLY J 108 25.48 -61.77 -32.58
CA GLY J 108 25.47 -63.19 -32.35
C GLY J 108 24.11 -63.78 -32.13
N VAL J 109 23.09 -63.22 -32.78
CA VAL J 109 21.68 -63.48 -32.44
C VAL J 109 20.86 -62.89 -33.59
N PRO J 110 19.86 -63.61 -34.12
CA PRO J 110 19.11 -63.08 -35.26
C PRO J 110 18.31 -61.82 -34.95
N GLU J 111 17.57 -61.33 -35.94
CA GLU J 111 16.88 -60.05 -35.81
C GLU J 111 15.98 -60.01 -34.59
N GLU J 112 15.02 -60.94 -34.51
CA GLU J 112 13.90 -60.74 -33.60
C GLU J 112 14.35 -60.74 -32.14
N VAL J 113 15.35 -61.56 -31.80
CA VAL J 113 15.84 -61.53 -30.43
C VAL J 113 16.54 -60.22 -30.15
N ALA J 114 17.37 -59.77 -31.09
CA ALA J 114 18.03 -58.49 -30.97
C ALA J 114 17.03 -57.33 -30.93
N ARG J 115 16.00 -57.37 -31.77
CA ARG J 115 15.02 -56.29 -31.77
C ARG J 115 14.19 -56.28 -30.49
N GLU J 116 13.77 -57.44 -29.99
CA GLU J 116 13.05 -57.47 -28.72
C GLU J 116 13.91 -56.97 -27.58
N ALA J 117 15.19 -57.37 -27.54
CA ALA J 117 16.05 -56.93 -26.46
C ALA J 117 16.24 -55.43 -26.48
N LEU J 118 16.43 -54.85 -27.67
CA LEU J 118 16.59 -53.40 -27.73
C LEU J 118 15.29 -52.67 -27.45
N ARG J 119 14.15 -53.32 -27.67
CA ARG J 119 12.86 -52.74 -27.27
C ARG J 119 12.74 -52.72 -25.76
N LEU J 120 13.17 -53.78 -25.10
CA LEU J 120 13.04 -53.82 -23.65
C LEU J 120 14.02 -52.88 -22.95
N ALA J 121 15.18 -52.61 -23.56
CA ALA J 121 16.13 -51.69 -22.96
C ALA J 121 15.65 -50.25 -22.98
N SER J 122 14.86 -49.87 -23.98
CA SER J 122 14.51 -48.46 -24.15
C SER J 122 13.45 -47.98 -23.16
N HIS J 123 12.58 -48.87 -22.69
CA HIS J 123 11.60 -48.46 -21.69
C HIS J 123 12.23 -48.16 -20.33
N LYS J 124 13.52 -48.43 -20.16
CA LYS J 124 14.21 -48.16 -18.90
C LYS J 124 14.93 -46.83 -18.90
N LEU J 125 14.81 -46.05 -19.95
CA LEU J 125 15.65 -44.91 -20.29
C LEU J 125 14.82 -43.65 -20.52
N PRO J 126 15.40 -42.48 -20.28
CA PRO J 126 14.65 -41.22 -20.44
C PRO J 126 14.75 -40.57 -21.82
N VAL J 127 15.11 -41.31 -22.87
CA VAL J 127 15.30 -40.73 -24.20
C VAL J 127 14.43 -41.47 -25.22
N LYS J 128 14.15 -40.80 -26.34
CA LYS J 128 13.62 -41.43 -27.53
C LYS J 128 14.75 -42.06 -28.34
N THR J 129 14.44 -43.17 -29.02
CA THR J 129 15.46 -44.01 -29.62
C THR J 129 15.01 -44.56 -30.97
N LYS J 130 16.01 -44.97 -31.77
CA LYS J 130 15.83 -45.76 -32.97
C LYS J 130 16.69 -47.01 -32.86
N ILE J 131 16.41 -48.01 -33.71
CA ILE J 131 17.24 -49.21 -33.82
C ILE J 131 17.89 -49.22 -35.19
N VAL J 132 19.22 -49.37 -35.23
CA VAL J 132 19.97 -49.27 -36.47
C VAL J 132 20.87 -50.49 -36.67
N LYS J 133 21.12 -50.84 -37.92
CA LYS J 133 22.11 -51.85 -38.30
C LYS J 133 23.28 -51.22 -39.03
N ARG J 134 24.34 -52.01 -39.20
CA ARG J 134 25.47 -51.64 -40.04
C ARG J 134 25.04 -51.60 -41.49
N GLU J 135 25.19 -50.44 -42.15
CA GLU J 135 24.53 -50.28 -43.45
C GLU J 135 25.40 -50.59 -44.66
N GLU J 136 26.43 -49.77 -44.93
CA GLU J 136 27.16 -49.95 -46.18
C GLU J 136 28.49 -49.19 -46.20
N MET J 137 29.60 -49.92 -46.22
CA MET J 137 30.93 -49.33 -46.43
C MET J 137 31.73 -50.29 -47.30
N GLY J 138 33.04 -50.05 -47.38
CA GLY J 138 33.91 -50.94 -48.12
C GLY J 138 33.81 -52.38 -47.66
N GLY J 139 33.64 -52.59 -46.35
CA GLY J 139 33.43 -53.93 -45.84
C GLY J 139 32.61 -53.99 -44.58
N GLU J 140 31.49 -54.71 -44.62
CA GLU J 140 30.63 -54.94 -43.47
C GLU J 140 30.24 -56.41 -43.39
N SER J 141 31.22 -57.30 -43.60
CA SER J 141 30.98 -58.74 -43.64
C SER J 141 29.90 -59.09 -44.65
N TYR K 1 -54.93 -7.28 30.66
CA TYR K 1 -55.63 -6.34 31.52
C TYR K 1 -54.78 -5.17 31.96
N ARG K 2 -53.79 -4.78 31.14
CA ARG K 2 -53.11 -3.50 31.32
C ARG K 2 -52.34 -3.38 32.63
N LYS K 3 -51.18 -4.02 32.66
CA LYS K 3 -50.10 -3.44 33.43
C LYS K 3 -50.07 -1.94 33.19
N LEU K 4 -49.82 -1.15 34.22
CA LEU K 4 -49.83 0.30 34.01
C LEU K 4 -48.52 0.95 34.43
N GLY K 5 -47.41 0.34 34.05
CA GLY K 5 -46.08 0.79 34.42
C GLY K 5 -45.63 0.43 35.81
N ARG K 6 -46.38 -0.41 36.53
CA ARG K 6 -46.16 -0.67 37.95
C ARG K 6 -45.99 -2.16 38.18
N THR K 7 -45.51 -2.52 39.36
CA THR K 7 -45.48 -3.92 39.75
C THR K 7 -46.90 -4.34 40.16
N SER K 8 -47.04 -5.52 40.74
CA SER K 8 -48.35 -6.10 40.96
C SER K 8 -49.07 -5.49 42.16
N SER K 9 -48.33 -5.09 43.19
CA SER K 9 -48.96 -4.49 44.36
C SER K 9 -49.13 -2.98 44.24
N GLN K 10 -48.33 -2.32 43.40
CA GLN K 10 -48.49 -0.89 43.20
C GLN K 10 -49.64 -0.57 42.26
N ARG K 11 -49.87 -1.43 41.26
CA ARG K 11 -51.08 -1.32 40.44
C ARG K 11 -52.33 -1.43 41.29
N LYS K 12 -52.35 -2.38 42.21
CA LYS K 12 -53.49 -2.56 43.09
C LYS K 12 -53.69 -1.36 44.02
N ALA K 13 -52.61 -0.85 44.62
CA ALA K 13 -52.72 0.37 45.42
C ALA K 13 -53.31 1.51 44.59
N MET K 14 -52.80 1.72 43.37
CA MET K 14 -53.20 2.87 42.59
C MET K 14 -54.66 2.79 42.19
N LEU K 15 -55.12 1.59 41.80
CA LEU K 15 -56.53 1.43 41.47
C LEU K 15 -57.42 1.61 42.70
N ARG K 16 -57.02 1.06 43.84
CA ARG K 16 -57.81 1.22 45.05
C ARG K 16 -57.94 2.70 45.43
N ASP K 17 -56.94 3.52 45.09
CA ASP K 17 -57.04 4.93 45.41
C ASP K 17 -57.91 5.70 44.41
N ILE K 18 -57.71 5.45 43.12
CA ILE K 18 -58.48 6.16 42.11
C ILE K 18 -59.96 5.78 42.10
N THR K 19 -60.34 4.60 42.59
CA THR K 19 -61.78 4.35 42.65
C THR K 19 -62.43 4.86 43.92
N THR K 20 -61.67 5.09 44.99
CA THR K 20 -62.24 5.72 46.17
C THR K 20 -62.41 7.22 45.98
N ASP K 21 -61.44 7.89 45.37
CA ASP K 21 -61.81 9.07 44.61
C ASP K 21 -62.82 8.62 43.54
N LEU K 22 -63.69 9.53 43.13
CA LEU K 22 -64.81 9.30 42.22
C LEU K 22 -65.99 8.65 42.91
N ILE K 23 -65.76 7.92 43.98
CA ILE K 23 -66.86 7.65 44.89
C ILE K 23 -67.09 8.88 45.75
N ILE K 24 -66.00 9.51 46.17
CA ILE K 24 -66.13 10.68 47.01
C ILE K 24 -66.40 11.93 46.18
N ASN K 25 -65.87 12.02 44.97
CA ASN K 25 -65.96 13.24 44.18
C ASN K 25 -66.90 13.17 42.97
N GLU K 26 -67.13 11.98 42.40
CA GLU K 26 -68.06 11.75 41.30
C GLU K 26 -67.62 12.31 39.96
N ARG K 27 -66.43 12.91 39.87
CA ARG K 27 -65.92 13.44 38.62
C ARG K 27 -64.43 13.71 38.79
N ILE K 28 -63.61 13.25 37.85
CA ILE K 28 -62.16 13.24 38.06
C ILE K 28 -61.46 13.39 36.72
N VAL K 29 -60.24 13.95 36.75
CA VAL K 29 -59.38 14.08 35.58
C VAL K 29 -58.20 13.12 35.72
N THR K 30 -57.99 12.29 34.70
CA THR K 30 -56.92 11.29 34.70
C THR K 30 -56.50 11.02 33.27
N THR K 31 -55.47 10.19 33.12
CA THR K 31 -55.01 9.79 31.81
C THR K 31 -55.99 8.76 31.24
N GLU K 32 -55.72 8.29 30.02
CA GLU K 32 -56.69 7.49 29.29
C GLU K 32 -56.61 6.00 29.55
N ALA K 33 -55.45 5.45 29.90
CA ALA K 33 -55.36 4.03 30.25
C ALA K 33 -55.96 3.77 31.63
N ARG K 34 -55.60 4.62 32.60
CA ARG K 34 -56.11 4.48 33.95
C ARG K 34 -57.63 4.57 33.98
N ALA K 35 -58.20 5.44 33.16
CA ALA K 35 -59.65 5.65 33.17
C ALA K 35 -60.40 4.42 32.72
N LYS K 36 -59.86 3.69 31.75
CA LYS K 36 -60.53 2.47 31.30
C LYS K 36 -60.47 1.39 32.38
N GLU K 37 -59.27 1.14 32.89
CA GLU K 37 -59.18 0.14 33.96
C GLU K 37 -60.10 0.50 35.13
N VAL K 38 -60.26 1.79 35.39
CA VAL K 38 -61.05 2.21 36.54
C VAL K 38 -62.54 2.11 36.26
N ARG K 39 -63.00 2.36 35.04
CA ARG K 39 -64.41 2.13 34.76
C ARG K 39 -64.78 0.70 35.15
N SER K 40 -63.91 -0.25 34.83
CA SER K 40 -64.22 -1.63 35.18
C SER K 40 -64.31 -1.83 36.70
N THR K 41 -63.31 -1.33 37.45
CA THR K 41 -63.31 -1.54 38.90
C THR K 41 -64.48 -0.86 39.61
N VAL K 42 -64.82 0.37 39.21
CA VAL K 42 -65.85 1.10 39.94
C VAL K 42 -67.21 0.47 39.72
N GLU K 43 -67.49 0.01 38.50
CA GLU K 43 -68.81 -0.57 38.34
C GLU K 43 -68.91 -1.90 39.06
N LYS K 44 -67.81 -2.65 39.17
CA LYS K 44 -67.84 -3.81 40.06
C LYS K 44 -68.13 -3.44 41.51
N MET K 45 -67.73 -2.25 41.97
CA MET K 45 -68.13 -1.86 43.34
C MET K 45 -69.62 -1.51 43.42
N ILE K 46 -70.16 -0.87 42.39
CA ILE K 46 -71.55 -0.45 42.45
C ILE K 46 -72.49 -1.66 42.42
N THR K 47 -72.14 -2.71 41.69
CA THR K 47 -73.07 -3.84 41.77
C THR K 47 -72.97 -4.64 43.06
N LEU K 48 -72.01 -4.36 43.93
CA LEU K 48 -72.09 -4.86 45.30
C LEU K 48 -72.88 -3.92 46.19
N GLY K 49 -72.76 -2.62 45.96
CA GLY K 49 -73.58 -1.66 46.68
C GLY K 49 -75.07 -1.82 46.41
N LYS K 50 -75.44 -2.34 45.24
CA LYS K 50 -76.84 -2.64 44.96
C LYS K 50 -77.28 -3.98 45.54
N ARG K 51 -76.37 -4.90 45.82
CA ARG K 51 -76.76 -6.19 46.38
C ARG K 51 -77.31 -6.03 47.79
N GLY K 52 -76.55 -5.40 48.69
CA GLY K 52 -77.08 -4.79 49.89
C GLY K 52 -76.72 -5.46 51.20
N ASP K 53 -76.44 -6.77 51.19
CA ASP K 53 -76.35 -7.57 52.41
C ASP K 53 -75.00 -7.42 53.09
N LEU K 54 -74.82 -8.14 54.20
CA LEU K 54 -73.59 -8.07 55.00
C LEU K 54 -72.41 -8.69 54.25
N HIS K 55 -72.64 -9.79 53.55
CA HIS K 55 -71.56 -10.44 52.82
C HIS K 55 -71.01 -9.55 51.72
N ALA K 56 -71.90 -8.81 51.05
CA ALA K 56 -71.50 -7.85 50.02
C ALA K 56 -70.73 -6.67 50.61
N ARG K 57 -71.13 -6.22 51.80
CA ARG K 57 -70.44 -5.13 52.47
C ARG K 57 -69.01 -5.50 52.80
N ARG K 58 -68.80 -6.67 53.40
CA ARG K 58 -67.46 -7.13 53.71
C ARG K 58 -66.67 -7.50 52.47
N GLN K 59 -67.32 -7.84 51.36
CA GLN K 59 -66.60 -7.99 50.12
C GLN K 59 -66.08 -6.66 49.60
N ALA K 60 -66.90 -5.62 49.68
CA ALA K 60 -66.45 -4.32 49.20
C ALA K 60 -65.37 -3.74 50.10
N ALA K 61 -65.45 -4.00 51.41
CA ALA K 61 -64.50 -3.42 52.34
C ALA K 61 -63.09 -3.96 52.17
N THR K 62 -62.87 -4.93 51.29
CA THR K 62 -61.51 -5.31 50.95
C THR K 62 -60.93 -4.41 49.89
N PHE K 63 -61.72 -3.49 49.31
CA PHE K 63 -61.27 -2.73 48.15
C PHE K 63 -61.47 -1.22 48.28
N VAL K 64 -62.40 -0.79 49.08
CA VAL K 64 -62.64 0.65 49.26
C VAL K 64 -61.75 1.15 50.38
N ARG K 65 -61.17 2.33 50.20
CA ARG K 65 -60.28 2.85 51.22
C ARG K 65 -61.05 3.34 52.43
N ASN K 66 -60.40 3.27 53.57
CA ASN K 66 -61.08 3.36 54.85
C ASN K 66 -61.06 4.77 55.41
N GLU K 67 -59.89 5.25 55.82
CA GLU K 67 -59.89 6.44 56.65
C GLU K 67 -60.12 7.66 55.79
N VAL K 68 -61.10 7.58 54.88
CA VAL K 68 -61.47 8.70 54.06
C VAL K 68 -62.93 9.02 54.33
N ALA K 69 -63.24 10.31 54.39
CA ALA K 69 -64.57 10.82 54.63
C ALA K 69 -65.18 11.28 53.31
N SER K 70 -66.49 11.38 53.31
CA SER K 70 -67.21 12.08 52.25
C SER K 70 -68.46 12.68 52.90
N VAL K 71 -68.37 13.95 53.28
CA VAL K 71 -69.40 14.62 54.07
C VAL K 71 -69.92 15.82 53.31
N ARG K 72 -71.23 15.79 53.00
CA ARG K 72 -72.08 16.98 52.88
C ARG K 72 -73.31 16.66 53.73
N GLU K 73 -73.20 16.85 55.05
CA GLU K 73 -74.25 16.40 55.97
C GLU K 73 -74.07 16.96 57.37
N GLU K 74 -75.10 17.61 57.90
CA GLU K 74 -75.13 18.05 59.29
C GLU K 74 -76.56 18.42 59.66
N ASP K 75 -77.14 17.66 60.58
CA ASP K 75 -78.47 17.99 61.12
C ASP K 75 -78.27 18.90 62.32
N GLU K 76 -77.68 18.35 63.39
CA GLU K 76 -76.93 19.16 64.35
C GLU K 76 -75.96 18.20 65.05
N SER K 77 -74.74 18.12 64.52
CA SER K 77 -73.67 17.30 65.06
C SER K 77 -72.44 17.46 64.19
N ILE K 78 -71.38 16.73 64.49
CA ILE K 78 -70.40 16.42 63.47
C ILE K 78 -70.62 14.95 63.09
N VAL K 79 -71.52 14.70 62.13
CA VAL K 79 -71.86 13.35 61.71
C VAL K 79 -71.20 13.08 60.36
N VAL K 80 -70.29 12.11 60.34
CA VAL K 80 -69.45 11.83 59.19
C VAL K 80 -69.98 10.60 58.46
N GLU K 81 -69.95 10.64 57.14
CA GLU K 81 -70.20 9.49 56.29
C GLU K 81 -68.86 8.98 55.76
N SER K 82 -68.77 7.69 55.47
CA SER K 82 -67.47 7.03 55.45
C SER K 82 -66.98 6.56 54.08
N ALA K 83 -67.67 6.89 52.99
CA ALA K 83 -67.27 6.54 51.63
C ALA K 83 -67.46 5.07 51.28
N LEU K 84 -67.67 4.21 52.27
CA LEU K 84 -68.32 2.93 52.09
C LEU K 84 -69.79 3.03 52.49
N GLN K 85 -70.05 3.83 53.52
CA GLN K 85 -71.42 4.17 53.87
C GLN K 85 -72.11 4.93 52.75
N LYS K 86 -71.38 5.76 52.03
CA LYS K 86 -71.99 6.41 50.88
C LYS K 86 -72.29 5.41 49.77
N LEU K 87 -71.37 4.49 49.51
CA LEU K 87 -71.63 3.45 48.53
C LEU K 87 -72.92 2.71 48.83
N PHE K 88 -73.17 2.43 50.11
CA PHE K 88 -74.32 1.60 50.41
C PHE K 88 -75.60 2.38 50.70
N ASN K 89 -75.53 3.65 51.08
CA ASN K 89 -76.75 4.41 51.33
C ASN K 89 -77.17 5.28 50.16
N ASP K 90 -76.24 5.67 49.28
CA ASP K 90 -76.51 6.69 48.28
C ASP K 90 -76.38 6.17 46.85
N LEU K 91 -75.25 5.58 46.49
CA LEU K 91 -74.99 5.29 45.09
C LEU K 91 -75.71 4.05 44.59
N GLY K 92 -75.88 3.04 45.43
CA GLY K 92 -76.67 1.88 45.05
C GLY K 92 -78.12 2.21 44.79
N PRO K 93 -78.80 2.86 45.75
CA PRO K 93 -80.19 3.27 45.51
C PRO K 93 -80.37 4.21 44.34
N ARG K 94 -79.35 4.98 43.99
CA ARG K 94 -79.42 5.84 42.81
C ARG K 94 -79.57 5.01 41.55
N PHE K 95 -78.72 4.02 41.35
CA PHE K 95 -78.73 3.20 40.16
C PHE K 95 -79.54 1.94 40.33
N ALA K 96 -80.45 1.90 41.29
CA ALA K 96 -81.41 0.82 41.42
C ALA K 96 -81.88 0.22 40.09
N GLU K 97 -82.50 1.03 39.25
CA GLU K 97 -83.22 0.52 38.08
C GLU K 97 -82.43 0.60 36.79
N ARG K 98 -81.19 1.06 36.83
CA ARG K 98 -80.31 0.98 35.67
C ARG K 98 -79.54 -0.32 35.72
N GLN K 99 -79.36 -0.95 34.56
CA GLN K 99 -78.51 -2.11 34.40
C GLN K 99 -77.07 -1.62 34.38
N GLY K 100 -76.13 -2.37 33.83
CA GLY K 100 -74.76 -1.85 33.85
C GLY K 100 -74.56 -0.47 33.25
N GLY K 101 -73.32 -0.01 33.19
CA GLY K 101 -73.01 1.25 32.55
C GLY K 101 -73.28 2.48 33.38
N TYR K 102 -72.64 2.59 34.53
CA TYR K 102 -72.88 3.68 35.46
C TYR K 102 -71.91 4.83 35.32
N THR K 103 -71.04 4.83 34.30
CA THR K 103 -70.03 5.86 34.12
C THR K 103 -69.95 6.23 32.64
N ARG K 104 -69.10 7.19 32.32
CA ARG K 104 -68.89 7.64 30.94
C ARG K 104 -67.61 8.46 30.89
N ILE K 105 -66.91 8.38 29.77
CA ILE K 105 -65.61 9.03 29.62
C ILE K 105 -65.67 10.04 28.49
N LEU K 106 -65.06 11.21 28.72
CA LEU K 106 -64.90 12.24 27.70
C LEU K 106 -63.43 12.61 27.58
N LYS K 107 -63.02 12.97 26.37
CA LYS K 107 -61.62 13.26 26.07
C LYS K 107 -61.40 14.76 25.95
N THR K 108 -60.33 15.26 26.57
CA THR K 108 -60.08 16.70 26.53
C THR K 108 -58.78 17.10 25.85
N GLU K 109 -57.63 16.69 26.35
CA GLU K 109 -56.43 17.46 26.02
C GLU K 109 -55.15 16.83 26.53
N PRO K 110 -54.01 17.06 25.88
CA PRO K 110 -52.76 16.54 26.42
C PRO K 110 -52.10 17.47 27.43
N ARG K 111 -51.63 16.87 28.51
CA ARG K 111 -50.95 17.54 29.59
C ARG K 111 -49.68 18.24 29.10
N ARG K 112 -49.35 19.37 29.73
CA ARG K 112 -48.30 20.25 29.20
C ARG K 112 -46.92 19.62 29.35
N GLY K 113 -46.63 19.04 30.51
CA GLY K 113 -45.30 18.53 30.75
C GLY K 113 -44.99 17.20 30.13
N ASP K 114 -45.96 16.58 29.52
CA ASP K 114 -46.01 15.17 29.17
C ASP K 114 -46.44 14.89 27.75
N ALA K 115 -47.45 15.62 27.26
CA ALA K 115 -48.28 15.20 26.15
C ALA K 115 -49.10 13.94 26.46
N ALA K 116 -49.35 13.68 27.73
CA ALA K 116 -50.23 12.57 28.11
C ALA K 116 -51.68 12.92 27.80
N PRO K 117 -52.41 12.12 27.03
CA PRO K 117 -53.82 12.43 26.77
C PRO K 117 -54.69 12.28 28.01
N MET K 118 -55.44 13.33 28.33
CA MET K 118 -56.24 13.38 29.54
C MET K 118 -57.72 13.18 29.22
N VAL K 119 -58.51 13.02 30.28
CA VAL K 119 -59.82 12.42 30.18
C VAL K 119 -60.59 12.75 31.45
N VAL K 120 -61.91 12.89 31.35
CA VAL K 120 -62.80 13.08 32.49
C VAL K 120 -63.72 11.88 32.57
N ILE K 121 -63.81 11.25 33.74
CA ILE K 121 -64.69 10.11 33.95
C ILE K 121 -65.67 10.45 35.07
N GLU K 122 -66.96 10.40 34.75
CA GLU K 122 -68.02 10.83 35.66
C GLU K 122 -69.08 9.74 35.74
N PHE K 123 -70.13 9.97 36.52
CA PHE K 123 -71.05 8.88 36.84
C PHE K 123 -72.23 8.79 35.88
N VAL K 124 -73.15 9.73 35.90
CA VAL K 124 -74.48 9.36 35.41
C VAL K 124 -74.52 8.96 33.94
N ILE L 1 81.65 -49.35 -29.46
CA ILE L 1 81.73 -47.94 -29.08
C ILE L 1 81.56 -47.07 -30.31
N THR L 2 81.25 -45.79 -30.10
CA THR L 2 81.17 -44.83 -31.19
C THR L 2 81.85 -43.54 -30.74
N LYS L 3 83.08 -43.36 -31.16
CA LYS L 3 83.73 -42.06 -31.00
C LYS L 3 82.98 -41.04 -31.84
N PRO L 4 82.60 -39.91 -31.28
CA PRO L 4 82.09 -38.82 -32.12
C PRO L 4 83.21 -38.05 -32.79
N ASP L 5 82.86 -37.45 -33.93
CA ASP L 5 83.76 -36.53 -34.57
C ASP L 5 83.94 -35.28 -33.71
N LYS L 6 85.14 -34.72 -33.75
CA LYS L 6 85.39 -33.52 -32.98
C LYS L 6 84.74 -32.30 -33.63
N ASN L 7 84.59 -32.31 -34.95
CA ASN L 7 84.11 -31.11 -35.63
C ASN L 7 82.69 -30.77 -35.22
N LYS L 8 81.86 -31.78 -34.95
CA LYS L 8 80.51 -31.48 -34.48
C LYS L 8 80.51 -31.01 -33.03
N THR L 9 81.38 -31.59 -32.19
CA THR L 9 81.45 -31.12 -30.81
C THR L 9 81.92 -29.69 -30.73
N ARG L 10 82.69 -29.21 -31.71
CA ARG L 10 83.10 -27.82 -31.67
C ARG L 10 82.16 -26.90 -32.43
N GLN L 11 81.38 -27.43 -33.37
CA GLN L 11 80.26 -26.64 -33.87
C GLN L 11 79.27 -26.34 -32.75
N LYS L 12 79.06 -27.31 -31.85
CA LYS L 12 78.13 -27.09 -30.74
C LYS L 12 78.62 -26.01 -29.77
N ARG L 13 79.93 -25.77 -29.69
CA ARG L 13 80.42 -24.66 -28.86
C ARG L 13 80.54 -23.37 -29.65
N HIS L 14 80.78 -23.49 -30.95
CA HIS L 14 80.88 -22.33 -31.82
C HIS L 14 79.56 -21.60 -31.90
N ARG L 15 78.44 -22.33 -31.96
CA ARG L 15 77.14 -21.66 -32.02
C ARG L 15 76.82 -20.88 -30.75
N ARG L 16 77.46 -21.21 -29.63
CA ARG L 16 77.26 -20.44 -28.42
C ARG L 16 78.25 -19.30 -28.28
N VAL L 17 79.41 -19.39 -28.91
CA VAL L 17 80.26 -18.21 -28.99
C VAL L 17 79.58 -17.11 -29.79
N ARG L 18 78.89 -17.49 -30.86
CA ARG L 18 78.35 -16.56 -31.83
C ARG L 18 77.07 -15.89 -31.38
N ASN L 19 76.45 -16.33 -30.28
CA ASN L 19 75.31 -15.61 -29.75
C ASN L 19 75.70 -14.23 -29.25
N LYS L 20 76.97 -14.00 -28.97
CA LYS L 20 77.51 -12.69 -28.61
C LYS L 20 78.32 -12.06 -29.73
N ILE L 21 79.36 -12.73 -30.22
CA ILE L 21 80.21 -12.17 -31.27
C ILE L 21 79.44 -12.10 -32.57
N SER L 22 79.57 -10.96 -33.28
CA SER L 22 79.06 -10.80 -34.62
C SER L 22 79.80 -9.65 -35.27
N GLY L 23 79.84 -9.66 -36.60
CA GLY L 23 80.64 -8.69 -37.30
C GLY L 23 79.94 -7.78 -38.27
N THR L 24 80.13 -6.47 -38.14
CA THR L 24 79.66 -5.47 -39.08
C THR L 24 80.83 -5.04 -39.95
N ALA L 25 80.61 -4.01 -40.78
CA ALA L 25 81.65 -3.54 -41.68
C ALA L 25 82.59 -2.53 -41.06
N GLU L 26 82.23 -1.92 -39.92
CA GLU L 26 83.17 -1.17 -39.12
C GLU L 26 84.03 -2.09 -38.25
N CYS L 27 83.50 -3.26 -37.90
CA CYS L 27 84.08 -4.12 -36.88
C CYS L 27 83.97 -5.56 -37.32
N PRO L 28 84.69 -5.94 -38.37
CA PRO L 28 84.48 -7.26 -38.98
C PRO L 28 84.92 -8.36 -38.04
N ARG L 29 84.58 -9.59 -38.42
CA ARG L 29 84.72 -10.74 -37.55
C ARG L 29 85.92 -11.57 -37.98
N LEU L 30 86.94 -11.64 -37.13
CA LEU L 30 88.13 -12.45 -37.42
C LEU L 30 87.87 -13.87 -36.95
N ASN L 31 87.56 -14.76 -37.89
CA ASN L 31 87.28 -16.16 -37.63
C ASN L 31 88.55 -16.99 -37.72
N ILE L 32 88.45 -18.27 -37.42
CA ILE L 32 89.58 -19.19 -37.44
C ILE L 32 89.08 -20.59 -37.71
N PHE L 33 89.76 -21.30 -38.60
CA PHE L 33 89.62 -22.73 -38.76
C PHE L 33 90.93 -23.40 -38.39
N ARG L 34 90.85 -24.52 -37.69
CA ARG L 34 92.04 -25.27 -37.28
C ARG L 34 91.86 -26.74 -37.63
N SER L 35 92.55 -27.21 -38.65
CA SER L 35 92.48 -28.60 -39.05
C SER L 35 93.73 -29.35 -38.58
N ASN L 36 93.81 -30.62 -38.97
CA ASN L 36 94.85 -31.51 -38.47
C ASN L 36 96.24 -31.15 -38.95
N LYS L 37 96.36 -30.37 -40.04
CA LYS L 37 97.67 -29.97 -40.52
C LYS L 37 97.76 -28.50 -40.89
N ASN L 38 96.73 -27.69 -40.63
CA ASN L 38 96.78 -26.29 -41.03
C ASN L 38 95.96 -25.47 -40.05
N ILE L 39 95.98 -24.15 -40.26
CA ILE L 39 95.01 -23.23 -39.67
C ILE L 39 94.73 -22.13 -40.68
N TYR L 40 93.46 -21.75 -40.81
CA TYR L 40 93.05 -20.73 -41.77
C TYR L 40 92.52 -19.51 -41.02
N ALA L 41 92.19 -18.45 -41.77
CA ALA L 41 91.66 -17.23 -41.17
C ALA L 41 90.97 -16.37 -42.20
N GLN L 42 89.75 -15.95 -41.91
CA GLN L 42 88.98 -15.02 -42.74
C GLN L 42 88.53 -13.82 -41.91
N VAL L 43 88.29 -12.70 -42.60
CA VAL L 43 87.80 -11.47 -41.97
C VAL L 43 86.43 -11.15 -42.56
N ILE L 44 85.38 -11.37 -41.77
CA ILE L 44 84.02 -11.52 -42.28
C ILE L 44 83.13 -10.41 -41.74
N ASP L 45 82.37 -9.80 -42.62
CA ASP L 45 81.25 -8.96 -42.22
C ASP L 45 79.96 -9.71 -42.49
N ASP L 46 78.93 -9.42 -41.69
CA ASP L 46 77.77 -10.30 -41.67
C ASP L 46 76.48 -9.66 -42.18
N VAL L 47 76.36 -8.34 -42.16
CA VAL L 47 75.16 -7.73 -42.70
C VAL L 47 75.08 -7.97 -44.20
N ALA L 48 76.22 -7.95 -44.87
CA ALA L 48 76.28 -8.25 -46.29
C ALA L 48 76.58 -9.71 -46.55
N GLY L 49 77.30 -10.37 -45.65
CA GLY L 49 77.53 -11.80 -45.75
C GLY L 49 78.70 -12.14 -46.64
N VAL L 50 79.87 -11.54 -46.38
CA VAL L 50 81.00 -11.60 -47.30
C VAL L 50 82.31 -11.61 -46.54
N THR L 51 83.40 -11.84 -47.28
CA THR L 51 84.76 -11.90 -46.76
C THR L 51 85.55 -10.70 -47.27
N LEU L 52 86.33 -10.08 -46.40
CA LEU L 52 87.07 -8.89 -46.77
C LEU L 52 88.55 -9.14 -47.01
N ALA L 53 89.11 -10.18 -46.40
CA ALA L 53 90.53 -10.55 -46.54
C ALA L 53 90.66 -11.98 -46.04
N SER L 54 91.87 -12.54 -46.18
CA SER L 54 92.11 -13.91 -45.75
C SER L 54 93.62 -14.21 -45.80
N ALA L 55 93.98 -15.36 -45.25
CA ALA L 55 95.34 -15.89 -45.26
C ALA L 55 95.27 -17.32 -44.74
N SER L 56 96.07 -18.20 -45.33
CA SER L 56 95.94 -19.63 -45.10
C SER L 56 97.30 -20.21 -44.73
N ALA L 57 97.26 -21.31 -43.98
CA ALA L 57 98.45 -21.79 -43.28
C ALA L 57 99.55 -22.19 -44.24
N LEU L 58 99.34 -23.31 -44.93
CA LEU L 58 100.35 -23.82 -45.83
C LEU L 58 99.87 -23.79 -47.26
N ASP L 59 98.91 -22.93 -47.59
CA ASP L 59 98.51 -22.80 -48.98
C ASP L 59 99.50 -21.95 -49.76
N LYS L 60 99.68 -20.69 -49.39
CA LYS L 60 100.42 -19.82 -50.30
C LYS L 60 101.93 -19.85 -50.16
N GLU L 61 102.47 -19.15 -49.16
CA GLU L 61 103.91 -19.15 -48.93
C GLU L 61 104.14 -18.67 -47.49
N ILE L 62 104.29 -19.63 -46.59
CA ILE L 62 104.46 -19.36 -45.17
C ILE L 62 105.75 -19.94 -44.64
N SER L 63 106.13 -21.13 -45.12
CA SER L 63 106.94 -22.09 -44.39
C SER L 63 108.32 -21.59 -43.98
N GLY L 64 109.00 -22.40 -43.18
CA GLY L 64 110.17 -21.99 -42.44
C GLY L 64 110.08 -22.55 -41.03
N GLY L 65 109.11 -23.45 -40.86
CA GLY L 65 108.91 -24.16 -39.62
C GLY L 65 107.66 -25.02 -39.70
N THR L 66 107.61 -26.10 -38.92
CA THR L 66 106.37 -26.84 -38.81
C THR L 66 106.08 -27.23 -37.37
N LYS L 67 106.40 -26.36 -36.42
CA LYS L 67 105.79 -26.40 -35.11
C LYS L 67 104.62 -25.39 -35.12
N THR L 68 104.15 -24.96 -33.93
CA THR L 68 103.15 -23.90 -33.82
C THR L 68 103.52 -22.66 -34.63
N GLU L 69 104.80 -22.50 -34.97
CA GLU L 69 105.32 -21.37 -35.73
C GLU L 69 104.60 -21.13 -37.06
N THR L 70 103.91 -22.13 -37.61
CA THR L 70 103.17 -21.88 -38.84
C THR L 70 102.04 -20.89 -38.62
N ALA L 71 101.49 -20.85 -37.39
CA ALA L 71 100.33 -20.02 -37.11
C ALA L 71 100.67 -18.55 -37.05
N ALA L 72 101.76 -18.19 -36.36
CA ALA L 72 102.11 -16.79 -36.19
C ALA L 72 102.28 -16.10 -37.54
N ALA L 73 102.84 -16.81 -38.52
CA ALA L 73 102.95 -16.27 -39.87
C ALA L 73 101.59 -15.93 -40.46
N VAL L 74 100.61 -16.82 -40.28
CA VAL L 74 99.28 -16.54 -40.78
C VAL L 74 98.67 -15.32 -40.10
N GLY L 75 98.85 -15.21 -38.79
CA GLY L 75 98.38 -14.01 -38.09
C GLY L 75 98.97 -12.74 -38.67
N LYS L 76 100.29 -12.74 -38.86
CA LYS L 76 100.96 -11.57 -39.43
C LYS L 76 100.45 -11.28 -40.84
N LEU L 77 100.17 -12.33 -41.62
CA LEU L 77 99.68 -12.13 -42.99
C LEU L 77 98.31 -11.47 -43.02
N VAL L 78 97.37 -11.98 -42.21
CA VAL L 78 96.05 -11.34 -42.25
C VAL L 78 96.13 -9.94 -41.70
N ALA L 79 97.01 -9.69 -40.73
CA ALA L 79 97.18 -8.33 -40.22
C ALA L 79 97.59 -7.38 -41.36
N GLU L 80 98.67 -7.72 -42.07
CA GLU L 80 99.11 -6.86 -43.17
C GLU L 80 98.02 -6.71 -44.23
N ARG L 81 97.46 -7.83 -44.69
CA ARG L 81 96.49 -7.81 -45.78
C ARG L 81 95.23 -7.04 -45.43
N ALA L 82 94.75 -7.13 -44.19
CA ALA L 82 93.57 -6.38 -43.81
C ALA L 82 93.87 -4.90 -43.60
N ALA L 83 95.03 -4.57 -43.06
CA ALA L 83 95.45 -3.17 -43.07
C ALA L 83 95.56 -2.61 -44.48
N GLU L 84 95.72 -3.47 -45.48
CA GLU L 84 95.69 -2.99 -46.86
C GLU L 84 94.30 -2.53 -47.29
N LYS L 85 93.24 -3.09 -46.69
CA LYS L 85 91.87 -2.76 -47.04
C LYS L 85 91.24 -1.77 -46.06
N GLY L 86 92.04 -1.06 -45.29
CA GLY L 86 91.52 -0.10 -44.33
C GLY L 86 90.74 -0.73 -43.21
N ILE L 87 91.39 -1.63 -42.47
CA ILE L 87 90.74 -2.42 -41.43
C ILE L 87 91.63 -2.42 -40.19
N LYS L 88 91.08 -1.96 -39.06
CA LYS L 88 91.86 -1.98 -37.83
C LYS L 88 91.11 -2.49 -36.60
N LYS L 89 89.81 -2.73 -36.69
CA LYS L 89 88.95 -2.87 -35.53
C LYS L 89 88.15 -4.17 -35.56
N VAL L 90 88.82 -5.31 -35.58
CA VAL L 90 88.14 -6.59 -35.68
C VAL L 90 87.78 -7.14 -34.30
N VAL L 91 86.86 -8.12 -34.29
CA VAL L 91 86.45 -8.88 -33.13
C VAL L 91 86.81 -10.34 -33.36
N PHE L 92 87.29 -11.03 -32.33
CA PHE L 92 87.91 -12.34 -32.50
C PHE L 92 86.97 -13.48 -32.08
N ASP L 93 86.60 -14.30 -33.06
CA ASP L 93 85.83 -15.52 -32.83
C ASP L 93 86.79 -16.72 -32.79
N ARG L 94 86.89 -17.36 -31.62
CA ARG L 94 87.81 -18.47 -31.41
C ARG L 94 87.47 -19.70 -32.24
N GLY L 95 86.35 -19.73 -32.93
CA GLY L 95 85.79 -20.99 -33.34
C GLY L 95 85.12 -21.59 -32.14
N GLY L 96 85.46 -22.83 -31.81
CA GLY L 96 84.97 -23.36 -30.56
C GLY L 96 86.11 -23.80 -29.68
N TYR L 97 87.33 -23.45 -30.10
CA TYR L 97 88.54 -23.93 -29.46
C TYR L 97 88.80 -23.13 -28.18
N LEU L 98 89.91 -23.40 -27.51
CA LEU L 98 90.34 -22.58 -26.39
C LEU L 98 91.25 -21.48 -26.89
N TYR L 99 91.22 -20.34 -26.21
CA TYR L 99 92.20 -19.29 -26.52
C TYR L 99 93.55 -19.66 -25.90
N HIS L 100 94.14 -20.75 -26.40
CA HIS L 100 95.28 -21.20 -25.61
C HIS L 100 96.53 -21.55 -26.39
N GLY L 101 96.41 -22.22 -27.53
CA GLY L 101 97.57 -22.91 -28.05
C GLY L 101 98.19 -22.30 -29.28
N ARG L 102 97.88 -22.84 -30.46
CA ARG L 102 98.26 -22.22 -31.71
C ARG L 102 97.17 -21.32 -32.29
N VAL L 103 96.01 -21.20 -31.63
CA VAL L 103 95.08 -20.13 -31.95
C VAL L 103 95.52 -18.83 -31.26
N GLN L 104 96.07 -18.95 -30.04
CA GLN L 104 96.63 -17.79 -29.37
C GLN L 104 97.81 -17.21 -30.14
N ALA L 105 98.59 -18.05 -30.82
CA ALA L 105 99.71 -17.57 -31.64
C ALA L 105 99.24 -16.69 -32.78
N LEU L 106 98.24 -17.17 -33.55
CA LEU L 106 97.67 -16.38 -34.63
C LEU L 106 97.10 -15.07 -34.10
N ALA L 107 96.37 -15.13 -32.99
CA ALA L 107 95.76 -13.92 -32.45
C ALA L 107 96.81 -12.90 -32.04
N GLU L 108 97.84 -13.35 -31.32
CA GLU L 108 98.90 -12.44 -30.90
C GLU L 108 99.58 -11.79 -32.09
N ALA L 109 99.96 -12.59 -33.10
CA ALA L 109 100.56 -11.99 -34.29
C ALA L 109 99.62 -10.99 -34.94
N ALA L 110 98.30 -11.20 -34.86
CA ALA L 110 97.37 -10.20 -35.36
C ALA L 110 97.51 -8.91 -34.59
N ARG L 111 97.70 -8.99 -33.28
CA ARG L 111 97.73 -7.77 -32.47
C ARG L 111 99.03 -6.99 -32.55
N GLU L 112 100.05 -7.51 -33.21
CA GLU L 112 101.29 -6.75 -33.34
C GLU L 112 101.40 -6.01 -34.65
N ASN L 113 100.61 -6.36 -35.65
CA ASN L 113 100.83 -5.89 -36.99
C ASN L 113 99.65 -5.12 -37.55
N GLY L 114 98.71 -4.70 -36.72
CA GLY L 114 97.76 -3.71 -37.18
C GLY L 114 96.31 -3.76 -36.72
N LEU L 115 95.86 -4.87 -36.16
CA LEU L 115 94.44 -5.06 -35.87
C LEU L 115 94.19 -4.88 -34.37
N GLU L 116 93.40 -3.87 -34.01
CA GLU L 116 93.01 -3.64 -32.63
C GLU L 116 91.83 -4.53 -32.27
N PHE L 117 91.95 -5.27 -31.18
CA PHE L 117 90.87 -6.19 -30.83
C PHE L 117 89.97 -5.56 -29.78
N ASN M 1 -68.52 -23.62 21.51
CA ASN M 1 -68.89 -24.56 22.58
C ASN M 1 -70.20 -25.28 22.31
N PRO M 2 -71.29 -24.57 22.01
CA PRO M 2 -72.57 -25.28 21.84
C PRO M 2 -72.68 -26.10 20.56
N LEU M 3 -71.93 -25.76 19.50
CA LEU M 3 -71.89 -26.64 18.34
C LEU M 3 -71.14 -27.94 18.66
N ILE M 4 -70.16 -27.88 19.55
CA ILE M 4 -69.37 -29.05 19.89
C ILE M 4 -70.11 -29.95 20.88
N GLN M 5 -70.78 -29.36 21.86
CA GLN M 5 -71.58 -30.15 22.81
C GLN M 5 -72.69 -30.91 22.11
N GLU M 6 -73.33 -30.29 21.11
CA GLU M 6 -74.42 -30.95 20.39
C GLU M 6 -73.93 -32.16 19.65
N LEU M 7 -72.79 -32.06 18.97
CA LEU M 7 -72.26 -33.21 18.26
C LEU M 7 -71.85 -34.31 19.24
N THR M 8 -71.23 -33.94 20.35
CA THR M 8 -70.74 -34.96 21.27
C THR M 8 -71.75 -35.41 22.31
N GLN M 9 -72.97 -34.85 22.32
CA GLN M 9 -73.93 -35.19 23.37
C GLN M 9 -74.35 -36.65 23.30
N GLU M 10 -74.57 -37.18 22.10
CA GLU M 10 -75.14 -38.50 21.95
C GLU M 10 -74.18 -39.62 22.28
N GLN M 11 -73.06 -39.32 22.93
CA GLN M 11 -72.03 -40.31 23.22
C GLN M 11 -71.60 -40.26 24.68
N LEU M 12 -72.34 -39.57 25.54
CA LEU M 12 -72.06 -39.54 26.97
C LEU M 12 -72.82 -40.66 27.69
N ARG M 13 -72.16 -41.31 28.64
CA ARG M 13 -72.78 -42.39 29.38
C ARG M 13 -73.73 -41.84 30.43
N THR M 14 -74.78 -42.60 30.71
CA THR M 14 -75.77 -42.20 31.70
C THR M 14 -75.76 -43.04 32.97
N ASP M 15 -74.99 -44.12 33.01
CA ASP M 15 -74.95 -45.01 34.17
C ASP M 15 -73.71 -44.81 35.01
N ILE M 16 -73.31 -43.56 35.24
CA ILE M 16 -72.06 -43.25 35.94
C ILE M 16 -72.40 -42.80 37.36
N PRO M 17 -71.98 -43.53 38.38
CA PRO M 17 -72.31 -43.14 39.75
C PRO M 17 -71.44 -41.98 40.22
N ALA M 18 -71.96 -41.25 41.20
CA ALA M 18 -71.27 -40.07 41.71
C ALA M 18 -70.17 -40.47 42.68
N PHE M 19 -69.00 -39.87 42.53
CA PHE M 19 -67.88 -40.07 43.44
C PHE M 19 -66.97 -38.85 43.39
N ARG M 20 -66.15 -38.71 44.41
CA ARG M 20 -65.16 -37.66 44.57
C ARG M 20 -63.77 -38.26 44.61
N PRO M 21 -62.73 -37.47 44.35
CA PRO M 21 -61.40 -37.87 44.76
C PRO M 21 -61.34 -38.07 46.27
N GLY M 22 -60.78 -39.20 46.67
CA GLY M 22 -60.79 -39.64 48.06
C GLY M 22 -61.54 -40.93 48.29
N ASP M 23 -62.48 -41.28 47.43
CA ASP M 23 -63.29 -42.47 47.55
C ASP M 23 -62.60 -43.66 46.93
N THR M 24 -63.00 -44.85 47.33
CA THR M 24 -62.44 -46.06 46.75
C THR M 24 -63.45 -46.67 45.80
N VAL M 25 -62.91 -47.34 44.79
CA VAL M 25 -63.64 -47.61 43.57
C VAL M 25 -63.13 -48.92 42.99
N ARG M 26 -64.03 -49.67 42.36
CA ARG M 26 -63.66 -50.85 41.60
C ARG M 26 -64.03 -50.61 40.14
N VAL M 27 -63.04 -50.59 39.26
CA VAL M 27 -63.25 -50.41 37.82
C VAL M 27 -63.27 -51.78 37.17
N HIS M 28 -64.24 -52.01 36.28
CA HIS M 28 -64.40 -53.28 35.60
C HIS M 28 -63.91 -53.15 34.16
N ALA M 29 -62.61 -53.24 33.98
CA ALA M 29 -62.01 -52.98 32.68
C ALA M 29 -62.29 -54.14 31.72
N LYS M 30 -61.72 -54.07 30.53
CA LYS M 30 -61.89 -55.11 29.52
C LYS M 30 -60.54 -55.36 28.86
N VAL M 31 -60.09 -56.60 28.87
CA VAL M 31 -58.81 -56.94 28.28
C VAL M 31 -59.02 -57.92 27.13
N VAL M 32 -58.13 -57.86 26.15
CA VAL M 32 -58.19 -58.70 24.96
C VAL M 32 -56.88 -59.46 24.83
N GLU M 33 -56.91 -60.77 25.09
CA GLU M 33 -55.72 -61.62 25.12
C GLU M 33 -55.77 -62.53 23.91
N GLY M 34 -55.31 -62.03 22.77
CA GLY M 34 -55.56 -62.72 21.53
C GLY M 34 -56.99 -62.46 21.10
N THR M 35 -57.72 -63.54 20.83
CA THR M 35 -59.12 -63.40 20.43
C THR M 35 -60.04 -63.29 21.64
N ARG M 36 -59.64 -63.87 22.76
CA ARG M 36 -60.47 -63.86 23.97
C ARG M 36 -60.79 -62.44 24.41
N GLU M 37 -62.02 -62.25 24.90
CA GLU M 37 -62.38 -61.09 25.71
C GLU M 37 -62.42 -61.52 27.17
N ARG M 38 -62.05 -60.62 28.06
CA ARG M 38 -62.04 -60.92 29.49
C ARG M 38 -62.10 -59.62 30.26
N ILE M 39 -62.46 -59.72 31.54
CA ILE M 39 -62.64 -58.58 32.42
C ILE M 39 -61.67 -58.69 33.58
N GLN M 40 -60.89 -57.63 33.80
CA GLN M 40 -60.11 -57.47 35.02
C GLN M 40 -60.84 -56.57 36.00
N LEU M 41 -60.26 -56.40 37.18
CA LEU M 41 -60.75 -55.43 38.15
C LEU M 41 -59.56 -54.67 38.70
N PHE M 42 -59.75 -53.38 38.93
CA PHE M 42 -58.68 -52.52 39.41
C PHE M 42 -59.23 -51.68 40.56
N GLU M 43 -58.77 -51.96 41.77
CA GLU M 43 -59.31 -51.39 43.01
C GLU M 43 -58.33 -50.39 43.60
N GLY M 44 -58.79 -49.18 43.86
CA GLY M 44 -57.90 -48.20 44.44
C GLY M 44 -58.62 -46.96 44.88
N VAL M 45 -57.84 -45.92 45.17
CA VAL M 45 -58.36 -44.63 45.59
C VAL M 45 -58.29 -43.67 44.40
N VAL M 46 -59.41 -43.01 44.13
CA VAL M 46 -59.44 -41.95 43.13
C VAL M 46 -58.63 -40.77 43.65
N ILE M 47 -57.63 -40.34 42.89
CA ILE M 47 -56.79 -39.24 43.30
C ILE M 47 -56.91 -38.00 42.42
N LYS M 48 -57.40 -38.12 41.18
CA LYS M 48 -57.55 -37.01 40.27
C LYS M 48 -58.92 -37.06 39.63
N ARG M 49 -59.39 -35.90 39.15
CA ARG M 49 -60.50 -35.84 38.20
C ARG M 49 -60.46 -34.48 37.53
N ARG M 50 -60.23 -34.45 36.22
CA ARG M 50 -60.10 -33.23 35.44
C ARG M 50 -61.01 -33.33 34.22
N GLY M 51 -61.86 -32.34 34.02
CA GLY M 51 -63.11 -32.61 33.33
C GLY M 51 -63.56 -31.75 32.18
N ALA M 52 -64.87 -31.43 32.17
CA ALA M 52 -65.60 -30.80 31.07
C ALA M 52 -65.79 -31.62 29.79
N GLY M 53 -66.70 -32.58 29.80
CA GLY M 53 -67.37 -33.02 28.58
C GLY M 53 -67.10 -34.49 28.30
N ILE M 54 -66.98 -34.82 27.01
CA ILE M 54 -66.42 -36.11 26.63
C ILE M 54 -64.96 -36.25 27.04
N SER M 55 -64.28 -35.14 27.31
CA SER M 55 -62.86 -35.15 27.60
C SER M 55 -62.54 -35.40 29.07
N GLU M 56 -63.54 -35.74 29.87
CA GLU M 56 -63.34 -36.04 31.29
C GLU M 56 -62.49 -37.29 31.51
N THR M 57 -61.56 -37.22 32.46
CA THR M 57 -60.79 -38.38 32.90
C THR M 57 -60.69 -38.42 34.43
N TYR M 58 -60.27 -39.59 34.95
CA TYR M 58 -59.96 -39.79 36.38
C TYR M 58 -58.83 -40.79 36.52
N THR M 59 -58.20 -40.85 37.71
CA THR M 59 -57.12 -41.81 37.93
C THR M 59 -57.21 -42.45 39.31
N VAL M 60 -56.71 -43.68 39.39
CA VAL M 60 -56.88 -44.59 40.51
C VAL M 60 -55.51 -45.08 40.93
N ARG M 61 -55.22 -45.01 42.23
CA ARG M 61 -53.96 -45.52 42.75
C ARG M 61 -54.15 -46.84 43.47
N LYS M 62 -53.16 -47.71 43.33
CA LYS M 62 -53.13 -49.05 43.92
C LYS M 62 -51.70 -49.40 44.25
N VAL M 63 -51.51 -50.30 45.22
CA VAL M 63 -50.19 -50.85 45.55
C VAL M 63 -50.23 -52.35 45.31
N SER M 64 -49.54 -52.82 44.27
CA SER M 64 -49.51 -54.23 43.92
C SER M 64 -48.14 -54.80 44.18
N ASN M 65 -48.06 -55.75 45.10
CA ASN M 65 -46.84 -56.52 45.34
C ASN M 65 -45.66 -55.61 45.68
N GLY M 66 -45.92 -54.59 46.49
CA GLY M 66 -44.89 -53.69 46.96
C GLY M 66 -44.49 -52.57 46.02
N VAL M 67 -45.27 -52.29 44.97
CA VAL M 67 -44.99 -51.18 44.06
C VAL M 67 -46.31 -50.48 43.77
N GLY M 68 -46.27 -49.15 43.69
CA GLY M 68 -47.48 -48.36 43.49
C GLY M 68 -47.79 -48.15 42.01
N VAL M 69 -49.06 -48.28 41.66
CA VAL M 69 -49.51 -48.27 40.28
C VAL M 69 -50.66 -47.29 40.12
N GLU M 70 -50.66 -46.54 39.03
CA GLU M 70 -51.71 -45.60 38.70
C GLU M 70 -52.22 -45.84 37.30
N ARG M 71 -53.53 -45.70 37.13
CA ARG M 71 -54.21 -46.02 35.87
C ARG M 71 -55.25 -44.94 35.61
N THR M 72 -55.12 -44.21 34.51
CA THR M 72 -56.10 -43.18 34.19
C THR M 72 -57.05 -43.68 33.11
N PHE M 73 -58.32 -43.31 33.24
CA PHE M 73 -59.39 -43.69 32.35
C PHE M 73 -60.17 -42.48 31.89
N PRO M 74 -60.63 -42.45 30.64
CA PRO M 74 -61.71 -41.53 30.30
C PRO M 74 -63.01 -41.95 30.96
N LEU M 75 -63.89 -40.97 31.18
CA LEU M 75 -65.12 -41.25 31.91
C LEU M 75 -66.12 -42.04 31.07
N HIS M 76 -66.08 -41.91 29.75
CA HIS M 76 -67.18 -42.40 28.93
C HIS M 76 -66.77 -43.52 27.97
N THR M 77 -65.59 -44.11 28.12
CA THR M 77 -65.22 -45.22 27.27
C THR M 77 -66.26 -46.32 27.35
N PRO M 78 -66.55 -47.01 26.23
CA PRO M 78 -67.26 -48.28 26.30
C PRO M 78 -66.40 -49.47 26.70
N ARG M 79 -65.10 -49.28 26.84
CA ARG M 79 -64.20 -50.38 27.18
C ARG M 79 -64.09 -50.59 28.68
N VAL M 80 -64.84 -49.83 29.47
CA VAL M 80 -65.12 -50.11 30.86
C VAL M 80 -66.57 -50.55 30.93
N ALA M 81 -66.91 -51.37 31.90
CA ALA M 81 -68.28 -51.83 32.04
C ALA M 81 -68.97 -51.41 33.32
N GLN M 82 -68.22 -51.00 34.36
CA GLN M 82 -68.77 -50.77 35.68
C GLN M 82 -67.80 -49.96 36.51
N ILE M 83 -68.31 -48.95 37.21
CA ILE M 83 -67.58 -48.25 38.25
C ILE M 83 -68.42 -48.37 39.50
N GLU M 84 -67.87 -49.00 40.53
CA GLU M 84 -68.58 -49.21 41.79
C GLU M 84 -67.86 -48.45 42.87
N VAL M 85 -68.61 -47.70 43.65
CA VAL M 85 -68.07 -47.04 44.83
C VAL M 85 -68.17 -48.02 45.99
N VAL M 86 -67.02 -48.29 46.62
CA VAL M 86 -66.95 -49.21 47.76
C VAL M 86 -67.00 -48.47 49.08
N ARG M 87 -66.14 -47.46 49.27
CA ARG M 87 -66.14 -46.64 50.47
C ARG M 87 -66.21 -45.17 50.11
N TYR M 88 -66.41 -44.35 51.12
CA TYR M 88 -66.33 -42.91 51.01
C TYR M 88 -65.25 -42.41 51.95
N GLY M 89 -64.47 -41.45 51.52
CA GLY M 89 -63.34 -40.97 52.28
C GLY M 89 -63.55 -39.53 52.69
N LYS M 90 -62.94 -39.16 53.80
CA LYS M 90 -62.92 -37.77 54.26
C LYS M 90 -61.61 -37.12 53.79
N VAL M 91 -61.73 -36.11 52.95
CA VAL M 91 -60.59 -35.48 52.28
C VAL M 91 -60.82 -33.97 52.28
N ARG M 92 -59.73 -33.21 52.11
CA ARG M 92 -59.79 -31.75 52.18
C ARG M 92 -59.35 -31.04 50.91
N ARG M 93 -59.05 -31.76 49.83
CA ARG M 93 -58.65 -31.08 48.60
C ARG M 93 -59.05 -31.94 47.41
N ALA M 94 -58.68 -31.46 46.22
CA ALA M 94 -59.09 -32.09 44.98
C ALA M 94 -58.03 -32.99 44.37
N LYS M 95 -56.75 -32.65 44.51
CA LYS M 95 -55.66 -33.46 43.99
C LYS M 95 -54.92 -34.05 45.17
N LEU M 96 -54.93 -35.37 45.28
CA LEU M 96 -54.27 -36.06 46.40
C LEU M 96 -52.88 -36.51 46.00
N TYR M 97 -52.09 -35.58 45.48
CA TYR M 97 -50.74 -35.89 45.04
C TYR M 97 -49.80 -36.22 46.20
N TYR M 98 -50.11 -35.81 47.42
CA TYR M 98 -49.29 -36.15 48.57
C TYR M 98 -49.35 -37.63 48.92
N LEU M 99 -50.28 -38.39 48.34
CA LEU M 99 -50.32 -39.81 48.61
C LEU M 99 -49.19 -40.57 47.93
N ARG M 100 -48.59 -40.02 46.90
CA ARG M 100 -47.59 -40.75 46.14
C ARG M 100 -46.21 -40.73 46.78
N ALA M 101 -46.10 -40.23 48.00
CA ALA M 101 -44.83 -40.22 48.73
C ALA M 101 -44.99 -40.75 50.15
N LEU M 102 -46.06 -41.50 50.41
CA LEU M 102 -46.33 -42.10 51.70
C LEU M 102 -46.59 -43.57 51.51
N HIS M 103 -46.56 -44.32 52.61
CA HIS M 103 -46.66 -45.76 52.54
C HIS M 103 -47.42 -46.28 53.74
N GLY M 104 -48.13 -47.37 53.54
CA GLY M 104 -48.74 -48.10 54.62
C GLY M 104 -49.72 -47.29 55.41
N LYS M 105 -49.39 -47.05 56.67
CA LYS M 105 -50.32 -46.48 57.62
C LYS M 105 -50.41 -44.97 57.48
N ALA M 106 -49.35 -44.31 57.02
CA ALA M 106 -49.43 -42.89 56.80
C ALA M 106 -50.36 -42.53 55.65
N ALA M 107 -50.61 -43.46 54.74
CA ALA M 107 -51.47 -43.23 53.59
C ALA M 107 -52.93 -43.60 53.86
N ARG M 108 -53.37 -43.49 55.10
CA ARG M 108 -54.71 -43.90 55.47
C ARG M 108 -55.71 -42.76 55.30
N ILE M 109 -56.88 -43.10 54.77
CA ILE M 109 -57.98 -42.18 54.55
C ILE M 109 -59.15 -42.65 55.39
N LYS M 110 -59.72 -41.76 56.19
CA LYS M 110 -60.84 -42.12 57.05
C LYS M 110 -62.11 -42.25 56.23
N GLU M 111 -63.05 -43.01 56.77
CA GLU M 111 -64.30 -43.27 56.09
C GLU M 111 -65.34 -42.24 56.49
N ILE M 112 -66.49 -42.29 55.82
CA ILE M 112 -67.58 -41.37 56.10
C ILE M 112 -68.82 -41.93 55.44
N ARG M 113 -69.97 -41.77 56.09
CA ARG M 113 -71.22 -42.16 55.49
C ARG M 113 -71.78 -41.02 54.64
N ARG M 114 -72.61 -41.37 53.68
CA ARG M 114 -73.17 -40.33 52.82
C ARG M 114 -74.62 -40.60 52.51
N ALA N 1 10.91 45.62 8.98
CA ALA N 1 9.76 45.94 8.15
C ALA N 1 8.96 44.69 7.81
N ARG N 2 7.79 44.55 8.42
CA ARG N 2 7.01 43.32 8.35
C ARG N 2 5.96 43.36 7.25
N VAL N 3 5.74 42.21 6.60
CA VAL N 3 4.86 42.06 5.46
C VAL N 3 3.72 41.14 5.86
N LYS N 4 2.54 41.70 6.18
CA LYS N 4 1.35 40.88 6.37
C LYS N 4 0.96 40.21 5.07
N GLY N 5 0.39 39.02 5.16
CA GLY N 5 -0.07 38.32 3.97
C GLY N 5 -1.52 38.57 3.66
N GLY N 6 -1.89 39.83 3.43
CA GLY N 6 -3.27 40.24 3.42
C GLY N 6 -4.25 39.71 2.38
N THR N 7 -4.15 40.13 1.13
CA THR N 7 -5.21 39.88 0.17
C THR N 7 -4.77 39.14 -1.08
N VAL N 8 -3.62 38.49 -1.07
CA VAL N 8 -3.10 37.83 -2.25
C VAL N 8 -3.63 36.41 -2.37
N THR N 9 -3.72 35.71 -1.23
CA THR N 9 -4.15 34.32 -1.24
C THR N 9 -5.63 34.21 -1.58
N ARG N 10 -6.45 35.14 -1.09
CA ARG N 10 -7.86 35.10 -1.39
C ARG N 10 -8.13 35.33 -2.87
N LYS N 11 -7.36 36.20 -3.50
CA LYS N 11 -7.54 36.40 -4.93
C LYS N 11 -7.18 35.15 -5.72
N ARG N 12 -6.01 34.57 -5.43
CA ARG N 12 -5.65 33.36 -6.15
C ARG N 12 -6.69 32.25 -5.95
N ARG N 13 -7.16 32.06 -4.72
CA ARG N 13 -8.07 30.95 -4.45
C ARG N 13 -9.44 31.19 -5.07
N LYS N 14 -9.89 32.44 -5.11
CA LYS N 14 -11.17 32.73 -5.75
C LYS N 14 -11.08 32.62 -7.26
N LYS N 15 -9.89 32.84 -7.84
CA LYS N 15 -9.72 32.51 -9.25
C LYS N 15 -9.86 31.03 -9.50
N VAL N 16 -9.34 30.20 -8.59
CA VAL N 16 -9.46 28.76 -8.79
C VAL N 16 -10.92 28.31 -8.64
N LEU N 17 -11.61 28.82 -7.63
CA LEU N 17 -12.98 28.35 -7.38
C LEU N 17 -13.93 28.75 -8.49
N LYS N 18 -13.68 29.86 -9.17
CA LYS N 18 -14.54 30.28 -10.27
C LYS N 18 -14.45 29.32 -11.45
N LEU N 19 -13.35 28.62 -11.62
CA LEU N 19 -13.27 27.64 -12.69
C LEU N 19 -14.04 26.36 -12.37
N ALA N 20 -14.47 26.19 -11.12
CA ALA N 20 -15.15 24.99 -10.69
C ALA N 20 -16.67 25.16 -10.61
N LYS N 21 -17.23 26.15 -11.29
CA LYS N 21 -18.68 26.32 -11.30
C LYS N 21 -19.37 25.19 -12.04
N GLY N 22 -20.43 24.67 -11.45
CA GLY N 22 -21.17 23.58 -12.05
C GLY N 22 -20.78 22.20 -11.58
N TYR N 23 -19.70 22.06 -10.83
CA TYR N 23 -19.32 20.76 -10.31
C TYR N 23 -20.27 20.35 -9.19
N TYR N 24 -20.15 19.11 -8.73
CA TYR N 24 -21.08 18.53 -7.77
C TYR N 24 -20.64 18.82 -6.35
N GLY N 25 -21.54 19.42 -5.58
CA GLY N 25 -21.39 19.46 -4.14
C GLY N 25 -20.18 20.21 -3.66
N SER N 26 -19.39 19.53 -2.84
CA SER N 26 -18.20 20.12 -2.25
C SER N 26 -17.06 20.29 -3.23
N LYS N 27 -17.25 19.91 -4.50
CA LYS N 27 -16.25 20.11 -5.54
C LYS N 27 -16.37 21.47 -6.22
N HIS N 28 -17.44 22.22 -5.99
CA HIS N 28 -17.43 23.61 -6.40
C HIS N 28 -17.37 24.58 -5.22
N THR N 29 -17.27 24.09 -3.98
CA THR N 29 -17.31 24.99 -2.83
C THR N 29 -16.06 25.01 -1.97
N LEU N 30 -15.32 23.91 -1.85
CA LEU N 30 -14.12 23.86 -1.05
C LEU N 30 -12.88 23.97 -1.93
N PHE N 31 -11.87 24.69 -1.46
CA PHE N 31 -10.73 25.02 -2.33
C PHE N 31 -9.89 23.80 -2.68
N LYS N 32 -9.65 22.90 -1.73
CA LYS N 32 -8.79 21.75 -2.04
C LYS N 32 -9.47 20.80 -3.03
N SER N 33 -10.75 20.50 -2.79
CA SER N 33 -11.51 19.67 -3.72
C SER N 33 -11.49 20.24 -5.12
N ALA N 34 -11.75 21.55 -5.23
CA ALA N 34 -11.81 22.20 -6.54
C ALA N 34 -10.45 22.21 -7.21
N LYS N 35 -9.38 22.42 -6.43
CA LYS N 35 -8.04 22.43 -7.00
C LYS N 35 -7.72 21.11 -7.69
N GLU N 36 -7.97 20.00 -7.00
CA GLU N 36 -7.70 18.70 -7.60
C GLU N 36 -8.57 18.46 -8.82
N GLN N 37 -9.86 18.75 -8.71
CA GLN N 37 -10.75 18.51 -9.84
C GLN N 37 -10.36 19.31 -11.07
N VAL N 38 -9.95 20.57 -10.88
CA VAL N 38 -9.59 21.44 -12.00
C VAL N 38 -8.31 20.94 -12.68
N MET N 39 -7.35 20.43 -11.89
CA MET N 39 -6.18 19.81 -12.49
C MET N 39 -6.54 18.61 -13.38
N ASN N 40 -7.48 17.79 -12.91
CA ASN N 40 -7.89 16.64 -13.72
C ASN N 40 -8.60 17.06 -14.99
N SER N 41 -9.37 18.15 -14.93
CA SER N 41 -10.05 18.61 -16.13
C SER N 41 -9.04 19.14 -17.16
N TYR N 42 -8.00 19.82 -16.71
CA TYR N 42 -6.96 20.25 -17.65
C TYR N 42 -6.37 19.06 -18.39
N TYR N 43 -6.04 18.00 -17.64
CA TYR N 43 -5.51 16.80 -18.27
C TYR N 43 -6.49 16.23 -19.30
N TYR N 44 -7.76 16.09 -18.93
CA TYR N 44 -8.77 15.54 -19.84
C TYR N 44 -8.94 16.37 -21.11
N ALA N 45 -8.96 17.69 -20.99
CA ALA N 45 -9.15 18.54 -22.16
C ALA N 45 -7.99 18.45 -23.13
N PHE N 46 -6.74 18.41 -22.63
CA PHE N 46 -5.62 18.21 -23.55
C PHE N 46 -5.73 16.86 -24.25
N ARG N 47 -6.06 15.80 -23.50
CA ARG N 47 -6.22 14.49 -24.11
C ARG N 47 -7.30 14.49 -25.19
N ASP N 48 -8.40 15.17 -24.93
CA ASP N 48 -9.57 15.09 -25.80
C ASP N 48 -9.52 16.01 -27.00
N ARG N 49 -8.63 16.99 -27.03
CA ARG N 49 -8.41 17.70 -28.28
C ARG N 49 -7.84 16.79 -29.35
N ARG N 50 -7.01 15.81 -28.96
CA ARG N 50 -6.43 14.89 -29.93
C ARG N 50 -7.36 13.73 -30.29
N GLN N 51 -8.25 13.36 -29.40
CA GLN N 51 -9.15 12.25 -29.67
C GLN N 51 -10.35 12.65 -30.49
N LYS N 52 -10.66 13.94 -30.51
CA LYS N 52 -11.74 14.47 -31.32
C LYS N 52 -11.54 14.14 -32.79
N LYS N 53 -10.32 14.36 -33.29
CA LYS N 53 -10.00 14.21 -34.71
C LYS N 53 -10.10 12.78 -35.19
N ARG N 54 -10.07 11.81 -34.28
CA ARG N 54 -10.29 10.41 -34.60
C ARG N 54 -11.78 10.07 -34.68
N ASP N 55 -12.56 10.63 -33.76
CA ASP N 55 -13.98 10.31 -33.67
C ASP N 55 -14.73 10.74 -34.93
N PHE N 56 -14.47 11.94 -35.41
CA PHE N 56 -15.18 12.37 -36.60
C PHE N 56 -14.72 11.62 -37.84
N ARG N 57 -13.48 11.13 -37.88
CA ARG N 57 -13.06 10.34 -39.04
C ARG N 57 -13.76 8.98 -39.07
N LYS N 58 -13.93 8.36 -37.91
CA LYS N 58 -14.69 7.12 -37.88
C LYS N 58 -16.16 7.34 -38.22
N LEU N 59 -16.72 8.48 -37.81
CA LEU N 59 -18.11 8.80 -38.13
C LEU N 59 -18.33 8.97 -39.63
N TRP N 60 -17.49 9.78 -40.27
CA TRP N 60 -17.55 9.94 -41.72
C TRP N 60 -17.38 8.61 -42.43
N ILE N 61 -16.38 7.80 -42.04
CA ILE N 61 -16.11 6.54 -42.73
C ILE N 61 -17.32 5.61 -42.68
N ALA N 62 -17.97 5.49 -41.53
CA ALA N 62 -19.12 4.59 -41.45
C ALA N 62 -20.30 5.09 -42.29
N ARG N 63 -20.50 6.41 -42.36
CA ARG N 63 -21.57 6.92 -43.22
C ARG N 63 -21.27 6.67 -44.69
N ILE N 64 -20.00 6.77 -45.08
CA ILE N 64 -19.63 6.53 -46.48
C ILE N 64 -19.79 5.06 -46.83
N ASN N 65 -19.40 4.15 -45.95
CA ASN N 65 -19.64 2.74 -46.18
C ASN N 65 -21.13 2.47 -46.40
N ALA N 66 -21.98 3.01 -45.52
CA ALA N 66 -23.42 2.87 -45.65
C ALA N 66 -23.92 3.34 -47.01
N ALA N 67 -23.44 4.49 -47.47
CA ALA N 67 -23.93 5.02 -48.74
C ALA N 67 -23.44 4.21 -49.92
N ALA N 68 -22.17 3.79 -49.88
CA ALA N 68 -21.58 3.11 -51.03
C ALA N 68 -22.16 1.73 -51.25
N ARG N 69 -22.45 1.00 -50.16
CA ARG N 69 -23.06 -0.30 -50.33
C ARG N 69 -24.41 -0.22 -51.01
N MET N 70 -25.01 0.96 -51.07
CA MET N 70 -26.22 1.15 -51.86
C MET N 70 -25.95 1.32 -53.34
N ASN N 71 -24.73 1.65 -53.73
CA ASN N 71 -24.35 1.80 -55.12
C ASN N 71 -23.48 0.66 -55.62
N GLY N 72 -23.58 -0.51 -55.00
CA GLY N 72 -22.88 -1.69 -55.46
C GLY N 72 -21.41 -1.79 -55.09
N LEU N 73 -20.95 -1.06 -54.08
CA LEU N 73 -19.54 -1.08 -53.69
C LEU N 73 -19.42 -1.25 -52.18
N SER N 74 -18.19 -1.37 -51.71
CA SER N 74 -17.87 -1.21 -50.30
C SER N 74 -16.88 -0.06 -50.16
N TYR N 75 -16.57 0.28 -48.92
CA TYR N 75 -15.72 1.43 -48.65
C TYR N 75 -14.34 1.27 -49.29
N SER N 76 -13.73 0.09 -49.18
CA SER N 76 -12.34 -0.03 -49.58
C SER N 76 -12.18 -0.03 -51.09
N LYS N 77 -13.08 -0.71 -51.80
CA LYS N 77 -13.05 -0.70 -53.26
C LYS N 77 -13.34 0.68 -53.83
N LEU N 78 -14.24 1.44 -53.19
CA LEU N 78 -14.58 2.77 -53.69
C LEU N 78 -13.45 3.76 -53.47
N MET N 79 -12.75 3.65 -52.34
CA MET N 79 -11.59 4.50 -52.11
C MET N 79 -10.47 4.19 -53.10
N HIS N 80 -10.20 2.90 -53.33
CA HIS N 80 -9.24 2.56 -54.37
C HIS N 80 -9.65 3.11 -55.72
N GLY N 81 -10.92 2.95 -56.09
CA GLY N 81 -11.38 3.46 -57.37
C GLY N 81 -11.20 4.96 -57.50
N LEU N 82 -11.51 5.72 -56.44
CA LEU N 82 -11.32 7.16 -56.52
C LEU N 82 -9.86 7.53 -56.60
N LYS N 83 -8.96 6.77 -55.98
CA LYS N 83 -7.54 7.09 -56.10
C LYS N 83 -7.02 6.80 -57.50
N LEU N 84 -7.41 5.67 -58.09
CA LEU N 84 -6.98 5.36 -59.46
C LEU N 84 -7.52 6.31 -60.50
N ALA N 85 -8.45 7.19 -60.14
CA ALA N 85 -8.99 8.18 -61.07
C ALA N 85 -8.46 9.58 -60.82
N GLU N 86 -7.68 9.78 -59.76
CA GLU N 86 -7.16 11.09 -59.35
C GLU N 86 -8.29 12.03 -58.91
N ILE N 87 -9.05 11.59 -57.91
CA ILE N 87 -10.03 12.43 -57.22
C ILE N 87 -9.59 12.58 -55.77
N ASP N 88 -9.75 13.78 -55.21
CA ASP N 88 -9.12 14.17 -53.97
C ASP N 88 -10.11 14.78 -53.00
N ILE N 89 -11.31 14.24 -52.91
CA ILE N 89 -12.29 14.72 -51.95
C ILE N 89 -11.98 14.16 -50.57
N ASN N 90 -12.13 14.99 -49.55
CA ASN N 90 -12.05 14.56 -48.15
C ASN N 90 -13.09 13.50 -47.84
N ARG N 91 -12.90 12.82 -46.72
CA ARG N 91 -13.95 11.99 -46.17
C ARG N 91 -15.07 12.82 -45.56
N LYS N 92 -14.80 14.08 -45.25
CA LYS N 92 -15.78 15.01 -44.70
C LYS N 92 -16.79 15.45 -45.77
N MET N 93 -16.28 15.90 -46.92
CA MET N 93 -17.16 16.28 -48.02
C MET N 93 -17.86 15.07 -48.60
N LEU N 94 -17.21 13.92 -48.61
CA LEU N 94 -17.84 12.69 -49.12
C LEU N 94 -19.06 12.32 -48.29
N ALA N 95 -18.93 12.36 -46.96
CA ALA N 95 -20.07 12.07 -46.12
C ALA N 95 -21.16 13.14 -46.25
N ASP N 96 -20.75 14.39 -46.35
CA ASP N 96 -21.72 15.47 -46.51
C ASP N 96 -22.52 15.28 -47.79
N LEU N 97 -21.86 14.90 -48.88
CA LEU N 97 -22.57 14.54 -50.10
C LEU N 97 -23.49 13.34 -49.87
N ALA N 98 -22.97 12.27 -49.27
CA ALA N 98 -23.76 11.08 -48.99
C ALA N 98 -25.08 11.38 -48.30
N VAL N 99 -25.13 12.41 -47.47
CA VAL N 99 -26.38 12.73 -46.80
C VAL N 99 -27.21 13.78 -47.54
N ASN N 100 -26.59 14.72 -48.25
CA ASN N 100 -27.34 15.81 -48.88
C ASN N 100 -27.61 15.62 -50.38
N ASP N 101 -26.61 15.23 -51.17
CA ASP N 101 -26.70 15.18 -52.63
C ASP N 101 -26.38 13.76 -53.10
N ALA N 102 -27.39 12.90 -53.05
CA ALA N 102 -27.21 11.51 -53.45
C ALA N 102 -26.83 11.39 -54.91
N ALA N 103 -27.28 12.31 -55.75
CA ALA N 103 -26.95 12.24 -57.17
C ALA N 103 -25.48 12.55 -57.41
N ALA N 104 -24.93 13.52 -56.68
CA ALA N 104 -23.49 13.74 -56.75
C ALA N 104 -22.72 12.52 -56.25
N PHE N 105 -23.18 11.92 -55.15
CA PHE N 105 -22.49 10.72 -54.67
C PHE N 105 -22.54 9.59 -55.70
N THR N 106 -23.62 9.48 -56.47
CA THR N 106 -23.69 8.44 -57.50
C THR N 106 -22.80 8.75 -58.70
N ALA N 107 -22.75 10.01 -59.13
CA ALA N 107 -21.78 10.39 -60.15
C ALA N 107 -20.37 9.95 -59.75
N LEU N 108 -20.00 10.22 -58.49
CA LEU N 108 -18.65 9.85 -58.07
C LEU N 108 -18.47 8.34 -58.00
N ALA N 109 -19.47 7.62 -57.51
CA ALA N 109 -19.36 6.17 -57.41
C ALA N 109 -19.29 5.53 -58.80
N GLU N 110 -19.90 6.14 -59.81
CA GLU N 110 -19.77 5.62 -61.17
C GLU N 110 -18.37 5.86 -61.72
N GLN N 111 -17.81 7.05 -61.45
CA GLN N 111 -16.44 7.27 -61.89
C GLN N 111 -15.49 6.24 -61.26
N ALA N 112 -15.67 5.95 -59.96
CA ALA N 112 -14.83 4.95 -59.33
C ALA N 112 -15.07 3.57 -59.92
N LYS N 113 -16.31 3.23 -60.24
CA LYS N 113 -16.57 1.92 -60.81
C LYS N 113 -15.95 1.77 -62.18
N ASP N 114 -15.89 2.84 -62.96
CA ASP N 114 -15.24 2.77 -64.26
C ASP N 114 -13.73 2.77 -64.14
N ALA N 115 -13.17 3.41 -63.10
CA ALA N 115 -11.72 3.44 -62.96
C ALA N 115 -11.15 2.05 -62.70
N LEU N 116 -11.72 1.32 -61.75
CA LEU N 116 -11.21 -0.01 -61.43
C LEU N 116 -11.84 -1.11 -62.26
N SER N 117 -12.52 -0.74 -63.35
CA SER N 117 -13.00 -1.71 -64.33
C SER N 117 -11.91 -2.13 -65.30
N LYS N 118 -10.80 -1.42 -65.36
CA LYS N 118 -9.72 -1.71 -66.29
C LYS N 118 -9.29 -3.18 -66.24
N MET O 1 -26.62 25.80 -55.56
CA MET O 1 -25.34 25.91 -56.26
C MET O 1 -24.17 25.64 -55.30
N TYR O 2 -23.33 24.67 -55.64
CA TYR O 2 -22.28 24.16 -54.78
C TYR O 2 -20.92 24.33 -55.42
N ALA O 3 -19.91 24.64 -54.60
CA ALA O 3 -18.53 24.42 -55.02
C ALA O 3 -17.72 24.02 -53.80
N ILE O 4 -16.69 23.22 -54.03
CA ILE O 4 -15.79 22.76 -52.98
C ILE O 4 -14.37 23.19 -53.35
N ILE O 5 -13.70 23.84 -52.41
CA ILE O 5 -12.43 24.50 -52.64
C ILE O 5 -11.40 24.03 -51.61
N LYS O 6 -10.13 24.07 -51.99
CA LYS O 6 -9.03 23.82 -51.07
C LYS O 6 -8.54 25.15 -50.52
N THR O 7 -8.76 25.38 -49.23
CA THR O 7 -8.17 26.53 -48.56
C THR O 7 -7.52 26.04 -47.28
N GLY O 8 -6.56 26.81 -46.79
CA GLY O 8 -5.82 26.36 -45.62
C GLY O 8 -5.15 25.05 -45.95
N GLY O 9 -5.28 24.09 -45.05
CA GLY O 9 -4.89 22.75 -45.41
C GLY O 9 -6.08 21.83 -45.56
N LYS O 10 -7.28 22.40 -45.71
CA LYS O 10 -8.53 21.66 -45.68
C LYS O 10 -9.40 21.98 -46.88
N GLN O 11 -10.65 21.50 -46.87
CA GLN O 11 -11.62 21.78 -47.92
C GLN O 11 -12.88 22.36 -47.32
N VAL O 12 -13.54 23.27 -48.04
CA VAL O 12 -14.77 23.90 -47.56
C VAL O 12 -15.83 23.86 -48.66
N LYS O 13 -17.09 23.90 -48.22
CA LYS O 13 -18.25 24.00 -49.09
C LYS O 13 -18.72 25.45 -49.16
N VAL O 14 -19.10 25.90 -50.35
CA VAL O 14 -19.13 27.33 -50.67
C VAL O 14 -20.43 27.69 -51.38
N GLU O 15 -20.87 28.94 -51.22
CA GLU O 15 -22.12 29.41 -51.81
C GLU O 15 -22.11 30.93 -51.95
N VAL O 16 -22.81 31.43 -52.98
CA VAL O 16 -22.93 32.88 -53.12
C VAL O 16 -23.83 33.43 -52.02
N GLY O 17 -23.34 34.41 -51.29
CA GLY O 17 -24.11 35.09 -50.29
C GLY O 17 -23.75 34.74 -48.86
N GLN O 18 -23.03 33.65 -48.66
CA GLN O 18 -22.67 33.15 -47.34
C GLN O 18 -21.23 33.49 -47.01
N ALA O 19 -20.93 33.53 -45.72
CA ALA O 19 -19.61 33.92 -45.23
C ALA O 19 -18.90 32.73 -44.60
N ILE O 20 -17.59 32.71 -44.74
CA ILE O 20 -16.78 31.57 -44.38
C ILE O 20 -15.58 32.02 -43.55
N TYR O 21 -15.21 31.19 -42.59
CA TYR O 21 -14.01 31.42 -41.77
C TYR O 21 -12.89 30.50 -42.25
N VAL O 22 -11.66 30.94 -42.07
CA VAL O 22 -10.54 30.37 -42.80
C VAL O 22 -9.24 30.77 -42.12
N GLU O 23 -8.17 29.99 -42.36
CA GLU O 23 -6.84 30.35 -41.87
C GLU O 23 -6.39 31.70 -42.43
N LYS O 24 -5.43 32.31 -41.75
CA LYS O 24 -5.03 33.69 -42.05
C LYS O 24 -4.39 33.80 -43.44
N LEU O 25 -4.70 34.88 -44.16
CA LEU O 25 -4.53 34.92 -45.61
C LEU O 25 -3.42 35.81 -46.17
N ASN O 26 -3.01 36.87 -45.48
CA ASN O 26 -2.10 37.90 -46.03
C ASN O 26 -2.81 38.79 -47.04
N VAL O 27 -4.01 39.26 -46.68
CA VAL O 27 -4.80 40.19 -47.50
C VAL O 27 -5.54 41.12 -46.56
N GLU O 28 -5.43 42.42 -46.77
CA GLU O 28 -6.06 43.37 -45.85
C GLU O 28 -7.57 43.42 -46.08
N ALA O 29 -8.29 43.82 -45.02
CA ALA O 29 -9.75 43.85 -45.07
C ALA O 29 -10.25 44.78 -46.15
N GLY O 30 -11.26 44.32 -46.87
CA GLY O 30 -11.90 45.09 -47.92
C GLY O 30 -11.46 44.73 -49.31
N GLU O 31 -10.42 43.93 -49.46
CA GLU O 31 -9.84 43.60 -50.75
C GLU O 31 -10.35 42.24 -51.24
N LYS O 32 -10.05 41.95 -52.49
CA LYS O 32 -10.64 40.82 -53.19
C LYS O 32 -9.68 39.65 -53.25
N VAL O 33 -10.24 38.44 -53.30
CA VAL O 33 -9.45 37.22 -53.33
C VAL O 33 -10.00 36.29 -54.37
N VAL O 34 -9.11 35.47 -54.94
CA VAL O 34 -9.44 34.47 -55.93
C VAL O 34 -8.98 33.12 -55.41
N PHE O 35 -9.92 32.22 -55.18
CA PHE O 35 -9.61 30.83 -54.83
C PHE O 35 -9.48 30.03 -56.11
N ASP O 36 -8.25 29.66 -56.47
CA ASP O 36 -7.95 29.05 -57.76
C ASP O 36 -8.42 27.60 -57.85
N GLU O 37 -8.18 26.78 -56.83
CA GLU O 37 -8.42 25.34 -56.90
C GLU O 37 -9.86 25.04 -56.53
N VAL O 38 -10.64 24.56 -57.49
CA VAL O 38 -12.00 24.09 -57.26
C VAL O 38 -12.03 22.58 -57.44
N ILE O 39 -12.65 21.89 -56.51
CA ILE O 39 -12.62 20.43 -56.48
C ILE O 39 -13.83 19.82 -57.15
N LEU O 40 -14.99 20.47 -57.00
CA LEU O 40 -16.24 19.97 -57.50
C LEU O 40 -17.20 21.14 -57.62
N VAL O 41 -17.91 21.22 -58.74
CA VAL O 41 -18.95 22.22 -58.92
C VAL O 41 -20.30 21.53 -58.98
N GLY O 42 -20.96 21.40 -57.85
CA GLY O 42 -22.26 20.80 -57.82
C GLY O 42 -23.36 21.76 -58.22
N GLY O 43 -24.48 21.70 -57.52
CA GLY O 43 -25.61 22.52 -57.92
C GLY O 43 -26.72 21.71 -58.55
N GLU O 44 -26.91 21.86 -59.85
CA GLU O 44 -27.89 21.07 -60.57
C GLU O 44 -27.26 19.84 -61.18
N SER O 45 -26.24 20.03 -62.02
CA SER O 45 -25.38 18.98 -62.52
C SER O 45 -24.00 19.13 -61.91
N THR O 46 -23.37 18.01 -61.59
CA THR O 46 -22.07 18.01 -60.93
C THR O 46 -20.97 17.93 -61.96
N LYS O 47 -19.86 18.62 -61.70
CA LYS O 47 -18.64 18.52 -62.50
C LYS O 47 -17.58 17.84 -61.63
N VAL O 48 -17.43 16.53 -61.78
CA VAL O 48 -16.53 15.75 -60.95
C VAL O 48 -15.22 15.63 -61.70
N GLY O 49 -14.31 16.56 -61.46
CA GLY O 49 -13.06 16.60 -62.19
C GLY O 49 -11.90 15.99 -61.44
N ALA O 50 -11.01 15.33 -62.20
CA ALA O 50 -9.71 14.93 -61.69
C ALA O 50 -9.08 16.19 -61.14
N PRO O 51 -8.04 16.13 -60.31
CA PRO O 51 -8.05 16.87 -59.05
C PRO O 51 -8.87 18.16 -59.06
N THR O 52 -8.74 18.99 -60.08
CA THR O 52 -9.46 20.25 -60.08
C THR O 52 -10.33 20.39 -61.33
N VAL O 53 -11.34 21.25 -61.23
CA VAL O 53 -12.19 21.56 -62.37
C VAL O 53 -11.49 22.62 -63.20
N ALA O 54 -11.25 22.31 -64.47
CA ALA O 54 -10.49 23.17 -65.38
C ALA O 54 -11.18 24.50 -65.60
N GLY O 55 -10.56 25.57 -65.10
CA GLY O 55 -10.98 26.92 -65.42
C GLY O 55 -12.06 27.52 -64.54
N ALA O 56 -12.31 26.97 -63.35
CA ALA O 56 -13.29 27.53 -62.44
C ALA O 56 -12.57 28.19 -61.26
N THR O 57 -12.95 29.42 -60.96
CA THR O 57 -12.46 30.12 -59.79
C THR O 57 -13.65 30.56 -58.95
N VAL O 58 -13.35 31.08 -57.76
CA VAL O 58 -14.36 31.58 -56.84
C VAL O 58 -13.88 32.93 -56.30
N GLU O 59 -14.75 33.92 -56.30
CA GLU O 59 -14.35 35.27 -55.93
C GLU O 59 -15.00 35.71 -54.62
N GLY O 60 -14.26 36.50 -53.84
CA GLY O 60 -14.73 36.89 -52.53
C GLY O 60 -14.17 38.23 -52.09
N THR O 61 -14.63 38.68 -50.92
CA THR O 61 -14.08 39.88 -50.28
C THR O 61 -13.77 39.58 -48.82
N VAL O 62 -12.53 39.85 -48.41
CA VAL O 62 -12.14 39.76 -47.01
C VAL O 62 -12.92 40.78 -46.20
N GLU O 63 -13.39 40.37 -45.02
CA GLU O 63 -14.19 41.24 -44.17
C GLU O 63 -13.55 41.59 -42.85
N LYS O 64 -12.67 40.74 -42.31
CA LYS O 64 -12.27 40.89 -40.92
C LYS O 64 -11.18 39.90 -40.60
N HIS O 65 -10.14 40.36 -39.91
CA HIS O 65 -9.13 39.48 -39.34
C HIS O 65 -9.38 39.38 -37.85
N GLY O 66 -9.46 38.15 -37.34
CA GLY O 66 -9.79 38.02 -35.94
C GLY O 66 -8.91 37.08 -35.16
N LYS O 67 -9.38 36.69 -34.00
CA LYS O 67 -8.72 35.69 -33.17
C LYS O 67 -9.76 34.75 -32.61
N GLN O 68 -9.40 33.48 -32.50
CA GLN O 68 -10.33 32.57 -31.87
C GLN O 68 -10.30 32.74 -30.36
N LYS O 69 -11.22 32.06 -29.70
CA LYS O 69 -11.21 32.02 -28.26
C LYS O 69 -9.98 31.29 -27.75
N LYS O 70 -9.70 31.48 -26.46
CA LYS O 70 -8.45 31.05 -25.90
C LYS O 70 -8.45 29.59 -25.47
N VAL O 71 -7.37 28.89 -25.78
CA VAL O 71 -7.14 27.53 -25.32
C VAL O 71 -6.01 27.56 -24.29
N VAL O 72 -6.17 26.79 -23.22
CA VAL O 72 -5.15 26.61 -22.20
C VAL O 72 -4.68 25.16 -22.25
N THR O 73 -3.37 24.97 -22.30
CA THR O 73 -2.75 23.65 -22.33
C THR O 73 -1.90 23.52 -21.07
N PHE O 74 -2.32 22.66 -20.16
CA PHE O 74 -1.72 22.48 -18.85
C PHE O 74 -1.31 21.03 -18.65
N GLN O 75 -0.14 20.79 -18.06
CA GLN O 75 0.50 19.49 -18.10
C GLN O 75 1.20 19.20 -16.79
N TYR O 76 0.85 18.11 -16.11
CA TYR O 76 1.55 17.71 -14.90
C TYR O 76 1.71 16.20 -14.85
N LYS O 77 2.69 15.77 -14.07
CA LYS O 77 2.98 14.35 -13.88
C LYS O 77 2.70 13.97 -12.43
N PRO O 78 1.69 13.16 -12.16
CA PRO O 78 1.32 12.87 -10.77
C PRO O 78 2.50 12.37 -9.95
N LYS O 79 2.70 13.01 -8.80
CA LYS O 79 3.68 12.73 -7.76
C LYS O 79 5.09 13.25 -8.06
N LYS O 80 5.34 13.83 -9.24
CA LYS O 80 6.68 14.24 -9.63
C LYS O 80 6.90 15.73 -9.53
N HIS O 81 6.11 16.41 -8.71
CA HIS O 81 6.31 17.81 -8.29
C HIS O 81 6.77 18.73 -9.42
N SER O 82 5.94 18.82 -10.45
CA SER O 82 6.30 19.61 -11.62
C SER O 82 5.09 19.75 -12.55
N HIS O 83 4.95 20.91 -13.17
CA HIS O 83 3.86 21.24 -14.07
C HIS O 83 4.31 22.38 -14.96
N ARG O 84 3.55 22.64 -16.03
CA ARG O 84 3.86 23.71 -16.97
C ARG O 84 2.59 24.15 -17.70
N LYS O 85 2.40 25.46 -17.84
CA LYS O 85 1.12 26.02 -18.29
C LYS O 85 1.31 27.05 -19.41
N GLN O 86 0.42 27.01 -20.40
CA GLN O 86 0.59 27.78 -21.63
C GLN O 86 -0.77 28.12 -22.23
N GLY O 87 -0.90 29.34 -22.76
CA GLY O 87 -2.09 29.78 -23.44
C GLY O 87 -1.88 29.97 -24.95
N HIS O 88 -3.00 30.07 -25.66
CA HIS O 88 -2.95 30.15 -27.11
C HIS O 88 -4.25 30.63 -27.74
N ARG O 89 -4.19 31.70 -28.54
CA ARG O 89 -5.29 32.16 -29.38
C ARG O 89 -4.84 32.15 -30.83
N GLN O 90 -5.70 31.66 -31.72
CA GLN O 90 -5.47 31.32 -33.12
C GLN O 90 -6.02 32.39 -34.06
N PRO O 91 -5.24 32.84 -35.05
CA PRO O 91 -5.76 33.80 -36.03
C PRO O 91 -6.71 33.17 -37.04
N TYR O 92 -7.59 34.00 -37.59
CA TYR O 92 -8.47 33.63 -38.70
C TYR O 92 -8.76 34.85 -39.56
N THR O 93 -9.33 34.61 -40.74
CA THR O 93 -9.93 35.66 -41.56
C THR O 93 -11.33 35.24 -42.00
N LYS O 94 -12.21 36.22 -42.13
CA LYS O 94 -13.57 35.98 -42.60
C LYS O 94 -13.72 36.48 -44.02
N VAL O 95 -14.37 35.68 -44.87
CA VAL O 95 -14.49 35.98 -46.28
C VAL O 95 -15.96 35.84 -46.69
N MET O 96 -16.45 36.80 -47.47
CA MET O 96 -17.75 36.68 -48.11
C MET O 96 -17.59 36.18 -49.54
N ILE O 97 -18.54 35.38 -50.00
CA ILE O 97 -18.46 34.77 -51.33
C ILE O 97 -19.33 35.53 -52.31
N GLU O 98 -18.82 35.69 -53.52
CA GLU O 98 -19.51 36.33 -54.62
C GLU O 98 -19.13 35.61 -55.90
N ALA O 99 -20.14 35.23 -56.70
CA ALA O 99 -19.90 34.74 -58.06
C ALA O 99 -18.99 33.50 -58.05
N ILE O 100 -19.54 32.38 -57.60
CA ILE O 100 -18.97 31.11 -57.98
C ILE O 100 -18.86 31.06 -59.49
N ASN O 101 -17.77 30.49 -59.98
CA ASN O 101 -17.34 30.55 -61.37
C ASN O 101 -18.45 30.65 -62.40
N ALA O 102 -18.30 31.57 -63.32
CA ALA O 102 -19.23 31.71 -64.45
C ALA O 102 -18.47 32.11 -65.71
N GLN P 1 -49.99 52.03 -1.69
CA GLN P 1 -50.18 51.51 -0.34
C GLN P 1 -49.56 50.14 -0.18
N ILE P 2 -48.80 49.96 0.89
CA ILE P 2 -48.15 48.70 1.20
C ILE P 2 -49.21 47.73 1.70
N THR P 3 -49.10 46.46 1.29
CA THR P 3 -50.04 45.43 1.75
C THR P 3 -49.26 44.22 2.25
N SER P 4 -48.69 44.32 3.44
CA SER P 4 -47.82 43.28 3.98
C SER P 4 -47.27 43.71 5.32
N ALA P 5 -47.01 42.78 6.22
CA ALA P 5 -46.50 43.12 7.54
C ALA P 5 -45.74 41.93 8.12
N LYS P 6 -44.61 42.20 8.76
CA LYS P 6 -43.81 41.15 9.35
C LYS P 6 -43.64 41.35 10.85
N ALA P 7 -43.31 40.27 11.54
CA ALA P 7 -42.82 40.33 12.90
C ALA P 7 -41.64 39.37 13.01
N THR P 8 -40.90 39.44 14.10
CA THR P 8 -39.80 38.51 14.29
C THR P 8 -39.47 38.41 15.77
N ALA P 9 -39.03 37.23 16.18
CA ALA P 9 -38.51 36.96 17.51
C ALA P 9 -37.05 36.57 17.40
N LYS P 10 -36.21 37.12 18.27
CA LYS P 10 -34.77 36.96 18.17
C LYS P 10 -34.21 36.28 19.41
N THR P 11 -33.31 35.33 19.19
CA THR P 11 -32.66 34.57 20.23
C THR P 11 -33.68 33.97 21.20
N VAL P 12 -34.61 33.25 20.64
CA VAL P 12 -35.49 32.39 21.43
C VAL P 12 -34.76 31.09 21.73
N ARG P 13 -35.00 30.54 22.91
CA ARG P 13 -34.22 29.42 23.41
C ARG P 13 -34.89 28.08 23.06
N THR P 14 -34.98 27.84 21.76
CA THR P 14 -35.34 26.55 21.19
C THR P 14 -34.41 26.27 20.02
N SER P 15 -34.33 25.00 19.65
CA SER P 15 -33.42 24.57 18.59
C SER P 15 -34.03 24.84 17.22
N PRO P 16 -33.22 25.29 16.25
CA PRO P 16 -33.76 25.62 14.94
C PRO P 16 -34.22 24.46 14.10
N ARG P 17 -33.84 23.22 14.42
CA ARG P 17 -34.30 22.10 13.62
C ARG P 17 -35.73 21.72 13.98
N LYS P 18 -36.07 21.77 15.26
CA LYS P 18 -37.40 21.36 15.68
C LYS P 18 -38.44 22.41 15.36
N ALA P 19 -38.08 23.69 15.44
CA ALA P 19 -38.98 24.77 15.07
C ALA P 19 -39.35 24.72 13.60
N ARG P 20 -38.50 24.14 12.76
CA ARG P 20 -38.81 24.02 11.35
C ARG P 20 -39.84 22.95 11.05
N LEU P 21 -39.99 21.91 11.88
CA LEU P 21 -41.06 20.94 11.64
C LEU P 21 -42.43 21.57 11.80
N VAL P 22 -42.58 22.51 12.73
CA VAL P 22 -43.87 23.13 12.95
C VAL P 22 -44.18 24.17 11.88
N ILE P 23 -43.17 24.93 11.45
CA ILE P 23 -43.42 26.06 10.57
C ILE P 23 -43.66 25.63 9.12
N ASP P 24 -43.31 24.40 8.76
CA ASP P 24 -43.68 23.91 7.44
C ASP P 24 -45.15 23.52 7.35
N LEU P 25 -45.82 23.33 8.49
CA LEU P 25 -47.25 23.03 8.58
C LEU P 25 -48.12 24.24 8.39
N ILE P 26 -47.54 25.42 8.24
CA ILE P 26 -48.29 26.67 8.34
C ILE P 26 -48.08 27.58 7.15
N ARG P 27 -47.08 27.29 6.32
CA ARG P 27 -46.73 28.14 5.21
C ARG P 27 -47.77 28.04 4.11
N GLY P 28 -48.15 29.17 3.54
CA GLY P 28 -49.13 29.21 2.47
C GLY P 28 -50.56 29.09 2.91
N LYS P 29 -50.84 29.14 4.20
CA LYS P 29 -52.19 29.00 4.72
C LYS P 29 -52.80 30.36 4.95
N SER P 30 -54.11 30.38 5.05
CA SER P 30 -54.80 31.56 5.51
C SER P 30 -54.56 31.74 7.00
N VAL P 31 -54.56 33.00 7.45
CA VAL P 31 -54.34 33.27 8.87
C VAL P 31 -55.40 32.59 9.72
N ALA P 32 -56.58 32.36 9.16
CA ALA P 32 -57.63 31.68 9.92
C ALA P 32 -57.23 30.24 10.24
N ASP P 33 -56.65 29.53 9.27
CA ASP P 33 -56.28 28.13 9.44
C ASP P 33 -55.05 27.94 10.31
N ALA P 34 -54.09 28.87 10.21
CA ALA P 34 -52.81 28.68 10.88
C ALA P 34 -52.98 28.68 12.40
N ILE P 35 -53.91 29.47 12.92
CA ILE P 35 -54.07 29.58 14.35
C ILE P 35 -54.59 28.29 14.94
N SER P 36 -55.62 27.72 14.33
CA SER P 36 -56.15 26.45 14.82
C SER P 36 -55.15 25.33 14.63
N ILE P 37 -54.39 25.33 13.54
CA ILE P 37 -53.36 24.32 13.39
C ILE P 37 -52.33 24.42 14.51
N LEU P 38 -51.95 25.65 14.89
CA LEU P 38 -50.98 25.82 15.97
C LEU P 38 -51.55 25.45 17.32
N LYS P 39 -52.85 25.66 17.54
CA LYS P 39 -53.43 25.34 18.84
C LYS P 39 -53.48 23.85 19.13
N PHE P 40 -53.44 22.99 18.11
CA PHE P 40 -53.60 21.57 18.35
C PHE P 40 -52.32 20.77 18.13
N THR P 41 -51.17 21.43 18.00
CA THR P 41 -49.91 20.74 17.97
C THR P 41 -49.24 20.85 19.33
N PRO P 42 -48.90 19.75 20.00
CA PRO P 42 -48.27 19.87 21.32
C PRO P 42 -46.76 19.95 21.33
N ASN P 43 -46.13 20.63 20.38
CA ASN P 43 -44.68 20.70 20.37
C ASN P 43 -44.26 22.05 20.91
N LYS P 44 -43.16 22.08 21.66
CA LYS P 44 -42.85 23.24 22.48
C LYS P 44 -42.85 24.51 21.67
N SER P 45 -42.37 24.45 20.43
CA SER P 45 -42.25 25.64 19.59
C SER P 45 -43.54 26.02 18.89
N ALA P 46 -44.61 25.25 19.05
CA ALA P 46 -45.86 25.58 18.39
C ALA P 46 -46.46 26.86 18.95
N GLY P 47 -46.34 27.07 20.26
CA GLY P 47 -46.93 28.24 20.89
C GLY P 47 -46.11 29.51 20.80
N ILE P 48 -44.85 29.41 20.42
CA ILE P 48 -43.99 30.57 20.20
C ILE P 48 -44.25 31.17 18.82
N ILE P 49 -44.34 30.31 17.82
CA ILE P 49 -44.75 30.73 16.49
C ILE P 49 -46.15 31.34 16.52
N GLU P 50 -46.99 30.90 17.46
CA GLU P 50 -48.31 31.49 17.60
C GLU P 50 -48.22 32.96 17.97
N LYS P 51 -47.34 33.31 18.91
CA LYS P 51 -47.17 34.71 19.30
C LYS P 51 -46.58 35.55 18.17
N VAL P 52 -45.61 35.00 17.42
CA VAL P 52 -45.05 35.76 16.31
C VAL P 52 -46.12 36.01 15.23
N LEU P 53 -46.94 35.00 14.95
CA LEU P 53 -48.00 35.15 13.97
C LEU P 53 -49.04 36.19 14.41
N MET P 54 -49.36 36.19 15.70
CA MET P 54 -50.33 37.16 16.21
C MET P 54 -49.79 38.59 16.20
N SER P 55 -48.50 38.77 16.44
CA SER P 55 -47.91 40.09 16.26
C SER P 55 -47.95 40.55 14.81
N ALA P 56 -47.67 39.66 13.86
CA ALA P 56 -47.82 40.06 12.45
C ALA P 56 -49.23 40.56 12.17
N VAL P 57 -50.23 39.89 12.74
CA VAL P 57 -51.63 40.28 12.47
C VAL P 57 -51.97 41.63 13.12
N ALA P 58 -51.58 41.83 14.38
CA ALA P 58 -51.80 43.12 15.01
C ALA P 58 -51.11 44.25 14.25
N ASN P 59 -49.90 44.03 13.76
CA ASN P 59 -49.22 45.05 12.99
C ASN P 59 -50.01 45.41 11.73
N ALA P 60 -50.45 44.39 11.01
CA ALA P 60 -51.31 44.63 9.85
C ALA P 60 -52.52 45.49 10.19
N GLU P 61 -53.23 45.13 11.25
CA GLU P 61 -54.46 45.86 11.58
C GLU P 61 -54.17 47.30 11.99
N ASN P 62 -53.21 47.51 12.89
CA ASN P 62 -53.08 48.83 13.49
C ASN P 62 -52.18 49.76 12.69
N ASN P 63 -51.02 49.30 12.24
CA ASN P 63 -50.09 50.23 11.60
C ASN P 63 -50.53 50.55 10.18
N PHE P 64 -50.83 49.55 9.36
CA PHE P 64 -51.17 49.80 7.97
C PHE P 64 -52.57 49.34 7.60
N ASP P 65 -52.83 48.05 7.66
CA ASP P 65 -53.78 47.41 6.75
C ASP P 65 -55.20 47.53 7.25
N LEU P 66 -56.05 46.68 6.69
CA LEU P 66 -57.29 46.26 7.30
C LEU P 66 -57.45 44.81 6.90
N ASP P 67 -58.67 44.30 7.05
CA ASP P 67 -59.10 43.08 6.37
C ASP P 67 -58.29 41.87 6.85
N VAL P 68 -58.56 41.55 8.12
CA VAL P 68 -58.07 40.33 8.74
C VAL P 68 -58.58 39.08 8.05
N GLU P 69 -59.66 39.19 7.28
CA GLU P 69 -60.25 38.03 6.63
C GLU P 69 -59.58 37.69 5.32
N SER P 70 -58.86 38.62 4.73
CA SER P 70 -58.20 38.40 3.47
C SER P 70 -56.76 37.91 3.62
N LEU P 71 -56.17 38.07 4.79
CA LEU P 71 -54.75 37.84 5.00
C LEU P 71 -54.37 36.39 4.75
N VAL P 72 -53.11 36.17 4.38
CA VAL P 72 -52.54 34.86 4.06
C VAL P 72 -51.10 34.86 4.57
N VAL P 73 -50.63 33.71 5.06
CA VAL P 73 -49.24 33.55 5.46
C VAL P 73 -48.41 33.35 4.19
N SER P 74 -47.64 34.36 3.80
CA SER P 74 -46.89 34.29 2.56
C SER P 74 -45.44 33.85 2.73
N GLU P 75 -44.75 34.26 3.78
CA GLU P 75 -43.37 33.89 3.99
C GLU P 75 -43.18 33.43 5.42
N ALA P 76 -42.22 32.53 5.62
CA ALA P 76 -41.92 32.02 6.95
C ALA P 76 -40.58 31.32 6.92
N PHE P 77 -39.77 31.53 7.96
CA PHE P 77 -38.52 30.79 8.08
C PHE P 77 -38.00 30.89 9.51
N VAL P 78 -36.98 30.09 9.77
CA VAL P 78 -36.31 30.01 11.07
C VAL P 78 -34.82 30.02 10.79
N ASN P 79 -34.10 30.96 11.37
CA ASN P 79 -32.64 31.04 11.27
C ASN P 79 -32.01 30.64 12.59
N GLU P 80 -30.69 30.65 12.63
CA GLU P 80 -29.95 30.30 13.84
C GLU P 80 -29.54 31.54 14.61
N GLY P 81 -29.46 31.40 15.92
CA GLY P 81 -28.93 32.44 16.75
C GLY P 81 -27.63 32.00 17.37
N PRO P 82 -27.00 32.88 18.13
CA PRO P 82 -25.75 32.50 18.80
C PRO P 82 -25.97 31.37 19.81
N THR P 83 -24.98 30.50 19.95
CA THR P 83 -25.09 29.35 20.86
C THR P 83 -24.24 29.53 22.10
N MET P 84 -24.78 29.09 23.24
CA MET P 84 -24.03 28.98 24.47
C MET P 84 -23.25 27.69 24.51
N LYS P 85 -22.11 27.72 25.20
CA LYS P 85 -21.21 26.58 25.28
C LYS P 85 -21.09 26.11 26.72
N ARG P 86 -21.30 24.82 26.93
CA ARG P 86 -21.19 24.21 28.25
C ARG P 86 -20.42 22.90 28.15
N PHE P 87 -20.09 22.34 29.31
CA PHE P 87 -19.34 21.10 29.41
C PHE P 87 -20.01 20.19 30.42
N ARG P 88 -20.12 18.92 30.09
CA ARG P 88 -20.65 17.95 31.02
C ARG P 88 -19.58 16.95 31.40
N PRO P 89 -19.41 16.68 32.70
CA PRO P 89 -18.38 15.74 33.11
C PRO P 89 -18.73 14.31 32.70
N ARG P 90 -17.73 13.61 32.24
CA ARG P 90 -17.86 12.26 31.72
C ARG P 90 -17.16 11.29 32.67
N ALA P 91 -17.14 10.02 32.29
CA ALA P 91 -16.45 9.03 33.11
C ALA P 91 -14.94 9.14 32.92
N LYS P 92 -14.22 8.81 33.99
CA LYS P 92 -12.77 8.66 34.01
C LYS P 92 -12.00 9.98 33.95
N GLY P 93 -12.62 11.09 34.30
CA GLY P 93 -11.94 12.35 34.46
C GLY P 93 -11.99 13.30 33.28
N SER P 94 -12.55 12.87 32.14
CA SER P 94 -12.67 13.72 30.97
C SER P 94 -14.03 14.40 30.95
N ALA P 95 -14.23 15.29 29.96
CA ALA P 95 -15.48 16.01 29.81
C ALA P 95 -15.75 16.27 28.34
N SER P 96 -17.02 16.48 28.02
CA SER P 96 -17.44 16.71 26.64
C SER P 96 -18.35 17.93 26.55
N PRO P 97 -18.34 18.60 25.41
CA PRO P 97 -19.10 19.85 25.29
C PRO P 97 -20.58 19.63 25.02
N ILE P 98 -21.35 20.69 25.24
CA ILE P 98 -22.79 20.70 25.00
C ILE P 98 -23.18 22.06 24.44
N ASN P 99 -23.96 22.06 23.37
CA ASN P 99 -24.42 23.28 22.72
C ASN P 99 -25.84 23.62 23.19
N LYS P 100 -26.03 24.86 23.60
CA LYS P 100 -27.36 25.38 23.90
C LYS P 100 -27.74 26.36 22.80
N ARG P 101 -28.62 25.92 21.90
CA ARG P 101 -28.90 26.61 20.66
C ARG P 101 -30.08 27.58 20.77
N THR P 102 -30.18 28.50 19.81
CA THR P 102 -31.19 29.56 19.76
C THR P 102 -31.70 29.74 18.33
N SER P 103 -32.86 30.41 18.20
CA SER P 103 -33.51 30.64 16.93
C SER P 103 -33.98 32.09 16.78
N HIS P 104 -33.88 32.64 15.56
CA HIS P 104 -34.66 33.80 15.14
C HIS P 104 -35.84 33.30 14.32
N ILE P 105 -37.04 33.80 14.60
CA ILE P 105 -38.27 33.35 13.93
C ILE P 105 -39.00 34.55 13.35
N THR P 106 -39.29 34.51 12.06
CA THR P 106 -39.98 35.62 11.37
C THR P 106 -41.12 35.15 10.48
N VAL P 107 -42.27 35.80 10.62
CA VAL P 107 -43.48 35.51 9.84
C VAL P 107 -43.92 36.79 9.14
N VAL P 108 -44.50 36.62 7.95
CA VAL P 108 -44.97 37.70 7.10
C VAL P 108 -46.37 37.38 6.61
N VAL P 109 -47.23 38.39 6.59
CA VAL P 109 -48.63 38.24 6.20
C VAL P 109 -48.98 39.27 5.14
N THR P 110 -49.62 38.84 4.05
CA THR P 110 -50.04 39.75 3.00
C THR P 110 -51.55 39.76 2.84
N GLU P 111 -52.07 40.89 2.32
CA GLU P 111 -53.51 41.02 2.22
C GLU P 111 -54.09 40.04 1.23
N LYS P 112 -53.30 39.63 0.24
CA LYS P 112 -53.48 38.37 -0.47
C LYS P 112 -52.40 38.25 -1.55
N GLU Q 1 -9.82 57.35 74.48
CA GLU Q 1 -9.83 58.74 74.09
C GLU Q 1 -11.28 59.23 74.24
N LEU Q 2 -12.14 58.29 74.65
CA LEU Q 2 -13.43 58.52 75.29
C LEU Q 2 -14.45 59.25 74.44
N LEU Q 3 -14.02 59.84 73.33
CA LEU Q 3 -14.93 60.50 72.43
C LEU Q 3 -14.74 60.04 71.00
N ASP Q 4 -13.75 59.20 70.73
CA ASP Q 4 -13.63 58.43 69.51
C ASP Q 4 -14.09 56.99 69.69
N VAL Q 5 -14.57 56.62 70.88
CA VAL Q 5 -14.86 55.23 71.17
C VAL Q 5 -16.21 54.82 70.62
N ILE Q 6 -17.27 55.50 71.04
CA ILE Q 6 -18.59 55.28 70.46
C ILE Q 6 -18.65 55.92 69.08
N LYS Q 7 -19.10 55.17 68.09
CA LYS Q 7 -19.22 55.66 66.72
C LYS Q 7 -20.62 56.16 66.39
N ARG Q 8 -21.64 55.33 66.58
CA ARG Q 8 -23.01 55.70 66.27
C ARG Q 8 -23.99 54.65 66.79
N PRO Q 9 -25.28 54.91 66.80
CA PRO Q 9 -26.25 53.90 67.25
C PRO Q 9 -26.70 52.98 66.12
N VAL Q 10 -27.18 51.80 66.51
CA VAL Q 10 -27.79 50.85 65.59
C VAL Q 10 -29.30 50.97 65.71
N ILE Q 11 -29.98 51.07 64.56
CA ILE Q 11 -31.42 51.28 64.52
C ILE Q 11 -31.99 50.21 63.59
N THR Q 12 -32.30 49.05 64.13
CA THR Q 12 -32.91 47.95 63.41
C THR Q 12 -34.12 47.46 64.22
N GLU Q 13 -34.83 46.49 63.68
CA GLU Q 13 -36.02 45.99 64.36
C GLU Q 13 -35.69 45.17 65.61
N LYS Q 14 -34.54 44.52 65.64
CA LYS Q 14 -34.16 43.79 66.84
C LYS Q 14 -33.68 44.73 67.92
N SER Q 15 -33.22 45.93 67.56
CA SER Q 15 -32.74 46.92 68.51
C SER Q 15 -33.83 47.85 69.03
N MET Q 16 -34.98 47.94 68.36
CA MET Q 16 -36.06 48.74 68.92
C MET Q 16 -36.69 48.03 70.11
N LEU Q 17 -36.76 46.71 70.06
CA LEU Q 17 -37.29 45.93 71.16
C LEU Q 17 -36.42 46.03 72.40
N ALA Q 18 -35.11 46.18 72.22
CA ALA Q 18 -34.21 46.30 73.36
C ALA Q 18 -34.36 47.64 74.06
N MET Q 19 -34.74 48.70 73.33
CA MET Q 19 -34.93 49.98 73.98
C MET Q 19 -36.09 49.98 74.94
N ASP Q 20 -36.94 48.97 74.90
CA ASP Q 20 -38.08 48.87 75.81
C ASP Q 20 -37.74 48.11 77.08
N GLU Q 21 -36.59 47.44 77.13
CA GLU Q 21 -36.05 46.89 78.36
C GLU Q 21 -34.89 47.70 78.90
N LYS Q 22 -34.68 48.92 78.36
CA LYS Q 22 -33.54 49.79 78.72
C LYS Q 22 -32.21 49.24 78.21
N LYS Q 23 -32.14 48.94 76.91
CA LYS Q 23 -30.89 48.52 76.30
C LYS Q 23 -30.64 49.31 75.03
N TYR Q 24 -29.39 49.64 74.79
CA TYR Q 24 -29.01 50.49 73.67
C TYR Q 24 -27.84 49.90 72.91
N THR Q 25 -27.93 49.92 71.58
CA THR Q 25 -26.95 49.31 70.70
C THR Q 25 -26.12 50.39 70.02
N PHE Q 26 -24.80 50.24 70.10
CA PHE Q 26 -23.88 51.16 69.44
C PHE Q 26 -22.83 50.36 68.68
N GLU Q 27 -22.45 50.85 67.51
CA GLU Q 27 -21.20 50.40 66.88
C GLU Q 27 -20.05 51.12 67.55
N VAL Q 28 -19.17 50.35 68.17
CA VAL Q 28 -18.06 50.90 68.93
C VAL Q 28 -16.79 50.62 68.14
N ASP Q 29 -15.67 51.12 68.65
CA ASP Q 29 -14.39 50.98 67.96
C ASP Q 29 -13.86 49.56 68.10
N THR Q 30 -13.20 49.05 67.07
CA THR Q 30 -12.41 47.85 67.29
C THR Q 30 -11.16 48.26 68.04
N ARG Q 31 -10.70 47.39 68.95
CA ARG Q 31 -9.74 47.67 70.01
C ARG Q 31 -10.35 48.36 71.23
N ALA Q 32 -11.62 48.13 71.53
CA ALA Q 32 -12.24 48.71 72.71
C ALA Q 32 -12.65 47.61 73.69
N ASN Q 33 -12.66 47.95 74.97
CA ASN Q 33 -13.02 47.03 76.03
C ASN Q 33 -14.49 47.08 76.34
N LYS Q 34 -14.96 46.06 77.04
CA LYS Q 34 -16.20 46.18 77.80
C LYS Q 34 -16.12 47.35 78.78
N THR Q 35 -15.01 47.44 79.52
CA THR Q 35 -14.85 48.49 80.52
C THR Q 35 -14.70 49.88 79.90
N LEU Q 36 -13.97 49.98 78.79
CA LEU Q 36 -13.72 51.27 78.18
C LEU Q 36 -15.01 51.87 77.62
N VAL Q 37 -15.81 51.06 76.94
CA VAL Q 37 -17.12 51.48 76.47
C VAL Q 37 -17.99 51.93 77.64
N LYS Q 38 -17.95 51.20 78.75
CA LYS Q 38 -18.76 51.56 79.91
C LYS Q 38 -18.38 52.94 80.43
N GLN Q 39 -17.08 53.18 80.57
CA GLN Q 39 -16.58 54.50 80.97
C GLN Q 39 -17.06 55.58 79.99
N ALA Q 40 -16.95 55.32 78.70
CA ALA Q 40 -17.29 56.33 77.69
C ALA Q 40 -18.78 56.68 77.73
N VAL Q 41 -19.63 55.66 77.90
CA VAL Q 41 -21.07 55.92 77.96
C VAL Q 41 -21.43 56.64 79.25
N GLU Q 42 -20.83 56.28 80.37
CA GLU Q 42 -21.13 57.01 81.59
C GLU Q 42 -20.62 58.44 81.52
N SER Q 43 -19.60 58.70 80.72
CA SER Q 43 -19.08 60.05 80.57
C SER Q 43 -19.92 60.90 79.63
N ALA Q 44 -20.42 60.35 78.53
CA ALA Q 44 -21.03 61.19 77.51
C ALA Q 44 -22.51 61.45 77.69
N PHE Q 45 -23.19 60.79 78.61
CA PHE Q 45 -24.60 61.04 78.82
C PHE Q 45 -25.00 61.23 80.29
N ASP Q 46 -24.12 60.95 81.24
CA ASP Q 46 -24.46 60.94 82.66
C ASP Q 46 -25.62 59.97 82.94
N VAL Q 47 -25.34 58.69 82.75
CA VAL Q 47 -26.27 57.64 83.14
C VAL Q 47 -25.54 56.78 84.15
N LYS Q 48 -26.16 55.68 84.59
CA LYS Q 48 -25.47 54.65 85.34
C LYS Q 48 -25.69 53.34 84.62
N VAL Q 49 -24.62 52.57 84.47
CA VAL Q 49 -24.60 51.40 83.59
C VAL Q 49 -24.56 50.14 84.44
N ALA Q 50 -25.46 49.22 84.14
CA ALA Q 50 -25.27 47.80 84.43
C ALA Q 50 -24.91 47.11 83.12
N ASN Q 51 -23.79 46.39 83.10
CA ASN Q 51 -23.60 45.37 82.09
C ASN Q 51 -23.55 45.74 80.61
N VAL Q 52 -22.39 46.14 80.09
CA VAL Q 52 -22.16 46.05 78.65
C VAL Q 52 -22.02 44.59 78.21
N ASN Q 53 -22.62 44.24 77.07
CA ASN Q 53 -22.32 43.03 76.31
C ASN Q 53 -21.69 43.40 74.96
N ILE Q 54 -20.84 42.54 74.41
CA ILE Q 54 -20.02 42.93 73.25
C ILE Q 54 -19.88 41.77 72.25
N LEU Q 55 -19.87 42.09 70.95
CA LEU Q 55 -19.77 41.10 69.86
C LEU Q 55 -18.83 41.61 68.77
N ASN Q 56 -18.38 40.68 67.93
CA ASN Q 56 -17.68 40.98 66.69
C ASN Q 56 -18.52 40.52 65.49
N VAL Q 57 -18.46 41.26 64.39
CA VAL Q 57 -19.21 40.93 63.18
C VAL Q 57 -18.22 40.73 62.03
N ARG Q 58 -18.41 39.63 61.29
CA ARG Q 58 -17.57 39.31 60.14
C ARG Q 58 -17.91 40.19 58.95
N PRO Q 59 -16.93 40.47 58.09
CA PRO Q 59 -17.25 41.12 56.82
C PRO Q 59 -17.98 40.19 55.87
N LYS Q 60 -18.63 40.79 54.87
CA LYS Q 60 -19.41 40.06 53.88
C LYS Q 60 -18.82 40.25 52.49
N PHE Q 61 -18.69 39.15 51.76
CA PHE Q 61 -18.41 39.19 50.34
C PHE Q 61 -19.51 39.93 49.62
N LYS Q 62 -19.13 40.94 48.85
CA LYS Q 62 -20.05 41.62 47.96
C LYS Q 62 -19.46 41.59 46.56
N ARG Q 63 -20.29 41.89 45.57
CA ARG Q 63 -19.87 41.76 44.17
C ARG Q 63 -20.79 42.66 43.34
N MET Q 64 -20.28 43.84 42.96
CA MET Q 64 -21.12 44.80 42.24
C MET Q 64 -21.01 44.66 40.72
N GLY Q 65 -19.83 44.86 40.18
CA GLY Q 65 -19.68 45.04 38.75
C GLY Q 65 -18.58 44.24 38.10
N LYS Q 66 -18.44 42.96 38.45
CA LYS Q 66 -17.29 42.11 38.12
C LYS Q 66 -16.07 42.54 38.93
N TYR Q 67 -16.31 43.16 40.08
CA TYR Q 67 -15.30 43.48 41.08
C TYR Q 67 -15.88 43.14 42.44
N ALA Q 68 -15.20 42.27 43.17
CA ALA Q 68 -15.70 41.76 44.44
C ALA Q 68 -14.72 42.03 45.57
N GLY Q 69 -15.25 42.18 46.78
CA GLY Q 69 -14.45 42.47 47.95
C GLY Q 69 -15.37 42.69 49.13
N TYR Q 70 -14.77 42.72 50.31
CA TYR Q 70 -15.51 42.67 51.56
C TYR Q 70 -15.82 44.06 52.11
N THR Q 71 -16.91 44.12 52.87
CA THR Q 71 -17.23 45.29 53.66
C THR Q 71 -16.32 45.37 54.88
N LYS Q 72 -16.56 46.35 55.74
CA LYS Q 72 -15.75 46.50 56.94
C LYS Q 72 -16.03 45.37 57.95
N LYS Q 73 -15.12 45.26 58.92
CA LYS Q 73 -15.41 44.60 60.18
C LYS Q 73 -16.25 45.51 61.08
N ARG Q 74 -16.85 44.94 62.11
CA ARG Q 74 -17.73 45.71 62.98
C ARG Q 74 -17.65 45.22 64.41
N ARG Q 75 -17.90 46.13 65.36
CA ARG Q 75 -17.99 45.84 66.79
C ARG Q 75 -19.30 46.41 67.30
N LYS Q 76 -20.09 45.58 67.98
CA LYS Q 76 -21.40 45.97 68.46
C LYS Q 76 -21.47 45.77 69.96
N ALA Q 77 -21.79 46.82 70.71
CA ALA Q 77 -21.93 46.73 72.15
C ALA Q 77 -23.34 47.14 72.57
N ILE Q 78 -23.92 46.41 73.52
CA ILE Q 78 -25.29 46.61 73.99
C ILE Q 78 -25.24 47.01 75.46
N VAL Q 79 -25.74 48.19 75.79
CA VAL Q 79 -25.56 48.80 77.10
C VAL Q 79 -26.89 48.79 77.87
N THR Q 80 -26.86 48.23 79.07
CA THR Q 80 -28.03 48.12 79.94
C THR Q 80 -27.92 49.17 81.05
N LEU Q 81 -29.05 49.74 81.43
CA LEU Q 81 -29.06 50.82 82.41
C LEU Q 81 -29.71 50.35 83.70
N THR Q 82 -29.44 51.07 84.79
CA THR Q 82 -30.13 50.81 86.05
C THR Q 82 -31.49 51.52 86.09
N GLU Q 83 -31.47 52.87 86.08
CA GLU Q 83 -32.70 53.65 85.83
C GLU Q 83 -32.30 55.06 85.37
N ASP Q 84 -32.43 55.30 84.07
CA ASP Q 84 -32.31 56.59 83.38
C ASP Q 84 -32.56 56.37 81.90
N SER Q 85 -32.51 57.39 81.05
CA SER Q 85 -32.79 57.11 79.64
C SER Q 85 -32.08 58.10 78.72
N LYS Q 86 -31.76 57.63 77.52
CA LYS Q 86 -31.17 58.43 76.46
C LYS Q 86 -32.14 58.51 75.29
N GLU Q 87 -32.27 59.70 74.72
CA GLU Q 87 -33.22 59.96 73.64
C GLU Q 87 -32.46 60.21 72.36
N ILE Q 88 -32.57 59.30 71.40
CA ILE Q 88 -31.73 59.34 70.21
C ILE Q 88 -32.38 60.02 69.01
N GLN Q 89 -33.72 60.07 68.94
CA GLN Q 89 -34.36 60.79 67.83
C GLN Q 89 -34.91 62.16 68.22
N MET R 1 -9.02 80.11 29.01
CA MET R 1 -9.19 79.33 27.80
C MET R 1 -9.29 80.23 26.60
N PHE R 2 -9.09 81.54 26.81
CA PHE R 2 -9.22 82.64 25.86
C PHE R 2 -10.68 83.04 25.65
N VAL R 3 -11.61 82.37 26.31
CA VAL R 3 -13.04 82.72 26.27
C VAL R 3 -13.62 82.40 27.64
N LYS R 4 -14.44 83.31 28.16
CA LYS R 4 -14.94 83.25 29.53
C LYS R 4 -16.44 83.02 29.55
N LYS R 5 -16.96 82.78 30.76
CA LYS R 5 -18.34 82.31 30.88
C LYS R 5 -19.35 83.42 30.64
N GLY R 6 -18.99 84.67 30.90
CA GLY R 6 -19.87 85.75 30.49
C GLY R 6 -19.19 86.57 29.41
N ASP R 7 -19.71 86.50 28.18
CA ASP R 7 -18.92 86.92 27.04
C ASP R 7 -19.77 86.81 25.79
N LYS R 8 -19.69 87.81 24.92
CA LYS R 8 -20.39 87.76 23.65
C LYS R 8 -19.42 87.25 22.60
N VAL R 9 -19.91 86.40 21.72
CA VAL R 9 -19.03 85.56 20.92
C VAL R 9 -19.71 85.32 19.58
N LYS R 10 -18.92 85.24 18.51
CA LYS R 10 -19.44 84.91 17.20
C LYS R 10 -18.93 83.55 16.76
N VAL R 11 -19.63 82.94 15.81
CA VAL R 11 -19.38 81.56 15.42
C VAL R 11 -18.69 81.52 14.06
N ILE R 12 -17.57 80.81 13.99
CA ILE R 12 -16.77 80.66 12.78
C ILE R 12 -17.27 79.51 11.91
N THR R 13 -17.33 78.29 12.46
CA THR R 13 -17.59 77.11 11.66
C THR R 13 -18.80 76.35 12.16
N GLY R 14 -19.49 75.66 11.24
CA GLY R 14 -20.54 74.72 11.59
C GLY R 14 -22.00 75.10 11.71
N LYS R 15 -22.64 75.55 10.63
CA LYS R 15 -24.10 75.52 10.51
C LYS R 15 -24.79 76.56 11.38
N ASP R 16 -24.05 77.17 12.28
CA ASP R 16 -24.48 78.35 13.00
C ASP R 16 -23.51 79.48 12.74
N LYS R 17 -22.62 79.29 11.76
CA LYS R 17 -21.75 80.33 11.26
C LYS R 17 -22.52 81.63 11.09
N ASN R 18 -21.94 82.70 11.65
CA ASN R 18 -22.40 84.08 11.69
C ASN R 18 -23.38 84.38 12.81
N LYS R 19 -23.71 83.43 13.67
CA LYS R 19 -24.57 83.73 14.81
C LYS R 19 -23.76 84.29 15.97
N GLU R 20 -24.41 85.10 16.79
CA GLU R 20 -23.82 85.63 18.02
C GLU R 20 -24.58 85.16 19.23
N GLY R 21 -23.97 85.34 20.40
CA GLY R 21 -24.58 84.92 21.64
C GLY R 21 -23.68 85.08 22.84
N VAL R 22 -24.27 85.13 24.01
CA VAL R 22 -23.54 85.25 25.27
C VAL R 22 -23.16 83.86 25.73
N VAL R 23 -21.90 83.68 26.13
CA VAL R 23 -21.43 82.38 26.60
C VAL R 23 -22.21 81.96 27.82
N LEU R 24 -22.59 80.69 27.87
CA LEU R 24 -23.40 80.20 28.97
C LEU R 24 -22.62 79.36 29.97
N ALA R 25 -21.66 78.56 29.52
CA ALA R 25 -20.79 77.84 30.44
C ALA R 25 -19.50 77.46 29.75
N ALA R 26 -18.42 77.42 30.53
CA ALA R 26 -17.10 77.06 30.03
C ALA R 26 -16.71 75.69 30.58
N PHE R 27 -16.22 74.82 29.71
CA PHE R 27 -15.69 73.53 30.12
C PHE R 27 -14.22 73.46 29.71
N PRO R 28 -13.32 74.00 30.52
CA PRO R 28 -11.90 73.77 30.28
C PRO R 28 -11.59 72.31 30.48
N LYS R 29 -10.49 71.88 29.87
CA LYS R 29 -9.97 70.52 29.94
C LYS R 29 -10.79 69.55 29.10
N GLN R 30 -11.91 70.01 28.56
CA GLN R 30 -12.43 69.42 27.35
C GLN R 30 -12.52 70.45 26.23
N ASP R 31 -12.33 71.73 26.54
CA ASP R 31 -12.18 72.81 25.57
C ASP R 31 -13.43 73.00 24.73
N LYS R 32 -14.57 73.05 25.40
CA LYS R 32 -15.86 73.26 24.78
C LYS R 32 -16.56 74.42 25.47
N VAL R 33 -17.68 74.84 24.90
CA VAL R 33 -18.38 76.01 25.40
C VAL R 33 -19.83 75.94 24.94
N ILE R 34 -20.75 76.33 25.82
CA ILE R 34 -22.17 76.40 25.53
C ILE R 34 -22.54 77.84 25.24
N VAL R 35 -23.16 78.09 24.10
CA VAL R 35 -23.48 79.43 23.63
C VAL R 35 -25.00 79.52 23.52
N GLU R 36 -25.56 80.69 23.83
CA GLU R 36 -27.00 80.80 23.93
C GLU R 36 -27.65 80.77 22.54
N GLY R 37 -28.43 79.72 22.29
CA GLY R 37 -29.24 79.58 21.10
C GLY R 37 -28.52 79.04 19.89
N VAL R 38 -27.52 78.18 20.07
CA VAL R 38 -26.51 77.95 19.05
C VAL R 38 -26.48 76.51 18.56
N ASN R 39 -26.59 75.54 19.45
CA ASN R 39 -26.40 74.15 19.01
C ASN R 39 -27.58 73.28 19.44
N VAL R 40 -28.78 73.74 19.10
CA VAL R 40 -30.02 73.18 19.64
C VAL R 40 -30.15 71.71 19.27
N VAL R 41 -30.59 70.91 20.24
CA VAL R 41 -30.68 69.46 20.14
C VAL R 41 -32.04 69.05 20.69
N LYS R 42 -32.53 67.88 20.26
CA LYS R 42 -33.85 67.40 20.64
C LYS R 42 -33.73 66.06 21.35
N LYS R 43 -34.06 66.03 22.64
CA LYS R 43 -33.95 64.82 23.43
C LYS R 43 -35.30 64.10 23.49
N HIS R 44 -35.33 63.00 24.23
CA HIS R 44 -36.57 62.24 24.46
C HIS R 44 -36.48 61.66 25.86
N GLN R 45 -37.16 62.28 26.81
CA GLN R 45 -37.09 61.90 28.21
C GLN R 45 -38.35 61.19 28.66
N LYS R 46 -38.19 60.32 29.59
CA LYS R 46 -39.26 59.72 30.34
C LYS R 46 -39.38 60.38 31.71
N PRO R 47 -40.59 60.47 32.26
CA PRO R 47 -40.80 61.21 33.51
C PRO R 47 -39.81 60.93 34.63
N ASN R 48 -39.14 61.98 35.11
CA ASN R 48 -38.32 61.92 36.30
C ASN R 48 -38.41 63.24 37.04
N GLN R 49 -37.82 63.30 38.25
CA GLN R 49 -38.09 64.31 39.27
C GLN R 49 -38.32 65.71 38.70
N ALA R 50 -37.56 66.11 37.69
CA ALA R 50 -37.81 67.35 36.98
C ALA R 50 -38.65 67.08 35.73
N ALA R 51 -39.76 67.80 35.61
CA ALA R 51 -40.75 67.63 34.54
C ALA R 51 -41.36 66.22 34.57
N PRO R 52 -42.24 65.94 35.55
CA PRO R 52 -42.87 64.61 35.62
C PRO R 52 -43.66 64.24 34.38
N GLN R 53 -43.74 65.17 33.43
CA GLN R 53 -44.19 64.88 32.07
C GLN R 53 -43.00 65.15 31.14
N GLY R 54 -42.28 64.10 30.79
CA GLY R 54 -41.09 64.18 29.97
C GLY R 54 -41.35 64.19 28.48
N GLY R 55 -41.61 65.36 27.90
CA GLY R 55 -41.76 65.45 26.47
C GLY R 55 -40.44 65.49 25.72
N ILE R 56 -40.55 65.81 24.44
CA ILE R 56 -39.41 66.03 23.54
C ILE R 56 -38.89 67.45 23.77
N LEU R 57 -37.69 67.57 24.36
CA LEU R 57 -37.20 68.85 24.85
C LEU R 57 -35.95 69.26 24.09
N GLU R 58 -35.64 70.57 24.15
CA GLU R 58 -34.63 71.18 23.29
C GLU R 58 -33.76 72.14 24.08
N VAL R 59 -32.46 71.89 24.12
CA VAL R 59 -31.48 72.72 24.80
C VAL R 59 -30.20 72.73 23.98
N GLU R 60 -29.25 73.57 24.37
CA GLU R 60 -28.01 73.72 23.63
C GLU R 60 -27.00 72.64 23.98
N ALA R 61 -26.16 72.31 23.01
CA ALA R 61 -25.06 71.38 23.13
C ALA R 61 -23.73 72.10 23.04
N PRO R 62 -22.70 71.64 23.73
CA PRO R 62 -21.41 72.35 23.73
C PRO R 62 -20.66 72.18 22.42
N ILE R 63 -20.23 73.30 21.83
CA ILE R 63 -19.38 73.30 20.65
C ILE R 63 -17.93 73.49 21.06
N HIS R 64 -17.02 73.16 20.15
CA HIS R 64 -15.59 73.26 20.41
C HIS R 64 -15.16 74.72 20.43
N VAL R 65 -14.17 75.02 21.27
CA VAL R 65 -13.87 76.41 21.59
C VAL R 65 -13.17 77.14 20.45
N SER R 66 -12.47 76.44 19.57
CA SER R 66 -11.84 77.11 18.45
C SER R 66 -12.80 77.40 17.30
N ASN R 67 -14.09 77.11 17.46
CA ASN R 67 -15.09 77.49 16.48
C ASN R 67 -15.76 78.82 16.84
N VAL R 68 -15.03 79.71 17.50
CA VAL R 68 -15.63 80.86 18.18
C VAL R 68 -14.62 82.00 18.20
N MET R 69 -15.13 83.22 18.41
CA MET R 69 -14.34 84.45 18.37
C MET R 69 -14.97 85.50 19.27
N VAL R 70 -14.14 86.26 19.98
CA VAL R 70 -14.63 87.30 20.88
C VAL R 70 -14.98 88.57 20.10
N ILE R 71 -15.93 89.33 20.63
CA ILE R 71 -16.36 90.59 20.05
C ILE R 71 -16.09 91.70 21.07
N ASP R 72 -15.33 92.71 20.65
CA ASP R 72 -15.12 93.97 21.37
C ASP R 72 -16.45 94.57 21.82
N PRO R 73 -16.69 94.74 23.12
CA PRO R 73 -18.01 95.20 23.57
C PRO R 73 -18.41 96.53 22.99
N SER R 74 -17.43 97.40 22.75
CA SER R 74 -17.71 98.79 22.44
C SER R 74 -17.97 99.02 20.95
N ASN R 75 -17.43 98.18 20.08
CA ASN R 75 -17.38 98.50 18.66
C ASN R 75 -18.14 97.51 17.80
N GLY R 76 -17.96 96.21 18.01
CA GLY R 76 -18.82 95.20 17.43
C GLY R 76 -18.25 94.35 16.29
N GLU R 77 -16.93 94.25 16.15
CA GLU R 77 -16.30 93.44 15.13
C GLU R 77 -15.43 92.39 15.80
N ALA R 78 -15.39 91.19 15.24
CA ALA R 78 -14.67 90.07 15.86
C ALA R 78 -13.16 90.28 15.75
N THR R 79 -12.44 89.93 16.82
CA THR R 79 -11.02 90.25 16.94
C THR R 79 -10.22 89.08 17.50
N LYS R 80 -9.03 88.90 16.96
CA LYS R 80 -8.00 88.15 17.67
C LYS R 80 -7.58 88.91 18.92
N VAL R 81 -7.12 88.17 19.92
CA VAL R 81 -6.94 88.70 21.26
C VAL R 81 -5.48 88.60 21.65
N ALA R 82 -4.97 89.65 22.30
CA ALA R 82 -3.58 89.75 22.73
C ALA R 82 -3.56 90.27 24.15
N PHE R 83 -2.41 90.14 24.81
CA PHE R 83 -2.26 90.52 26.21
C PHE R 83 -1.20 91.61 26.32
N LYS R 84 -1.52 92.67 27.04
CA LYS R 84 -0.64 93.83 27.17
C LYS R 84 -0.65 94.31 28.61
N GLU R 85 0.27 95.23 28.92
CA GLU R 85 0.64 95.58 30.29
C GLU R 85 -0.08 96.85 30.73
N VAL R 86 -1.29 96.68 31.24
CA VAL R 86 -2.00 97.72 31.96
C VAL R 86 -1.51 97.69 33.41
N ASP R 87 -1.87 98.69 34.22
CA ASP R 87 -1.75 98.56 35.66
C ASP R 87 -2.17 97.14 36.05
N GLY R 88 -1.34 96.47 36.84
CA GLY R 88 -1.10 95.06 36.62
C GLY R 88 -2.25 94.11 36.86
N LYS R 89 -3.38 94.39 36.24
CA LYS R 89 -4.42 93.40 36.02
C LYS R 89 -4.36 93.22 34.52
N LYS R 90 -3.49 92.32 34.08
CA LYS R 90 -3.39 91.97 32.67
C LYS R 90 -4.75 91.52 32.18
N VAL R 91 -5.33 92.27 31.25
CA VAL R 91 -6.55 91.86 30.60
C VAL R 91 -6.25 91.60 29.14
N ARG R 92 -7.18 90.89 28.50
CA ARG R 92 -7.15 90.74 27.05
C ARG R 92 -7.26 92.11 26.42
N VAL R 93 -6.17 92.58 25.84
CA VAL R 93 -6.13 93.85 25.14
C VAL R 93 -6.32 93.53 23.66
N SER R 94 -7.50 93.85 23.15
CA SER R 94 -7.87 93.44 21.81
C SER R 94 -6.82 93.85 20.78
N LYS R 95 -6.64 93.01 19.78
CA LYS R 95 -6.10 93.48 18.51
C LYS R 95 -7.16 94.32 17.82
N LYS R 96 -6.87 94.78 16.61
CA LYS R 96 -7.74 95.73 15.92
C LYS R 96 -7.94 96.98 16.78
N THR R 97 -6.83 97.69 16.99
CA THR R 97 -6.73 98.98 17.69
C THR R 97 -6.91 98.84 19.21
N GLY R 98 -6.08 98.00 19.82
CA GLY R 98 -5.69 98.12 21.22
C GLY R 98 -6.70 98.62 22.24
N GLU R 99 -7.79 97.91 22.43
CA GLU R 99 -8.84 98.27 23.37
C GLU R 99 -9.08 97.12 24.32
N VAL R 100 -9.61 97.43 25.51
CA VAL R 100 -9.70 96.43 26.56
C VAL R 100 -10.96 95.60 26.40
N LEU R 101 -10.82 94.29 26.54
CA LEU R 101 -11.97 93.39 26.46
C LEU R 101 -12.17 92.66 27.78
N SER S 1 30.33 -22.15 5.63
CA SER S 1 31.31 -23.14 6.07
C SER S 1 32.03 -23.71 4.86
N THR S 2 32.89 -22.88 4.27
CA THR S 2 33.77 -23.27 3.18
C THR S 2 35.18 -22.81 3.51
N SER S 3 36.17 -23.49 2.94
CA SER S 3 37.57 -23.18 3.20
C SER S 3 38.28 -22.60 1.98
N ASN S 4 37.55 -22.21 0.95
CA ASN S 4 38.09 -21.48 -0.19
C ASN S 4 37.98 -19.99 0.09
N GLY S 5 38.04 -19.16 -0.93
CA GLY S 5 37.65 -17.78 -0.77
C GLY S 5 38.72 -16.75 -0.89
N ARG S 6 39.81 -17.02 -1.60
CA ARG S 6 40.89 -16.06 -1.66
C ARG S 6 41.51 -16.05 -3.06
N ASP S 7 42.07 -14.90 -3.43
CA ASP S 7 42.65 -14.69 -4.74
C ASP S 7 43.74 -13.63 -4.59
N SER S 8 44.49 -13.40 -5.65
CA SER S 8 45.48 -12.34 -5.68
C SER S 8 45.06 -11.26 -6.67
N GLU S 9 45.67 -10.09 -6.56
CA GLU S 9 45.33 -8.97 -7.45
C GLU S 9 45.79 -9.24 -8.88
N SER S 10 44.94 -8.87 -9.84
CA SER S 10 45.29 -9.02 -11.24
C SER S 10 46.44 -8.09 -11.59
N LYS S 11 47.24 -8.49 -12.57
CA LYS S 11 48.52 -7.86 -12.80
C LYS S 11 48.60 -7.02 -14.06
N ARG S 12 47.56 -7.03 -14.91
CA ARG S 12 47.51 -6.22 -16.13
C ARG S 12 48.66 -6.54 -17.08
N LEU S 13 48.79 -7.80 -17.44
CA LEU S 13 49.80 -8.26 -18.37
C LEU S 13 49.31 -8.15 -19.82
N GLY S 14 50.25 -8.24 -20.75
CA GLY S 14 49.89 -8.14 -22.16
C GLY S 14 50.72 -7.18 -22.98
N ALA S 15 50.17 -6.70 -24.08
CA ALA S 15 50.84 -5.80 -25.00
C ALA S 15 50.47 -4.36 -24.68
N LYS S 16 51.48 -3.49 -24.58
CA LYS S 16 51.26 -2.10 -24.21
C LYS S 16 51.54 -1.13 -25.35
N SER S 17 51.99 -1.60 -26.49
CA SER S 17 51.98 -0.76 -27.67
C SER S 17 51.75 -1.65 -28.87
N ALA S 18 51.25 -1.05 -29.93
CA ALA S 18 50.69 -1.81 -31.04
C ALA S 18 51.71 -1.94 -32.14
N ASP S 19 51.43 -2.85 -33.07
CA ASP S 19 52.21 -2.90 -34.28
C ASP S 19 52.00 -1.63 -35.09
N GLY S 20 53.08 -1.08 -35.61
CA GLY S 20 53.00 0.07 -36.47
C GLY S 20 52.88 1.42 -35.79
N GLN S 21 53.05 1.46 -34.47
CA GLN S 21 52.96 2.68 -33.69
C GLN S 21 54.36 3.21 -33.44
N THR S 22 54.53 4.53 -33.55
CA THR S 22 55.79 5.15 -33.21
C THR S 22 55.88 5.40 -31.71
N VAL S 23 57.11 5.34 -31.19
CA VAL S 23 57.36 5.14 -29.78
C VAL S 23 58.66 5.84 -29.43
N THR S 24 58.74 6.39 -28.21
CA THR S 24 59.97 7.05 -27.78
C THR S 24 60.78 6.11 -26.91
N GLY S 25 62.06 6.44 -26.76
CA GLY S 25 62.99 5.58 -26.07
C GLY S 25 62.59 5.24 -24.65
N GLY S 26 62.58 3.97 -24.32
CA GLY S 26 62.31 3.53 -22.97
C GLY S 26 60.89 3.06 -22.73
N SER S 27 60.02 3.09 -23.74
CA SER S 27 58.62 2.79 -23.52
C SER S 27 58.38 1.28 -23.53
N ILE S 28 57.53 0.83 -22.62
CA ILE S 28 57.25 -0.59 -22.45
C ILE S 28 56.51 -1.12 -23.67
N LEU S 29 56.83 -2.35 -24.07
CA LEU S 29 56.16 -3.00 -25.18
C LEU S 29 55.33 -4.21 -24.79
N TYR S 30 55.71 -4.95 -23.75
CA TYR S 30 55.06 -6.21 -23.41
C TYR S 30 55.41 -6.69 -22.02
N ARG S 31 54.42 -6.98 -21.18
CA ARG S 31 54.61 -7.52 -19.85
C ARG S 31 54.26 -9.00 -19.84
N GLN S 32 55.10 -9.83 -19.24
CA GLN S 32 54.94 -11.28 -19.35
C GLN S 32 55.51 -11.98 -18.12
N ARG S 33 55.26 -13.29 -18.06
CA ARG S 33 56.01 -14.23 -17.22
C ARG S 33 56.81 -15.13 -18.15
N GLY S 34 58.13 -15.07 -18.04
CA GLY S 34 58.97 -15.81 -18.95
C GLY S 34 58.90 -15.24 -20.33
N THR S 35 59.71 -15.74 -21.25
CA THR S 35 59.73 -15.20 -22.60
C THR S 35 58.70 -15.94 -23.44
N LYS S 36 57.46 -15.46 -23.40
CA LYS S 36 56.53 -15.81 -24.46
C LYS S 36 56.95 -15.14 -25.76
N ILE S 37 57.35 -13.87 -25.69
CA ILE S 37 57.90 -13.13 -26.83
C ILE S 37 59.35 -12.82 -26.52
N TYR S 38 60.16 -12.66 -27.55
CA TYR S 38 61.58 -12.45 -27.43
C TYR S 38 61.96 -11.04 -27.82
N PRO S 39 63.12 -10.56 -27.36
CA PRO S 39 63.57 -9.21 -27.74
C PRO S 39 64.30 -9.22 -29.07
N GLY S 40 64.06 -8.19 -29.86
CA GLY S 40 64.69 -8.09 -31.17
C GLY S 40 65.53 -6.85 -31.33
N VAL S 41 65.66 -6.36 -32.56
CA VAL S 41 66.56 -5.25 -32.84
C VAL S 41 66.13 -4.03 -32.06
N ASN S 42 67.02 -3.54 -31.19
CA ASN S 42 66.82 -2.31 -30.43
C ASN S 42 65.76 -2.46 -29.34
N VAL S 43 65.77 -3.59 -28.61
CA VAL S 43 64.80 -3.84 -27.56
C VAL S 43 65.52 -4.60 -26.45
N GLY S 44 65.16 -4.30 -25.19
CA GLY S 44 65.76 -4.92 -24.04
C GLY S 44 64.76 -5.74 -23.23
N ILE S 45 65.29 -6.53 -22.31
CA ILE S 45 64.50 -7.29 -21.35
C ILE S 45 64.79 -6.77 -19.95
N GLY S 46 63.74 -6.65 -19.15
CA GLY S 46 63.86 -6.23 -17.78
C GLY S 46 64.14 -7.39 -16.85
N GLY S 47 64.01 -7.11 -15.56
CA GLY S 47 64.30 -8.11 -14.56
C GLY S 47 63.20 -9.13 -14.40
N ASP S 48 61.96 -8.76 -14.68
CA ASP S 48 60.83 -9.67 -14.62
C ASP S 48 60.22 -9.90 -15.99
N ASP S 49 61.05 -9.89 -17.03
CA ASP S 49 60.75 -10.21 -18.42
C ASP S 49 60.06 -9.12 -19.23
N THR S 50 59.91 -7.90 -18.73
CA THR S 50 59.26 -6.90 -19.56
C THR S 50 60.20 -6.43 -20.67
N LEU S 51 59.62 -6.12 -21.81
CA LEU S 51 60.32 -5.77 -23.03
C LEU S 51 60.18 -4.27 -23.27
N PHE S 52 61.26 -3.60 -23.62
CA PHE S 52 61.24 -2.15 -23.71
C PHE S 52 62.04 -1.68 -24.92
N ALA S 53 61.73 -0.49 -25.38
CA ALA S 53 62.49 0.12 -26.46
C ALA S 53 63.79 0.70 -25.93
N LYS S 54 64.79 0.75 -26.79
CA LYS S 54 66.03 1.46 -26.48
C LYS S 54 66.18 2.72 -27.31
N VAL S 55 65.37 2.87 -28.35
CA VAL S 55 65.55 3.86 -29.39
C VAL S 55 64.17 4.23 -29.90
N ASP S 56 64.02 5.43 -30.45
CA ASP S 56 62.74 5.85 -30.98
C ASP S 56 62.55 5.35 -32.41
N GLY S 57 61.37 4.84 -32.68
CA GLY S 57 61.09 4.18 -33.94
C GLY S 57 59.75 3.51 -33.88
N VAL S 58 59.47 2.71 -34.91
CA VAL S 58 58.19 2.01 -35.07
C VAL S 58 58.32 0.59 -34.55
N VAL S 59 57.21 0.04 -34.08
CA VAL S 59 57.13 -1.28 -33.45
C VAL S 59 56.65 -2.29 -34.48
N ARG S 60 57.29 -3.46 -34.54
CA ARG S 60 56.92 -4.49 -35.49
C ARG S 60 57.00 -5.85 -34.83
N PHE S 61 55.85 -6.50 -34.65
CA PHE S 61 55.81 -7.86 -34.15
C PHE S 61 56.07 -8.83 -35.30
N GLU S 62 57.05 -9.72 -35.13
CA GLU S 62 57.47 -10.63 -36.19
C GLU S 62 57.51 -12.08 -35.71
N ARG S 63 58.03 -12.97 -36.55
CA ARG S 63 58.09 -14.40 -36.30
C ARG S 63 59.54 -14.84 -36.24
N LYS S 64 59.90 -15.59 -35.21
CA LYS S 64 61.29 -15.96 -34.93
C LYS S 64 61.47 -17.43 -35.32
N GLY S 65 61.75 -17.64 -36.60
CA GLY S 65 61.91 -19.01 -37.05
C GLY S 65 60.57 -19.69 -37.14
N ARG S 66 60.47 -20.86 -36.51
CA ARG S 66 59.30 -21.71 -36.68
C ARG S 66 58.22 -21.48 -35.62
N ASP S 67 58.61 -21.26 -34.36
CA ASP S 67 57.59 -21.20 -33.32
C ASP S 67 57.79 -20.09 -32.28
N LYS S 68 58.48 -19.00 -32.61
CA LYS S 68 58.67 -17.95 -31.63
C LYS S 68 58.38 -16.61 -32.25
N LYS S 69 58.16 -15.62 -31.38
CA LYS S 69 57.82 -14.28 -31.81
C LYS S 69 58.86 -13.30 -31.30
N GLN S 70 58.93 -12.15 -31.96
CA GLN S 70 59.93 -11.13 -31.73
C GLN S 70 59.28 -9.76 -31.80
N VAL S 71 59.82 -8.81 -31.05
CA VAL S 71 59.47 -7.40 -31.22
C VAL S 71 60.74 -6.66 -31.59
N SER S 72 60.64 -5.78 -32.58
CA SER S 72 61.73 -4.91 -32.97
C SER S 72 61.23 -3.49 -33.04
N VAL S 73 62.18 -2.54 -32.97
CA VAL S 73 61.89 -1.12 -33.15
C VAL S 73 62.87 -0.59 -34.17
N TYR S 74 62.35 0.09 -35.19
CA TYR S 74 63.14 0.56 -36.31
C TYR S 74 63.04 2.07 -36.44
N PRO S 75 64.11 2.83 -36.26
CA PRO S 75 64.03 4.28 -36.45
C PRO S 75 63.87 4.65 -37.91
N VAL S 76 63.23 5.79 -38.14
CA VAL S 76 63.06 6.33 -39.49
C VAL S 76 64.41 6.69 -40.08
N ALA T 1 39.62 23.74 64.30
CA ALA T 1 40.61 23.71 63.24
C ALA T 1 40.09 24.50 62.06
N LYS T 2 40.05 25.82 62.18
CA LYS T 2 39.49 26.62 61.11
C LYS T 2 40.48 27.64 60.53
N VAL T 3 41.15 28.44 61.36
CA VAL T 3 42.27 29.26 60.93
C VAL T 3 43.31 29.23 62.05
N CYS T 4 44.38 30.00 61.88
CA CYS T 4 45.34 30.24 62.95
C CYS T 4 45.31 31.71 63.34
N TYR T 5 45.66 31.96 64.61
CA TYR T 5 45.43 33.27 65.21
C TYR T 5 46.36 34.34 64.66
N PHE T 6 47.58 33.98 64.28
CA PHE T 6 48.61 34.94 63.96
C PHE T 6 48.91 35.07 62.48
N THR T 7 48.96 33.97 61.75
CA THR T 7 48.92 33.97 60.30
C THR T 7 47.46 33.83 59.90
N GLY T 8 47.18 33.36 58.70
CA GLY T 8 45.79 33.07 58.41
C GLY T 8 45.51 31.69 57.85
N ARG T 9 46.50 30.82 57.84
CA ARG T 9 46.41 29.54 57.15
C ARG T 9 45.08 28.85 57.40
N LYS T 10 44.39 28.48 56.31
CA LYS T 10 43.09 27.84 56.34
C LYS T 10 43.12 26.70 55.33
N THR T 11 41.97 26.07 55.10
CA THR T 11 41.91 24.95 54.18
C THR T 11 41.48 25.39 52.80
N SER T 12 41.86 24.59 51.81
CA SER T 12 41.62 24.92 50.42
C SER T 12 41.34 23.62 49.68
N SER T 13 41.48 23.65 48.37
CA SER T 13 41.23 22.47 47.54
C SER T 13 42.44 22.15 46.68
N GLY T 14 42.48 20.92 46.20
CA GLY T 14 43.51 20.48 45.28
C GLY T 14 43.02 19.37 44.38
N ASN T 15 43.92 18.77 43.63
CA ASN T 15 43.61 17.64 42.76
C ASN T 15 44.40 16.42 43.21
N ASN T 16 43.79 15.24 43.10
CA ASN T 16 44.55 14.02 42.94
C ASN T 16 44.88 13.84 41.46
N ARG T 17 46.00 13.19 41.19
CA ARG T 17 46.40 12.87 39.82
C ARG T 17 46.98 11.46 39.81
N SER T 18 46.32 10.54 39.12
CA SER T 18 46.64 9.12 39.28
C SER T 18 47.13 8.47 38.00
N HIS T 19 48.39 8.71 37.64
CA HIS T 19 49.18 7.87 36.75
C HIS T 19 48.64 7.70 35.34
N ALA T 20 47.40 8.09 35.10
CA ALA T 20 46.82 8.21 33.77
C ALA T 20 46.25 9.60 33.59
N MET T 21 46.48 10.47 34.56
CA MET T 21 46.20 11.90 34.56
C MET T 21 44.75 12.19 34.88
N ASN T 22 44.02 11.23 35.41
CA ASN T 22 42.68 11.50 35.90
C ASN T 22 42.75 12.46 37.08
N SER T 23 41.77 13.34 37.19
CA SER T 23 41.76 14.33 38.24
C SER T 23 40.43 14.31 38.99
N THR T 24 40.51 14.25 40.30
CA THR T 24 39.37 14.40 41.19
C THR T 24 39.70 15.50 42.20
N LYS T 25 38.67 16.02 42.86
CA LYS T 25 38.84 17.04 43.86
C LYS T 25 39.20 16.44 45.21
N ARG T 26 39.58 17.30 46.13
CA ARG T 26 40.45 16.92 47.23
C ARG T 26 40.57 18.11 48.16
N THR T 27 40.94 17.86 49.41
CA THR T 27 41.09 18.90 50.41
C THR T 27 42.53 18.95 50.89
N VAL T 28 43.06 20.17 51.03
CA VAL T 28 44.39 20.41 51.58
C VAL T 28 44.25 21.20 52.86
N LYS T 29 44.97 20.80 53.88
CA LYS T 29 44.82 21.43 55.19
C LYS T 29 46.16 21.88 55.74
N PRO T 30 46.15 22.87 56.62
CA PRO T 30 47.35 23.26 57.36
C PRO T 30 47.50 22.42 58.63
N ASN T 31 48.68 22.52 59.23
CA ASN T 31 49.08 21.68 60.35
C ASN T 31 48.87 22.46 61.66
N LEU T 32 47.61 22.48 62.13
CA LEU T 32 47.19 23.29 63.27
C LEU T 32 47.16 22.47 64.55
N GLN T 33 47.69 23.05 65.64
CA GLN T 33 47.69 22.43 66.96
C GLN T 33 47.12 23.43 67.98
N LYS T 34 46.43 22.92 68.99
CA LYS T 34 45.85 23.74 70.05
C LYS T 34 46.87 24.02 71.14
N VAL T 35 47.12 25.31 71.42
CA VAL T 35 48.16 25.73 72.36
C VAL T 35 47.63 26.85 73.26
N ARG T 36 48.21 26.95 74.46
CA ARG T 36 47.95 28.03 75.40
C ARG T 36 48.95 29.15 75.18
N VAL T 37 48.45 30.35 74.89
CA VAL T 37 49.26 31.54 74.68
C VAL T 37 48.75 32.68 75.57
N LEU T 38 49.59 33.69 75.79
CA LEU T 38 49.25 34.81 76.66
C LEU T 38 48.88 36.01 75.79
N ILE T 39 47.65 36.00 75.29
CA ILE T 39 47.14 37.09 74.46
C ILE T 39 46.40 38.04 75.39
N ASP T 40 47.10 39.09 75.85
CA ASP T 40 46.55 40.11 76.75
C ASP T 40 46.18 39.49 78.09
N GLY T 41 47.21 39.06 78.82
CA GLY T 41 47.07 38.54 80.16
C GLY T 41 46.58 37.11 80.21
N LYS T 42 45.26 36.94 80.15
CA LYS T 42 44.67 35.64 80.46
C LYS T 42 44.99 34.62 79.37
N PRO T 43 45.48 33.44 79.74
CA PRO T 43 45.81 32.44 78.71
C PRO T 43 44.57 32.02 77.94
N LYS T 44 44.80 31.56 76.72
CA LYS T 44 43.73 31.11 75.85
C LYS T 44 44.21 29.89 75.10
N LYS T 45 43.31 28.95 74.83
CA LYS T 45 43.63 27.81 73.99
C LYS T 45 43.15 28.12 72.58
N VAL T 46 44.09 28.40 71.69
CA VAL T 46 43.83 28.77 70.32
C VAL T 46 44.53 27.77 69.39
N TRP T 47 44.03 27.67 68.16
CA TRP T 47 44.70 26.92 67.10
C TRP T 47 45.86 27.73 66.56
N VAL T 48 47.07 27.16 66.57
CA VAL T 48 48.25 27.83 66.04
C VAL T 48 48.96 26.90 65.07
N SER T 49 49.40 27.45 63.95
CA SER T 49 50.20 26.68 63.00
C SER T 49 51.57 26.33 63.59
N ALA T 50 52.11 25.19 63.16
CA ALA T 50 53.43 24.79 63.60
C ALA T 50 54.54 25.62 62.94
N ARG T 51 54.27 26.24 61.81
CA ARG T 51 55.26 27.08 61.15
C ARG T 51 55.44 28.43 61.86
N ALA T 52 54.41 28.93 62.55
CA ALA T 52 54.54 30.14 63.34
C ALA T 52 55.07 29.90 64.75
N LEU T 53 55.07 28.67 65.22
CA LEU T 53 55.70 28.33 66.49
C LEU T 53 57.17 28.01 66.34
N LYS T 54 57.55 27.50 65.17
CA LYS T 54 58.92 27.20 64.81
C LYS T 54 59.84 28.37 65.10
N LYS U 1 -8.75 79.37 57.63
CA LYS U 1 -9.01 80.44 58.60
C LYS U 1 -8.11 80.36 59.83
N VAL U 2 -6.83 80.06 59.61
CA VAL U 2 -5.87 80.08 60.71
C VAL U 2 -5.60 81.48 61.25
N LYS U 3 -6.05 82.52 60.55
CA LYS U 3 -5.75 83.88 60.97
C LYS U 3 -6.39 84.22 62.30
N GLU U 4 -7.41 83.47 62.71
CA GLU U 4 -8.02 83.61 64.02
C GLU U 4 -7.45 82.66 65.05
N ILE U 5 -7.10 81.43 64.65
CA ILE U 5 -6.51 80.48 65.58
C ILE U 5 -5.17 81.00 66.06
N ARG U 6 -4.53 81.86 65.27
CA ARG U 6 -3.33 82.56 65.69
C ARG U 6 -3.62 83.82 66.49
N GLU U 7 -4.89 84.09 66.81
CA GLU U 7 -5.25 85.16 67.72
C GLU U 7 -5.67 84.64 69.09
N LEU U 8 -5.12 83.50 69.53
CA LEU U 8 -5.52 82.87 70.78
C LEU U 8 -4.30 82.31 71.49
N THR U 9 -4.56 81.66 72.63
CA THR U 9 -3.56 81.11 73.53
C THR U 9 -3.64 79.60 73.54
N THR U 10 -2.59 78.95 74.07
CA THR U 10 -2.59 77.49 74.07
C THR U 10 -3.58 76.87 75.05
N ALA U 11 -4.25 77.65 75.90
CA ALA U 11 -5.29 77.07 76.74
C ALA U 11 -6.65 77.06 76.04
N GLU U 12 -7.01 78.20 75.45
CA GLU U 12 -8.19 78.28 74.61
C GLU U 12 -8.07 77.41 73.36
N MET U 13 -6.85 77.11 72.91
CA MET U 13 -6.67 76.09 71.88
C MET U 13 -7.28 74.76 72.32
N LEU U 14 -6.78 74.21 73.43
CA LEU U 14 -7.26 72.91 73.90
C LEU U 14 -8.75 72.97 74.21
N ASP U 15 -9.23 74.13 74.64
CA ASP U 15 -10.67 74.28 74.86
C ASP U 15 -11.47 74.12 73.57
N LYS U 16 -11.07 74.81 72.50
CA LYS U 16 -11.85 74.68 71.28
C LYS U 16 -11.71 73.30 70.67
N GLU U 17 -10.57 72.63 70.92
CA GLU U 17 -10.44 71.24 70.51
C GLU U 17 -11.48 70.37 71.19
N LYS U 18 -11.67 70.55 72.50
CA LYS U 18 -12.72 69.81 73.19
C LYS U 18 -14.08 70.09 72.56
N GLN U 19 -14.37 71.36 72.31
CA GLN U 19 -15.68 71.72 71.75
C GLN U 19 -15.91 71.07 70.38
N LEU U 20 -14.91 71.12 69.50
CA LEU U 20 -15.08 70.59 68.16
C LEU U 20 -15.19 69.07 68.17
N LYS U 21 -14.42 68.39 69.02
CA LYS U 21 -14.58 66.93 69.11
C LYS U 21 -16.00 66.57 69.57
N GLU U 22 -16.55 67.36 70.49
CA GLU U 22 -17.91 67.07 70.93
C GLU U 22 -18.91 67.32 69.81
N GLU U 23 -18.71 68.39 69.04
CA GLU U 23 -19.53 68.63 67.86
C GLU U 23 -19.49 67.47 66.90
N LEU U 24 -18.32 66.88 66.70
CA LEU U 24 -18.24 65.73 65.80
C LEU U 24 -19.06 64.57 66.33
N PHE U 25 -18.97 64.29 67.63
CA PHE U 25 -19.82 63.25 68.23
C PHE U 25 -21.29 63.49 67.91
N ASN U 26 -21.76 64.72 68.10
CA ASN U 26 -23.19 64.99 67.89
C ASN U 26 -23.57 64.94 66.42
N LEU U 27 -22.71 65.41 65.53
CA LEU U 27 -22.99 65.30 64.11
C LEU U 27 -23.12 63.84 63.69
N ARG U 28 -22.16 63.02 64.14
CA ARG U 28 -22.16 61.59 63.82
C ARG U 28 -23.42 60.91 64.33
N PHE U 29 -24.00 61.39 65.44
CA PHE U 29 -25.28 60.80 65.86
C PHE U 29 -26.46 61.33 65.06
N GLN U 30 -26.39 62.56 64.56
CA GLN U 30 -27.46 63.04 63.68
C GLN U 30 -27.52 62.24 62.39
N LEU U 31 -26.38 62.09 61.71
CA LEU U 31 -26.36 61.45 60.39
C LEU U 31 -26.93 60.03 60.41
N ALA U 32 -26.96 59.35 61.54
CA ALA U 32 -27.42 57.97 61.54
C ALA U 32 -28.93 57.83 61.73
N THR U 33 -29.56 58.74 62.45
CA THR U 33 -30.95 58.62 62.81
C THR U 33 -31.88 59.40 61.90
N GLY U 34 -31.38 59.90 60.77
CA GLY U 34 -32.22 60.59 59.81
C GLY U 34 -32.43 62.08 60.04
N GLN U 35 -31.34 62.83 60.17
CA GLN U 35 -31.38 64.27 60.40
C GLN U 35 -30.20 64.86 59.65
N LEU U 36 -29.74 66.03 60.07
CA LEU U 36 -28.54 66.63 59.46
C LEU U 36 -28.78 66.94 57.98
N GLU U 37 -29.55 68.01 57.77
CA GLU U 37 -29.72 68.54 56.43
C GLU U 37 -28.38 68.87 55.78
N ASN U 38 -27.48 69.53 56.51
CA ASN U 38 -26.25 70.07 55.96
C ASN U 38 -25.08 69.15 56.25
N THR U 39 -24.86 68.20 55.34
CA THR U 39 -23.81 67.19 55.57
C THR U 39 -22.40 67.69 55.30
N ALA U 40 -22.23 68.89 54.76
CA ALA U 40 -20.89 69.41 54.52
C ALA U 40 -20.20 69.90 55.77
N ARG U 41 -20.85 69.88 56.92
CA ARG U 41 -20.24 70.38 58.13
C ARG U 41 -19.34 69.34 58.81
N ILE U 42 -19.41 68.08 58.41
CA ILE U 42 -18.54 67.07 59.02
C ILE U 42 -17.10 67.26 58.58
N LYS U 43 -16.89 67.52 57.28
CA LYS U 43 -15.56 67.81 56.78
C LYS U 43 -14.99 69.07 57.40
N GLU U 44 -15.81 70.11 57.53
CA GLU U 44 -15.31 71.39 58.06
C GLU U 44 -14.72 71.23 59.44
N VAL U 45 -15.35 70.42 60.28
CA VAL U 45 -14.89 70.27 61.65
C VAL U 45 -13.60 69.47 61.70
N ARG U 46 -13.52 68.37 60.96
CA ARG U 46 -12.26 67.65 60.80
C ARG U 46 -11.13 68.61 60.46
N GLN U 47 -11.36 69.52 59.51
CA GLN U 47 -10.27 70.37 59.07
C GLN U 47 -9.93 71.45 60.09
N SER U 48 -10.90 71.95 60.86
CA SER U 48 -10.57 72.89 61.93
C SER U 48 -9.76 72.23 63.05
N ILE U 49 -10.06 70.96 63.36
CA ILE U 49 -9.23 70.22 64.31
C ILE U 49 -7.81 70.06 63.78
N ALA U 50 -7.68 69.71 62.49
CA ALA U 50 -6.37 69.57 61.90
C ALA U 50 -5.57 70.86 62.03
N ARG U 51 -6.23 72.00 61.83
CA ARG U 51 -5.56 73.29 61.91
C ARG U 51 -5.08 73.59 63.32
N ILE U 52 -5.92 73.36 64.32
CA ILE U 52 -5.46 73.60 65.69
C ILE U 52 -4.26 72.72 66.01
N LYS U 53 -4.27 71.46 65.57
CA LYS U 53 -3.16 70.59 65.94
C LYS U 53 -1.86 70.97 65.25
N THR U 54 -1.91 71.37 63.97
CA THR U 54 -0.68 71.87 63.33
C THR U 54 -0.18 73.13 64.01
N VAL U 55 -1.06 74.07 64.32
CA VAL U 55 -0.61 75.33 64.91
C VAL U 55 -0.03 75.10 66.29
N LEU U 56 -0.59 74.18 67.06
CA LEU U 56 -0.01 73.87 68.36
C LEU U 56 1.34 73.18 68.22
N ARG U 57 1.53 72.36 67.19
CA ARG U 57 2.86 71.78 67.00
C ARG U 57 3.89 72.86 66.64
N GLU U 58 3.52 73.78 65.74
CA GLU U 58 4.45 74.80 65.28
C GLU U 58 4.99 75.63 66.43
N GLN U 59 4.13 76.04 67.37
CA GLN U 59 4.53 77.01 68.38
C GLN U 59 5.35 76.38 69.49
N ALA U 60 5.08 75.13 69.86
CA ALA U 60 5.90 74.47 70.87
C ALA U 60 7.13 73.87 70.21
N ASN U 61 7.87 74.71 69.48
CA ASN U 61 8.93 74.29 68.58
C ASN U 61 8.46 73.09 67.74
N ALA V 1 27.95 6.35 -58.06
CA ALA V 1 27.86 7.79 -58.19
C ALA V 1 27.26 8.44 -56.94
N GLU V 2 25.93 8.36 -56.83
CA GLU V 2 25.22 8.94 -55.71
C GLU V 2 24.16 7.95 -55.23
N LEU V 3 23.68 8.16 -54.01
CA LEU V 3 22.61 7.35 -53.47
C LEU V 3 21.70 8.24 -52.64
N LYS V 4 20.40 8.16 -52.88
CA LYS V 4 19.44 8.73 -51.93
C LYS V 4 19.17 7.73 -50.82
N ILE V 5 19.23 8.20 -49.58
CA ILE V 5 19.06 7.34 -48.42
C ILE V 5 17.97 7.93 -47.56
N THR V 6 16.86 7.22 -47.41
CA THR V 6 15.73 7.67 -46.61
C THR V 6 15.60 6.83 -45.35
N LEU V 7 15.29 7.47 -44.23
CA LEU V 7 15.17 6.80 -42.95
C LEU V 7 13.72 6.36 -42.74
N LYS V 8 13.49 5.05 -42.67
CA LYS V 8 12.15 4.50 -42.56
C LYS V 8 11.78 3.95 -41.20
N ARG V 9 12.73 3.60 -40.36
CA ARG V 9 12.45 3.13 -39.02
C ARG V 9 12.95 4.13 -37.99
N SER V 10 12.71 3.81 -36.73
CA SER V 10 13.09 4.62 -35.60
C SER V 10 14.35 4.07 -34.95
N VAL V 11 15.05 4.93 -34.22
CA VAL V 11 16.27 4.52 -33.55
C VAL V 11 16.05 4.19 -32.09
N ILE V 12 14.82 4.25 -31.58
CA ILE V 12 14.54 3.76 -30.24
C ILE V 12 14.69 2.25 -30.23
N GLY V 13 15.41 1.73 -29.25
CA GLY V 13 15.58 0.30 -29.10
C GLY V 13 16.79 -0.30 -29.79
N ARG V 14 17.58 0.49 -30.49
CA ARG V 14 18.74 -0.01 -31.21
C ARG V 14 20.04 0.25 -30.43
N PRO V 15 21.09 -0.51 -30.72
CA PRO V 15 22.38 -0.26 -30.06
C PRO V 15 23.06 1.03 -30.49
N GLN V 16 24.20 1.35 -29.88
CA GLN V 16 24.76 2.69 -30.00
C GLN V 16 25.49 2.92 -31.32
N ASN V 17 26.16 1.91 -31.86
CA ASN V 17 26.85 2.13 -33.12
C ASN V 17 25.87 2.35 -34.26
N GLN V 18 24.68 1.78 -34.19
CA GLN V 18 23.68 2.01 -35.23
C GLN V 18 23.11 3.41 -35.15
N ARG V 19 22.85 3.90 -33.93
CA ARG V 19 22.47 5.29 -33.74
C ARG V 19 23.52 6.24 -34.30
N ALA V 20 24.78 6.01 -33.95
CA ALA V 20 25.85 6.90 -34.38
C ALA V 20 26.11 6.80 -35.87
N THR V 21 25.86 5.64 -36.48
CA THR V 21 25.92 5.57 -37.94
C THR V 21 24.82 6.39 -38.57
N VAL V 22 23.60 6.31 -38.06
CA VAL V 22 22.53 7.13 -38.62
C VAL V 22 22.90 8.61 -38.50
N LYS V 23 23.58 8.97 -37.41
CA LYS V 23 24.02 10.35 -37.23
C LYS V 23 25.14 10.74 -38.19
N ALA V 24 26.11 9.84 -38.40
CA ALA V 24 27.24 10.16 -39.26
C ALA V 24 26.81 10.41 -40.70
N LEU V 25 25.72 9.80 -41.13
CA LEU V 25 25.17 10.09 -42.44
C LEU V 25 24.39 11.41 -42.48
N GLY V 26 23.94 11.92 -41.35
CA GLY V 26 23.16 13.13 -41.34
C GLY V 26 21.67 12.92 -41.50
N LEU V 27 21.11 11.90 -40.85
CA LEU V 27 19.69 11.58 -40.92
C LEU V 27 19.05 11.91 -39.58
N GLY V 28 18.09 12.83 -39.58
CA GLY V 28 17.48 13.21 -38.32
C GLY V 28 16.23 12.47 -37.90
N LYS V 29 15.13 12.65 -38.61
CA LYS V 29 13.85 12.10 -38.20
C LYS V 29 13.33 11.13 -39.24
N VAL V 30 12.23 10.47 -38.92
CA VAL V 30 11.69 9.49 -39.84
C VAL V 30 11.26 10.21 -41.11
N ASN V 31 11.65 9.65 -42.25
CA ASN V 31 11.36 10.06 -43.62
C ASN V 31 12.24 11.21 -44.09
N SER V 32 13.19 11.69 -43.29
CA SER V 32 14.20 12.59 -43.81
C SER V 32 15.17 11.83 -44.71
N THR V 33 15.64 12.50 -45.74
CA THR V 33 16.54 11.88 -46.71
C THR V 33 17.92 12.51 -46.66
N VAL V 34 18.82 11.94 -47.47
CA VAL V 34 20.18 12.42 -47.60
C VAL V 34 20.69 11.91 -48.94
N THR V 35 21.68 12.59 -49.50
CA THR V 35 22.34 12.11 -50.71
C THR V 35 23.83 12.12 -50.48
N LYS V 36 24.49 11.04 -50.85
CA LYS V 36 25.90 10.83 -50.61
C LYS V 36 26.57 10.37 -51.88
N PRO V 37 27.89 10.37 -51.93
CA PRO V 37 28.59 9.70 -53.03
C PRO V 37 28.67 8.21 -52.81
N ALA V 38 28.92 7.50 -53.90
CA ALA V 38 29.13 6.05 -53.83
C ALA V 38 30.59 5.80 -53.49
N ASN V 39 30.84 5.22 -52.33
CA ASN V 39 32.17 4.83 -51.86
C ASN V 39 32.10 3.41 -51.33
N GLU V 40 33.24 2.92 -50.87
CA GLU V 40 33.26 1.68 -50.13
C GLU V 40 32.99 1.89 -48.65
N ALA V 41 33.15 3.12 -48.16
CA ALA V 41 32.85 3.49 -46.78
C ALA V 41 31.37 3.81 -46.57
N ILE V 42 30.77 4.55 -47.49
CA ILE V 42 29.34 4.83 -47.40
C ILE V 42 28.52 3.58 -47.60
N LYS V 43 28.98 2.67 -48.46
CA LYS V 43 28.29 1.41 -48.60
C LYS V 43 28.40 0.57 -47.33
N GLY V 44 29.48 0.70 -46.59
CA GLY V 44 29.57 0.01 -45.32
C GLY V 44 28.59 0.55 -44.30
N MET V 45 28.40 1.86 -44.29
CA MET V 45 27.41 2.46 -43.40
C MET V 45 26.01 2.02 -43.77
N VAL V 46 25.72 2.00 -45.06
CA VAL V 46 24.43 1.53 -45.53
C VAL V 46 24.23 0.07 -45.19
N ASN V 47 25.27 -0.74 -45.26
CA ASN V 47 25.14 -2.14 -44.91
C ASN V 47 24.97 -2.36 -43.41
N THR V 48 25.54 -1.50 -42.57
CA THR V 48 25.22 -1.58 -41.15
C THR V 48 23.78 -1.18 -40.86
N ILE V 49 23.20 -0.26 -41.63
CA ILE V 49 21.89 0.27 -41.32
C ILE V 49 20.77 -0.35 -42.15
N SER V 50 21.08 -1.30 -43.03
CA SER V 50 20.13 -1.72 -44.06
C SER V 50 18.74 -2.03 -43.53
N HIS V 51 18.61 -2.54 -42.31
CA HIS V 51 17.29 -2.92 -41.85
C HIS V 51 16.42 -1.72 -41.51
N LEU V 52 17.00 -0.52 -41.41
CA LEU V 52 16.28 0.70 -41.07
C LEU V 52 16.01 1.60 -42.27
N VAL V 53 16.54 1.29 -43.44
CA VAL V 53 16.76 2.30 -44.48
C VAL V 53 16.32 1.78 -45.85
N ASP V 54 15.89 2.71 -46.70
CA ASP V 54 15.73 2.47 -48.13
C ASP V 54 16.82 3.19 -48.90
N VAL V 55 17.31 2.55 -49.97
CA VAL V 55 18.39 3.08 -50.79
C VAL V 55 18.00 3.00 -52.25
N GLU V 56 18.28 4.07 -53.00
CA GLU V 56 18.04 4.10 -54.44
C GLU V 56 19.29 4.64 -55.13
N GLU V 57 19.80 3.88 -56.09
CA GLU V 57 20.99 4.27 -56.84
C GLU V 57 20.67 5.46 -57.73
N VAL V 58 21.12 6.64 -57.33
CA VAL V 58 20.88 7.88 -58.07
C VAL V 58 22.19 8.62 -58.27
N ALA W 1 -17.98 0.31 16.41
CA ALA W 1 -18.25 0.75 15.05
C ALA W 1 -18.30 2.25 14.99
N VAL W 2 -17.70 2.80 13.94
CA VAL W 2 -17.44 4.23 13.82
C VAL W 2 -17.67 4.59 12.36
N PRO W 3 -18.22 5.76 12.06
CA PRO W 3 -18.43 6.14 10.66
C PRO W 3 -17.12 6.29 9.91
N ALA W 4 -16.99 5.54 8.83
CA ALA W 4 -15.77 5.54 8.03
C ALA W 4 -15.67 6.74 7.11
N ARG W 5 -16.77 7.38 6.78
CA ARG W 5 -16.78 8.57 5.95
C ARG W 5 -17.88 9.48 6.47
N ARG W 6 -17.66 10.79 6.43
CA ARG W 6 -18.72 11.71 6.76
C ARG W 6 -19.83 11.64 5.72
N THR W 7 -21.05 12.00 6.10
CA THR W 7 -22.16 11.99 5.16
C THR W 7 -22.43 13.39 4.62
N SER W 8 -22.71 13.46 3.32
CA SER W 8 -22.82 14.72 2.63
C SER W 8 -24.20 15.34 2.86
N LYS W 9 -24.43 16.50 2.25
CA LYS W 9 -25.68 17.24 2.42
C LYS W 9 -26.84 16.57 1.72
N ALA W 10 -26.61 15.98 0.55
CA ALA W 10 -27.70 15.34 -0.17
C ALA W 10 -28.20 14.09 0.53
N LYS W 11 -27.28 13.27 1.08
CA LYS W 11 -27.66 12.02 1.72
C LYS W 11 -28.31 12.26 3.08
N LYS W 12 -27.85 13.28 3.81
CA LYS W 12 -28.53 13.68 5.03
C LYS W 12 -29.97 14.06 4.76
N ALA W 13 -30.19 14.86 3.73
CA ALA W 13 -31.51 15.36 3.42
C ALA W 13 -32.39 14.28 2.81
N LYS W 14 -31.78 13.28 2.17
CA LYS W 14 -32.55 12.14 1.67
C LYS W 14 -32.95 11.21 2.79
N ARG W 15 -32.15 11.14 3.85
CA ARG W 15 -32.60 10.44 5.04
C ARG W 15 -33.76 11.16 5.67
N ARG W 16 -33.74 12.49 5.69
CA ARG W 16 -34.70 13.27 6.46
C ARG W 16 -36.01 13.52 5.71
N THR W 17 -36.40 12.70 4.75
CA THR W 17 -37.65 12.99 4.07
C THR W 17 -38.87 12.34 4.72
N HIS W 18 -38.68 11.39 5.63
CA HIS W 18 -39.78 10.81 6.39
C HIS W 18 -39.76 11.28 7.84
N TYR W 19 -39.34 12.52 8.08
CA TYR W 19 -39.14 13.06 9.42
C TYR W 19 -39.97 14.33 9.59
N LYS W 20 -41.27 14.23 9.39
CA LYS W 20 -42.10 15.42 9.45
C LYS W 20 -43.18 15.32 10.52
N LEU W 21 -44.13 16.25 10.46
CA LEU W 21 -45.24 16.34 11.38
C LEU W 21 -46.54 16.28 10.61
N THR W 22 -47.60 15.85 11.29
CA THR W 22 -48.91 15.78 10.69
C THR W 22 -49.92 16.46 11.60
N ILE W 23 -50.99 16.96 10.99
CA ILE W 23 -52.06 17.62 11.73
C ILE W 23 -53.37 16.95 11.30
N LYS W 24 -53.76 15.90 12.02
CA LYS W 24 -54.86 15.03 11.63
C LYS W 24 -56.19 15.61 12.10
N GLY W 25 -57.24 14.79 12.02
CA GLY W 25 -58.62 15.24 11.85
C GLY W 25 -59.11 16.39 12.69
N LEU W 26 -59.28 17.55 12.04
CA LEU W 26 -59.79 18.77 12.63
C LEU W 26 -61.10 19.14 11.94
N ASN W 27 -62.13 19.36 12.74
CA ASN W 27 -63.46 19.69 12.28
C ASN W 27 -63.89 21.03 12.85
N ALA W 28 -65.12 21.41 12.54
CA ALA W 28 -65.75 22.58 13.11
C ALA W 28 -66.77 22.14 14.13
N CYS W 29 -66.83 22.85 15.25
CA CYS W 29 -67.82 22.56 16.27
C CYS W 29 -69.22 22.73 15.70
N SER W 30 -70.15 21.94 16.22
CA SER W 30 -71.55 22.11 15.85
C SER W 30 -72.23 23.24 16.61
N ASN W 31 -71.73 23.60 17.79
CA ASN W 31 -72.35 24.60 18.65
C ASN W 31 -71.80 26.00 18.43
N CYS W 32 -70.48 26.15 18.34
CA CYS W 32 -69.87 27.47 18.26
C CYS W 32 -68.99 27.70 17.03
N GLY W 33 -68.92 26.73 16.11
CA GLY W 33 -68.25 26.98 14.85
C GLY W 33 -66.75 26.77 14.79
N GLU W 34 -66.02 27.10 15.86
CA GLU W 34 -64.57 27.07 15.81
C GLU W 34 -64.05 25.63 15.65
N MET W 35 -62.80 25.53 15.23
CA MET W 35 -62.24 24.23 14.90
C MET W 35 -61.88 23.47 16.15
N LYS W 36 -61.96 22.16 16.06
CA LYS W 36 -61.78 21.31 17.22
C LYS W 36 -61.46 19.91 16.73
N LYS W 37 -60.86 19.12 17.61
CA LYS W 37 -60.53 17.74 17.31
C LYS W 37 -61.76 16.87 17.42
N SER W 38 -61.98 16.03 16.43
CA SER W 38 -63.15 15.15 16.44
C SER W 38 -63.04 14.10 17.54
N HIS W 39 -64.19 13.76 18.12
CA HIS W 39 -64.39 12.85 19.24
C HIS W 39 -63.85 13.41 20.54
N HIS W 40 -63.51 14.69 20.57
CA HIS W 40 -63.03 15.40 21.75
C HIS W 40 -64.03 16.48 22.14
N VAL W 41 -63.92 16.94 23.39
CA VAL W 41 -64.68 18.10 23.82
C VAL W 41 -64.14 19.35 23.13
N CYS W 42 -65.01 20.30 22.86
CA CYS W 42 -64.56 21.54 22.26
C CYS W 42 -63.91 22.43 23.31
N PRO W 43 -62.65 22.81 23.16
CA PRO W 43 -62.00 23.60 24.21
C PRO W 43 -62.48 25.03 24.28
N ALA W 44 -63.05 25.57 23.20
CA ALA W 44 -63.51 26.96 23.21
C ALA W 44 -64.76 27.15 24.05
N CYS W 45 -65.71 26.21 23.98
CA CYS W 45 -66.99 26.38 24.64
C CYS W 45 -67.40 25.23 25.56
N GLY W 46 -66.65 24.15 25.62
CA GLY W 46 -67.00 23.06 26.53
C GLY W 46 -68.24 22.30 26.15
N HIS W 47 -68.58 22.24 24.87
CA HIS W 47 -69.73 21.49 24.39
C HIS W 47 -69.25 20.27 23.64
N TYR W 48 -69.81 19.10 23.95
CA TYR W 48 -69.59 17.90 23.16
C TYR W 48 -70.94 17.27 22.86
N ASP W 49 -71.22 17.05 21.58
CA ASP W 49 -72.42 16.34 21.16
C ASP W 49 -73.68 17.14 21.52
N GLY W 50 -73.65 18.44 21.28
CA GLY W 50 -74.80 19.31 21.47
C GLY W 50 -75.20 19.60 22.90
N LYS W 51 -74.37 19.28 23.88
CA LYS W 51 -74.68 19.58 25.27
C LYS W 51 -73.47 20.18 25.95
N ASP W 52 -73.70 20.77 27.11
CA ASP W 52 -72.69 21.44 27.90
C ASP W 52 -72.11 20.46 28.92
N VAL W 53 -70.79 20.42 29.03
CA VAL W 53 -70.11 19.37 29.76
C VAL W 53 -69.13 19.91 30.78
N MET W 54 -68.39 20.96 30.46
CA MET W 54 -67.46 21.57 31.41
C MET W 54 -68.13 22.68 32.22
N SER W 55 -69.33 22.40 32.70
CA SER W 55 -70.05 23.32 33.55
C SER W 55 -70.85 22.51 34.55
N LYS W 56 -71.49 23.22 35.47
CA LYS W 56 -72.25 22.59 36.54
C LYS W 56 -73.63 23.22 36.70
N MET X 1 67.87 -17.40 13.59
CA MET X 1 69.27 -17.53 13.21
C MET X 1 69.71 -16.44 12.24
N ARG X 2 68.85 -16.09 11.28
CA ARG X 2 69.15 -14.98 10.38
C ARG X 2 68.87 -13.68 11.09
N VAL X 3 69.77 -12.71 10.88
CA VAL X 3 69.76 -11.44 11.59
C VAL X 3 70.23 -10.37 10.62
N ASN X 4 69.54 -9.23 10.62
CA ASN X 4 70.04 -8.08 9.89
C ASN X 4 71.31 -7.55 10.55
N ILE X 5 72.08 -6.77 9.81
CA ILE X 5 73.42 -6.43 10.23
C ILE X 5 73.81 -5.10 9.59
N THR X 6 74.89 -4.50 10.12
CA THR X 6 75.49 -3.31 9.54
C THR X 6 76.99 -3.51 9.39
N LEU X 7 77.53 -3.13 8.24
CA LEU X 7 78.97 -3.15 7.99
C LEU X 7 79.52 -1.74 8.12
N GLU X 8 80.60 -1.61 8.88
CA GLU X 8 81.17 -0.34 9.25
C GLU X 8 82.57 -0.22 8.68
N CYS X 9 82.90 0.97 8.16
CA CYS X 9 84.22 1.18 7.58
C CYS X 9 85.31 1.05 8.63
N THR X 10 86.52 0.82 8.16
CA THR X 10 87.66 0.53 9.03
C THR X 10 88.72 1.63 9.05
N SER X 11 88.58 2.67 8.23
CA SER X 11 89.45 3.83 8.30
C SER X 11 88.72 5.09 8.77
N CYS X 12 87.54 5.39 8.23
CA CYS X 12 86.80 6.57 8.66
C CYS X 12 85.68 6.28 9.64
N LYS X 13 85.36 5.01 9.87
CA LYS X 13 84.31 4.58 10.81
C LYS X 13 82.95 5.17 10.44
N GLU X 14 82.45 4.80 9.28
CA GLU X 14 81.09 5.14 8.92
C GLU X 14 80.32 3.90 8.52
N ARG X 15 79.17 3.70 9.13
CA ARG X 15 78.29 2.58 8.84
C ARG X 15 77.60 2.84 7.51
N ASN X 16 78.13 2.23 6.46
CA ASN X 16 77.69 2.49 5.10
C ASN X 16 76.68 1.50 4.55
N TYR X 17 76.52 0.30 5.14
CA TYR X 17 75.74 -0.75 4.48
C TYR X 17 74.89 -1.52 5.48
N LEU X 18 73.73 -2.00 4.99
CA LEU X 18 72.83 -2.88 5.74
C LEU X 18 72.67 -4.20 4.99
N THR X 19 72.77 -5.34 5.69
CA THR X 19 72.69 -6.64 5.05
C THR X 19 72.32 -7.72 6.06
N ASN X 20 72.34 -8.98 5.59
CA ASN X 20 71.93 -10.18 6.32
C ASN X 20 73.10 -11.10 6.60
N LYS X 21 72.80 -12.16 7.37
CA LYS X 21 73.61 -13.36 7.50
C LYS X 21 72.92 -14.32 8.46
N ASN X 22 73.34 -15.58 8.41
CA ASN X 22 72.91 -16.60 9.35
C ASN X 22 74.05 -16.87 10.33
N LYS X 23 73.80 -16.63 11.61
CA LYS X 23 74.87 -16.56 12.59
C LYS X 23 75.19 -17.91 13.26
N ARG X 24 74.43 -18.96 12.97
CA ARG X 24 74.95 -20.29 13.22
C ARG X 24 75.71 -20.86 12.02
N ASN X 25 75.49 -20.30 10.83
CA ASN X 25 76.29 -20.68 9.66
C ASN X 25 77.61 -19.92 9.65
N ASN X 26 77.56 -18.58 9.67
CA ASN X 26 78.70 -17.70 9.87
C ASN X 26 78.79 -17.30 11.34
N PRO X 27 79.62 -17.93 12.14
CA PRO X 27 79.73 -17.50 13.55
C PRO X 27 80.55 -16.24 13.76
N ASP X 28 81.58 -16.03 12.94
CA ASP X 28 82.41 -14.84 13.06
C ASP X 28 81.81 -13.70 12.24
N ARG X 29 82.57 -12.63 12.05
CA ARG X 29 82.07 -11.39 11.48
C ARG X 29 82.38 -11.31 9.98
N LEU X 30 81.41 -10.85 9.21
CA LEU X 30 81.63 -10.67 7.78
C LEU X 30 82.71 -9.63 7.53
N GLU X 31 83.33 -9.71 6.35
CA GLU X 31 84.39 -8.82 5.94
C GLU X 31 84.36 -8.69 4.43
N LYS X 32 84.16 -7.48 3.93
CA LYS X 32 84.06 -7.24 2.49
C LYS X 32 84.85 -5.99 2.12
N GLN X 33 85.24 -5.92 0.85
CA GLN X 33 85.86 -4.72 0.29
C GLN X 33 84.78 -3.97 -0.47
N LYS X 34 84.29 -2.88 0.12
CA LYS X 34 83.19 -2.10 -0.45
C LYS X 34 83.62 -0.66 -0.65
N TYR X 35 83.04 -0.03 -1.67
CA TYR X 35 83.25 1.39 -1.92
C TYR X 35 82.79 2.22 -0.72
N CYS X 36 83.70 3.02 -0.16
CA CYS X 36 83.37 3.92 0.94
C CYS X 36 83.09 5.30 0.38
N PRO X 37 81.89 5.85 0.53
CA PRO X 37 81.55 7.11 -0.13
C PRO X 37 82.24 8.33 0.45
N ARG X 38 82.65 8.30 1.71
CA ARG X 38 83.29 9.47 2.29
C ARG X 38 84.68 9.69 1.71
N GLU X 39 85.40 8.60 1.44
CA GLU X 39 86.74 8.70 0.90
C GLU X 39 86.81 8.40 -0.59
N ARG X 40 85.70 7.97 -1.20
CA ARG X 40 85.61 7.70 -2.64
C ARG X 40 86.67 6.68 -3.07
N LYS X 41 86.54 5.48 -2.53
CA LYS X 41 87.61 4.50 -2.52
C LYS X 41 87.04 3.17 -2.04
N VAL X 42 87.75 2.09 -2.33
CA VAL X 42 87.37 0.75 -1.88
C VAL X 42 88.18 0.43 -0.63
N THR X 43 87.50 0.03 0.43
CA THR X 43 88.08 -0.10 1.76
C THR X 43 87.51 -1.35 2.40
N LEU X 44 88.23 -1.90 3.37
CA LEU X 44 87.76 -3.08 4.10
C LEU X 44 86.70 -2.67 5.13
N HIS X 45 85.45 -3.03 4.87
CA HIS X 45 84.37 -2.80 5.82
C HIS X 45 84.18 -4.02 6.71
N ARG X 46 83.76 -3.78 7.94
CA ARG X 46 83.60 -4.85 8.91
C ARG X 46 82.37 -4.63 9.76
N GLU X 47 81.80 -5.74 10.23
CA GLU X 47 80.52 -5.75 10.90
C GLU X 47 80.62 -5.28 12.35
N THR X 48 79.62 -4.50 12.77
CA THR X 48 79.68 -3.84 14.08
C THR X 48 79.53 -4.85 15.20
N LYS X 49 80.50 -4.86 16.11
CA LYS X 49 80.46 -5.77 17.25
C LYS X 49 79.31 -5.42 18.18
N MET Y 1 -11.94 4.48 49.66
CA MET Y 1 -11.51 5.43 48.62
C MET Y 1 -11.14 6.79 49.21
N LYS Y 2 -10.03 6.83 49.93
CA LYS Y 2 -9.52 8.05 50.53
C LYS Y 2 -8.53 8.73 49.60
N ARG Y 3 -8.78 9.99 49.28
CA ARG Y 3 -7.98 10.79 48.37
C ARG Y 3 -6.82 11.47 49.10
N THR Y 4 -5.95 12.17 48.36
CA THR Y 4 -4.71 12.67 48.94
C THR Y 4 -4.89 13.94 49.78
N TYR Y 5 -5.75 14.87 49.36
CA TYR Y 5 -5.88 16.14 50.05
C TYR Y 5 -6.91 16.02 51.16
N GLN Y 6 -6.46 16.11 52.39
CA GLN Y 6 -7.34 16.17 53.56
C GLN Y 6 -7.03 17.47 54.26
N PRO Y 7 -7.93 18.45 54.28
CA PRO Y 7 -7.58 19.78 54.77
C PRO Y 7 -7.42 19.86 56.28
N ASN Y 8 -6.55 20.78 56.70
CA ASN Y 8 -6.25 21.03 58.10
C ASN Y 8 -5.68 22.42 58.21
N LYS Y 9 -6.11 23.18 59.22
CA LYS Y 9 -5.73 24.59 59.34
C LYS Y 9 -4.35 24.78 59.95
N ARG Y 10 -4.01 24.00 60.98
CA ARG Y 10 -2.74 24.19 61.66
C ARG Y 10 -1.57 23.74 60.76
N LYS Y 11 -1.73 22.62 60.07
CA LYS Y 11 -0.65 22.09 59.26
C LYS Y 11 -0.29 23.03 58.13
N ARG Y 12 -1.29 23.59 57.47
CA ARG Y 12 -1.04 24.50 56.36
C ARG Y 12 -0.24 25.72 56.81
N GLN Y 13 -0.50 26.23 58.02
CA GLN Y 13 0.28 27.37 58.50
C GLN Y 13 1.66 26.95 58.98
N LYS Y 14 1.79 25.73 59.48
CA LYS Y 14 3.06 25.30 60.05
C LYS Y 14 4.06 24.81 59.02
N VAL Y 15 3.60 24.41 57.84
CA VAL Y 15 4.50 23.88 56.82
C VAL Y 15 4.74 24.93 55.74
N HIS Y 16 3.77 25.81 55.50
CA HIS Y 16 3.82 26.71 54.36
C HIS Y 16 3.70 28.18 54.69
N GLY Y 17 3.67 28.56 55.96
CA GLY Y 17 3.32 29.90 56.36
C GLY Y 17 4.50 30.86 56.39
N PHE Y 18 4.20 32.10 56.78
CA PHE Y 18 5.18 33.18 56.68
C PHE Y 18 6.38 32.94 57.58
N ARG Y 19 6.15 32.49 58.82
CA ARG Y 19 7.26 32.35 59.76
C ARG Y 19 8.16 31.17 59.41
N LYS Y 20 7.58 30.08 58.90
CA LYS Y 20 8.39 28.97 58.42
C LYS Y 20 9.25 29.36 57.22
N ARG Y 21 8.72 30.20 56.33
CA ARG Y 21 9.53 30.71 55.23
C ARG Y 21 10.59 31.69 55.69
N MET Y 22 10.34 32.39 56.79
CA MET Y 22 11.33 33.34 57.30
C MET Y 22 12.45 32.70 58.08
N SER Y 23 12.25 31.50 58.63
CA SER Y 23 13.28 30.91 59.47
C SER Y 23 14.40 30.19 58.72
N THR Y 24 14.30 29.93 57.43
CA THR Y 24 15.42 29.34 56.72
C THR Y 24 15.99 30.32 55.72
N LYS Y 25 17.22 30.04 55.26
CA LYS Y 25 17.85 30.89 54.26
C LYS Y 25 17.29 30.68 52.87
N ASN Y 26 16.74 29.50 52.59
CA ASN Y 26 16.13 29.20 51.31
C ASN Y 26 14.66 29.61 51.25
N GLY Y 27 13.99 29.66 52.40
CA GLY Y 27 12.67 30.27 52.45
C GLY Y 27 12.65 31.71 52.00
N ARG Y 28 13.71 32.45 52.29
CA ARG Y 28 13.78 33.85 51.92
C ARG Y 28 14.13 34.03 50.46
N ARG Y 29 14.85 33.07 49.88
CA ARG Y 29 14.95 32.97 48.43
C ARG Y 29 13.58 32.81 47.79
N VAL Y 30 12.72 31.97 48.37
CA VAL Y 30 11.37 31.83 47.83
C VAL Y 30 10.59 33.13 47.94
N LEU Y 31 10.63 33.78 49.10
CA LEU Y 31 9.86 35.00 49.29
C LEU Y 31 10.34 36.12 48.37
N ALA Y 32 11.64 36.20 48.14
CA ALA Y 32 12.16 37.22 47.23
C ALA Y 32 11.80 36.90 45.78
N SER Y 33 11.80 35.63 45.40
CA SER Y 33 11.42 35.31 44.03
C SER Y 33 9.94 35.54 43.81
N ARG Y 34 9.11 35.41 44.85
CA ARG Y 34 7.71 35.75 44.68
C ARG Y 34 7.50 37.26 44.65
N ARG Y 35 8.18 38.04 45.50
CA ARG Y 35 8.02 39.49 45.42
C ARG Y 35 8.51 40.04 44.10
N ARG Y 36 9.48 39.38 43.47
CA ARG Y 36 10.00 39.85 42.20
C ARG Y 36 9.07 39.57 41.03
N LYS Y 37 8.09 38.69 41.18
CA LYS Y 37 7.19 38.39 40.09
C LYS Y 37 5.92 39.23 40.15
N GLY Y 38 5.53 39.71 41.32
CA GLY Y 38 4.33 40.47 41.47
C GLY Y 38 3.16 39.71 42.03
N ARG Y 39 3.42 38.68 42.82
CA ARG Y 39 2.34 37.87 43.35
C ARG Y 39 1.60 38.61 44.46
N LYS Y 40 0.27 38.53 44.43
CA LYS Y 40 -0.55 39.16 45.46
C LYS Y 40 -0.56 38.37 46.75
N VAL Y 41 -0.18 37.11 46.70
CA VAL Y 41 -0.02 36.24 47.85
C VAL Y 41 1.37 35.66 47.74
N ILE Y 42 2.26 36.01 48.66
CA ILE Y 42 3.61 35.47 48.59
C ILE Y 42 3.81 34.29 49.52
N SER Y 43 2.95 34.09 50.50
CA SER Y 43 3.11 32.91 51.34
C SER Y 43 1.75 32.52 51.90
N ALA Y 44 1.43 31.24 51.75
CA ALA Y 44 0.29 30.65 52.42
C ALA Y 44 0.43 30.76 53.93
N PRO Z 1 34.35 35.53 13.66
CA PRO Z 1 35.77 35.62 14.01
C PRO Z 1 36.68 35.33 12.81
N LYS Z 2 37.98 35.17 13.04
CA LYS Z 2 38.86 34.80 11.95
C LYS Z 2 38.85 33.29 11.75
N GLN Z 3 39.33 32.87 10.59
CA GLN Z 3 39.52 31.46 10.28
C GLN Z 3 40.84 30.95 10.85
N LYS Z 4 40.81 29.74 11.40
CA LYS Z 4 42.01 29.15 11.97
C LYS Z 4 42.63 28.20 10.96
N THR Z 5 43.96 28.25 10.85
CA THR Z 5 44.67 27.33 9.97
C THR Z 5 44.88 25.99 10.66
N HIS Z 6 44.95 24.93 9.86
CA HIS Z 6 45.27 23.61 10.36
C HIS Z 6 46.74 23.56 10.74
N ARG Z 7 47.03 23.47 12.02
CA ARG Z 7 48.41 23.54 12.48
C ARG Z 7 49.19 22.25 12.21
N GLY Z 8 48.51 21.13 12.03
CA GLY Z 8 49.18 19.90 11.64
C GLY Z 8 49.57 19.82 10.18
N LEU Z 9 48.81 20.48 9.30
CA LEU Z 9 49.20 20.55 7.90
C LEU Z 9 50.37 21.51 7.70
N ALA Z 10 50.37 22.64 8.40
CA ALA Z 10 51.39 23.66 8.17
C ALA Z 10 52.78 23.20 8.57
N LYS Z 11 52.88 22.25 9.50
CA LYS Z 11 54.15 21.66 9.92
C LYS Z 11 54.68 20.62 8.94
N ARG Z 12 53.99 20.39 7.83
CA ARG Z 12 54.29 19.28 6.94
C ARG Z 12 54.38 19.68 5.48
N VAL Z 13 54.09 20.93 5.12
CA VAL Z 13 53.87 21.32 3.74
C VAL Z 13 54.40 22.75 3.57
N LYS Z 14 54.77 23.13 2.34
CA LYS Z 14 55.16 24.50 2.04
C LYS Z 14 54.70 24.89 0.63
N ARG Z 15 54.56 26.19 0.40
CA ARG Z 15 53.93 26.72 -0.81
C ARG Z 15 54.98 27.20 -1.80
N THR Z 16 54.95 26.66 -3.01
CA THR Z 16 55.98 26.94 -4.00
C THR Z 16 55.67 28.25 -4.72
N GLY Z 17 56.52 28.59 -5.70
CA GLY Z 17 56.47 29.90 -6.33
C GLY Z 17 55.36 30.09 -7.33
N GLY Z 18 54.84 29.01 -7.89
CA GLY Z 18 53.71 29.08 -8.80
C GLY Z 18 52.42 28.57 -8.19
N GLY Z 19 52.34 28.57 -6.86
CA GLY Z 19 51.11 28.25 -6.17
C GLY Z 19 50.94 26.82 -5.71
N GLY Z 20 51.86 25.92 -6.03
CA GLY Z 20 51.71 24.52 -5.66
C GLY Z 20 51.94 24.23 -4.19
N LEU Z 21 52.30 23.00 -3.86
CA LEU Z 21 52.59 22.63 -2.47
C LEU Z 21 53.59 21.48 -2.46
N LYS Z 22 54.82 21.77 -2.08
CA LYS Z 22 55.83 20.73 -1.93
C LYS Z 22 55.57 19.89 -0.70
N ARG Z 23 55.86 18.59 -0.78
CA ARG Z 23 55.58 17.67 0.32
C ARG Z 23 56.69 16.63 0.45
N GLY Z 24 56.80 16.07 1.64
CA GLY Z 24 57.67 14.94 1.89
C GLY Z 24 57.01 13.63 1.54
N ARG Z 25 57.73 12.54 1.75
CA ARG Z 25 57.30 11.22 1.30
C ARG Z 25 57.06 10.30 2.48
N ALA Z 26 56.29 9.25 2.25
CA ALA Z 26 55.98 8.23 3.24
C ALA Z 26 56.90 7.03 3.10
N PHE Z 27 56.89 6.17 4.13
CA PHE Z 27 57.73 4.98 4.23
C PHE Z 27 59.19 5.33 4.43
N THR Z 28 59.45 6.41 5.16
CA THR Z 28 60.80 6.97 5.27
C THR Z 28 61.22 7.20 6.71
N SER Z 29 60.81 6.33 7.60
CA SER Z 29 61.32 6.42 8.97
C SER Z 29 61.66 5.08 9.58
N HIS Z 30 61.45 3.98 8.88
CA HIS Z 30 61.17 2.70 9.49
C HIS Z 30 61.78 1.61 8.63
N ARG Z 31 61.32 0.40 8.80
CA ARG Z 31 62.11 -0.78 8.49
C ARG Z 31 62.61 -0.79 7.05
N PHE Z 32 63.86 -0.44 6.87
CA PHE Z 32 64.48 -0.33 5.57
C PHE Z 32 65.03 -1.65 5.07
N HIS Z 33 65.05 -2.68 5.92
CA HIS Z 33 65.38 -4.03 5.48
C HIS Z 33 64.26 -4.68 4.68
N GLY Z 34 63.09 -4.07 4.66
CA GLY Z 34 61.96 -4.55 3.91
C GLY Z 34 61.80 -3.92 2.54
N LYS Z 35 62.73 -3.06 2.14
CA LYS Z 35 62.66 -2.31 0.90
C LYS Z 35 64.03 -2.29 0.25
N THR Z 36 64.05 -2.09 -1.07
CA THR Z 36 65.26 -2.17 -1.87
C THR Z 36 65.98 -0.82 -1.92
N LYS Z 37 67.29 -0.89 -2.16
CA LYS Z 37 68.10 0.34 -2.22
C LYS Z 37 67.55 1.31 -3.25
N LYS Z 38 67.08 0.83 -4.39
CA LYS Z 38 66.49 1.71 -5.38
C LYS Z 38 65.23 2.39 -4.84
N GLN Z 39 64.42 1.66 -4.06
CA GLN Z 39 63.25 2.26 -3.41
C GLN Z 39 63.66 3.37 -2.45
N ARG Z 40 64.64 3.12 -1.58
CA ARG Z 40 64.98 4.15 -0.60
C ARG Z 40 65.81 5.27 -1.20
N ARG Z 41 66.46 5.06 -2.33
CA ARG Z 41 67.07 6.18 -3.04
C ARG Z 41 65.99 7.06 -3.65
N GLN Z 42 64.95 6.45 -4.21
CA GLN Z 42 63.91 7.21 -4.86
C GLN Z 42 62.77 7.65 -3.94
N LEU Z 43 62.81 7.30 -2.66
CA LEU Z 43 61.88 7.86 -1.68
C LEU Z 43 62.52 8.97 -0.86
N ARG Z 44 63.57 9.58 -1.39
CA ARG Z 44 64.31 10.66 -0.76
C ARG Z 44 64.06 11.99 -1.45
N LYS Z 45 63.33 11.99 -2.56
CA LYS Z 45 63.00 13.17 -3.34
C LYS Z 45 61.59 13.64 -3.02
N ALA Z 46 61.44 14.95 -2.86
CA ALA Z 46 60.15 15.53 -2.53
C ALA Z 46 59.21 15.49 -3.73
N SER Z 47 57.94 15.78 -3.48
CA SER Z 47 56.94 15.77 -4.53
C SER Z 47 55.93 16.86 -4.24
N MET Z 48 54.80 16.82 -4.92
CA MET Z 48 53.76 17.83 -4.81
C MET Z 48 52.43 17.19 -4.38
N VAL Z 49 51.46 18.01 -4.16
CA VAL Z 49 50.14 17.56 -3.74
C VAL Z 49 49.25 17.42 -4.97
N ALA Z 50 48.43 16.37 -5.01
CA ALA Z 50 47.58 16.10 -6.14
C ALA Z 50 46.37 17.05 -6.17
N LYS Z 51 45.57 16.94 -7.23
CA LYS Z 51 44.40 17.81 -7.37
C LYS Z 51 43.21 17.36 -6.54
N GLY Z 52 43.03 16.07 -6.32
CA GLY Z 52 41.96 15.63 -5.44
C GLY Z 52 42.20 16.07 -4.02
N ASP Z 53 43.44 15.96 -3.55
CA ASP Z 53 43.79 16.36 -2.20
C ASP Z 53 43.76 17.87 -2.04
N TYR Z 54 44.22 18.60 -3.04
CA TYR Z 54 44.23 20.06 -2.92
C TYR Z 54 42.83 20.63 -2.88
N LYS Z 55 41.92 20.13 -3.71
CA LYS Z 55 40.54 20.63 -3.69
C LYS Z 55 39.94 20.55 -2.31
N ARG Z 56 40.20 19.45 -1.59
CA ARG Z 56 39.62 19.29 -0.26
C ARG Z 56 40.43 19.97 0.83
N ILE Z 57 41.68 20.35 0.55
CA ILE Z 57 42.55 20.91 1.57
C ILE Z 57 42.67 22.44 1.54
N ARG Z 58 42.36 23.08 0.40
CA ARG Z 58 42.64 24.50 0.15
C ARG Z 58 42.31 25.48 1.28
N GLN Z 59 41.14 25.35 1.91
CA GLN Z 59 40.70 26.35 2.88
C GLN Z 59 41.44 26.29 4.22
N GLN Z 60 42.08 25.19 4.54
CA GLN Z 60 42.73 25.10 5.83
C GLN Z 60 44.10 25.74 5.87
N LEU Z 61 44.65 26.10 4.73
CA LEU Z 61 45.99 26.67 4.63
C LEU Z 61 45.97 28.06 4.00
N ALA Z 62 44.85 28.76 4.10
CA ALA Z 62 44.65 29.97 3.30
C ALA Z 62 45.67 31.05 3.64
N ARG Z 63 46.05 31.17 4.90
CA ARG Z 63 46.91 32.28 5.31
C ARG Z 63 48.37 31.90 5.46
N MET Z 64 48.69 30.67 5.81
CA MET Z 64 50.07 30.19 5.72
C MET Z 64 50.11 28.67 5.59
N MET AA 1 -13.89 -55.68 -17.91
CA MET AA 1 -13.35 -54.54 -18.62
C MET AA 1 -12.08 -54.03 -17.95
N LYS AA 2 -11.06 -53.78 -18.74
CA LYS AA 2 -9.86 -53.09 -18.30
C LYS AA 2 -9.89 -51.70 -18.92
N VAL AA 3 -9.59 -50.68 -18.12
CA VAL AA 3 -9.54 -49.30 -18.60
C VAL AA 3 -8.15 -48.76 -18.30
N ARG AA 4 -7.32 -48.63 -19.34
CA ARG AA 4 -5.91 -48.29 -19.24
C ARG AA 4 -5.53 -47.47 -20.45
N PRO AA 5 -4.53 -46.58 -20.35
CA PRO AA 5 -4.09 -45.84 -21.53
C PRO AA 5 -3.23 -46.63 -22.50
N SER AA 6 -2.85 -47.86 -22.17
CA SER AA 6 -2.23 -48.76 -23.14
C SER AA 6 -3.17 -49.93 -23.39
N VAL AA 7 -3.64 -50.06 -24.62
CA VAL AA 7 -4.62 -51.06 -25.00
C VAL AA 7 -3.99 -51.86 -26.13
N LYS AA 8 -3.81 -53.15 -25.92
CA LYS AA 8 -2.97 -54.00 -26.74
C LYS AA 8 -3.64 -55.34 -26.98
N PRO AA 9 -3.62 -55.84 -28.21
CA PRO AA 9 -4.07 -57.21 -28.46
C PRO AA 9 -3.16 -58.20 -27.76
N MET AA 10 -3.75 -59.13 -27.00
CA MET AA 10 -2.99 -60.01 -26.12
C MET AA 10 -3.22 -61.49 -26.35
N CYS AA 11 -3.96 -61.88 -27.40
CA CYS AA 11 -3.93 -63.24 -27.89
C CYS AA 11 -4.19 -63.17 -29.40
N GLU AA 12 -4.48 -64.32 -30.00
CA GLU AA 12 -4.69 -64.40 -31.43
C GLU AA 12 -6.00 -63.74 -31.86
N HIS AA 13 -7.07 -63.98 -31.11
CA HIS AA 13 -8.42 -63.71 -31.56
C HIS AA 13 -8.90 -62.33 -31.18
N CYS AA 14 -8.09 -61.58 -30.45
CA CYS AA 14 -8.36 -60.19 -30.14
C CYS AA 14 -8.38 -59.34 -31.41
N LYS AA 15 -9.39 -58.48 -31.52
CA LYS AA 15 -9.45 -57.45 -32.54
C LYS AA 15 -9.51 -56.07 -31.89
N VAL AA 16 -9.10 -55.06 -32.66
CA VAL AA 16 -9.18 -53.65 -32.26
C VAL AA 16 -10.31 -52.98 -33.03
N ILE AA 17 -11.02 -52.07 -32.38
CA ILE AA 17 -12.14 -51.34 -32.99
C ILE AA 17 -12.10 -49.88 -32.55
N ARG AA 18 -13.09 -49.11 -33.00
CA ARG AA 18 -13.32 -47.72 -32.61
C ARG AA 18 -14.82 -47.47 -32.60
N ARG AA 19 -15.45 -47.61 -31.42
CA ARG AA 19 -16.90 -47.44 -31.36
C ARG AA 19 -17.34 -45.99 -31.21
N LYS AA 20 -16.46 -45.11 -30.77
CA LYS AA 20 -16.57 -43.67 -30.87
C LYS AA 20 -15.14 -43.19 -31.09
N GLY AA 21 -14.86 -41.96 -30.71
CA GLY AA 21 -13.44 -41.68 -30.60
C GLY AA 21 -12.89 -42.43 -29.40
N ARG AA 22 -12.79 -43.75 -29.49
CA ARG AA 22 -12.40 -44.55 -28.34
C ARG AA 22 -11.94 -45.92 -28.82
N VAL AA 23 -10.64 -46.20 -28.67
CA VAL AA 23 -10.05 -47.48 -29.08
C VAL AA 23 -10.43 -48.57 -28.09
N MET AA 24 -10.75 -49.77 -28.61
CA MET AA 24 -11.16 -50.90 -27.80
C MET AA 24 -10.60 -52.19 -28.38
N VAL AA 25 -10.43 -53.19 -27.52
CA VAL AA 25 -10.08 -54.54 -27.93
C VAL AA 25 -11.27 -55.44 -27.59
N ILE AA 26 -11.51 -56.43 -28.44
CA ILE AA 26 -12.68 -57.27 -28.32
C ILE AA 26 -12.30 -58.70 -28.69
N CYS AA 27 -12.41 -59.62 -27.74
CA CYS AA 27 -11.96 -60.99 -27.92
C CYS AA 27 -13.13 -61.95 -27.72
N PRO AA 28 -13.41 -62.83 -28.67
CA PRO AA 28 -14.45 -63.85 -28.46
C PRO AA 28 -14.00 -65.12 -27.75
N ALA AA 29 -12.72 -65.25 -27.42
CA ALA AA 29 -12.20 -66.45 -26.76
C ALA AA 29 -11.97 -66.28 -25.26
N ASN AA 30 -11.84 -65.07 -24.77
CA ASN AA 30 -11.50 -64.85 -23.36
C ASN AA 30 -12.02 -63.50 -22.90
N PRO AA 31 -13.07 -63.46 -22.08
CA PRO AA 31 -13.62 -62.16 -21.67
C PRO AA 31 -12.66 -61.34 -20.82
N LYS AA 32 -11.63 -61.93 -20.22
CA LYS AA 32 -10.61 -61.13 -19.56
C LYS AA 32 -9.90 -60.17 -20.51
N HIS AA 33 -9.90 -60.45 -21.81
CA HIS AA 33 -9.11 -59.62 -22.72
C HIS AA 33 -9.81 -58.33 -23.14
N LYS AA 34 -11.11 -58.19 -22.91
CA LYS AA 34 -11.84 -57.00 -23.33
C LYS AA 34 -11.25 -55.75 -22.66
N GLN AA 35 -11.04 -54.70 -23.45
CA GLN AA 35 -10.30 -53.51 -23.04
C GLN AA 35 -10.90 -52.27 -23.69
N ARG AA 36 -10.88 -51.15 -22.97
CA ARG AA 36 -11.24 -49.88 -23.58
C ARG AA 36 -10.27 -48.80 -23.12
N GLN AA 37 -9.77 -48.02 -24.07
CA GLN AA 37 -8.70 -47.07 -23.79
C GLN AA 37 -9.24 -45.88 -23.03
N GLY AA 38 -8.66 -45.60 -21.88
CA GLY AA 38 -9.03 -44.45 -21.09
C GLY AA 38 -8.17 -44.36 -19.85
ZN ZN BA . -67.53 24.78 20.32
ZN ZN CA . 85.72 4.97 5.48
ZN ZN DA . -7.56 -62.89 -26.59
#